data_9OJU
#
_entry.id   9OJU
#
_cell.length_a   1.00
_cell.length_b   1.00
_cell.length_c   1.00
_cell.angle_alpha   90.00
_cell.angle_beta   90.00
_cell.angle_gamma   90.00
#
_symmetry.space_group_name_H-M   'P 1'
#
loop_
_entity.id
_entity.type
_entity.pdbx_description
1 polymer 'Vesicle-fusing ATPase'
2 polymer 'Synaptosomal-associated protein 25'
3 non-polymer "ADENOSINE-5'-TRIPHOSPHATE"
4 non-polymer "ADENOSINE-5'-DIPHOSPHATE"
5 water water
#
loop_
_entity_poly.entity_id
_entity_poly.type
_entity_poly.pdbx_seq_one_letter_code
_entity_poly.pdbx_strand_id
1 'polypeptide(L)'
;GAHMAGRSMQAARCPTDELSLSNCAVVSEKDYQSGQHVIVRTSPNHKYIFTLRTHPSVVPGSVAFSLPQRKWAGLSIGQE
IEVALYSFDKAKQCIGTMTIEIDFLQKKNIDSNPYDTDKMAAEFIQQFNNQAFSVGQQLVFSFNDKLFGLLVKDIEAMDP
SILKGEPASGKRQKIEVGLVVGNSQVAFEKAENSSLNLIGKAKTKENRQSIINPDWNFEKMGIGGLDKEFSDIFRRAFAS
RVFPPEIVEQMGCKHVKGILLYGPPGCGKTLLARQIGKMLNAREPKVVNGPEILNKYVGESEANIRKLFADAEEEQRRLG
ANSGLHIIIFDEIDAICKQRGSMAGSTGVHDTVVNQLLSKIDGVEQLNNILVIGMTNRPDLIDEALLRPGRLEVKMEIGL
PDEKGRLQILHIHTARMRGHQLLSADVDIKELAVETKNFSGAELEGLVRAAQSTAMNRHIKASTKVEVDMEKAESLQVTR
GDFLASLENDIKPAFGTNQEDYASYIMNGIIKWGDPVTRVLDDGELLVQQTKNSDRTPLVSVLLEGPPHSGKTALAAKIA
EESNFPFIKICSPDKMIGFSETAKCQAMKKIFDDAYKSQLSCVVVDDIERLLDYVPIGPRFSNLVLQALLVLLKKAPPQG
RKLLIIGTTSRKDVLQEMEMLNAFSTTIHVPNIATGEQLLEALELLGNFKDKERTTIAQQVKGKKVWIGIKKLLMLIEMS
LQMDPEYRVRKFLALLREEGASPLDFD
;
A,B,C,D,E,F
2 'polypeptide(L)'
;SMAEDADMRNELEEMQRRADQLADESLESTRRMLQLVEESKDAGIRTLVMLDEQGEQLERIEEGMDQINKDMKEAEKNLT
DLGK
;
H
#
loop_
_chem_comp.id
_chem_comp.type
_chem_comp.name
_chem_comp.formula
ADP non-polymer ADENOSINE-5'-DIPHOSPHATE 'C10 H15 N5 O10 P2'
ATP non-polymer ADENOSINE-5'-TRIPHOSPHATE 'C10 H16 N5 O13 P3'
#
# COMPACT_ATOMS: atom_id res chain seq x y z
N PHE A 218 25.29 -48.35 -6.90
CA PHE A 218 25.03 -47.44 -5.79
C PHE A 218 24.06 -48.08 -4.79
N GLU A 219 23.69 -49.35 -5.04
CA GLU A 219 22.68 -50.01 -4.22
C GLU A 219 23.27 -50.58 -2.93
N LYS A 220 24.58 -50.48 -2.73
CA LYS A 220 25.22 -51.01 -1.54
C LYS A 220 25.42 -49.95 -0.46
N MET A 221 24.89 -48.74 -0.66
CA MET A 221 24.83 -47.73 0.37
C MET A 221 23.43 -47.49 0.91
N GLY A 222 22.42 -48.19 0.40
CA GLY A 222 21.06 -48.00 0.84
C GLY A 222 20.18 -47.19 -0.09
N ILE A 223 20.59 -46.98 -1.33
CA ILE A 223 19.85 -46.19 -2.31
C ILE A 223 19.76 -47.01 -3.59
N GLY A 224 18.55 -47.31 -4.03
CA GLY A 224 18.32 -48.13 -5.22
C GLY A 224 17.41 -47.43 -6.21
N GLY A 225 17.75 -47.59 -7.49
CA GLY A 225 16.93 -47.06 -8.57
C GLY A 225 17.57 -45.93 -9.37
N LEU A 226 18.67 -45.35 -8.88
CA LEU A 226 19.37 -44.28 -9.57
C LEU A 226 20.86 -44.63 -9.65
N ASP A 227 21.23 -45.33 -10.73
CA ASP A 227 22.62 -45.68 -10.97
C ASP A 227 23.27 -44.84 -12.05
N LYS A 228 22.53 -44.45 -13.09
CA LYS A 228 23.07 -43.56 -14.11
C LYS A 228 23.21 -42.14 -13.60
N GLU A 229 22.26 -41.68 -12.79
CA GLU A 229 22.29 -40.34 -12.20
C GLU A 229 23.39 -40.19 -11.16
N PHE A 230 24.05 -41.28 -10.76
CA PHE A 230 25.30 -41.21 -10.03
C PHE A 230 26.50 -41.42 -10.92
N SER A 231 26.44 -42.39 -11.84
CA SER A 231 27.54 -42.64 -12.77
C SER A 231 27.94 -41.39 -13.52
N ASP A 232 26.99 -40.52 -13.85
CA ASP A 232 27.32 -39.22 -14.43
C ASP A 232 27.89 -38.26 -13.40
N ILE A 233 27.39 -38.34 -12.15
CA ILE A 233 27.86 -37.45 -11.08
C ILE A 233 29.32 -37.70 -10.72
N PHE A 234 29.87 -38.86 -11.06
CA PHE A 234 31.28 -39.10 -10.84
C PHE A 234 32.16 -38.55 -11.95
N ARG A 235 31.79 -38.76 -13.21
CA ARG A 235 32.54 -38.14 -14.29
C ARG A 235 32.53 -36.62 -14.14
N ARG A 236 31.34 -36.02 -14.18
CA ARG A 236 31.24 -34.56 -14.24
C ARG A 236 31.09 -33.96 -12.83
N ALA A 237 32.14 -34.09 -12.04
CA ALA A 237 32.19 -33.43 -10.73
C ALA A 237 33.25 -34.00 -9.80
N PHE A 238 33.46 -35.32 -9.69
CA PHE A 238 34.33 -35.89 -8.66
C PHE A 238 35.43 -36.77 -9.23
N ALA A 239 35.78 -36.60 -10.50
CA ALA A 239 36.91 -37.33 -11.05
C ALA A 239 38.23 -36.83 -10.49
N SER A 240 38.34 -35.52 -10.25
CA SER A 240 39.59 -34.86 -9.81
C SER A 240 39.80 -34.97 -8.30
N ARG A 241 38.83 -35.45 -7.54
CA ARG A 241 38.98 -35.61 -6.10
C ARG A 241 39.50 -36.98 -5.70
N VAL A 242 39.72 -37.88 -6.67
CA VAL A 242 40.27 -39.19 -6.39
C VAL A 242 41.54 -39.48 -7.19
N PHE A 243 41.80 -38.76 -8.28
CA PHE A 243 43.00 -38.99 -9.05
C PHE A 243 44.23 -38.55 -8.25
N PRO A 244 45.39 -39.16 -8.45
CA PRO A 244 46.56 -38.81 -7.64
C PRO A 244 46.85 -37.32 -7.67
N PRO A 245 47.18 -36.70 -6.53
CA PRO A 245 47.32 -35.24 -6.51
C PRO A 245 48.40 -34.70 -7.43
N GLU A 246 49.49 -35.46 -7.64
CA GLU A 246 50.62 -34.91 -8.37
C GLU A 246 50.22 -34.49 -9.78
N ILE A 247 49.59 -35.39 -10.53
CA ILE A 247 49.20 -35.07 -11.90
C ILE A 247 48.11 -34.03 -11.91
N VAL A 248 47.20 -34.05 -10.94
CA VAL A 248 46.15 -33.04 -10.88
C VAL A 248 46.76 -31.65 -10.76
N GLU A 249 47.74 -31.49 -9.87
CA GLU A 249 48.42 -30.22 -9.75
C GLU A 249 49.19 -29.90 -11.03
N GLN A 250 49.81 -30.90 -11.65
CA GLN A 250 50.57 -30.65 -12.86
C GLN A 250 49.66 -30.12 -13.97
N MET A 251 48.40 -30.54 -13.99
CA MET A 251 47.45 -29.98 -14.95
C MET A 251 47.06 -28.56 -14.58
N GLY A 252 46.78 -28.31 -13.31
CA GLY A 252 46.33 -27.00 -12.87
C GLY A 252 44.85 -26.79 -13.15
N CYS A 253 44.00 -27.65 -12.57
CA CYS A 253 42.56 -27.57 -12.75
C CYS A 253 41.89 -27.39 -11.40
N LYS A 254 41.00 -26.42 -11.30
CA LYS A 254 40.23 -26.23 -10.09
C LYS A 254 39.07 -27.22 -10.04
N HIS A 255 38.57 -27.51 -8.85
CA HIS A 255 37.50 -28.50 -8.67
C HIS A 255 36.14 -27.83 -8.92
N VAL A 256 35.06 -28.57 -9.16
CA VAL A 256 33.69 -28.03 -9.30
C VAL A 256 33.32 -27.49 -7.93
N LYS A 257 32.46 -26.49 -7.85
CA LYS A 257 32.11 -25.79 -6.61
C LYS A 257 30.73 -26.13 -6.07
N GLY A 258 29.80 -26.58 -6.91
CA GLY A 258 28.47 -26.88 -6.40
C GLY A 258 27.64 -27.62 -7.43
N ILE A 259 26.50 -28.12 -6.96
CA ILE A 259 25.57 -28.86 -7.80
C ILE A 259 24.13 -28.57 -7.38
N LEU A 260 23.18 -28.84 -8.33
CA LEU A 260 21.75 -28.59 -8.15
C LEU A 260 20.97 -29.85 -8.47
N LEU A 261 19.97 -30.16 -7.64
CA LEU A 261 19.10 -31.31 -7.84
C LEU A 261 17.65 -30.87 -7.81
N TYR A 262 16.85 -31.42 -8.72
CA TYR A 262 15.44 -31.05 -8.82
C TYR A 262 14.60 -32.25 -9.24
N GLY A 263 13.43 -32.36 -8.64
CA GLY A 263 12.50 -33.43 -8.93
C GLY A 263 11.30 -33.41 -8.02
N PRO A 264 10.38 -34.35 -8.20
CA PRO A 264 9.22 -34.42 -7.30
C PRO A 264 9.63 -34.80 -5.90
N PRO A 265 8.90 -34.35 -4.88
CA PRO A 265 9.30 -34.62 -3.50
C PRO A 265 9.17 -36.08 -3.12
N GLY A 266 9.98 -36.50 -2.15
CA GLY A 266 9.94 -37.85 -1.64
C GLY A 266 10.65 -38.90 -2.46
N CYS A 267 11.58 -38.50 -3.34
CA CYS A 267 12.23 -39.43 -4.24
C CYS A 267 13.69 -39.67 -3.90
N GLY A 268 14.19 -39.12 -2.81
CA GLY A 268 15.52 -39.46 -2.32
C GLY A 268 16.62 -38.49 -2.71
N LYS A 269 16.37 -37.19 -2.60
CA LYS A 269 17.39 -36.19 -2.88
C LYS A 269 18.26 -35.89 -1.66
N THR A 270 17.65 -35.73 -0.49
CA THR A 270 18.42 -35.47 0.72
C THR A 270 19.27 -36.66 1.10
N LEU A 271 18.76 -37.87 0.87
CA LEU A 271 19.51 -39.08 1.21
C LEU A 271 20.78 -39.18 0.37
N LEU A 272 20.57 -38.92 -0.93
CA LEU A 272 21.76 -38.95 -1.78
C LEU A 272 22.77 -37.87 -1.38
N ALA A 273 22.27 -36.68 -1.01
CA ALA A 273 23.16 -35.61 -0.62
C ALA A 273 23.95 -35.97 0.63
N ARG A 274 23.29 -36.58 1.62
CA ARG A 274 23.99 -36.97 2.84
C ARG A 274 25.03 -38.05 2.60
N GLN A 275 24.88 -38.84 1.54
CA GLN A 275 25.86 -39.89 1.24
C GLN A 275 27.02 -39.40 0.39
N ILE A 276 26.78 -38.44 -0.50
CA ILE A 276 27.90 -37.91 -1.28
C ILE A 276 28.99 -37.39 -0.35
N GLY A 277 28.61 -36.65 0.70
CA GLY A 277 29.61 -36.16 1.62
C GLY A 277 30.33 -37.27 2.36
N LYS A 278 29.56 -38.24 2.88
CA LYS A 278 30.16 -39.34 3.61
C LYS A 278 31.11 -40.15 2.75
N MET A 279 30.94 -40.12 1.44
CA MET A 279 31.81 -40.89 0.55
C MET A 279 33.18 -40.25 0.34
N LEU A 280 33.34 -38.96 0.66
CA LEU A 280 34.59 -38.25 0.44
C LEU A 280 35.30 -37.90 1.74
N ASN A 281 34.93 -38.53 2.84
CA ASN A 281 35.58 -38.31 4.14
C ASN A 281 35.57 -36.82 4.49
N ALA A 282 34.40 -36.20 4.35
CA ALA A 282 34.21 -34.80 4.69
C ALA A 282 33.71 -34.67 6.12
N ARG A 283 33.68 -33.43 6.60
CA ARG A 283 33.16 -33.15 7.93
C ARG A 283 31.64 -33.12 7.90
N GLU A 284 31.01 -33.06 9.09
CA GLU A 284 29.54 -33.16 9.21
C GLU A 284 28.84 -32.03 8.48
N PRO A 285 27.81 -32.28 7.67
CA PRO A 285 27.21 -31.21 6.87
C PRO A 285 26.38 -30.15 7.58
N LYS A 286 26.44 -28.89 7.14
CA LYS A 286 25.58 -27.79 7.65
C LYS A 286 24.35 -27.77 6.76
N VAL A 287 23.22 -28.28 7.21
CA VAL A 287 21.93 -28.35 6.53
C VAL A 287 21.15 -27.07 6.84
N VAL A 288 20.60 -26.45 5.80
CA VAL A 288 19.85 -25.21 5.95
C VAL A 288 18.55 -25.31 5.17
N ASN A 289 17.48 -24.78 5.75
CA ASN A 289 16.16 -24.73 5.14
C ASN A 289 15.86 -23.30 4.72
N GLY A 290 15.52 -23.11 3.45
CA GLY A 290 15.42 -21.80 2.87
C GLY A 290 14.40 -20.90 3.52
N PRO A 291 13.17 -21.38 3.72
CA PRO A 291 12.12 -20.52 4.26
C PRO A 291 12.40 -19.99 5.65
N GLU A 292 13.26 -20.65 6.42
CA GLU A 292 13.52 -20.27 7.80
C GLU A 292 14.48 -19.11 7.93
N ILE A 293 15.33 -18.87 6.93
CA ILE A 293 16.35 -17.84 7.04
C ILE A 293 15.75 -16.44 7.13
N LEU A 294 14.64 -16.19 6.45
CA LEU A 294 14.11 -14.85 6.36
C LEU A 294 13.76 -14.28 7.73
N ASN A 295 13.96 -12.98 7.88
CA ASN A 295 13.66 -12.27 9.12
C ASN A 295 13.14 -10.89 8.76
N LYS A 296 12.42 -10.26 9.71
CA LYS A 296 11.75 -9.00 9.43
C LYS A 296 12.62 -7.79 9.72
N TYR A 297 13.61 -7.90 10.59
CA TYR A 297 14.50 -6.79 10.86
C TYR A 297 15.55 -6.66 9.75
N VAL A 298 16.18 -5.49 9.69
CA VAL A 298 17.12 -5.18 8.63
C VAL A 298 18.47 -5.80 8.95
N GLY A 299 19.05 -6.51 7.99
CA GLY A 299 20.39 -7.05 8.13
C GLY A 299 20.49 -8.36 8.87
N GLU A 300 19.38 -9.03 9.14
CA GLU A 300 19.42 -10.31 9.84
C GLU A 300 19.55 -11.50 8.88
N SER A 301 18.80 -11.49 7.78
CA SER A 301 18.91 -12.56 6.80
C SER A 301 20.32 -12.63 6.24
N GLU A 302 20.92 -11.47 5.95
CA GLU A 302 22.28 -11.47 5.44
C GLU A 302 23.25 -12.04 6.46
N ALA A 303 23.07 -11.72 7.74
CA ALA A 303 23.92 -12.29 8.77
C ALA A 303 23.78 -13.80 8.83
N ASN A 304 22.54 -14.31 8.75
CA ASN A 304 22.34 -15.75 8.77
C ASN A 304 23.04 -16.41 7.59
N ILE A 305 22.92 -15.81 6.40
CA ILE A 305 23.59 -16.36 5.23
C ILE A 305 25.10 -16.36 5.43
N ARG A 306 25.64 -15.26 5.95
CA ARG A 306 27.08 -15.12 6.12
C ARG A 306 27.63 -16.09 7.16
N LYS A 307 26.89 -16.47 8.17
CA LYS A 307 27.34 -17.32 9.29
C LYS A 307 27.71 -18.73 8.87
N LEU A 308 27.31 -19.25 7.71
CA LEU A 308 27.54 -20.65 7.26
C LEU A 308 28.86 -20.83 6.53
N PHE A 309 29.76 -19.84 6.49
CA PHE A 309 31.05 -19.89 5.78
C PHE A 309 32.24 -19.53 6.68
N ALA A 310 32.08 -19.20 7.98
CA ALA A 310 33.15 -18.78 8.88
C ALA A 310 34.14 -19.90 9.15
N ASP A 311 33.66 -21.09 9.52
CA ASP A 311 34.53 -22.26 9.81
C ASP A 311 35.40 -22.67 8.63
N ALA A 312 34.94 -22.50 7.39
CA ALA A 312 35.68 -22.82 6.17
C ALA A 312 36.71 -21.74 5.89
N GLU A 313 36.38 -20.45 6.11
CA GLU A 313 37.32 -19.37 5.94
C GLU A 313 38.46 -19.47 6.95
N GLU A 314 38.13 -19.69 8.22
CA GLU A 314 39.15 -19.76 9.25
C GLU A 314 40.08 -20.94 9.01
N GLU A 315 39.53 -22.11 8.68
CA GLU A 315 40.36 -23.27 8.47
C GLU A 315 41.31 -23.07 7.30
N GLN A 316 40.83 -22.47 6.21
CA GLN A 316 41.72 -22.20 5.10
C GLN A 316 42.81 -21.23 5.50
N ARG A 317 42.44 -20.12 6.14
N ARG A 317 42.44 -20.12 6.14
CA ARG A 317 43.45 -19.13 6.54
CA ARG A 317 43.46 -19.14 6.51
C ARG A 317 44.50 -19.75 7.44
C ARG A 317 44.49 -19.72 7.47
N ARG A 318 44.12 -20.72 8.26
CA ARG A 318 45.08 -21.35 9.16
C ARG A 318 45.97 -22.36 8.44
N LEU A 319 45.38 -23.25 7.64
CA LEU A 319 46.09 -24.44 7.16
C LEU A 319 46.44 -24.38 5.68
N GLY A 320 46.29 -23.24 5.01
CA GLY A 320 46.70 -23.18 3.62
C GLY A 320 45.96 -24.20 2.78
N ALA A 321 46.71 -24.99 2.01
CA ALA A 321 46.15 -25.95 1.07
C ALA A 321 46.02 -27.35 1.64
N ASN A 322 46.25 -27.52 2.95
CA ASN A 322 46.16 -28.84 3.59
C ASN A 322 44.92 -28.95 4.48
N SER A 323 43.84 -28.29 4.11
CA SER A 323 42.62 -28.30 4.90
C SER A 323 41.68 -29.42 4.43
N GLY A 324 40.63 -29.64 5.20
CA GLY A 324 39.63 -30.63 4.89
C GLY A 324 38.62 -30.11 3.89
N LEU A 325 37.46 -30.75 3.87
CA LEU A 325 36.38 -30.37 2.97
C LEU A 325 35.11 -30.11 3.77
N HIS A 326 34.40 -29.04 3.42
CA HIS A 326 33.17 -28.65 4.09
C HIS A 326 32.01 -28.72 3.10
N ILE A 327 30.86 -29.17 3.59
CA ILE A 327 29.66 -29.36 2.75
C ILE A 327 28.52 -28.51 3.29
N ILE A 328 27.79 -27.82 2.43
CA ILE A 328 26.60 -27.05 2.76
C ILE A 328 25.46 -27.56 1.89
N ILE A 329 24.31 -27.80 2.52
CA ILE A 329 23.14 -28.39 1.86
C ILE A 329 21.97 -27.43 2.02
N PHE A 330 21.56 -26.82 0.91
CA PHE A 330 20.43 -25.89 0.90
C PHE A 330 19.17 -26.63 0.46
N ASP A 331 18.10 -26.50 1.24
CA ASP A 331 16.82 -27.10 0.91
C ASP A 331 15.83 -26.00 0.55
N GLU A 332 15.08 -26.22 -0.53
CA GLU A 332 14.12 -25.23 -1.03
C GLU A 332 14.85 -23.92 -1.37
N ILE A 333 15.94 -24.04 -2.13
CA ILE A 333 16.76 -22.88 -2.45
C ILE A 333 15.96 -21.85 -3.25
N ASP A 334 14.95 -22.29 -3.98
CA ASP A 334 14.19 -21.37 -4.83
C ASP A 334 13.38 -20.36 -4.04
N ALA A 335 13.24 -20.54 -2.73
CA ALA A 335 12.45 -19.61 -1.92
C ALA A 335 13.22 -18.35 -1.53
N ILE A 336 14.54 -18.32 -1.71
CA ILE A 336 15.35 -17.17 -1.32
C ILE A 336 16.18 -16.62 -2.48
N CYS A 337 16.10 -17.22 -3.66
CA CYS A 337 16.84 -16.75 -4.84
C CYS A 337 15.86 -16.69 -6.01
N LYS A 338 15.59 -15.48 -6.48
CA LYS A 338 14.70 -15.24 -7.60
C LYS A 338 15.29 -14.15 -8.47
N GLN A 339 14.83 -14.12 -9.74
CA GLN A 339 15.37 -13.16 -10.69
C GLN A 339 15.27 -11.75 -10.13
N ARG A 340 16.38 -11.03 -10.09
CA ARG A 340 16.46 -9.66 -9.53
C ARG A 340 15.84 -8.69 -10.53
N GLY A 341 14.98 -7.76 -10.08
CA GLY A 341 14.27 -6.82 -10.90
C GLY A 341 15.22 -5.79 -11.50
N SER A 342 15.23 -5.69 -12.83
CA SER A 342 16.08 -4.71 -13.50
C SER A 342 15.47 -3.31 -13.42
N MET A 343 14.14 -3.21 -13.47
CA MET A 343 13.48 -1.92 -13.51
C MET A 343 13.75 -1.16 -12.22
N ALA A 344 13.99 0.14 -12.36
CA ALA A 344 14.16 1.01 -11.19
C ALA A 344 12.81 1.23 -10.51
N GLY A 345 12.79 1.06 -9.20
CA GLY A 345 11.57 1.18 -8.43
C GLY A 345 10.71 -0.06 -8.38
N SER A 346 11.09 -1.11 -9.10
CA SER A 346 10.37 -2.38 -9.12
C SER A 346 11.26 -3.51 -8.62
N THR A 347 12.17 -3.19 -7.70
CA THR A 347 13.10 -4.17 -7.17
C THR A 347 12.38 -5.12 -6.23
N GLY A 348 12.91 -6.34 -6.13
CA GLY A 348 12.32 -7.35 -5.28
C GLY A 348 12.53 -7.07 -3.80
N VAL A 349 11.77 -7.79 -2.99
CA VAL A 349 11.89 -7.64 -1.54
C VAL A 349 13.20 -8.22 -1.03
N HIS A 350 13.63 -9.34 -1.61
CA HIS A 350 14.77 -10.11 -1.11
C HIS A 350 15.95 -10.10 -2.08
N ASP A 351 16.23 -8.94 -2.69
CA ASP A 351 17.38 -8.83 -3.56
C ASP A 351 18.69 -8.81 -2.80
N THR A 352 18.70 -8.26 -1.58
CA THR A 352 19.94 -8.21 -0.80
C THR A 352 20.42 -9.61 -0.46
N VAL A 353 19.50 -10.53 -0.18
CA VAL A 353 19.88 -11.90 0.12
C VAL A 353 20.58 -12.53 -1.08
N VAL A 354 20.03 -12.33 -2.27
CA VAL A 354 20.64 -12.88 -3.48
C VAL A 354 22.02 -12.29 -3.68
N ASN A 355 22.14 -10.97 -3.50
CA ASN A 355 23.46 -10.33 -3.67
C ASN A 355 24.47 -10.91 -2.68
N GLN A 356 24.06 -11.07 -1.43
CA GLN A 356 24.99 -11.62 -0.42
C GLN A 356 25.42 -13.03 -0.80
N LEU A 357 24.47 -13.87 -1.20
CA LEU A 357 24.83 -15.24 -1.56
C LEU A 357 25.78 -15.27 -2.75
N LEU A 358 25.48 -14.46 -3.77
CA LEU A 358 26.35 -14.41 -4.95
C LEU A 358 27.76 -13.97 -4.56
N SER A 359 27.88 -12.95 -3.72
CA SER A 359 29.20 -12.47 -3.32
C SER A 359 29.94 -13.53 -2.51
N LYS A 360 29.24 -14.25 -1.64
CA LYS A 360 29.91 -15.23 -0.79
C LYS A 360 30.39 -16.43 -1.58
N ILE A 361 29.57 -16.95 -2.50
CA ILE A 361 29.95 -18.19 -3.19
C ILE A 361 31.24 -17.99 -3.99
N ASP A 362 31.34 -16.87 -4.70
CA ASP A 362 32.51 -16.60 -5.54
C ASP A 362 32.83 -15.11 -5.46
N GLY A 363 33.87 -14.76 -4.72
CA GLY A 363 34.20 -13.37 -4.49
C GLY A 363 35.65 -13.03 -4.74
N VAL A 364 36.10 -11.89 -4.21
CA VAL A 364 37.47 -11.45 -4.44
C VAL A 364 38.47 -12.38 -3.76
N GLU A 365 38.14 -12.87 -2.57
CA GLU A 365 38.97 -13.84 -1.87
C GLU A 365 38.46 -15.24 -2.17
N GLN A 366 39.37 -16.14 -2.52
CA GLN A 366 39.01 -17.45 -3.05
C GLN A 366 39.03 -18.49 -1.95
N LEU A 367 38.00 -19.35 -1.96
CA LEU A 367 37.93 -20.53 -1.11
C LEU A 367 38.05 -21.76 -1.99
N ASN A 368 38.86 -22.73 -1.56
N ASN A 368 38.85 -22.73 -1.55
CA ASN A 368 39.07 -23.95 -2.31
CA ASN A 368 39.06 -23.96 -2.32
C ASN A 368 38.79 -25.20 -1.48
C ASN A 368 38.82 -25.20 -1.46
N ASN A 369 38.01 -25.08 -0.40
CA ASN A 369 37.71 -26.21 0.48
C ASN A 369 36.23 -26.25 0.84
N ILE A 370 35.35 -26.01 -0.14
CA ILE A 370 33.92 -25.93 0.12
C ILE A 370 33.17 -26.64 -1.01
N LEU A 371 31.97 -27.13 -0.68
CA LEU A 371 31.08 -27.71 -1.67
C LEU A 371 29.65 -27.39 -1.26
N VAL A 372 28.83 -27.02 -2.26
CA VAL A 372 27.46 -26.56 -2.04
C VAL A 372 26.52 -27.42 -2.87
N ILE A 373 25.45 -27.90 -2.23
CA ILE A 373 24.46 -28.74 -2.89
C ILE A 373 23.10 -28.11 -2.65
N GLY A 374 22.42 -27.73 -3.73
CA GLY A 374 21.10 -27.13 -3.65
C GLY A 374 20.02 -28.10 -4.10
N MET A 375 18.89 -28.06 -3.42
CA MET A 375 17.76 -28.91 -3.74
C MET A 375 16.53 -28.05 -3.98
N THR A 376 15.77 -28.37 -5.03
CA THR A 376 14.61 -27.54 -5.39
C THR A 376 13.59 -28.36 -6.15
N ASN A 377 12.46 -27.73 -6.45
N ASN A 377 12.45 -27.73 -6.42
CA ASN A 377 11.41 -28.35 -7.25
CA ASN A 377 11.38 -28.32 -7.21
C ASN A 377 10.85 -27.40 -8.30
C ASN A 377 10.88 -27.40 -8.32
N ARG A 378 11.47 -26.22 -8.48
CA ARG A 378 10.99 -25.23 -9.43
C ARG A 378 12.19 -24.62 -10.15
N PRO A 379 12.91 -25.40 -10.96
CA PRO A 379 14.19 -24.92 -11.50
C PRO A 379 14.08 -23.76 -12.46
N ASP A 380 12.88 -23.31 -12.81
CA ASP A 380 12.71 -22.23 -13.77
C ASP A 380 12.51 -20.87 -13.11
N LEU A 381 12.53 -20.80 -11.79
CA LEU A 381 12.39 -19.52 -11.07
C LEU A 381 13.71 -19.02 -10.51
N ILE A 382 14.79 -19.76 -10.67
CA ILE A 382 16.07 -19.42 -10.06
C ILE A 382 16.79 -18.39 -10.91
N ASP A 383 17.46 -17.46 -10.25
CA ASP A 383 18.23 -16.44 -10.95
C ASP A 383 19.31 -17.08 -11.81
N GLU A 384 19.54 -16.49 -12.98
CA GLU A 384 20.47 -17.06 -13.94
C GLU A 384 21.92 -16.90 -13.52
N ALA A 385 22.27 -15.79 -12.88
CA ALA A 385 23.67 -15.56 -12.52
C ALA A 385 24.19 -16.59 -11.53
N LEU A 386 23.29 -17.33 -10.88
CA LEU A 386 23.67 -18.37 -9.94
C LEU A 386 23.98 -19.70 -10.59
N LEU A 387 23.79 -19.82 -11.91
CA LEU A 387 23.94 -21.10 -12.60
C LEU A 387 25.03 -21.07 -13.66
N ARG A 388 25.88 -20.05 -13.67
CA ARG A 388 26.94 -19.98 -14.65
C ARG A 388 28.05 -20.96 -14.30
N PRO A 389 28.90 -21.31 -15.28
CA PRO A 389 29.89 -22.37 -15.06
C PRO A 389 30.81 -22.18 -13.86
N GLY A 390 30.77 -21.02 -13.23
CA GLY A 390 31.55 -20.81 -12.01
C GLY A 390 30.80 -21.18 -10.75
N ARG A 391 29.48 -21.17 -10.81
CA ARG A 391 28.63 -21.50 -9.67
C ARG A 391 27.63 -22.56 -10.09
N LEU A 392 27.57 -23.66 -9.34
CA LEU A 392 26.52 -24.66 -9.50
C LEU A 392 26.31 -25.01 -10.97
N GLU A 393 27.33 -25.59 -11.58
CA GLU A 393 27.33 -25.83 -13.01
C GLU A 393 26.92 -27.24 -13.42
N VAL A 394 26.52 -28.08 -12.48
CA VAL A 394 26.07 -29.44 -12.77
C VAL A 394 24.64 -29.60 -12.28
N LYS A 395 23.81 -30.23 -13.08
CA LYS A 395 22.38 -30.33 -12.82
C LYS A 395 21.90 -31.73 -13.16
N MET A 396 21.07 -32.31 -12.28
CA MET A 396 20.55 -33.65 -12.49
C MET A 396 19.08 -33.70 -12.08
N GLU A 397 18.36 -34.67 -12.62
CA GLU A 397 16.94 -34.85 -12.35
C GLU A 397 16.70 -36.22 -11.72
N ILE A 398 15.94 -36.27 -10.63
CA ILE A 398 15.58 -37.52 -9.93
C ILE A 398 14.07 -37.69 -10.14
N GLY A 399 13.62 -38.58 -11.03
CA GLY A 399 12.23 -38.82 -11.36
C GLY A 399 11.64 -39.96 -10.57
N LEU A 400 10.40 -40.35 -10.89
CA LEU A 400 9.68 -41.44 -10.20
C LEU A 400 10.34 -42.76 -10.56
N PRO A 401 10.49 -43.74 -9.65
CA PRO A 401 11.06 -45.03 -9.99
C PRO A 401 10.27 -45.90 -10.97
N ASP A 402 10.91 -46.70 -11.81
CA ASP A 402 10.24 -47.70 -12.68
C ASP A 402 10.14 -49.01 -11.89
N GLU A 403 9.69 -50.11 -12.47
CA GLU A 403 9.50 -51.39 -11.79
C GLU A 403 10.78 -51.86 -11.11
N LYS A 404 11.91 -51.80 -11.82
CA LYS A 404 13.17 -52.27 -11.26
C LYS A 404 13.53 -51.49 -10.00
N GLY A 405 13.52 -50.16 -10.13
CA GLY A 405 13.78 -49.31 -8.98
C GLY A 405 12.86 -49.67 -7.85
N ARG A 406 11.62 -50.07 -8.11
CA ARG A 406 10.60 -50.36 -7.06
C ARG A 406 10.91 -51.69 -6.41
N LEU A 407 11.44 -52.67 -7.12
CA LEU A 407 11.92 -53.95 -6.61
C LEU A 407 13.16 -53.76 -5.74
N GLN A 408 14.10 -52.93 -6.18
CA GLN A 408 15.30 -52.70 -5.41
C GLN A 408 14.99 -52.05 -4.07
N ILE A 409 14.09 -51.06 -4.04
CA ILE A 409 13.71 -50.30 -2.82
C ILE A 409 12.92 -51.24 -1.90
N LEU A 410 12.21 -52.25 -2.39
CA LEU A 410 11.57 -53.25 -1.54
C LEU A 410 12.59 -54.20 -0.94
N HIS A 411 13.57 -54.64 -1.74
CA HIS A 411 14.65 -55.45 -1.20
C HIS A 411 15.36 -54.74 -0.06
N ILE A 412 15.72 -53.47 -0.29
CA ILE A 412 16.50 -52.73 0.70
C ILE A 412 15.71 -52.59 2.00
N HIS A 413 14.40 -52.36 1.91
CA HIS A 413 13.60 -52.15 3.10
C HIS A 413 13.10 -53.44 3.75
N THR A 414 13.21 -54.58 3.07
CA THR A 414 12.82 -55.86 3.65
C THR A 414 14.02 -56.70 4.08
N ALA A 415 15.25 -56.24 3.82
CA ALA A 415 16.43 -56.98 4.25
C ALA A 415 16.39 -57.31 5.74
N ARG A 416 16.00 -56.36 6.58
CA ARG A 416 16.02 -56.58 8.03
C ARG A 416 15.06 -57.69 8.43
N MET A 417 13.80 -57.59 8.00
CA MET A 417 12.82 -58.63 8.32
C MET A 417 13.26 -59.97 7.79
N ARG A 418 13.84 -60.01 6.59
CA ARG A 418 14.35 -61.28 6.08
C ARG A 418 15.44 -61.83 6.98
N GLY A 419 16.32 -60.96 7.47
CA GLY A 419 17.39 -61.41 8.35
C GLY A 419 16.87 -62.00 9.65
N HIS A 420 15.88 -61.35 10.26
CA HIS A 420 15.33 -61.84 11.52
C HIS A 420 14.28 -62.93 11.33
N GLN A 421 14.01 -63.34 10.10
CA GLN A 421 13.20 -64.52 9.82
C GLN A 421 11.72 -64.31 10.14
N LEU A 422 11.21 -63.11 9.89
CA LEU A 422 9.79 -62.82 10.00
C LEU A 422 9.12 -62.60 8.66
N LEU A 423 9.83 -62.86 7.55
CA LEU A 423 9.26 -62.76 6.22
C LEU A 423 8.81 -64.15 5.78
N SER A 424 7.50 -64.32 5.61
CA SER A 424 6.95 -65.62 5.25
C SER A 424 7.31 -65.97 3.81
N ALA A 425 7.09 -67.24 3.48
CA ALA A 425 7.26 -67.70 2.11
C ALA A 425 6.07 -67.35 1.22
N ASP A 426 4.92 -67.03 1.81
CA ASP A 426 3.76 -66.67 1.01
C ASP A 426 3.86 -65.25 0.46
N VAL A 427 4.77 -64.44 0.99
CA VAL A 427 4.95 -63.07 0.51
C VAL A 427 5.91 -63.09 -0.66
N ASP A 428 5.47 -62.53 -1.79
CA ASP A 428 6.28 -62.45 -3.01
C ASP A 428 6.47 -60.97 -3.35
N ILE A 429 7.68 -60.47 -3.14
CA ILE A 429 7.96 -59.07 -3.42
C ILE A 429 7.83 -58.79 -4.91
N LYS A 430 8.22 -59.75 -5.75
CA LYS A 430 8.13 -59.54 -7.19
C LYS A 430 6.71 -59.23 -7.62
N GLU A 431 5.73 -59.88 -7.00
CA GLU A 431 4.33 -59.56 -7.30
C GLU A 431 3.95 -58.18 -6.77
N LEU A 432 4.39 -57.87 -5.55
CA LEU A 432 4.04 -56.58 -4.96
C LEU A 432 4.61 -55.42 -5.77
N ALA A 433 5.69 -55.66 -6.51
CA ALA A 433 6.28 -54.58 -7.31
C ALA A 433 5.31 -54.11 -8.39
N VAL A 434 4.59 -55.04 -9.02
CA VAL A 434 3.71 -54.68 -10.12
C VAL A 434 2.53 -53.87 -9.63
N GLU A 435 2.01 -54.18 -8.44
CA GLU A 435 0.80 -53.53 -7.95
C GLU A 435 1.02 -52.08 -7.56
N THR A 436 2.27 -51.64 -7.43
CA THR A 436 2.60 -50.25 -7.10
C THR A 436 3.13 -49.62 -8.39
N LYS A 437 2.33 -48.76 -9.00
N LYS A 437 2.32 -48.76 -9.01
CA LYS A 437 2.61 -48.23 -10.33
CA LYS A 437 2.65 -48.25 -10.34
C LYS A 437 3.30 -46.87 -10.29
C LYS A 437 3.27 -46.86 -10.32
N ASN A 438 2.78 -45.95 -9.49
CA ASN A 438 3.37 -44.62 -9.37
C ASN A 438 3.68 -44.29 -7.91
N PHE A 439 4.35 -45.21 -7.31
CA PHE A 439 4.74 -45.09 -5.92
C PHE A 439 6.14 -44.49 -5.82
N SER A 440 6.35 -43.71 -4.77
CA SER A 440 7.68 -43.17 -4.45
C SER A 440 8.31 -43.96 -3.30
N GLY A 441 9.57 -43.65 -3.00
CA GLY A 441 10.29 -44.38 -1.96
C GLY A 441 9.65 -44.23 -0.59
N ALA A 442 9.29 -43.00 -0.23
CA ALA A 442 8.67 -42.77 1.07
C ALA A 442 7.38 -43.55 1.21
N GLU A 443 6.60 -43.63 0.14
CA GLU A 443 5.33 -44.35 0.21
C GLU A 443 5.54 -45.85 0.32
N LEU A 444 6.57 -46.39 -0.33
CA LEU A 444 6.88 -47.81 -0.14
C LEU A 444 7.28 -48.10 1.31
N GLU A 445 8.10 -47.22 1.90
CA GLU A 445 8.46 -47.41 3.30
C GLU A 445 7.23 -47.36 4.19
N GLY A 446 6.33 -46.39 3.94
CA GLY A 446 5.10 -46.32 4.71
C GLY A 446 4.25 -47.57 4.54
N LEU A 447 4.23 -48.13 3.34
CA LEU A 447 3.49 -49.36 3.11
C LEU A 447 4.06 -50.50 3.96
N VAL A 448 5.38 -50.63 3.99
CA VAL A 448 5.98 -51.72 4.78
C VAL A 448 5.65 -51.53 6.26
N ARG A 449 5.76 -50.30 6.76
CA ARG A 449 5.47 -50.05 8.16
C ARG A 449 4.02 -50.36 8.48
N ALA A 450 3.09 -49.95 7.60
CA ALA A 450 1.69 -50.22 7.83
C ALA A 450 1.41 -51.72 7.80
N ALA A 451 2.10 -52.46 6.93
CA ALA A 451 1.93 -53.91 6.92
C ALA A 451 2.36 -54.51 8.25
N GLN A 452 3.49 -54.05 8.80
CA GLN A 452 3.93 -54.56 10.09
C GLN A 452 2.90 -54.25 11.18
N SER A 453 2.37 -53.03 11.18
CA SER A 453 1.37 -52.67 12.19
C SER A 453 0.11 -53.51 12.04
N THR A 454 -0.32 -53.76 10.82
CA THR A 454 -1.49 -54.61 10.59
C THR A 454 -1.24 -56.02 11.10
N ALA A 455 -0.02 -56.54 10.88
CA ALA A 455 0.31 -57.86 11.41
C ALA A 455 0.21 -57.87 12.92
N MET A 456 0.73 -56.82 13.58
CA MET A 456 0.68 -56.81 15.05
C MET A 456 -0.77 -56.74 15.53
N ASN A 457 -1.61 -55.96 14.86
CA ASN A 457 -3.01 -55.88 15.25
C ASN A 457 -3.71 -57.22 15.07
N ARG A 458 -3.44 -57.91 13.97
CA ARG A 458 -4.03 -59.23 13.76
C ARG A 458 -3.57 -60.18 14.85
N HIS A 459 -2.30 -60.09 15.24
CA HIS A 459 -1.80 -60.93 16.33
C HIS A 459 -2.55 -60.66 17.63
N ILE A 460 -2.63 -59.39 18.03
CA ILE A 460 -3.21 -59.07 19.33
C ILE A 460 -4.69 -59.43 19.35
N LYS A 461 -5.44 -59.10 18.29
CA LYS A 461 -6.87 -59.38 18.29
C LYS A 461 -7.15 -60.87 18.30
N ALA A 462 -6.45 -61.64 17.46
CA ALA A 462 -6.70 -63.07 17.39
C ALA A 462 -6.38 -63.75 18.71
N SER A 463 -5.26 -63.38 19.33
CA SER A 463 -4.86 -64.03 20.58
C SER A 463 -5.85 -63.74 21.69
N THR A 464 -6.33 -62.50 21.81
CA THR A 464 -7.27 -62.14 22.85
C THR A 464 -8.65 -62.78 22.66
N LYS A 465 -8.91 -63.37 21.49
CA LYS A 465 -10.18 -64.03 21.22
C LYS A 465 -10.08 -65.55 21.18
N VAL A 466 -8.87 -66.10 21.08
CA VAL A 466 -8.65 -67.55 21.04
C VAL A 466 -7.54 -67.90 22.02
N GLU A 467 -7.72 -68.99 22.75
CA GLU A 467 -6.77 -69.39 23.78
C GLU A 467 -5.64 -70.23 23.23
N VAL A 468 -4.90 -69.70 22.26
CA VAL A 468 -3.75 -70.38 21.68
C VAL A 468 -2.49 -69.64 22.11
N ASP A 469 -1.38 -70.38 22.16
CA ASP A 469 -0.13 -69.84 22.67
C ASP A 469 0.30 -68.61 21.87
N MET A 470 0.87 -67.63 22.57
CA MET A 470 1.33 -66.41 21.91
C MET A 470 2.39 -66.70 20.87
N GLU A 471 3.34 -67.60 21.19
CA GLU A 471 4.45 -67.86 20.30
C GLU A 471 3.97 -68.36 18.94
N LYS A 472 2.98 -69.26 18.94
CA LYS A 472 2.43 -69.72 17.67
C LYS A 472 1.83 -68.56 16.89
N ALA A 473 1.11 -67.67 17.57
CA ALA A 473 0.59 -66.47 16.92
C ALA A 473 1.73 -65.58 16.43
N GLU A 474 2.79 -65.46 17.23
CA GLU A 474 3.93 -64.64 16.81
C GLU A 474 4.52 -65.14 15.51
N SER A 475 4.55 -66.46 15.31
CA SER A 475 5.02 -67.00 14.04
C SER A 475 4.04 -66.68 12.91
N LEU A 476 2.77 -66.39 13.23
CA LEU A 476 1.73 -66.20 12.25
C LEU A 476 1.59 -64.76 11.76
N GLN A 477 2.29 -63.82 12.38
CA GLN A 477 2.23 -62.41 11.98
C GLN A 477 2.93 -62.14 10.66
N VAL A 478 3.52 -63.16 10.04
CA VAL A 478 4.37 -63.01 8.87
C VAL A 478 3.56 -63.03 7.57
N THR A 479 2.23 -62.98 7.68
CA THR A 479 1.38 -63.32 6.54
C THR A 479 1.34 -62.20 5.49
N ARG A 480 0.85 -62.58 4.31
CA ARG A 480 0.70 -61.69 3.16
C ARG A 480 -0.58 -60.85 3.24
N GLY A 481 -1.61 -61.37 3.91
CA GLY A 481 -2.85 -60.63 4.03
C GLY A 481 -2.64 -59.26 4.64
N ASP A 482 -1.66 -59.14 5.54
CA ASP A 482 -1.33 -57.82 6.07
C ASP A 482 -0.89 -56.88 4.97
N PHE A 483 -0.02 -57.35 4.07
CA PHE A 483 0.40 -56.53 2.95
C PHE A 483 -0.79 -56.12 2.10
N LEU A 484 -1.67 -57.01 1.66
CA LEU A 484 -2.75 -56.58 0.73
C LEU A 484 -3.69 -55.60 1.44
N ALA A 485 -3.98 -55.80 2.71
CA ALA A 485 -4.89 -54.93 3.48
C ALA A 485 -4.37 -53.49 3.56
N SER A 486 -3.05 -53.28 3.54
CA SER A 486 -2.43 -51.93 3.67
C SER A 486 -2.40 -51.26 2.32
N LEU A 487 -2.26 -52.04 1.27
CA LEU A 487 -2.22 -51.50 -0.11
C LEU A 487 -3.60 -50.93 -0.42
N GLU A 488 -4.65 -51.15 0.39
CA GLU A 488 -5.94 -50.60 0.01
C GLU A 488 -6.47 -49.52 0.94
N ASN A 489 -6.27 -49.66 2.25
CA ASN A 489 -6.91 -48.80 3.24
C ASN A 489 -5.96 -47.78 3.88
N ASP A 490 -4.65 -47.92 3.69
CA ASP A 490 -3.68 -47.08 4.39
C ASP A 490 -3.04 -46.05 3.47
N ILE A 491 -2.44 -46.49 2.37
CA ILE A 491 -1.57 -45.67 1.54
C ILE A 491 -2.34 -45.11 0.36
N LYS A 492 -2.25 -43.85 0.10
CA LYS A 492 -2.91 -43.10 -0.98
C LYS A 492 -1.86 -42.35 -1.79
N PRO A 493 -1.39 -42.91 -2.91
CA PRO A 493 -0.33 -42.23 -3.66
C PRO A 493 -0.77 -40.86 -4.15
N ALA A 494 0.20 -39.94 -4.21
CA ALA A 494 -0.05 -38.59 -4.70
C ALA A 494 0.03 -38.48 -6.21
N PHE A 495 0.52 -39.51 -6.91
CA PHE A 495 0.56 -39.53 -8.35
C PHE A 495 -0.18 -40.73 -8.92
N GLY A 496 -1.08 -41.32 -8.20
CA GLY A 496 -1.78 -42.49 -8.67
C GLY A 496 -3.22 -42.21 -8.92
N THR A 497 -3.99 -43.27 -9.15
CA THR A 497 -5.43 -43.17 -9.33
C THR A 497 -6.14 -43.31 -8.00
N ASN A 498 -7.15 -42.47 -7.79
CA ASN A 498 -7.98 -42.53 -6.60
C ASN A 498 -9.24 -43.34 -6.87
N GLN A 499 -9.82 -43.88 -5.79
N GLN A 499 -9.82 -43.86 -5.79
CA GLN A 499 -11.09 -44.59 -5.85
CA GLN A 499 -11.08 -44.59 -5.84
C GLN A 499 -12.17 -43.93 -5.02
C GLN A 499 -12.16 -43.94 -5.01
N GLU A 500 -11.87 -42.84 -4.31
CA GLU A 500 -12.84 -42.16 -3.48
C GLU A 500 -13.64 -41.10 -4.24
N ASP A 501 -13.21 -40.74 -5.45
CA ASP A 501 -13.89 -39.72 -6.23
C ASP A 501 -14.97 -40.29 -7.14
N TYR A 502 -14.77 -41.50 -7.64
CA TYR A 502 -15.76 -42.11 -8.53
C TYR A 502 -17.07 -42.31 -7.80
N ALA A 503 -17.02 -42.70 -6.53
CA ALA A 503 -18.24 -42.81 -5.73
C ALA A 503 -18.93 -41.46 -5.62
N SER A 504 -18.16 -40.39 -5.40
CA SER A 504 -18.75 -39.07 -5.27
C SER A 504 -19.43 -38.63 -6.56
N TYR A 505 -18.80 -38.89 -7.70
CA TYR A 505 -19.32 -38.42 -8.98
C TYR A 505 -20.23 -39.42 -9.68
N ILE A 506 -20.30 -40.67 -9.21
CA ILE A 506 -21.28 -41.62 -9.71
C ILE A 506 -22.01 -42.20 -8.50
N MET A 507 -23.14 -41.58 -8.14
N MET A 507 -23.13 -41.58 -8.13
CA MET A 507 -23.85 -41.98 -6.94
CA MET A 507 -23.86 -41.97 -6.94
C MET A 507 -24.96 -42.99 -7.18
C MET A 507 -24.94 -43.01 -7.19
N ASN A 508 -25.31 -43.25 -8.44
CA ASN A 508 -26.40 -44.19 -8.75
C ASN A 508 -26.05 -45.11 -9.91
N GLY A 509 -24.78 -45.38 -10.14
CA GLY A 509 -24.40 -46.31 -11.18
C GLY A 509 -24.81 -45.83 -12.56
N ILE A 510 -24.76 -46.75 -13.50
CA ILE A 510 -25.11 -46.50 -14.89
C ILE A 510 -26.10 -47.56 -15.33
N ILE A 511 -27.32 -47.15 -15.68
CA ILE A 511 -28.35 -48.04 -16.17
C ILE A 511 -28.46 -47.86 -17.68
N LYS A 512 -28.55 -48.97 -18.40
CA LYS A 512 -28.52 -48.98 -19.86
C LYS A 512 -29.96 -48.94 -20.36
N TRP A 513 -30.47 -47.73 -20.53
CA TRP A 513 -31.85 -47.52 -20.96
C TRP A 513 -32.01 -47.36 -22.46
N GLY A 514 -30.93 -47.43 -23.22
CA GLY A 514 -31.05 -47.24 -24.66
C GLY A 514 -29.73 -47.52 -25.36
N ASP A 515 -29.74 -47.27 -26.67
CA ASP A 515 -28.58 -47.48 -27.53
C ASP A 515 -27.53 -46.39 -27.38
N PRO A 516 -27.91 -45.12 -27.22
CA PRO A 516 -26.88 -44.06 -27.22
C PRO A 516 -25.77 -44.27 -26.20
N VAL A 517 -26.08 -44.87 -25.05
CA VAL A 517 -25.06 -45.09 -24.03
C VAL A 517 -23.92 -45.93 -24.61
N THR A 518 -24.27 -47.01 -25.32
CA THR A 518 -23.25 -47.86 -25.92
C THR A 518 -22.41 -47.09 -26.93
N ARG A 519 -23.07 -46.26 -27.74
CA ARG A 519 -22.32 -45.48 -28.73
C ARG A 519 -21.31 -44.55 -28.06
N VAL A 520 -21.74 -43.86 -26.99
CA VAL A 520 -20.84 -42.95 -26.31
C VAL A 520 -19.66 -43.71 -25.73
N LEU A 521 -19.93 -44.84 -25.07
CA LEU A 521 -18.85 -45.58 -24.43
C LEU A 521 -17.88 -46.15 -25.47
N ASP A 522 -18.38 -46.62 -26.60
CA ASP A 522 -17.50 -47.12 -27.65
C ASP A 522 -16.61 -46.02 -28.20
N ASP A 523 -17.18 -44.83 -28.41
CA ASP A 523 -16.36 -43.72 -28.88
C ASP A 523 -15.25 -43.40 -27.87
N GLY A 524 -15.59 -43.39 -26.59
CA GLY A 524 -14.57 -43.16 -25.58
C GLY A 524 -13.47 -44.19 -25.62
N GLU A 525 -13.84 -45.47 -25.77
CA GLU A 525 -12.83 -46.53 -25.86
C GLU A 525 -11.91 -46.32 -27.06
N LEU A 526 -12.49 -45.95 -28.20
CA LEU A 526 -11.66 -45.72 -29.38
C LEU A 526 -10.68 -44.59 -29.14
N LEU A 527 -11.14 -43.50 -28.50
CA LEU A 527 -10.23 -42.39 -28.22
C LEU A 527 -9.10 -42.82 -27.28
N VAL A 528 -9.43 -43.61 -26.27
CA VAL A 528 -8.39 -44.08 -25.34
C VAL A 528 -7.36 -44.91 -26.09
N GLN A 529 -7.83 -45.82 -26.94
N GLN A 529 -7.83 -45.83 -26.93
CA GLN A 529 -6.90 -46.67 -27.69
CA GLN A 529 -6.90 -46.66 -27.69
C GLN A 529 -6.02 -45.82 -28.60
C GLN A 529 -6.02 -45.82 -28.60
N GLN A 530 -6.59 -44.82 -29.26
CA GLN A 530 -5.80 -43.96 -30.13
C GLN A 530 -4.71 -43.25 -29.35
N THR A 531 -5.07 -42.66 -28.20
CA THR A 531 -4.05 -41.94 -27.44
C THR A 531 -2.99 -42.88 -26.91
N LYS A 532 -3.35 -44.14 -26.63
N LYS A 532 -3.35 -44.14 -26.63
CA LYS A 532 -2.36 -45.08 -26.10
CA LYS A 532 -2.38 -45.09 -26.11
C LYS A 532 -1.42 -45.60 -27.18
C LYS A 532 -1.44 -45.63 -27.18
N ASN A 533 -1.91 -45.77 -28.41
CA ASN A 533 -1.14 -46.41 -29.47
C ASN A 533 -0.85 -45.48 -30.65
N SER A 534 -0.40 -44.26 -30.38
CA SER A 534 -0.02 -43.33 -31.43
C SER A 534 1.29 -42.66 -31.10
N ASP A 535 2.00 -42.25 -32.16
CA ASP A 535 3.28 -41.56 -32.04
C ASP A 535 3.28 -40.17 -32.64
N ARG A 536 2.42 -39.90 -33.61
CA ARG A 536 2.36 -38.58 -34.23
C ARG A 536 1.42 -37.63 -33.51
N THR A 537 0.57 -38.14 -32.61
CA THR A 537 -0.42 -37.32 -31.89
C THR A 537 -0.34 -37.67 -30.41
N PRO A 538 0.67 -37.17 -29.70
CA PRO A 538 0.78 -37.48 -28.27
C PRO A 538 -0.29 -36.81 -27.42
N LEU A 539 -1.03 -35.84 -27.95
CA LEU A 539 -2.04 -35.12 -27.20
C LEU A 539 -3.37 -35.23 -27.93
N VAL A 540 -4.44 -35.48 -27.17
CA VAL A 540 -5.78 -35.70 -27.73
C VAL A 540 -6.80 -35.01 -26.84
N SER A 541 -7.84 -34.44 -27.44
CA SER A 541 -8.89 -33.74 -26.72
C SER A 541 -10.25 -34.15 -27.25
N VAL A 542 -11.26 -34.04 -26.38
CA VAL A 542 -12.63 -34.38 -26.73
C VAL A 542 -13.57 -33.59 -25.83
N LEU A 543 -14.69 -33.07 -26.33
CA LEU A 543 -15.75 -32.36 -25.55
C LEU A 543 -17.02 -33.18 -25.52
N LEU A 544 -17.73 -33.26 -24.39
CA LEU A 544 -19.00 -33.96 -24.22
C LEU A 544 -20.06 -32.91 -24.03
N GLU A 545 -21.03 -32.81 -24.93
CA GLU A 545 -21.99 -31.71 -24.86
C GLU A 545 -23.41 -32.25 -25.00
N GLY A 546 -24.34 -31.67 -24.25
CA GLY A 546 -25.73 -32.05 -24.30
C GLY A 546 -26.62 -31.12 -23.51
N PRO A 547 -27.91 -31.38 -23.50
CA PRO A 547 -28.84 -30.54 -22.75
C PRO A 547 -28.69 -30.74 -21.25
N PRO A 548 -29.26 -29.85 -20.43
CA PRO A 548 -29.08 -29.96 -18.98
C PRO A 548 -29.67 -31.25 -18.43
N HIS A 549 -29.06 -31.73 -17.34
CA HIS A 549 -29.53 -32.91 -16.61
C HIS A 549 -29.45 -34.19 -17.44
N SER A 550 -28.63 -34.19 -18.50
CA SER A 550 -28.48 -35.39 -19.31
C SER A 550 -27.57 -36.42 -18.65
N GLY A 551 -26.64 -35.99 -17.80
CA GLY A 551 -25.74 -36.91 -17.13
C GLY A 551 -24.39 -37.02 -17.79
N LYS A 552 -23.75 -35.89 -18.09
CA LYS A 552 -22.47 -35.80 -18.82
C LYS A 552 -21.27 -35.97 -17.90
N THR A 553 -21.40 -35.70 -16.61
CA THR A 553 -20.32 -35.88 -15.60
C THR A 553 -20.19 -37.34 -15.16
N ALA A 554 -21.23 -38.18 -15.20
CA ALA A 554 -21.14 -39.61 -14.88
C ALA A 554 -20.48 -40.38 -16.02
N LEU A 555 -20.86 -40.08 -17.26
CA LEU A 555 -20.28 -40.79 -18.39
C LEU A 555 -18.80 -40.47 -18.54
N ALA A 556 -18.38 -39.23 -18.41
CA ALA A 556 -16.97 -38.82 -18.44
C ALA A 556 -16.19 -39.52 -17.32
N ALA A 557 -16.75 -39.68 -16.11
CA ALA A 557 -16.07 -40.41 -15.03
C ALA A 557 -15.97 -41.88 -15.37
N LYS A 558 -17.01 -42.47 -15.95
CA LYS A 558 -16.97 -43.88 -16.31
C LYS A 558 -15.90 -44.15 -17.36
N ILE A 559 -15.81 -43.29 -18.39
CA ILE A 559 -14.77 -43.48 -19.40
C ILE A 559 -13.39 -43.40 -18.76
N ALA A 560 -13.18 -42.40 -17.91
CA ALA A 560 -11.89 -42.25 -17.24
C ALA A 560 -11.57 -43.49 -16.41
N GLU A 561 -12.55 -44.00 -15.68
CA GLU A 561 -12.32 -45.19 -14.86
C GLU A 561 -11.96 -46.39 -15.71
N GLU A 562 -12.62 -46.57 -16.85
CA GLU A 562 -12.34 -47.70 -17.72
C GLU A 562 -11.08 -47.53 -18.54
N SER A 563 -10.48 -46.34 -18.53
CA SER A 563 -9.24 -46.14 -19.30
C SER A 563 -8.13 -47.06 -18.82
N ASN A 564 -8.00 -47.24 -17.49
CA ASN A 564 -6.92 -48.02 -16.88
C ASN A 564 -5.55 -47.36 -17.08
N PHE A 565 -5.49 -46.04 -16.81
CA PHE A 565 -4.22 -45.34 -16.82
C PHE A 565 -3.67 -45.17 -15.41
N PRO A 566 -2.34 -45.13 -15.24
CA PRO A 566 -1.79 -44.98 -13.88
C PRO A 566 -2.23 -43.69 -13.19
N PHE A 567 -2.37 -42.60 -13.93
CA PHE A 567 -2.65 -41.29 -13.35
C PHE A 567 -3.98 -40.79 -13.86
N ILE A 568 -4.96 -40.64 -12.97
CA ILE A 568 -6.31 -40.10 -13.33
C ILE A 568 -6.67 -39.05 -12.28
N LYS A 569 -6.96 -37.80 -12.68
CA LYS A 569 -7.31 -36.66 -11.80
C LYS A 569 -8.49 -35.86 -12.34
N ILE A 570 -9.33 -35.32 -11.48
CA ILE A 570 -10.55 -34.60 -11.83
C ILE A 570 -10.45 -33.18 -11.28
N CYS A 571 -10.66 -32.19 -12.14
CA CYS A 571 -10.64 -30.79 -11.77
C CYS A 571 -12.07 -30.26 -11.84
N SER A 572 -12.59 -29.80 -10.71
CA SER A 572 -13.96 -29.32 -10.63
C SER A 572 -14.01 -28.02 -9.84
N PRO A 573 -15.04 -27.19 -10.08
CA PRO A 573 -15.15 -25.93 -9.33
C PRO A 573 -15.66 -26.09 -7.91
N ASP A 574 -16.07 -27.29 -7.51
CA ASP A 574 -16.58 -27.48 -6.16
C ASP A 574 -15.54 -27.12 -5.11
N LYS A 575 -14.26 -27.22 -5.46
CA LYS A 575 -13.17 -27.02 -4.51
C LYS A 575 -12.47 -25.69 -4.71
N MET A 576 -13.14 -24.71 -5.32
CA MET A 576 -12.58 -23.39 -5.56
C MET A 576 -13.60 -22.31 -5.21
N ILE A 577 -14.37 -22.52 -4.15
CA ILE A 577 -15.42 -21.58 -3.79
C ILE A 577 -14.78 -20.35 -3.16
N GLY A 578 -15.09 -19.18 -3.72
CA GLY A 578 -14.57 -17.92 -3.24
C GLY A 578 -13.21 -17.54 -3.79
N PHE A 579 -12.57 -18.42 -4.56
CA PHE A 579 -11.26 -18.13 -5.09
C PHE A 579 -11.32 -16.99 -6.10
N SER A 580 -10.27 -16.18 -6.13
CA SER A 580 -10.10 -15.21 -7.20
C SER A 580 -9.53 -15.90 -8.43
N GLU A 581 -9.59 -15.21 -9.56
CA GLU A 581 -9.23 -15.83 -10.83
C GLU A 581 -7.77 -16.29 -10.84
N THR A 582 -6.87 -15.50 -10.25
CA THR A 582 -5.47 -15.89 -10.23
C THR A 582 -5.27 -17.19 -9.46
N ALA A 583 -6.00 -17.37 -8.35
CA ALA A 583 -5.88 -18.61 -7.59
C ALA A 583 -6.34 -19.80 -8.43
N LYS A 584 -7.42 -19.64 -9.19
CA LYS A 584 -7.90 -20.72 -10.04
C LYS A 584 -6.88 -21.06 -11.11
N CYS A 585 -6.27 -20.04 -11.72
CA CYS A 585 -5.21 -20.29 -12.69
C CYS A 585 -4.07 -21.09 -12.07
N GLN A 586 -3.65 -20.71 -10.86
CA GLN A 586 -2.58 -21.44 -10.19
C GLN A 586 -2.98 -22.88 -9.92
N ALA A 587 -4.21 -23.12 -9.50
CA ALA A 587 -4.64 -24.50 -9.21
C ALA A 587 -4.60 -25.35 -10.47
N MET A 588 -5.14 -24.84 -11.57
CA MET A 588 -5.13 -25.62 -12.81
C MET A 588 -3.70 -25.88 -13.28
N LYS A 589 -2.84 -24.87 -13.19
CA LYS A 589 -1.46 -25.06 -13.60
C LYS A 589 -0.79 -26.13 -12.74
N LYS A 590 -1.06 -26.12 -11.44
CA LYS A 590 -0.49 -27.13 -10.55
C LYS A 590 -0.94 -28.53 -10.96
N ILE A 591 -2.23 -28.71 -11.24
CA ILE A 591 -2.70 -30.03 -11.64
C ILE A 591 -2.01 -30.49 -12.91
N PHE A 592 -1.91 -29.62 -13.92
CA PHE A 592 -1.30 -30.05 -15.18
C PHE A 592 0.20 -30.33 -15.01
N ASP A 593 0.89 -29.52 -14.21
CA ASP A 593 2.30 -29.77 -13.95
C ASP A 593 2.49 -31.13 -13.29
N ASP A 594 1.64 -31.47 -12.33
CA ASP A 594 1.71 -32.81 -11.75
C ASP A 594 1.46 -33.88 -12.81
N ALA A 595 0.47 -33.65 -13.68
CA ALA A 595 0.17 -34.64 -14.71
C ALA A 595 1.35 -34.89 -15.63
N TYR A 596 2.17 -33.87 -15.86
CA TYR A 596 3.28 -34.03 -16.81
C TYR A 596 4.36 -35.00 -16.34
N LYS A 597 4.35 -35.41 -15.07
CA LYS A 597 5.44 -36.25 -14.56
C LYS A 597 5.23 -37.74 -14.80
N SER A 598 4.07 -38.16 -15.27
CA SER A 598 3.80 -39.57 -15.51
C SER A 598 4.00 -39.90 -16.99
N GLN A 599 3.92 -41.16 -17.38
CA GLN A 599 4.09 -41.59 -18.79
C GLN A 599 2.73 -41.77 -19.48
N LEU A 600 1.60 -41.91 -18.76
CA LEU A 600 0.27 -41.93 -19.36
C LEU A 600 -0.66 -41.20 -18.42
N SER A 601 -1.34 -40.15 -18.91
CA SER A 601 -2.15 -39.32 -18.05
C SER A 601 -3.53 -39.06 -18.65
N CYS A 602 -4.52 -38.90 -17.77
CA CYS A 602 -5.87 -38.54 -18.18
C CYS A 602 -6.40 -37.48 -17.22
N VAL A 603 -7.02 -36.43 -17.76
CA VAL A 603 -7.52 -35.31 -16.96
C VAL A 603 -8.94 -34.99 -17.41
N VAL A 604 -9.74 -34.50 -16.46
CA VAL A 604 -11.15 -34.23 -16.68
C VAL A 604 -11.47 -32.82 -16.20
N VAL A 605 -11.98 -31.94 -17.06
CA VAL A 605 -12.36 -30.54 -16.70
C VAL A 605 -13.90 -30.45 -16.69
N ASP A 606 -14.52 -30.34 -15.52
CA ASP A 606 -15.98 -30.42 -15.34
C ASP A 606 -16.64 -29.05 -15.31
N ASP A 607 -17.79 -28.87 -15.97
CA ASP A 607 -18.57 -27.59 -16.09
C ASP A 607 -17.97 -26.75 -17.21
N ILE A 608 -17.00 -25.91 -16.96
CA ILE A 608 -16.29 -25.07 -17.98
C ILE A 608 -17.05 -23.76 -17.97
N GLU A 609 -18.35 -23.77 -18.19
CA GLU A 609 -19.08 -22.51 -18.03
C GLU A 609 -19.08 -22.00 -16.60
N ARG A 610 -18.84 -22.86 -15.62
CA ARG A 610 -18.77 -22.43 -14.22
C ARG A 610 -17.37 -21.99 -13.82
N LEU A 611 -16.33 -22.49 -14.48
CA LEU A 611 -14.98 -22.00 -14.24
C LEU A 611 -14.77 -20.60 -14.80
N LEU A 612 -15.53 -20.22 -15.82
CA LEU A 612 -15.38 -18.93 -16.49
C LEU A 612 -16.25 -17.85 -15.88
N ASP A 613 -17.14 -18.19 -14.94
CA ASP A 613 -18.01 -17.21 -14.29
C ASP A 613 -18.89 -16.51 -15.31
N TYR A 614 -19.57 -17.29 -16.13
CA TYR A 614 -20.39 -16.75 -17.21
C TYR A 614 -21.79 -16.42 -16.71
N VAL A 615 -22.35 -15.32 -17.19
CA VAL A 615 -23.70 -14.91 -16.85
C VAL A 615 -24.32 -14.21 -18.06
N PRO A 616 -25.56 -14.54 -18.45
CA PRO A 616 -26.10 -13.96 -19.69
C PRO A 616 -26.13 -12.44 -19.70
N ILE A 617 -26.44 -11.79 -18.58
CA ILE A 617 -26.40 -10.33 -18.55
C ILE A 617 -24.99 -9.87 -18.84
N GLY A 618 -24.87 -8.78 -19.60
CA GLY A 618 -23.58 -8.35 -20.07
C GLY A 618 -23.37 -8.68 -21.53
N PRO A 619 -22.68 -9.80 -21.82
CA PRO A 619 -22.25 -10.86 -20.91
C PRO A 619 -21.01 -10.51 -20.09
N ARG A 620 -20.78 -11.27 -19.02
N ARG A 620 -20.80 -11.27 -19.01
CA ARG A 620 -19.62 -11.09 -18.16
CA ARG A 620 -19.63 -11.11 -18.14
C ARG A 620 -18.95 -12.44 -17.92
C ARG A 620 -18.93 -12.45 -18.00
N PHE A 621 -17.62 -12.41 -17.83
CA PHE A 621 -16.83 -13.61 -17.58
C PHE A 621 -15.42 -13.18 -17.22
N SER A 622 -14.54 -14.14 -17.00
CA SER A 622 -13.15 -13.90 -16.67
C SER A 622 -12.28 -14.29 -17.85
N ASN A 623 -11.52 -13.32 -18.38
CA ASN A 623 -10.69 -13.54 -19.54
C ASN A 623 -9.41 -14.30 -19.21
N LEU A 624 -8.87 -14.13 -17.99
CA LEU A 624 -7.63 -14.78 -17.63
C LEU A 624 -7.73 -16.29 -17.71
N VAL A 625 -8.79 -16.86 -17.12
CA VAL A 625 -8.97 -18.30 -17.12
C VAL A 625 -9.21 -18.81 -18.54
N LEU A 626 -9.96 -18.04 -19.34
CA LEU A 626 -10.19 -18.44 -20.72
C LEU A 626 -8.88 -18.55 -21.49
N GLN A 627 -8.01 -17.54 -21.36
CA GLN A 627 -6.74 -17.59 -22.07
C GLN A 627 -5.86 -18.71 -21.54
N ALA A 628 -5.87 -18.95 -20.23
CA ALA A 628 -5.09 -20.05 -19.68
C ALA A 628 -5.54 -21.38 -20.26
N LEU A 629 -6.85 -21.61 -20.33
CA LEU A 629 -7.35 -22.85 -20.91
C LEU A 629 -6.97 -22.97 -22.39
N LEU A 630 -7.12 -21.88 -23.14
CA LEU A 630 -6.81 -21.96 -24.57
C LEU A 630 -5.33 -22.28 -24.79
N VAL A 631 -4.45 -21.73 -23.97
CA VAL A 631 -3.04 -22.08 -24.10
C VAL A 631 -2.75 -23.50 -23.63
N LEU A 632 -3.40 -23.95 -22.56
CA LEU A 632 -3.11 -25.28 -22.02
C LEU A 632 -3.61 -26.38 -22.93
N LEU A 633 -4.64 -26.13 -23.73
CA LEU A 633 -5.18 -27.17 -24.60
C LEU A 633 -4.29 -27.48 -25.80
N LYS A 634 -3.15 -26.80 -25.95
CA LYS A 634 -2.23 -27.05 -27.07
C LYS A 634 -0.85 -27.47 -26.64
N LYS A 635 -0.43 -27.19 -25.41
CA LYS A 635 0.93 -27.52 -24.99
C LYS A 635 1.08 -29.03 -24.86
N ALA A 636 2.13 -29.58 -25.47
CA ALA A 636 2.39 -31.01 -25.42
C ALA A 636 3.33 -31.34 -24.27
N PRO A 637 3.28 -32.55 -23.75
CA PRO A 637 4.15 -32.93 -22.63
C PRO A 637 5.58 -33.14 -23.11
N PRO A 638 6.50 -33.40 -22.20
CA PRO A 638 7.88 -33.72 -22.62
C PRO A 638 7.91 -34.92 -23.54
N GLN A 639 9.05 -35.16 -24.18
CA GLN A 639 9.13 -36.16 -25.24
C GLN A 639 8.83 -37.53 -24.66
N GLY A 640 7.98 -38.29 -25.34
CA GLY A 640 7.69 -39.67 -24.99
C GLY A 640 6.53 -39.89 -24.06
N ARG A 641 5.88 -38.84 -23.58
CA ARG A 641 4.79 -38.95 -22.62
C ARG A 641 3.48 -38.52 -23.26
N LYS A 642 2.37 -39.13 -22.81
CA LYS A 642 1.10 -39.03 -23.49
C LYS A 642 -0.01 -38.65 -22.51
N LEU A 643 -0.93 -37.80 -22.99
CA LEU A 643 -1.95 -37.19 -22.16
C LEU A 643 -3.28 -37.21 -22.90
N LEU A 644 -4.37 -37.31 -22.13
CA LEU A 644 -5.73 -37.24 -22.65
C LEU A 644 -6.53 -36.26 -21.80
N ILE A 645 -7.40 -35.48 -22.45
CA ILE A 645 -8.20 -34.46 -21.78
C ILE A 645 -9.65 -34.66 -22.17
N ILE A 646 -10.58 -34.61 -21.21
CA ILE A 646 -12.05 -34.70 -21.46
C ILE A 646 -12.72 -33.50 -20.81
N GLY A 647 -13.50 -32.72 -21.54
CA GLY A 647 -14.26 -31.58 -21.02
C GLY A 647 -15.73 -31.84 -21.12
N THR A 648 -16.54 -31.31 -20.22
CA THR A 648 -18.01 -31.47 -20.22
C THR A 648 -18.61 -30.07 -20.11
N THR A 649 -19.46 -29.66 -21.05
CA THR A 649 -20.18 -28.36 -21.04
C THR A 649 -21.66 -28.60 -21.20
N SER A 650 -22.43 -27.55 -21.07
CA SER A 650 -23.86 -27.59 -21.35
C SER A 650 -24.32 -26.49 -22.29
N ARG A 651 -23.45 -25.53 -22.62
CA ARG A 651 -23.79 -24.41 -23.52
C ARG A 651 -22.69 -24.36 -24.58
N LYS A 652 -22.85 -25.11 -25.66
CA LYS A 652 -21.82 -25.14 -26.70
C LYS A 652 -21.85 -23.94 -27.61
N ASP A 653 -22.99 -23.25 -27.73
CA ASP A 653 -23.05 -22.07 -28.58
C ASP A 653 -22.15 -20.96 -28.03
N VAL A 654 -22.14 -20.78 -26.72
CA VAL A 654 -21.25 -19.78 -26.12
C VAL A 654 -19.80 -20.12 -26.39
N LEU A 655 -19.43 -21.38 -26.22
CA LEU A 655 -18.06 -21.80 -26.49
C LEU A 655 -17.69 -21.57 -27.96
N GLN A 656 -18.61 -21.87 -28.86
CA GLN A 656 -18.37 -21.61 -30.28
C GLN A 656 -18.13 -20.12 -30.52
N GLU A 657 -18.94 -19.27 -29.89
CA GLU A 657 -18.75 -17.83 -30.02
C GLU A 657 -17.36 -17.44 -29.54
N MET A 658 -16.97 -17.89 -28.35
CA MET A 658 -15.65 -17.57 -27.80
C MET A 658 -14.51 -18.13 -28.64
N GLU A 659 -14.80 -18.93 -29.66
CA GLU A 659 -13.78 -19.54 -30.52
C GLU A 659 -12.95 -20.58 -29.80
N MET A 660 -13.54 -21.25 -28.81
CA MET A 660 -12.89 -22.37 -28.14
C MET A 660 -13.17 -23.70 -28.80
N LEU A 661 -14.23 -23.80 -29.60
CA LEU A 661 -14.68 -25.10 -30.08
C LEU A 661 -13.78 -25.68 -31.16
N ASN A 662 -12.87 -24.90 -31.73
CA ASN A 662 -11.91 -25.41 -32.70
C ASN A 662 -10.58 -25.81 -32.06
N ALA A 663 -10.42 -25.59 -30.75
CA ALA A 663 -9.27 -26.09 -30.03
C ALA A 663 -9.39 -27.56 -29.69
N PHE A 664 -10.60 -28.08 -29.54
CA PHE A 664 -10.82 -29.49 -29.29
C PHE A 664 -10.71 -30.27 -30.60
N SER A 665 -10.50 -31.58 -30.47
CA SER A 665 -10.35 -32.43 -31.65
C SER A 665 -11.65 -33.13 -32.03
N THR A 666 -12.55 -33.39 -31.08
CA THR A 666 -13.75 -34.14 -31.37
C THR A 666 -14.84 -33.77 -30.37
N THR A 667 -16.08 -34.01 -30.77
CA THR A 667 -17.26 -33.71 -29.95
C THR A 667 -18.19 -34.91 -29.93
N ILE A 668 -18.84 -35.12 -28.79
CA ILE A 668 -19.79 -36.20 -28.61
C ILE A 668 -21.07 -35.65 -28.00
N HIS A 669 -22.20 -36.00 -28.59
CA HIS A 669 -23.50 -35.54 -28.12
C HIS A 669 -24.12 -36.54 -27.15
N VAL A 670 -24.70 -36.02 -26.08
CA VAL A 670 -25.33 -36.83 -25.04
C VAL A 670 -26.83 -36.54 -25.07
N PRO A 671 -27.66 -37.43 -25.60
CA PRO A 671 -29.08 -37.11 -25.81
C PRO A 671 -29.93 -37.28 -24.56
N ASN A 672 -31.19 -36.91 -24.69
CA ASN A 672 -32.20 -37.08 -23.67
C ASN A 672 -33.13 -38.24 -24.03
N ILE A 673 -33.99 -38.60 -23.07
CA ILE A 673 -35.01 -39.60 -23.34
C ILE A 673 -36.08 -38.99 -24.22
N ALA A 674 -36.46 -39.70 -25.29
CA ALA A 674 -37.33 -39.13 -26.31
C ALA A 674 -38.44 -40.07 -26.77
N THR A 675 -38.72 -41.15 -26.04
CA THR A 675 -39.79 -42.05 -26.42
C THR A 675 -40.41 -42.67 -25.17
N GLY A 676 -41.66 -43.10 -25.31
CA GLY A 676 -42.34 -43.70 -24.17
C GLY A 676 -41.76 -45.03 -23.76
N GLU A 677 -41.42 -45.88 -24.74
CA GLU A 677 -40.88 -47.19 -24.41
C GLU A 677 -39.56 -47.07 -23.67
N GLN A 678 -38.75 -46.06 -24.02
CA GLN A 678 -37.51 -45.84 -23.28
C GLN A 678 -37.80 -45.47 -21.83
N LEU A 679 -38.81 -44.63 -21.60
CA LEU A 679 -39.19 -44.30 -20.23
C LEU A 679 -39.65 -45.54 -19.48
N LEU A 680 -40.44 -46.40 -20.13
CA LEU A 680 -40.89 -47.63 -19.48
C LEU A 680 -39.72 -48.53 -19.13
N GLU A 681 -38.75 -48.65 -20.04
CA GLU A 681 -37.58 -49.48 -19.75
C GLU A 681 -36.78 -48.91 -18.59
N ALA A 682 -36.61 -47.58 -18.54
CA ALA A 682 -35.91 -46.97 -17.42
C ALA A 682 -36.63 -47.25 -16.11
N LEU A 683 -37.96 -47.10 -16.11
CA LEU A 683 -38.72 -47.39 -14.90
C LEU A 683 -38.56 -48.85 -14.48
N GLU A 684 -38.61 -49.77 -15.46
CA GLU A 684 -38.45 -51.18 -15.13
C GLU A 684 -37.09 -51.45 -14.52
N LEU A 685 -36.03 -50.87 -15.09
CA LEU A 685 -34.70 -51.10 -14.54
C LEU A 685 -34.56 -50.50 -13.15
N LEU A 686 -35.14 -49.33 -12.91
CA LEU A 686 -35.14 -48.77 -11.55
C LEU A 686 -35.97 -49.64 -10.62
N GLY A 687 -37.11 -50.15 -11.09
CA GLY A 687 -37.95 -51.03 -10.31
C GLY A 687 -38.64 -50.32 -9.16
N ASN A 688 -39.59 -49.44 -9.47
CA ASN A 688 -40.33 -48.68 -8.47
C ASN A 688 -41.82 -48.91 -8.51
N PHE A 689 -42.41 -49.06 -9.69
CA PHE A 689 -43.85 -49.25 -9.81
C PHE A 689 -44.16 -50.70 -10.18
N LYS A 690 -45.39 -51.10 -9.88
CA LYS A 690 -45.83 -52.48 -10.01
C LYS A 690 -46.51 -52.70 -11.36
N ASP A 691 -47.05 -53.90 -11.55
CA ASP A 691 -47.60 -54.28 -12.85
C ASP A 691 -48.80 -53.42 -13.22
N LYS A 692 -49.72 -53.21 -12.29
CA LYS A 692 -50.94 -52.47 -12.64
C LYS A 692 -50.61 -51.02 -12.93
N GLU A 693 -49.81 -50.40 -12.08
CA GLU A 693 -49.36 -49.03 -12.33
C GLU A 693 -48.55 -48.96 -13.63
N ARG A 694 -47.76 -50.00 -13.90
CA ARG A 694 -46.99 -50.04 -15.14
C ARG A 694 -47.92 -50.01 -16.34
N THR A 695 -48.97 -50.84 -16.32
CA THR A 695 -49.91 -50.86 -17.42
C THR A 695 -50.63 -49.52 -17.57
N THR A 696 -51.04 -48.93 -16.45
CA THR A 696 -51.70 -47.63 -16.51
C THR A 696 -50.80 -46.60 -17.18
N ILE A 697 -49.55 -46.50 -16.72
CA ILE A 697 -48.63 -45.52 -17.29
C ILE A 697 -48.40 -45.81 -18.77
N ALA A 698 -48.20 -47.08 -19.12
CA ALA A 698 -47.93 -47.44 -20.50
C ALA A 698 -49.09 -47.05 -21.40
N GLN A 699 -50.32 -47.33 -20.98
CA GLN A 699 -51.48 -46.96 -21.79
C GLN A 699 -51.66 -45.45 -21.85
N GLN A 700 -51.20 -44.73 -20.84
CA GLN A 700 -51.37 -43.28 -20.82
C GLN A 700 -50.24 -42.53 -21.51
N VAL A 701 -49.06 -43.12 -21.66
CA VAL A 701 -47.93 -42.41 -22.25
C VAL A 701 -47.33 -43.22 -23.39
N LYS A 702 -48.14 -44.04 -24.05
CA LYS A 702 -47.63 -44.84 -25.16
C LYS A 702 -47.20 -43.95 -26.32
N GLY A 703 -47.80 -42.77 -26.44
CA GLY A 703 -47.37 -41.81 -27.45
C GLY A 703 -45.94 -41.38 -27.23
N LYS A 704 -45.11 -41.48 -28.26
CA LYS A 704 -43.67 -41.21 -28.15
C LYS A 704 -43.42 -39.71 -28.36
N LYS A 705 -43.78 -38.94 -27.34
CA LYS A 705 -43.61 -37.49 -27.35
C LYS A 705 -43.07 -37.01 -26.01
N VAL A 706 -42.08 -37.71 -25.47
CA VAL A 706 -41.54 -37.42 -24.15
C VAL A 706 -40.19 -36.72 -24.31
N TRP A 707 -39.86 -35.88 -23.34
N TRP A 707 -39.86 -35.85 -23.35
CA TRP A 707 -38.61 -35.13 -23.33
CA TRP A 707 -38.58 -35.16 -23.35
C TRP A 707 -38.22 -34.91 -21.88
C TRP A 707 -38.21 -34.90 -21.89
N ILE A 708 -37.33 -35.75 -21.35
CA ILE A 708 -36.98 -35.70 -19.93
C ILE A 708 -35.54 -36.18 -19.78
N GLY A 709 -34.88 -35.66 -18.74
CA GLY A 709 -33.55 -36.10 -18.38
C GLY A 709 -33.57 -37.07 -17.21
N ILE A 710 -32.59 -37.97 -17.19
CA ILE A 710 -32.56 -39.03 -16.19
C ILE A 710 -32.48 -38.44 -14.79
N LYS A 711 -31.60 -37.45 -14.60
CA LYS A 711 -31.42 -36.88 -13.27
C LYS A 711 -32.67 -36.19 -12.79
N LYS A 712 -33.49 -35.65 -13.70
CA LYS A 712 -34.78 -35.09 -13.32
C LYS A 712 -35.80 -36.20 -13.08
N LEU A 713 -35.72 -37.29 -13.84
CA LEU A 713 -36.64 -38.40 -13.64
C LEU A 713 -36.52 -38.97 -12.24
N LEU A 714 -35.28 -39.12 -11.75
CA LEU A 714 -35.09 -39.64 -10.41
C LEU A 714 -35.76 -38.73 -9.38
N MET A 715 -35.58 -37.42 -9.52
CA MET A 715 -36.18 -36.49 -8.56
C MET A 715 -37.71 -36.56 -8.62
N LEU A 716 -38.27 -36.66 -9.83
CA LEU A 716 -39.72 -36.78 -9.95
C LEU A 716 -40.23 -38.02 -9.24
N ILE A 717 -39.54 -39.16 -9.41
CA ILE A 717 -39.98 -40.41 -8.78
C ILE A 717 -39.96 -40.26 -7.26
N GLU A 718 -38.86 -39.76 -6.71
CA GLU A 718 -38.77 -39.52 -5.27
C GLU A 718 -39.93 -38.66 -4.77
N MET A 719 -40.12 -37.49 -5.39
N MET A 719 -40.11 -37.50 -5.39
CA MET A 719 -41.21 -36.61 -4.96
CA MET A 719 -41.20 -36.61 -4.99
C MET A 719 -42.56 -37.33 -5.02
C MET A 719 -42.54 -37.33 -5.02
N SER A 720 -42.76 -38.15 -6.05
CA SER A 720 -44.04 -38.85 -6.14
C SER A 720 -44.20 -39.84 -5.00
N LEU A 721 -43.14 -40.57 -4.66
CA LEU A 721 -43.29 -41.63 -3.67
C LEU A 721 -43.63 -41.14 -2.26
N GLN A 722 -43.76 -39.84 -2.03
CA GLN A 722 -44.02 -39.33 -0.69
C GLN A 722 -45.50 -39.26 -0.32
N MET A 723 -46.41 -39.54 -1.26
CA MET A 723 -47.83 -39.44 -0.99
C MET A 723 -48.38 -40.78 -0.47
N ASP A 724 -49.68 -40.80 -0.19
CA ASP A 724 -50.32 -42.00 0.30
C ASP A 724 -50.35 -43.06 -0.80
N PRO A 725 -50.45 -44.34 -0.42
CA PRO A 725 -50.35 -45.39 -1.43
C PRO A 725 -51.34 -45.25 -2.59
N GLU A 726 -52.54 -44.77 -2.30
CA GLU A 726 -53.55 -44.65 -3.35
C GLU A 726 -53.20 -43.55 -4.34
N TYR A 727 -52.82 -42.37 -3.83
CA TYR A 727 -52.65 -41.18 -4.67
C TYR A 727 -51.16 -41.01 -5.00
N ARG A 728 -50.64 -41.91 -5.81
CA ARG A 728 -49.25 -41.86 -6.25
C ARG A 728 -49.12 -41.77 -7.76
N VAL A 729 -49.81 -42.62 -8.52
CA VAL A 729 -49.69 -42.58 -9.97
C VAL A 729 -50.20 -41.25 -10.51
N ARG A 730 -51.31 -40.75 -9.96
CA ARG A 730 -51.87 -39.50 -10.44
C ARG A 730 -50.89 -38.34 -10.26
N LYS A 731 -50.23 -38.28 -9.10
CA LYS A 731 -49.27 -37.22 -8.86
C LYS A 731 -48.09 -37.31 -9.82
N PHE A 732 -47.59 -38.53 -10.06
CA PHE A 732 -46.48 -38.70 -10.99
C PHE A 732 -46.87 -38.24 -12.39
N LEU A 733 -48.07 -38.63 -12.84
CA LEU A 733 -48.52 -38.23 -14.17
C LEU A 733 -48.69 -36.72 -14.25
N ALA A 734 -49.25 -36.11 -13.20
CA ALA A 734 -49.41 -34.66 -13.20
C ALA A 734 -48.07 -33.95 -13.27
N LEU A 735 -47.09 -34.41 -12.48
CA LEU A 735 -45.76 -33.81 -12.53
C LEU A 735 -45.14 -33.96 -13.90
N LEU A 736 -45.27 -35.14 -14.51
CA LEU A 736 -44.73 -35.34 -15.85
C LEU A 736 -45.39 -34.40 -16.84
N ARG A 737 -46.71 -34.25 -16.76
CA ARG A 737 -47.42 -33.35 -17.67
C ARG A 737 -46.95 -31.91 -17.51
N GLU A 738 -46.81 -31.46 -16.26
CA GLU A 738 -46.35 -30.09 -16.02
C GLU A 738 -44.99 -29.84 -16.64
N GLU A 739 -44.18 -30.88 -16.81
CA GLU A 739 -42.87 -30.74 -17.44
C GLU A 739 -43.03 -30.49 -18.94
N GLY A 740 -41.95 -30.04 -19.56
CA GLY A 740 -41.95 -29.81 -20.99
C GLY A 740 -42.16 -31.10 -21.76
N ALA A 741 -42.48 -30.94 -23.05
CA ALA A 741 -42.78 -32.09 -23.90
C ALA A 741 -42.16 -31.99 -25.28
N SER A 742 -41.27 -31.02 -25.52
CA SER A 742 -40.61 -30.89 -26.81
C SER A 742 -39.45 -29.90 -26.65
N PRO A 743 -38.42 -30.01 -27.50
CA PRO A 743 -37.28 -29.09 -27.42
C PRO A 743 -37.63 -27.66 -27.84
N ARG B 208 62.57 8.03 -2.83
CA ARG B 208 61.17 7.66 -2.69
C ARG B 208 60.90 6.32 -3.36
N GLN B 209 60.17 5.45 -2.68
CA GLN B 209 59.88 4.12 -3.20
C GLN B 209 58.88 4.20 -4.35
N SER B 210 59.08 3.34 -5.34
CA SER B 210 58.14 3.26 -6.46
C SER B 210 56.80 2.69 -5.97
N ILE B 211 55.78 2.85 -6.81
CA ILE B 211 54.43 2.40 -6.47
C ILE B 211 54.06 1.11 -7.18
N ILE B 212 54.94 0.57 -8.02
CA ILE B 212 54.68 -0.65 -8.76
C ILE B 212 55.72 -1.69 -8.33
N ASN B 213 55.25 -2.89 -8.04
CA ASN B 213 56.15 -3.95 -7.61
C ASN B 213 57.19 -4.20 -8.71
N PRO B 214 58.46 -4.43 -8.34
CA PRO B 214 59.48 -4.66 -9.38
C PRO B 214 59.26 -5.92 -10.19
N ASP B 215 58.48 -6.87 -9.69
CA ASP B 215 58.30 -8.15 -10.36
C ASP B 215 57.12 -8.17 -11.34
N TRP B 216 56.36 -7.09 -11.42
CA TRP B 216 55.14 -7.10 -12.21
C TRP B 216 55.42 -6.89 -13.69
N ASN B 217 54.72 -7.66 -14.52
CA ASN B 217 54.69 -7.44 -15.96
C ASN B 217 53.34 -7.92 -16.48
N PHE B 218 52.95 -7.41 -17.65
CA PHE B 218 51.59 -7.63 -18.12
C PHE B 218 51.29 -9.11 -18.33
N GLU B 219 52.24 -9.86 -18.87
CA GLU B 219 51.98 -11.22 -19.30
C GLU B 219 51.54 -12.13 -18.15
N LYS B 220 51.96 -11.85 -16.92
CA LYS B 220 51.66 -12.74 -15.81
C LYS B 220 50.30 -12.49 -15.16
N MET B 221 49.60 -11.41 -15.55
CA MET B 221 48.29 -11.15 -14.95
C MET B 221 47.24 -12.17 -15.38
N GLY B 222 47.44 -12.82 -16.52
CA GLY B 222 46.48 -13.81 -16.98
C GLY B 222 45.13 -13.25 -17.36
N ILE B 223 45.11 -12.11 -18.05
CA ILE B 223 43.89 -11.52 -18.58
C ILE B 223 44.05 -11.36 -20.08
N GLY B 224 43.07 -11.80 -20.84
CA GLY B 224 43.12 -11.73 -22.28
C GLY B 224 41.88 -11.08 -22.86
N GLY B 225 42.08 -10.36 -23.95
CA GLY B 225 40.97 -9.73 -24.65
C GLY B 225 40.54 -8.40 -24.09
N LEU B 226 41.35 -7.76 -23.26
CA LEU B 226 41.00 -6.48 -22.64
C LEU B 226 42.18 -5.52 -22.66
N ASP B 227 42.88 -5.45 -23.80
CA ASP B 227 44.04 -4.57 -23.88
C ASP B 227 43.63 -3.10 -23.88
N LYS B 228 42.61 -2.75 -24.67
CA LYS B 228 42.21 -1.36 -24.77
C LYS B 228 41.70 -0.80 -23.44
N GLU B 229 40.83 -1.56 -22.76
CA GLU B 229 40.29 -1.09 -21.49
C GLU B 229 41.38 -0.91 -20.45
N PHE B 230 42.30 -1.87 -20.36
CA PHE B 230 43.40 -1.74 -19.40
C PHE B 230 44.28 -0.56 -19.74
N SER B 231 44.54 -0.32 -21.03
CA SER B 231 45.35 0.83 -21.42
C SER B 231 44.68 2.12 -20.98
N ASP B 232 43.37 2.25 -21.21
CA ASP B 232 42.67 3.46 -20.81
C ASP B 232 42.70 3.64 -19.29
N ILE B 233 42.47 2.55 -18.54
CA ILE B 233 42.48 2.65 -17.09
C ILE B 233 43.87 3.08 -16.61
N PHE B 234 44.91 2.47 -17.16
CA PHE B 234 46.27 2.84 -16.75
C PHE B 234 46.55 4.30 -17.05
N ARG B 235 46.15 4.77 -18.23
CA ARG B 235 46.39 6.17 -18.57
C ARG B 235 45.70 7.09 -17.57
N ARG B 236 44.41 6.87 -17.33
CA ARG B 236 43.64 7.85 -16.57
C ARG B 236 43.83 7.72 -15.07
N ALA B 237 44.37 6.60 -14.58
CA ALA B 237 44.39 6.35 -13.14
C ALA B 237 45.79 6.29 -12.54
N PHE B 238 46.79 5.79 -13.26
CA PHE B 238 48.12 5.58 -12.69
C PHE B 238 49.20 6.32 -13.44
N ALA B 239 48.85 7.26 -14.31
CA ALA B 239 49.85 8.00 -15.06
C ALA B 239 50.55 9.06 -14.22
N SER B 240 49.83 9.71 -13.30
CA SER B 240 50.40 10.77 -12.48
C SER B 240 50.98 10.26 -11.18
N ARG B 241 50.80 8.98 -10.86
CA ARG B 241 51.42 8.37 -9.69
C ARG B 241 52.73 7.69 -10.03
N VAL B 242 53.17 7.77 -11.28
CA VAL B 242 54.38 7.08 -11.72
C VAL B 242 55.41 8.03 -12.32
N PHE B 243 55.04 9.28 -12.59
CA PHE B 243 55.87 10.30 -13.20
C PHE B 243 56.74 10.98 -12.13
N PRO B 244 57.90 11.52 -12.47
CA PRO B 244 58.77 12.15 -11.46
C PRO B 244 58.01 13.17 -10.64
N PRO B 245 58.08 13.09 -9.30
CA PRO B 245 57.23 13.95 -8.47
C PRO B 245 57.46 15.44 -8.66
N GLU B 246 58.70 15.87 -8.91
CA GLU B 246 58.97 17.30 -8.95
C GLU B 246 58.24 17.98 -10.08
N ILE B 247 58.16 17.33 -11.24
CA ILE B 247 57.43 17.92 -12.37
C ILE B 247 55.93 17.95 -12.09
N VAL B 248 55.41 16.89 -11.48
CA VAL B 248 53.99 16.86 -11.15
C VAL B 248 53.64 17.97 -10.18
N GLU B 249 54.55 18.27 -9.24
CA GLU B 249 54.30 19.33 -8.28
C GLU B 249 54.14 20.68 -8.96
N GLN B 250 54.73 20.86 -10.14
CA GLN B 250 54.66 22.13 -10.83
C GLN B 250 53.37 22.32 -11.61
N MET B 251 52.56 21.27 -11.78
CA MET B 251 51.28 21.38 -12.46
C MET B 251 50.11 21.57 -11.51
N GLY B 252 50.28 21.21 -10.24
CA GLY B 252 49.23 21.41 -9.26
C GLY B 252 47.93 20.72 -9.63
N CYS B 253 47.95 19.39 -9.67
CA CYS B 253 46.78 18.60 -10.03
C CYS B 253 46.53 17.53 -8.98
N LYS B 254 45.25 17.18 -8.82
CA LYS B 254 44.86 16.10 -7.91
C LYS B 254 44.72 14.80 -8.69
N HIS B 255 44.73 13.69 -7.95
CA HIS B 255 44.64 12.38 -8.54
C HIS B 255 43.19 11.93 -8.65
N VAL B 256 42.85 11.05 -9.59
CA VAL B 256 41.49 10.49 -9.76
C VAL B 256 41.22 9.60 -8.55
N LYS B 257 39.98 9.54 -8.07
CA LYS B 257 39.59 8.82 -6.84
C LYS B 257 38.73 7.57 -7.09
N GLY B 258 38.22 7.24 -8.28
CA GLY B 258 37.32 6.11 -8.39
C GLY B 258 37.29 5.50 -9.77
N ILE B 259 36.82 4.26 -9.82
CA ILE B 259 36.64 3.50 -11.06
C ILE B 259 35.35 2.69 -10.93
N LEU B 260 34.62 2.56 -12.04
CA LEU B 260 33.40 1.77 -12.09
C LEU B 260 33.46 0.84 -13.29
N LEU B 261 33.06 -0.42 -13.07
CA LEU B 261 33.10 -1.45 -14.09
C LEU B 261 31.72 -2.09 -14.18
N TYR B 262 31.18 -2.22 -15.39
CA TYR B 262 29.87 -2.85 -15.54
C TYR B 262 29.82 -3.71 -16.79
N GLY B 263 28.93 -4.69 -16.82
CA GLY B 263 28.72 -5.56 -17.97
C GLY B 263 27.90 -6.79 -17.67
N PRO B 264 27.66 -7.71 -18.64
CA PRO B 264 26.94 -8.98 -18.40
C PRO B 264 27.70 -9.95 -17.49
N PRO B 265 27.08 -10.96 -16.87
CA PRO B 265 27.77 -11.88 -15.94
C PRO B 265 28.86 -12.68 -16.63
N GLY B 266 29.96 -12.91 -15.90
CA GLY B 266 30.97 -13.85 -16.33
C GLY B 266 31.93 -13.34 -17.39
N CYS B 267 32.37 -12.12 -17.32
CA CYS B 267 33.23 -11.53 -18.37
C CYS B 267 34.49 -10.91 -17.76
N GLY B 268 34.76 -11.05 -16.45
CA GLY B 268 36.07 -10.75 -15.90
C GLY B 268 36.20 -9.42 -15.20
N LYS B 269 35.23 -8.98 -14.41
CA LYS B 269 35.22 -7.73 -13.63
C LYS B 269 35.80 -7.93 -12.23
N THR B 270 35.63 -9.06 -11.53
CA THR B 270 36.29 -9.35 -10.26
C THR B 270 37.74 -9.73 -10.47
N LEU B 271 38.03 -10.49 -11.55
CA LEU B 271 39.41 -10.85 -11.85
C LEU B 271 40.27 -9.60 -12.07
N LEU B 272 39.75 -8.65 -12.84
CA LEU B 272 40.48 -7.42 -13.10
C LEU B 272 40.71 -6.64 -11.81
N ALA B 273 39.68 -6.55 -10.97
CA ALA B 273 39.82 -5.83 -9.71
C ALA B 273 40.89 -6.47 -8.84
N ARG B 274 40.88 -7.79 -8.74
CA ARG B 274 41.86 -8.48 -7.91
C ARG B 274 43.28 -8.29 -8.45
N GLN B 275 43.46 -8.38 -9.76
CA GLN B 275 44.78 -8.20 -10.34
C GLN B 275 45.28 -6.76 -10.12
N ILE B 276 44.41 -5.77 -10.30
CA ILE B 276 44.80 -4.39 -10.02
C ILE B 276 45.20 -4.25 -8.56
N GLY B 277 44.42 -4.86 -7.66
CA GLY B 277 44.72 -4.77 -6.25
C GLY B 277 46.05 -5.36 -5.87
N LYS B 278 46.44 -6.47 -6.48
CA LYS B 278 47.74 -7.08 -6.17
C LYS B 278 48.85 -6.61 -7.10
N MET B 279 48.58 -5.68 -8.00
CA MET B 279 49.64 -5.13 -8.85
C MET B 279 50.46 -4.07 -8.14
N LEU B 280 49.89 -3.37 -7.17
CA LEU B 280 50.52 -2.21 -6.58
C LEU B 280 51.34 -2.57 -5.34
N ASN B 281 52.29 -1.71 -5.01
CA ASN B 281 53.16 -1.89 -3.85
C ASN B 281 52.52 -1.42 -2.55
N ALA B 282 51.21 -1.20 -2.53
CA ALA B 282 50.53 -0.75 -1.33
C ALA B 282 50.27 -1.93 -0.40
N ARG B 283 49.58 -1.63 0.71
N ARG B 283 49.56 -1.64 0.71
CA ARG B 283 49.21 -2.65 1.68
CA ARG B 283 49.22 -2.67 1.67
C ARG B 283 48.04 -3.49 1.17
C ARG B 283 48.05 -3.51 1.15
N GLU B 284 47.54 -4.40 1.98
CA GLU B 284 46.41 -5.22 1.57
C GLU B 284 45.16 -4.34 1.42
N PRO B 285 44.31 -4.59 0.44
CA PRO B 285 43.09 -3.79 0.29
C PRO B 285 41.99 -4.23 1.22
N LYS B 286 41.06 -3.32 1.48
CA LYS B 286 39.86 -3.61 2.25
C LYS B 286 38.76 -4.04 1.29
N VAL B 287 38.06 -5.11 1.63
CA VAL B 287 37.05 -5.71 0.76
C VAL B 287 35.71 -5.67 1.47
N VAL B 288 34.65 -5.34 0.73
CA VAL B 288 33.29 -5.34 1.24
C VAL B 288 32.48 -6.31 0.39
N ASN B 289 31.87 -7.30 1.03
CA ASN B 289 31.13 -8.35 0.33
C ASN B 289 29.64 -8.02 0.36
N GLY B 290 29.20 -7.29 -0.64
CA GLY B 290 27.80 -6.94 -0.76
C GLY B 290 27.32 -6.10 0.40
N PRO B 291 26.08 -6.31 0.83
CA PRO B 291 25.54 -5.50 1.95
C PRO B 291 25.85 -6.09 3.32
N GLU B 292 27.14 -6.10 3.67
CA GLU B 292 27.59 -6.63 4.95
C GLU B 292 27.79 -5.53 5.98
N ILE B 293 27.34 -4.31 5.70
CA ILE B 293 27.45 -3.21 6.66
C ILE B 293 26.13 -2.87 7.32
N LEU B 294 25.01 -3.33 6.77
CA LEU B 294 23.71 -2.99 7.33
C LEU B 294 23.56 -3.58 8.73
N ASN B 295 22.88 -2.85 9.61
CA ASN B 295 22.63 -3.28 10.97
C ASN B 295 21.24 -2.84 11.38
N LYS B 296 20.74 -3.44 12.47
CA LYS B 296 19.36 -3.20 12.90
C LYS B 296 19.22 -2.03 13.86
N TYR B 297 20.31 -1.56 14.45
CA TYR B 297 20.25 -0.47 15.42
C TYR B 297 20.51 0.87 14.74
N VAL B 298 20.10 1.94 15.43
CA VAL B 298 20.23 3.27 14.87
C VAL B 298 21.68 3.71 14.89
N GLY B 299 22.18 4.17 13.74
CA GLY B 299 23.51 4.74 13.67
C GLY B 299 24.65 3.75 13.66
N GLU B 300 24.39 2.49 13.35
CA GLU B 300 25.45 1.50 13.26
C GLU B 300 26.01 1.38 11.85
N SER B 301 25.14 1.45 10.83
CA SER B 301 25.62 1.38 9.46
C SER B 301 26.57 2.53 9.15
N GLU B 302 26.24 3.73 9.62
CA GLU B 302 27.11 4.88 9.37
C GLU B 302 28.45 4.70 10.05
N ALA B 303 28.47 4.15 11.26
CA ALA B 303 29.74 3.87 11.93
C ALA B 303 30.55 2.86 11.13
N ASN B 304 29.90 1.81 10.63
CA ASN B 304 30.61 0.83 9.82
C ASN B 304 31.20 1.47 8.59
N ILE B 305 30.46 2.38 7.95
CA ILE B 305 30.97 3.09 6.79
C ILE B 305 32.19 3.92 7.16
N ARG B 306 32.08 4.71 8.23
CA ARG B 306 33.17 5.61 8.60
C ARG B 306 34.41 4.86 9.08
N LYS B 307 34.27 3.62 9.53
CA LYS B 307 35.44 2.87 9.98
C LYS B 307 36.40 2.52 8.85
N LEU B 308 35.99 2.65 7.59
CA LEU B 308 36.85 2.28 6.49
C LEU B 308 37.93 3.31 6.21
N PHE B 309 37.66 4.59 6.48
CA PHE B 309 38.54 5.68 6.09
C PHE B 309 39.45 6.16 7.22
N ALA B 310 39.44 5.48 8.36
CA ALA B 310 40.21 5.97 9.51
C ALA B 310 41.71 5.94 9.23
N ASP B 311 42.22 4.80 8.76
CA ASP B 311 43.65 4.65 8.55
C ASP B 311 44.18 5.62 7.49
N ALA B 312 43.39 5.91 6.46
CA ALA B 312 43.83 6.88 5.46
C ALA B 312 43.94 8.27 6.06
N GLU B 313 42.95 8.69 6.85
CA GLU B 313 42.98 10.02 7.44
C GLU B 313 44.15 10.17 8.40
N GLU B 314 44.38 9.16 9.24
CA GLU B 314 45.48 9.25 10.20
C GLU B 314 46.82 9.40 9.50
N GLU B 315 47.08 8.57 8.50
CA GLU B 315 48.35 8.66 7.77
C GLU B 315 48.46 9.97 7.01
N GLN B 316 47.37 10.45 6.43
CA GLN B 316 47.41 11.75 5.77
C GLN B 316 47.88 12.81 6.75
N ARG B 317 47.22 12.91 7.91
CA ARG B 317 47.61 13.91 8.89
C ARG B 317 49.07 13.75 9.28
N ARG B 318 49.51 12.51 9.54
CA ARG B 318 50.85 12.32 10.06
C ARG B 318 51.92 12.69 9.04
N LEU B 319 51.74 12.30 7.76
CA LEU B 319 52.82 12.38 6.80
C LEU B 319 52.66 13.45 5.74
N GLY B 320 51.47 13.68 5.20
CA GLY B 320 51.33 14.66 4.13
C GLY B 320 51.45 14.01 2.78
N ALA B 321 52.37 14.52 1.96
CA ALA B 321 52.50 14.06 0.58
C ALA B 321 53.34 12.79 0.46
N ASN B 322 53.89 12.27 1.54
CA ASN B 322 54.72 11.08 1.51
C ASN B 322 53.94 9.81 1.88
N SER B 323 52.64 9.91 2.09
CA SER B 323 51.87 8.75 2.52
C SER B 323 51.73 7.74 1.40
N GLY B 324 51.46 6.50 1.78
CA GLY B 324 51.23 5.43 0.82
C GLY B 324 49.82 5.50 0.26
N LEU B 325 49.44 4.42 -0.42
CA LEU B 325 48.15 4.34 -1.09
C LEU B 325 47.27 3.33 -0.38
N HIS B 326 45.98 3.68 -0.25
CA HIS B 326 44.98 2.83 0.37
C HIS B 326 43.90 2.52 -0.66
N ILE B 327 43.49 1.26 -0.74
CA ILE B 327 42.56 0.78 -1.74
C ILE B 327 41.34 0.18 -1.05
N ILE B 328 40.16 0.55 -1.52
CA ILE B 328 38.90 0.03 -1.00
C ILE B 328 38.09 -0.52 -2.17
N ILE B 329 37.54 -1.72 -2.01
CA ILE B 329 36.82 -2.43 -3.06
C ILE B 329 35.39 -2.67 -2.59
N PHE B 330 34.43 -2.22 -3.40
CA PHE B 330 33.01 -2.46 -3.16
C PHE B 330 32.52 -3.49 -4.17
N ASP B 331 31.85 -4.54 -3.68
CA ASP B 331 31.32 -5.61 -4.51
C ASP B 331 29.80 -5.54 -4.50
N GLU B 332 29.18 -5.61 -5.68
CA GLU B 332 27.72 -5.48 -5.84
C GLU B 332 27.30 -4.16 -5.23
N ILE B 333 27.86 -3.03 -5.68
CA ILE B 333 27.63 -1.73 -5.07
C ILE B 333 26.18 -1.27 -5.21
N ASP B 334 25.41 -1.77 -6.16
CA ASP B 334 24.00 -1.34 -6.40
C ASP B 334 23.11 -1.80 -5.26
N ALA B 335 23.57 -2.67 -4.36
CA ALA B 335 22.75 -3.09 -3.24
C ALA B 335 22.76 -2.10 -2.08
N ILE B 336 23.57 -1.05 -2.16
CA ILE B 336 23.68 -0.05 -1.10
C ILE B 336 23.34 1.35 -1.60
N CYS B 337 23.96 1.77 -2.70
CA CYS B 337 23.81 3.13 -3.21
C CYS B 337 22.71 3.13 -4.27
N LYS B 338 21.57 3.71 -3.93
CA LYS B 338 20.45 3.89 -4.85
C LYS B 338 20.05 5.36 -4.87
N GLN B 339 19.33 5.75 -5.92
CA GLN B 339 18.89 7.13 -6.05
C GLN B 339 18.10 7.54 -4.81
N ARG B 340 18.45 8.69 -4.25
CA ARG B 340 17.81 9.17 -3.03
C ARG B 340 16.39 9.61 -3.34
N GLY B 341 15.44 9.15 -2.52
CA GLY B 341 14.04 9.50 -2.70
C GLY B 341 13.35 8.60 -3.71
N GLY B 348 15.06 5.47 3.55
CA GLY B 348 15.33 6.12 4.82
C GLY B 348 16.62 5.65 5.45
N VAL B 349 16.71 4.34 5.72
CA VAL B 349 17.93 3.77 6.26
C VAL B 349 19.06 3.88 5.22
N HIS B 350 18.73 3.67 3.95
CA HIS B 350 19.75 3.74 2.90
C HIS B 350 20.13 5.18 2.56
N ASP B 351 19.20 6.13 2.71
CA ASP B 351 19.53 7.52 2.41
C ASP B 351 20.66 8.02 3.30
N THR B 352 20.61 7.69 4.59
CA THR B 352 21.67 8.11 5.50
C THR B 352 23.00 7.50 5.08
N VAL B 353 22.99 6.24 4.65
CA VAL B 353 24.22 5.59 4.23
C VAL B 353 24.81 6.31 3.02
N VAL B 354 23.95 6.65 2.05
CA VAL B 354 24.42 7.35 0.85
C VAL B 354 25.00 8.70 1.22
N ASN B 355 24.32 9.43 2.11
CA ASN B 355 24.82 10.74 2.51
C ASN B 355 26.17 10.63 3.21
N GLN B 356 26.32 9.64 4.09
CA GLN B 356 27.59 9.44 4.76
C GLN B 356 28.70 9.14 3.77
N LEU B 357 28.43 8.25 2.81
CA LEU B 357 29.45 7.90 1.83
C LEU B 357 29.85 9.10 1.00
N LEU B 358 28.87 9.88 0.55
CA LEU B 358 29.18 11.07 -0.24
C LEU B 358 30.01 12.06 0.57
N SER B 359 29.65 12.27 1.84
CA SER B 359 30.39 13.22 2.66
C SER B 359 31.82 12.76 2.86
N LYS B 360 32.04 11.46 3.06
CA LYS B 360 33.40 10.97 3.32
C LYS B 360 34.27 10.91 2.07
N ILE B 361 33.72 10.62 0.90
CA ILE B 361 34.56 10.53 -0.29
C ILE B 361 35.17 11.89 -0.62
N ASP B 362 34.34 12.93 -0.62
CA ASP B 362 34.77 14.28 -0.97
C ASP B 362 34.09 15.28 -0.05
N GLY B 363 34.82 15.80 0.93
CA GLY B 363 34.23 16.69 1.91
C GLY B 363 35.09 17.90 2.22
N VAL B 364 34.86 18.52 3.37
CA VAL B 364 35.60 19.73 3.73
C VAL B 364 37.07 19.41 3.96
N GLU B 365 37.36 18.29 4.61
CA GLU B 365 38.73 17.85 4.81
C GLU B 365 39.16 17.04 3.59
N GLN B 366 40.30 17.39 3.02
CA GLN B 366 40.72 16.85 1.74
C GLN B 366 41.67 15.68 1.91
N LEU B 367 41.46 14.63 1.12
CA LEU B 367 42.31 13.45 1.09
C LEU B 367 42.92 13.30 -0.29
N ASN B 368 44.13 12.76 -0.35
CA ASN B 368 44.83 12.57 -1.62
C ASN B 368 45.55 11.23 -1.68
N ASN B 369 45.12 10.24 -0.90
CA ASN B 369 45.79 8.95 -0.86
C ASN B 369 44.82 7.78 -0.84
N ILE B 370 43.73 7.84 -1.60
CA ILE B 370 42.73 6.77 -1.63
C ILE B 370 42.34 6.47 -3.07
N LEU B 371 41.93 5.23 -3.31
CA LEU B 371 41.38 4.80 -4.59
C LEU B 371 40.24 3.84 -4.30
N VAL B 372 39.13 4.00 -5.02
CA VAL B 372 37.90 3.23 -4.78
C VAL B 372 37.49 2.54 -6.07
N ILE B 373 37.12 1.27 -5.97
CA ILE B 373 36.72 0.46 -7.12
C ILE B 373 35.35 -0.13 -6.84
N GLY B 374 34.45 -0.04 -7.82
CA GLY B 374 33.12 -0.58 -7.68
C GLY B 374 32.73 -1.48 -8.83
N MET B 375 31.83 -2.43 -8.56
CA MET B 375 31.41 -3.41 -9.56
C MET B 375 29.91 -3.62 -9.43
N THR B 376 29.19 -3.77 -10.61
CA THR B 376 27.73 -3.85 -10.63
C THR B 376 27.29 -4.49 -11.94
N ASN B 377 26.12 -5.13 -11.89
CA ASN B 377 25.45 -5.63 -13.06
C ASN B 377 24.33 -4.70 -13.55
N ARG B 378 23.88 -3.77 -12.72
N ARG B 378 23.88 -3.77 -12.71
CA ARG B 378 22.78 -2.87 -13.06
CA ARG B 378 22.77 -2.88 -13.06
C ARG B 378 23.22 -1.43 -12.88
C ARG B 378 23.24 -1.43 -12.88
N PRO B 379 23.94 -0.87 -13.86
CA PRO B 379 24.47 0.49 -13.71
C PRO B 379 23.42 1.59 -13.64
N ASP B 380 22.12 1.36 -13.94
CA ASP B 380 21.11 2.41 -14.04
C ASP B 380 20.43 2.73 -12.72
N LEU B 381 20.77 2.04 -11.64
CA LEU B 381 20.14 2.27 -10.34
C LEU B 381 21.01 3.08 -9.39
N ILE B 382 22.19 3.50 -9.80
CA ILE B 382 23.14 4.18 -8.92
C ILE B 382 22.84 5.68 -8.91
N ASP B 383 23.03 6.28 -7.75
CA ASP B 383 22.80 7.71 -7.59
C ASP B 383 23.69 8.51 -8.53
N GLU B 384 23.14 9.58 -9.08
CA GLU B 384 23.89 10.39 -10.05
C GLU B 384 25.01 11.17 -9.37
N ALA B 385 24.75 11.70 -8.16
CA ALA B 385 25.74 12.55 -7.51
C ALA B 385 27.03 11.79 -7.20
N LEU B 386 27.00 10.47 -7.22
CA LEU B 386 28.18 9.66 -6.96
C LEU B 386 29.00 9.41 -8.22
N LEU B 387 28.57 9.92 -9.38
CA LEU B 387 29.25 9.65 -10.63
C LEU B 387 29.62 10.94 -11.36
N ARG B 388 30.17 11.92 -10.65
CA ARG B 388 30.65 13.16 -11.24
C ARG B 388 32.15 13.27 -11.05
N PRO B 389 32.84 14.06 -11.89
CA PRO B 389 34.28 14.23 -11.70
C PRO B 389 34.58 14.72 -10.29
N GLY B 390 35.53 14.11 -9.61
CA GLY B 390 35.81 14.38 -8.19
C GLY B 390 35.47 13.15 -7.37
N ARG B 391 34.76 12.18 -7.94
CA ARG B 391 34.29 10.91 -7.31
C ARG B 391 34.52 9.75 -8.31
N LEU B 392 33.67 8.73 -8.43
CA LEU B 392 33.83 7.59 -9.33
C LEU B 392 33.47 8.02 -10.74
N GLU B 393 34.48 8.52 -11.46
CA GLU B 393 34.33 9.16 -12.79
C GLU B 393 34.90 8.38 -13.98
N VAL B 394 35.60 7.25 -13.80
CA VAL B 394 36.12 6.44 -14.89
C VAL B 394 35.23 5.21 -15.00
N LYS B 395 34.32 5.21 -15.98
CA LYS B 395 33.35 4.15 -16.17
C LYS B 395 33.74 3.30 -17.37
N MET B 396 33.73 1.98 -17.19
N MET B 396 33.75 1.98 -17.19
CA MET B 396 34.12 1.06 -18.25
CA MET B 396 34.12 1.05 -18.25
C MET B 396 33.09 -0.06 -18.36
C MET B 396 33.09 -0.06 -18.36
N GLU B 397 32.90 -0.54 -19.60
CA GLU B 397 32.01 -1.65 -19.88
C GLU B 397 32.84 -2.85 -20.32
N ILE B 398 32.71 -3.97 -19.63
CA ILE B 398 33.39 -5.25 -19.95
C ILE B 398 32.35 -6.07 -20.70
N GLY B 399 32.57 -6.48 -21.96
CA GLY B 399 31.59 -7.16 -22.78
C GLY B 399 32.10 -8.44 -23.42
N LEU B 400 31.35 -9.02 -24.29
CA LEU B 400 31.68 -10.30 -24.91
C LEU B 400 32.93 -10.17 -25.78
N PRO B 401 33.79 -11.18 -25.82
CA PRO B 401 34.98 -11.10 -26.68
C PRO B 401 34.68 -11.47 -28.12
N ASP B 402 35.60 -11.06 -28.99
CA ASP B 402 35.60 -11.45 -30.38
C ASP B 402 36.56 -12.63 -30.58
N GLU B 403 36.84 -12.99 -31.83
CA GLU B 403 37.61 -14.20 -32.11
C GLU B 403 39.03 -14.11 -31.54
N LYS B 404 39.70 -12.99 -31.72
CA LYS B 404 41.06 -12.84 -31.22
C LYS B 404 41.11 -12.98 -29.70
N GLY B 405 40.15 -12.38 -29.00
CA GLY B 405 40.11 -12.53 -27.56
C GLY B 405 39.88 -13.97 -27.14
N ARG B 406 39.09 -14.69 -27.93
CA ARG B 406 38.74 -16.09 -27.64
C ARG B 406 39.97 -16.94 -27.87
N LEU B 407 40.85 -16.61 -28.80
CA LEU B 407 42.14 -17.28 -29.00
C LEU B 407 43.09 -16.98 -27.85
N GLN B 408 43.17 -15.72 -27.44
CA GLN B 408 44.05 -15.36 -26.33
C GLN B 408 43.65 -16.08 -25.04
N ILE B 409 42.35 -16.13 -24.74
CA ILE B 409 41.90 -16.79 -23.53
C ILE B 409 42.24 -18.28 -23.58
N LEU B 410 41.99 -18.92 -24.72
CA LEU B 410 42.30 -20.34 -24.83
C LEU B 410 43.79 -20.60 -24.66
N HIS B 411 44.64 -19.74 -25.20
CA HIS B 411 46.07 -19.90 -24.97
C HIS B 411 46.40 -19.73 -23.50
N ILE B 412 45.76 -18.77 -22.81
CA ILE B 412 46.06 -18.56 -21.40
C ILE B 412 45.72 -19.80 -20.59
N HIS B 413 44.55 -20.40 -20.85
CA HIS B 413 44.04 -21.47 -20.01
C HIS B 413 44.61 -22.85 -20.35
N THR B 414 45.47 -22.96 -21.35
CA THR B 414 46.08 -24.24 -21.71
C THR B 414 47.59 -24.09 -21.84
N ALA B 415 48.21 -23.45 -20.86
CA ALA B 415 49.65 -23.23 -20.89
C ALA B 415 50.40 -24.29 -20.07
N ARG B 416 49.92 -24.58 -18.86
CA ARG B 416 50.59 -25.58 -18.04
C ARG B 416 50.56 -26.97 -18.69
N MET B 417 49.42 -27.34 -19.30
CA MET B 417 49.33 -28.64 -19.93
C MET B 417 50.34 -28.77 -21.07
N ARG B 418 50.50 -27.71 -21.87
N ARG B 418 50.49 -27.72 -21.88
CA ARG B 418 51.44 -27.78 -22.99
CA ARG B 418 51.44 -27.78 -22.99
C ARG B 418 52.87 -27.95 -22.49
C ARG B 418 52.87 -27.97 -22.49
N GLY B 419 53.22 -27.31 -21.40
CA GLY B 419 54.59 -27.40 -20.89
C GLY B 419 54.99 -28.82 -20.53
N HIS B 420 54.05 -29.62 -20.02
CA HIS B 420 54.34 -30.95 -19.54
C HIS B 420 54.00 -32.04 -20.55
N GLN B 421 53.75 -31.67 -21.81
CA GLN B 421 53.51 -32.65 -22.87
C GLN B 421 52.30 -33.53 -22.57
N LEU B 422 51.27 -32.93 -21.98
CA LEU B 422 50.01 -33.62 -21.72
C LEU B 422 48.93 -33.29 -22.74
N LEU B 423 49.28 -32.58 -23.81
CA LEU B 423 48.32 -32.17 -24.83
C LEU B 423 48.63 -32.89 -26.13
N SER B 424 47.62 -33.55 -26.70
CA SER B 424 47.81 -34.27 -27.94
C SER B 424 48.13 -33.31 -29.08
N ALA B 425 48.80 -33.83 -30.10
CA ALA B 425 49.21 -33.01 -31.24
C ALA B 425 48.09 -32.78 -32.24
N ASP B 426 46.98 -33.50 -32.13
CA ASP B 426 45.90 -33.37 -33.10
C ASP B 426 44.99 -32.18 -32.83
N VAL B 427 45.05 -31.58 -31.65
CA VAL B 427 44.17 -30.47 -31.31
C VAL B 427 44.74 -29.18 -31.89
N ASP B 428 43.90 -28.44 -32.61
CA ASP B 428 44.26 -27.14 -33.16
C ASP B 428 43.39 -26.09 -32.50
N ILE B 429 44.00 -25.22 -31.69
CA ILE B 429 43.25 -24.23 -30.92
C ILE B 429 42.51 -23.24 -31.80
N LYS B 430 43.02 -22.96 -33.00
CA LYS B 430 42.35 -22.00 -33.88
C LYS B 430 40.98 -22.48 -34.31
N GLU B 431 40.83 -23.78 -34.59
CA GLU B 431 39.51 -24.31 -34.90
C GLU B 431 38.55 -24.13 -33.74
N LEU B 432 39.02 -24.37 -32.51
CA LEU B 432 38.17 -24.17 -31.35
C LEU B 432 37.77 -22.70 -31.22
N ALA B 433 38.71 -21.79 -31.47
CA ALA B 433 38.38 -20.37 -31.41
C ALA B 433 37.34 -20.00 -32.46
N VAL B 434 37.46 -20.53 -33.67
CA VAL B 434 36.51 -20.21 -34.72
C VAL B 434 35.13 -20.80 -34.43
N GLU B 435 35.08 -22.00 -33.85
CA GLU B 435 33.80 -22.67 -33.65
C GLU B 435 32.98 -22.00 -32.54
N THR B 436 33.60 -21.69 -31.41
CA THR B 436 32.89 -21.21 -30.22
C THR B 436 32.56 -19.73 -30.43
N LYS B 437 31.25 -19.46 -30.75
CA LYS B 437 30.78 -18.10 -30.98
C LYS B 437 29.87 -17.64 -29.84
N ASN B 438 29.98 -16.35 -29.52
CA ASN B 438 29.22 -15.74 -28.41
C ASN B 438 29.45 -16.48 -27.10
N PHE B 439 30.71 -16.86 -26.86
CA PHE B 439 31.13 -17.47 -25.60
C PHE B 439 31.76 -16.39 -24.71
N SER B 440 31.61 -16.59 -23.38
CA SER B 440 32.26 -15.73 -22.41
C SER B 440 33.48 -16.45 -21.83
N GLY B 441 34.23 -15.75 -20.97
CA GLY B 441 35.42 -16.34 -20.40
C GLY B 441 35.12 -17.54 -19.53
N ALA B 442 34.09 -17.43 -18.69
CA ALA B 442 33.76 -18.54 -17.78
C ALA B 442 33.46 -19.80 -18.56
N GLU B 443 32.72 -19.67 -19.67
CA GLU B 443 32.37 -20.84 -20.46
C GLU B 443 33.59 -21.44 -21.15
N LEU B 444 34.51 -20.60 -21.63
CA LEU B 444 35.74 -21.12 -22.22
C LEU B 444 36.57 -21.87 -21.20
N GLU B 445 36.64 -21.41 -19.96
CA GLU B 445 37.34 -22.09 -18.84
C GLU B 445 36.58 -23.34 -18.41
N GLY B 446 35.24 -23.44 -18.48
CA GLY B 446 34.50 -24.65 -18.20
C GLY B 446 34.67 -25.71 -19.28
N LEU B 447 34.79 -25.29 -20.53
CA LEU B 447 35.01 -26.25 -21.60
C LEU B 447 36.30 -27.03 -21.38
N VAL B 448 37.38 -26.32 -21.06
CA VAL B 448 38.67 -26.98 -20.82
C VAL B 448 38.58 -27.91 -19.62
N ARG B 449 37.98 -27.49 -18.53
CA ARG B 449 37.85 -28.31 -17.32
C ARG B 449 37.00 -29.54 -17.62
N ALA B 450 35.95 -29.45 -18.44
CA ALA B 450 35.18 -30.62 -18.81
C ALA B 450 35.99 -31.58 -19.67
N ALA B 451 36.76 -31.05 -20.62
CA ALA B 451 37.59 -31.93 -21.44
C ALA B 451 38.60 -32.69 -20.58
N GLN B 452 39.24 -31.99 -19.63
CA GLN B 452 40.20 -32.67 -18.77
C GLN B 452 39.52 -33.74 -17.93
N SER B 453 38.34 -33.45 -17.39
CA SER B 453 37.63 -34.46 -16.59
C SER B 453 37.26 -35.67 -17.43
N THR B 454 36.78 -35.45 -18.66
CA THR B 454 36.45 -36.57 -19.52
C THR B 454 37.69 -37.42 -19.82
N ALA B 455 38.81 -36.78 -20.10
CA ALA B 455 40.03 -37.54 -20.37
C ALA B 455 40.45 -38.35 -19.15
N MET B 456 40.38 -37.75 -17.96
CA MET B 456 40.79 -38.45 -16.75
C MET B 456 39.89 -39.64 -16.46
N ASN B 457 38.58 -39.47 -16.65
CA ASN B 457 37.64 -40.51 -16.24
C ASN B 457 37.89 -41.82 -16.99
N ARG B 458 38.44 -41.74 -18.20
CA ARG B 458 38.67 -42.92 -19.02
C ARG B 458 39.63 -43.90 -18.35
N HIS B 459 40.47 -43.40 -17.45
CA HIS B 459 41.51 -44.20 -16.84
C HIS B 459 41.05 -44.96 -15.59
N ILE B 460 39.76 -44.90 -15.27
CA ILE B 460 39.17 -45.71 -14.22
C ILE B 460 38.26 -46.80 -14.79
N LYS B 461 38.03 -46.79 -16.11
CA LYS B 461 37.25 -47.79 -16.83
C LYS B 461 35.74 -47.63 -16.62
N ALA B 462 35.33 -46.81 -15.66
CA ALA B 462 33.92 -46.62 -15.38
C ALA B 462 33.73 -45.62 -14.25
N SER B 463 32.48 -45.32 -13.91
CA SER B 463 32.18 -44.55 -12.71
C SER B 463 31.06 -45.29 -11.96
N THR B 464 31.45 -46.24 -11.13
CA THR B 464 30.55 -46.99 -10.26
C THR B 464 31.10 -47.15 -8.85
N LYS B 465 32.41 -47.36 -8.71
CA LYS B 465 33.06 -47.44 -7.42
C LYS B 465 34.33 -46.61 -7.44
N VAL B 466 35.16 -46.72 -6.41
CA VAL B 466 36.35 -45.88 -6.26
C VAL B 466 37.56 -46.80 -6.22
N GLU B 467 38.14 -47.08 -7.39
CA GLU B 467 39.36 -47.86 -7.48
C GLU B 467 40.05 -47.46 -8.78
N VAL B 468 41.14 -46.70 -8.68
CA VAL B 468 41.83 -46.20 -9.85
C VAL B 468 42.78 -47.25 -10.39
N ASP B 469 42.70 -47.51 -11.69
CA ASP B 469 43.65 -48.40 -12.38
C ASP B 469 44.98 -47.66 -12.55
N MET B 470 45.68 -47.52 -11.42
CA MET B 470 46.94 -46.79 -11.37
C MET B 470 47.98 -47.49 -12.23
N GLU B 471 47.75 -48.78 -12.52
CA GLU B 471 48.70 -49.57 -13.30
C GLU B 471 49.35 -48.74 -14.39
N LYS B 472 48.55 -48.01 -15.16
CA LYS B 472 49.04 -47.03 -16.13
C LYS B 472 48.21 -45.76 -15.97
N ALA B 473 48.62 -44.90 -15.05
CA ALA B 473 48.05 -43.57 -14.90
C ALA B 473 48.99 -42.49 -15.41
N GLU B 474 50.19 -42.86 -15.84
CA GLU B 474 51.19 -41.90 -16.32
C GLU B 474 51.13 -41.69 -17.82
N SER B 475 50.25 -42.40 -18.52
CA SER B 475 50.14 -42.33 -19.98
C SER B 475 48.81 -41.72 -20.41
N LEU B 476 48.29 -40.78 -19.60
CA LEU B 476 47.04 -40.12 -19.91
C LEU B 476 47.29 -38.93 -20.83
N GLN B 477 46.30 -38.64 -21.67
CA GLN B 477 46.40 -37.52 -22.59
C GLN B 477 45.00 -37.04 -22.95
N VAL B 478 44.90 -35.78 -23.35
CA VAL B 478 43.64 -35.18 -23.76
C VAL B 478 43.63 -35.11 -25.29
N THR B 479 42.59 -35.65 -25.90
CA THR B 479 42.49 -35.75 -27.35
C THR B 479 41.38 -34.86 -27.88
N ARG B 480 41.33 -34.75 -29.21
CA ARG B 480 40.32 -33.90 -29.86
C ARG B 480 38.92 -34.42 -29.61
N GLY B 481 38.74 -35.75 -29.58
CA GLY B 481 37.42 -36.31 -29.36
C GLY B 481 36.82 -35.87 -28.04
N ASP B 482 37.65 -35.75 -26.99
CA ASP B 482 37.15 -35.27 -25.72
C ASP B 482 36.62 -33.84 -25.84
N PHE B 483 37.30 -32.91 -26.48
CA PHE B 483 36.82 -31.50 -26.65
C PHE B 483 35.46 -31.48 -27.36
N LEU B 484 35.29 -32.17 -28.49
CA LEU B 484 34.01 -32.25 -29.26
C LEU B 484 32.86 -32.82 -28.41
N ALA B 485 33.12 -33.88 -27.68
CA ALA B 485 32.11 -34.50 -26.81
C ALA B 485 31.57 -33.46 -25.84
N SER B 486 32.43 -32.67 -25.23
CA SER B 486 32.05 -31.65 -24.22
C SER B 486 31.35 -30.47 -24.90
N LEU B 487 31.76 -30.10 -26.12
CA LEU B 487 31.11 -29.01 -26.89
C LEU B 487 29.69 -29.44 -27.28
N GLU B 488 29.35 -30.73 -27.27
CA GLU B 488 27.96 -31.21 -27.58
C GLU B 488 27.05 -31.62 -26.41
N ASN B 489 27.54 -31.93 -25.21
CA ASN B 489 26.77 -32.49 -24.11
C ASN B 489 26.93 -31.75 -22.78
N ASP B 490 27.90 -30.84 -22.66
CA ASP B 490 28.23 -30.30 -21.33
C ASP B 490 27.97 -28.81 -21.19
N ILE B 491 28.42 -28.01 -22.16
CA ILE B 491 28.36 -26.55 -22.05
C ILE B 491 27.26 -26.00 -22.95
N LYS B 492 26.45 -25.12 -22.42
CA LYS B 492 25.32 -24.51 -23.11
C LYS B 492 25.42 -23.00 -22.97
N PRO B 493 25.95 -22.31 -23.97
CA PRO B 493 26.16 -20.85 -23.83
C PRO B 493 24.85 -20.11 -23.61
N ALA B 494 24.93 -19.03 -22.82
CA ALA B 494 23.74 -18.24 -22.51
C ALA B 494 23.30 -17.40 -23.71
N PHE B 495 24.27 -16.86 -24.46
CA PHE B 495 23.98 -16.04 -25.64
C PHE B 495 24.15 -16.83 -26.93
N GLY B 496 23.92 -18.11 -26.94
CA GLY B 496 24.14 -18.94 -28.12
C GLY B 496 22.84 -19.41 -28.68
N THR B 497 22.78 -20.63 -29.21
CA THR B 497 21.62 -21.18 -29.89
C THR B 497 21.22 -22.49 -29.22
N ASN B 498 19.91 -22.69 -29.05
CA ASN B 498 19.37 -23.88 -28.41
C ASN B 498 18.79 -24.78 -29.49
N GLN B 499 19.31 -26.00 -29.59
CA GLN B 499 18.77 -26.95 -30.57
C GLN B 499 17.50 -27.60 -30.08
N GLU B 500 17.32 -27.71 -28.76
CA GLU B 500 16.12 -28.34 -28.22
C GLU B 500 14.87 -27.58 -28.61
N ASP B 501 14.99 -26.28 -28.79
CA ASP B 501 13.79 -25.51 -29.14
C ASP B 501 13.42 -25.92 -30.56
N TYR B 502 14.35 -26.01 -31.49
CA TYR B 502 14.03 -26.46 -32.84
C TYR B 502 13.45 -27.87 -32.80
N ALA B 503 14.02 -28.74 -31.96
CA ALA B 503 13.47 -30.10 -31.85
C ALA B 503 12.02 -30.07 -31.41
N SER B 504 11.67 -29.18 -30.48
CA SER B 504 10.32 -29.15 -29.94
C SER B 504 9.33 -28.53 -30.91
N TYR B 505 9.64 -27.41 -31.60
CA TYR B 505 8.73 -26.66 -32.51
C TYR B 505 8.70 -27.27 -33.91
N ILE B 506 9.53 -28.25 -34.26
CA ILE B 506 9.41 -28.97 -35.53
C ILE B 506 9.37 -30.45 -35.15
N MET B 507 8.17 -30.99 -34.98
N MET B 507 8.17 -30.99 -34.99
CA MET B 507 8.00 -32.34 -34.47
CA MET B 507 8.01 -32.34 -34.47
C MET B 507 7.94 -33.40 -35.57
C MET B 507 7.96 -33.40 -35.58
N ASN B 508 7.35 -33.08 -36.71
CA ASN B 508 7.17 -34.05 -37.80
C ASN B 508 7.88 -33.62 -39.08
N GLY B 509 8.87 -32.75 -38.99
CA GLY B 509 9.64 -32.38 -40.14
C GLY B 509 8.87 -31.49 -41.11
N ILE B 510 9.45 -31.32 -42.29
CA ILE B 510 8.89 -30.49 -43.35
C ILE B 510 8.88 -31.33 -44.63
N ILE B 511 7.68 -31.67 -45.10
CA ILE B 511 7.51 -32.47 -46.32
C ILE B 511 7.05 -31.54 -47.44
N LYS B 512 7.62 -31.73 -48.62
CA LYS B 512 7.35 -30.87 -49.78
C LYS B 512 6.15 -31.45 -50.52
N TRP B 513 4.95 -30.98 -50.16
CA TRP B 513 3.73 -31.48 -50.78
C TRP B 513 3.30 -30.66 -51.99
N GLY B 514 4.01 -29.59 -52.32
CA GLY B 514 3.63 -28.78 -53.47
C GLY B 514 4.57 -27.61 -53.64
N ASP B 515 4.41 -26.93 -54.77
CA ASP B 515 5.23 -25.75 -55.06
C ASP B 515 5.08 -24.67 -54.00
N PRO B 516 3.88 -24.36 -53.48
CA PRO B 516 3.76 -23.25 -52.54
C PRO B 516 4.73 -23.31 -51.37
N VAL B 517 5.08 -24.51 -50.90
CA VAL B 517 6.04 -24.62 -49.81
C VAL B 517 7.39 -24.04 -50.24
N THR B 518 7.90 -24.51 -51.38
CA THR B 518 9.22 -24.07 -51.84
C THR B 518 9.26 -22.56 -51.99
N ARG B 519 8.16 -21.96 -52.43
CA ARG B 519 8.10 -20.51 -52.57
C ARG B 519 8.34 -19.82 -51.24
N VAL B 520 7.66 -20.28 -50.18
CA VAL B 520 7.75 -19.61 -48.90
C VAL B 520 9.19 -19.61 -48.43
N LEU B 521 9.82 -20.78 -48.42
CA LEU B 521 11.21 -20.87 -47.98
C LEU B 521 12.14 -20.09 -48.88
N ASP B 522 11.73 -19.80 -50.12
CA ASP B 522 12.56 -19.02 -51.03
C ASP B 522 12.36 -17.53 -50.88
N ASP B 523 11.42 -17.10 -50.04
CA ASP B 523 11.32 -15.67 -49.71
C ASP B 523 12.05 -15.35 -48.42
N GLY B 524 12.24 -16.34 -47.56
CA GLY B 524 12.93 -16.09 -46.30
C GLY B 524 14.39 -15.73 -46.51
N GLU B 525 15.11 -16.51 -47.32
CA GLU B 525 16.55 -16.32 -47.43
C GLU B 525 16.88 -14.96 -48.03
N LEU B 526 16.03 -14.44 -48.90
CA LEU B 526 16.25 -13.11 -49.44
C LEU B 526 16.16 -12.03 -48.35
N LEU B 527 15.34 -12.24 -47.33
CA LEU B 527 15.29 -11.29 -46.22
C LEU B 527 16.49 -11.44 -45.30
N VAL B 528 16.99 -12.66 -45.11
CA VAL B 528 18.21 -12.85 -44.32
C VAL B 528 19.37 -12.14 -44.99
N GLN B 529 19.56 -12.41 -46.29
N GLN B 529 19.57 -12.40 -46.28
CA GLN B 529 20.68 -11.80 -47.01
CA GLN B 529 20.65 -11.80 -47.04
C GLN B 529 20.61 -10.28 -46.94
C GLN B 529 20.60 -10.28 -46.92
N GLN B 530 19.40 -9.71 -46.95
CA GLN B 530 19.28 -8.27 -46.84
C GLN B 530 19.82 -7.76 -45.51
N THR B 531 19.50 -8.44 -44.41
CA THR B 531 19.86 -7.90 -43.12
C THR B 531 21.35 -8.08 -42.84
N LYS B 532 21.98 -9.08 -43.45
CA LYS B 532 23.39 -9.36 -43.18
C LYS B 532 24.34 -8.49 -43.99
N ASN B 533 23.86 -7.82 -45.05
CA ASN B 533 24.73 -7.09 -45.97
C ASN B 533 24.43 -5.61 -46.08
N SER B 534 23.22 -5.17 -45.75
CA SER B 534 22.82 -3.80 -45.95
C SER B 534 23.32 -2.90 -44.83
N ASP B 535 23.57 -1.63 -45.17
CA ASP B 535 24.00 -0.64 -44.19
C ASP B 535 22.95 0.42 -43.90
N ARG B 536 22.02 0.65 -44.82
CA ARG B 536 20.97 1.63 -44.64
C ARG B 536 19.72 1.07 -43.96
N THR B 537 19.64 -0.25 -43.79
CA THR B 537 18.47 -0.91 -43.22
C THR B 537 18.95 -1.92 -42.18
N PRO B 538 19.29 -1.45 -40.97
CA PRO B 538 19.78 -2.40 -39.95
C PRO B 538 18.68 -3.22 -39.31
N LEU B 539 17.43 -2.79 -39.38
CA LEU B 539 16.31 -3.47 -38.75
C LEU B 539 15.29 -3.87 -39.82
N VAL B 540 14.84 -5.12 -39.76
CA VAL B 540 13.89 -5.66 -40.73
C VAL B 540 12.81 -6.42 -39.99
N SER B 541 11.63 -6.48 -40.61
CA SER B 541 10.47 -7.14 -40.01
C SER B 541 9.71 -7.88 -41.10
N VAL B 542 8.95 -8.90 -40.69
CA VAL B 542 8.14 -9.68 -41.60
C VAL B 542 7.07 -10.40 -40.80
N LEU B 543 5.91 -10.63 -41.43
CA LEU B 543 4.78 -11.28 -40.79
C LEU B 543 4.35 -12.47 -41.63
N LEU B 544 4.28 -13.64 -41.00
CA LEU B 544 3.75 -14.84 -41.63
C LEU B 544 2.31 -15.05 -41.18
N GLU B 545 1.40 -15.17 -42.14
CA GLU B 545 -0.02 -15.26 -41.84
C GLU B 545 -0.71 -16.24 -42.78
N GLY B 546 -1.76 -16.89 -42.27
CA GLY B 546 -2.51 -17.85 -43.04
C GLY B 546 -3.71 -18.36 -42.29
N PRO B 547 -4.39 -19.36 -42.85
CA PRO B 547 -5.56 -19.94 -42.17
C PRO B 547 -5.14 -20.79 -40.99
N PRO B 548 -6.08 -21.19 -40.15
CA PRO B 548 -5.73 -22.05 -39.01
C PRO B 548 -5.19 -23.40 -39.46
N HIS B 549 -4.28 -23.96 -38.68
CA HIS B 549 -3.72 -25.29 -38.90
C HIS B 549 -2.96 -25.42 -40.20
N SER B 550 -2.47 -24.31 -40.76
CA SER B 550 -1.72 -24.38 -42.01
C SER B 550 -0.23 -24.62 -41.80
N GLY B 551 0.26 -24.48 -40.57
CA GLY B 551 1.64 -24.79 -40.28
C GLY B 551 2.59 -23.61 -40.38
N LYS B 552 2.25 -22.52 -39.69
CA LYS B 552 3.09 -21.31 -39.72
C LYS B 552 4.32 -21.40 -38.82
N THR B 553 4.16 -21.89 -37.60
CA THR B 553 5.25 -21.91 -36.65
C THR B 553 6.42 -22.78 -37.10
N ALA B 554 6.12 -23.94 -37.68
CA ALA B 554 7.21 -24.80 -38.16
C ALA B 554 8.03 -24.11 -39.24
N LEU B 555 7.36 -23.43 -40.17
CA LEU B 555 8.08 -22.72 -41.22
C LEU B 555 8.91 -21.57 -40.64
N ALA B 556 8.35 -20.84 -39.69
CA ALA B 556 9.12 -19.77 -39.05
C ALA B 556 10.38 -20.33 -38.41
N ALA B 557 10.24 -21.42 -37.66
CA ALA B 557 11.40 -22.04 -37.03
C ALA B 557 12.42 -22.50 -38.06
N LYS B 558 11.94 -23.09 -39.15
N LYS B 558 11.94 -23.09 -39.15
CA LYS B 558 12.85 -23.58 -40.19
CA LYS B 558 12.85 -23.58 -40.19
C LYS B 558 13.65 -22.44 -40.79
C LYS B 558 13.65 -22.44 -40.79
N ILE B 559 13.00 -21.32 -41.08
CA ILE B 559 13.71 -20.17 -41.62
C ILE B 559 14.75 -19.69 -40.61
N ALA B 560 14.34 -19.57 -39.34
CA ALA B 560 15.28 -19.13 -38.32
C ALA B 560 16.45 -20.10 -38.20
N GLU B 561 16.18 -21.41 -38.25
CA GLU B 561 17.26 -22.39 -38.16
C GLU B 561 18.23 -22.25 -39.32
N GLU B 562 17.71 -22.07 -40.54
CA GLU B 562 18.58 -21.94 -41.70
C GLU B 562 19.28 -20.60 -41.78
N SER B 563 18.90 -19.62 -40.96
CA SER B 563 19.56 -18.32 -41.00
C SER B 563 21.06 -18.43 -40.75
N ASN B 564 21.48 -19.30 -39.84
CA ASN B 564 22.89 -19.47 -39.45
C ASN B 564 23.42 -18.27 -38.66
N PHE B 565 22.55 -17.55 -37.95
CA PHE B 565 23.03 -16.49 -37.09
C PHE B 565 23.54 -17.05 -35.77
N PRO B 566 24.39 -16.31 -35.05
CA PRO B 566 24.92 -16.83 -33.78
C PRO B 566 24.01 -16.61 -32.57
N PHE B 567 22.82 -16.04 -32.75
CA PHE B 567 21.90 -15.81 -31.64
C PHE B 567 20.48 -15.98 -32.15
N ILE B 568 19.74 -16.92 -31.58
CA ILE B 568 18.37 -17.19 -31.98
C ILE B 568 17.55 -17.51 -30.74
N LYS B 569 16.45 -16.79 -30.52
CA LYS B 569 15.53 -17.03 -29.40
C LYS B 569 14.09 -17.02 -29.90
N ILE B 570 13.20 -17.78 -29.27
CA ILE B 570 11.78 -17.86 -29.60
C ILE B 570 10.99 -17.41 -28.38
N CYS B 571 10.09 -16.45 -28.58
CA CYS B 571 9.22 -15.94 -27.52
C CYS B 571 7.80 -16.47 -27.76
N SER B 572 7.31 -17.29 -26.84
CA SER B 572 6.03 -17.96 -27.00
C SER B 572 5.15 -17.70 -25.79
N PRO B 573 3.83 -17.73 -25.95
CA PRO B 573 2.92 -17.48 -24.83
C PRO B 573 2.74 -18.65 -23.89
N ASP B 574 3.34 -19.80 -24.18
CA ASP B 574 3.20 -20.99 -23.35
C ASP B 574 4.20 -21.02 -22.21
N LYS B 575 4.94 -19.95 -21.97
CA LYS B 575 5.87 -19.82 -20.84
C LYS B 575 5.41 -18.64 -20.00
N MET B 576 4.19 -18.11 -20.19
CA MET B 576 3.66 -17.00 -19.41
C MET B 576 2.23 -17.29 -18.97
N ILE B 577 1.94 -18.54 -18.63
CA ILE B 577 0.59 -18.92 -18.22
C ILE B 577 0.30 -18.31 -16.85
N GLY B 578 -0.75 -17.49 -16.78
CA GLY B 578 -1.13 -16.83 -15.55
C GLY B 578 -0.48 -15.50 -15.30
N PHE B 579 0.43 -15.06 -16.16
CA PHE B 579 1.11 -13.78 -15.97
C PHE B 579 0.14 -12.62 -16.13
N SER B 580 0.46 -11.52 -15.48
CA SER B 580 -0.26 -10.27 -15.69
C SER B 580 0.44 -9.46 -16.78
N GLU B 581 -0.13 -8.29 -17.10
CA GLU B 581 0.43 -7.47 -18.17
C GLU B 581 1.86 -7.04 -17.84
N THR B 582 2.06 -6.54 -16.62
CA THR B 582 3.36 -6.01 -16.25
C THR B 582 4.44 -7.08 -16.21
N ALA B 583 4.07 -8.36 -16.13
CA ALA B 583 5.07 -9.42 -16.18
C ALA B 583 5.43 -9.76 -17.63
N LYS B 584 4.43 -9.78 -18.51
CA LYS B 584 4.67 -10.07 -19.92
C LYS B 584 5.56 -8.99 -20.53
N CYS B 585 5.29 -7.72 -20.21
CA CYS B 585 6.13 -6.65 -20.72
C CYS B 585 7.58 -6.84 -20.29
N GLN B 586 7.80 -7.18 -19.02
CA GLN B 586 9.16 -7.39 -18.53
C GLN B 586 9.84 -8.54 -19.26
N ALA B 587 9.13 -9.64 -19.47
CA ALA B 587 9.73 -10.78 -20.17
C ALA B 587 10.16 -10.39 -21.58
N MET B 588 9.27 -9.74 -22.33
CA MET B 588 9.63 -9.35 -23.69
C MET B 588 10.81 -8.38 -23.69
N LYS B 589 10.79 -7.41 -22.79
CA LYS B 589 11.88 -6.44 -22.72
C LYS B 589 13.20 -7.13 -22.42
N LYS B 590 13.18 -8.11 -21.51
CA LYS B 590 14.41 -8.83 -21.18
C LYS B 590 14.95 -9.57 -22.41
N ILE B 591 14.06 -10.23 -23.16
CA ILE B 591 14.53 -10.95 -24.34
C ILE B 591 15.19 -9.99 -25.32
N PHE B 592 14.54 -8.85 -25.59
CA PHE B 592 15.11 -7.92 -26.56
C PHE B 592 16.41 -7.30 -26.05
N ASP B 593 16.48 -6.99 -24.75
CA ASP B 593 17.71 -6.45 -24.19
C ASP B 593 18.87 -7.42 -24.36
N ASP B 594 18.62 -8.70 -24.09
CA ASP B 594 19.67 -9.69 -24.34
C ASP B 594 20.03 -9.75 -25.82
N ALA B 595 19.03 -9.64 -26.70
CA ALA B 595 19.32 -9.68 -28.13
C ALA B 595 20.22 -8.54 -28.57
N TYR B 596 20.10 -7.38 -27.92
CA TYR B 596 20.85 -6.20 -28.37
C TYR B 596 22.36 -6.30 -28.13
N LYS B 597 22.86 -7.34 -27.47
CA LYS B 597 24.26 -7.42 -27.11
C LYS B 597 25.10 -8.24 -28.10
N SER B 598 24.47 -8.86 -29.09
CA SER B 598 25.21 -9.62 -30.10
C SER B 598 25.50 -8.71 -31.29
N GLN B 599 26.08 -9.29 -32.35
CA GLN B 599 26.33 -8.58 -33.59
C GLN B 599 25.40 -8.99 -34.72
N LEU B 600 24.61 -10.05 -34.53
CA LEU B 600 23.67 -10.51 -35.53
C LEU B 600 22.61 -11.32 -34.80
N SER B 601 21.37 -10.83 -34.78
CA SER B 601 20.33 -11.43 -33.95
C SER B 601 19.08 -11.73 -34.76
N CYS B 602 18.37 -12.78 -34.35
CA CYS B 602 17.08 -13.14 -34.91
C CYS B 602 16.13 -13.47 -33.77
N VAL B 603 14.89 -13.03 -33.88
CA VAL B 603 13.88 -13.23 -32.83
C VAL B 603 12.57 -13.61 -33.49
N VAL B 604 11.85 -14.53 -32.85
CA VAL B 604 10.58 -15.05 -33.35
C VAL B 604 9.50 -14.79 -32.33
N VAL B 605 8.37 -14.24 -32.77
CA VAL B 605 7.21 -13.98 -31.94
C VAL B 605 6.03 -14.71 -32.59
N ASP B 606 5.49 -15.71 -31.90
CA ASP B 606 4.44 -16.54 -32.46
C ASP B 606 3.16 -16.40 -31.65
N ASP B 607 2.02 -16.54 -32.34
CA ASP B 607 0.70 -16.41 -31.75
C ASP B 607 0.52 -15.03 -31.13
N ILE B 608 0.64 -14.02 -32.00
CA ILE B 608 0.52 -12.64 -31.55
C ILE B 608 -0.84 -12.32 -30.97
N GLU B 609 -1.88 -13.07 -31.33
CA GLU B 609 -3.19 -12.86 -30.74
C GLU B 609 -3.32 -13.46 -29.34
N ARG B 610 -2.54 -14.49 -29.03
CA ARG B 610 -2.56 -15.05 -27.67
C ARG B 610 -1.80 -14.16 -26.70
N LEU B 611 -0.79 -13.43 -27.18
CA LEU B 611 -0.08 -12.50 -26.32
C LEU B 611 -0.99 -11.36 -25.87
N LEU B 612 -1.85 -10.88 -26.76
CA LEU B 612 -2.70 -9.74 -26.49
C LEU B 612 -4.00 -10.11 -25.76
N ASP B 613 -4.29 -11.40 -25.60
CA ASP B 613 -5.51 -11.84 -24.93
C ASP B 613 -6.75 -11.27 -25.62
N TYR B 614 -6.91 -11.63 -26.89
CA TYR B 614 -8.01 -11.14 -27.69
C TYR B 614 -9.18 -12.12 -27.67
N VAL B 615 -10.38 -11.60 -27.46
CA VAL B 615 -11.61 -12.39 -27.47
C VAL B 615 -12.66 -11.62 -28.26
N PRO B 616 -13.32 -12.24 -29.25
CA PRO B 616 -14.22 -11.46 -30.11
C PRO B 616 -15.35 -10.78 -29.35
N ILE B 617 -15.90 -11.41 -28.31
CA ILE B 617 -16.88 -10.72 -27.48
C ILE B 617 -16.20 -9.51 -26.86
N GLY B 618 -16.95 -8.41 -26.74
CA GLY B 618 -16.35 -7.16 -26.32
C GLY B 618 -16.16 -6.22 -27.49
N PRO B 619 -14.94 -6.15 -28.05
CA PRO B 619 -13.76 -6.97 -27.79
C PRO B 619 -12.98 -6.61 -26.54
N ARG B 620 -12.10 -7.50 -26.10
N ARG B 620 -12.09 -7.49 -26.11
CA ARG B 620 -11.23 -7.27 -24.95
CA ARG B 620 -11.25 -7.26 -24.95
C ARG B 620 -9.81 -7.64 -25.32
C ARG B 620 -9.81 -7.67 -25.30
N PHE B 621 -8.85 -6.93 -24.73
CA PHE B 621 -7.44 -7.25 -24.94
C PHE B 621 -6.62 -6.38 -24.00
N SER B 622 -5.31 -6.63 -23.99
CA SER B 622 -4.37 -5.88 -23.16
C SER B 622 -3.75 -4.77 -23.99
N ASN B 623 -4.03 -3.52 -23.62
CA ASN B 623 -3.49 -2.38 -24.34
C ASN B 623 -2.02 -2.14 -24.02
N LEU B 624 -1.58 -2.44 -22.80
CA LEU B 624 -0.20 -2.18 -22.42
C LEU B 624 0.77 -3.02 -23.26
N VAL B 625 0.48 -4.29 -23.45
CA VAL B 625 1.34 -5.16 -24.26
C VAL B 625 1.34 -4.69 -25.70
N LEU B 626 0.18 -4.31 -26.23
CA LEU B 626 0.13 -3.83 -27.61
C LEU B 626 0.98 -2.59 -27.79
N GLN B 627 0.91 -1.65 -26.84
CA GLN B 627 1.70 -0.43 -26.97
C GLN B 627 3.19 -0.70 -26.82
N ALA B 628 3.58 -1.63 -25.95
CA ALA B 628 4.99 -2.01 -25.87
C ALA B 628 5.46 -2.62 -27.18
N LEU B 629 4.65 -3.50 -27.77
CA LEU B 629 5.05 -4.19 -28.99
C LEU B 629 5.13 -3.23 -30.16
N LEU B 630 4.22 -2.24 -30.22
CA LEU B 630 4.28 -1.27 -31.31
C LEU B 630 5.54 -0.43 -31.28
N VAL B 631 6.19 -0.31 -30.11
CA VAL B 631 7.41 0.47 -29.99
C VAL B 631 8.65 -0.40 -30.19
N LEU B 632 8.64 -1.63 -29.68
CA LEU B 632 9.80 -2.50 -29.85
C LEU B 632 10.02 -2.90 -31.31
N LEU B 633 9.02 -2.73 -32.17
CA LEU B 633 9.12 -3.12 -33.56
C LEU B 633 9.82 -2.08 -34.43
N LYS B 634 10.22 -0.93 -33.92
CA LYS B 634 10.78 0.16 -34.73
C LYS B 634 11.95 0.82 -34.02
N LYS B 635 12.44 0.30 -32.89
CA LYS B 635 13.62 0.82 -32.23
C LYS B 635 14.85 0.11 -32.78
N ALA B 636 15.84 0.89 -33.22
CA ALA B 636 17.03 0.30 -33.82
C ALA B 636 18.04 -0.10 -32.73
N PRO B 637 18.89 -1.09 -33.00
CA PRO B 637 19.89 -1.49 -32.01
C PRO B 637 21.01 -0.47 -31.93
N PRO B 638 21.96 -0.66 -31.02
CA PRO B 638 23.15 0.19 -31.01
C PRO B 638 23.83 0.17 -32.37
N GLN B 639 24.71 1.14 -32.57
CA GLN B 639 25.31 1.35 -33.89
C GLN B 639 26.10 0.12 -34.29
N GLY B 640 25.94 -0.31 -35.54
CA GLY B 640 26.74 -1.38 -36.10
C GLY B 640 26.23 -2.78 -35.86
N ARG B 641 25.07 -2.94 -35.24
CA ARG B 641 24.52 -4.25 -34.92
C ARG B 641 23.20 -4.45 -35.65
N LYS B 642 22.89 -5.70 -35.96
CA LYS B 642 21.81 -6.03 -36.89
C LYS B 642 20.86 -7.04 -36.27
N LEU B 643 19.56 -6.82 -36.50
CA LEU B 643 18.50 -7.60 -35.87
C LEU B 643 17.42 -7.93 -36.91
N LEU B 644 16.82 -9.12 -36.75
CA LEU B 644 15.72 -9.56 -37.60
C LEU B 644 14.60 -10.10 -36.72
N ILE B 645 13.36 -9.79 -37.10
CA ILE B 645 12.18 -10.18 -36.33
C ILE B 645 11.20 -10.89 -37.25
N ILE B 646 10.66 -12.02 -36.78
CA ILE B 646 9.69 -12.80 -37.53
C ILE B 646 8.48 -13.02 -36.65
N GLY B 647 7.31 -12.61 -37.12
CA GLY B 647 6.06 -12.76 -36.39
C GLY B 647 5.12 -13.70 -37.10
N THR B 648 4.25 -14.36 -36.33
CA THR B 648 3.23 -15.24 -36.90
C THR B 648 1.87 -14.92 -36.30
N THR B 649 0.83 -15.13 -37.08
CA THR B 649 -0.54 -14.87 -36.63
C THR B 649 -1.51 -15.69 -37.46
N SER B 650 -2.79 -15.62 -37.08
CA SER B 650 -3.86 -16.30 -37.78
C SER B 650 -5.08 -15.41 -37.99
N ARG B 651 -5.06 -14.17 -37.48
CA ARG B 651 -6.18 -13.22 -37.60
C ARG B 651 -5.59 -11.92 -38.14
N LYS B 652 -5.51 -11.81 -39.47
CA LYS B 652 -4.90 -10.63 -40.06
C LYS B 652 -5.82 -9.42 -40.01
N ASP B 653 -7.13 -9.63 -40.10
CA ASP B 653 -8.06 -8.51 -40.12
C ASP B 653 -8.01 -7.72 -38.82
N VAL B 654 -7.95 -8.42 -37.69
CA VAL B 654 -7.87 -7.75 -36.40
C VAL B 654 -6.60 -6.91 -36.32
N LEU B 655 -5.47 -7.47 -36.74
CA LEU B 655 -4.22 -6.73 -36.71
C LEU B 655 -4.27 -5.51 -37.61
N GLN B 656 -4.88 -5.63 -38.79
CA GLN B 656 -5.05 -4.47 -39.65
C GLN B 656 -5.90 -3.40 -38.98
N GLU B 657 -6.99 -3.83 -38.32
CA GLU B 657 -7.83 -2.86 -37.62
C GLU B 657 -7.01 -2.13 -36.56
N MET B 658 -6.23 -2.86 -35.78
CA MET B 658 -5.41 -2.26 -34.73
C MET B 658 -4.31 -1.35 -35.27
N GLU B 659 -4.19 -1.11 -36.56
CA GLU B 659 -3.17 -0.24 -37.18
C GLU B 659 -1.79 -0.83 -36.91
N MET B 660 -1.63 -2.14 -37.06
CA MET B 660 -0.36 -2.80 -36.77
C MET B 660 0.39 -3.24 -38.02
N LEU B 661 -0.29 -3.39 -39.15
CA LEU B 661 0.37 -3.83 -40.37
C LEU B 661 1.31 -2.79 -40.97
N ASN B 662 1.22 -1.55 -40.50
N ASN B 662 1.23 -1.54 -40.52
CA ASN B 662 2.10 -0.47 -40.95
CA ASN B 662 2.16 -0.53 -41.02
C ASN B 662 3.45 -0.50 -40.24
C ASN B 662 3.45 -0.47 -40.22
N ALA B 663 3.62 -1.33 -39.22
CA ALA B 663 4.87 -1.47 -38.51
C ALA B 663 5.73 -2.60 -39.05
N PHE B 664 5.21 -3.41 -39.96
CA PHE B 664 5.92 -4.52 -40.55
C PHE B 664 6.38 -4.14 -41.96
N SER B 665 7.58 -4.58 -42.33
CA SER B 665 8.11 -4.23 -43.64
C SER B 665 7.43 -5.01 -44.76
N THR B 666 7.03 -6.24 -44.51
CA THR B 666 6.48 -7.09 -45.56
C THR B 666 5.67 -8.21 -44.91
N THR B 667 4.99 -8.98 -45.77
CA THR B 667 4.15 -10.09 -45.32
C THR B 667 4.30 -11.26 -46.28
N ILE B 668 4.07 -12.46 -45.77
CA ILE B 668 4.11 -13.69 -46.56
C ILE B 668 2.87 -14.50 -46.26
N HIS B 669 2.32 -15.15 -47.29
CA HIS B 669 1.08 -15.90 -47.18
C HIS B 669 1.36 -17.39 -47.32
N VAL B 670 0.82 -18.18 -46.40
CA VAL B 670 0.97 -19.62 -46.40
C VAL B 670 -0.39 -20.24 -46.72
N PRO B 671 -0.53 -20.98 -47.82
CA PRO B 671 -1.86 -21.49 -48.20
C PRO B 671 -2.19 -22.85 -47.61
N ASN B 672 -3.40 -23.33 -47.88
CA ASN B 672 -3.82 -24.67 -47.56
C ASN B 672 -3.73 -25.56 -48.79
N ILE B 673 -3.98 -26.86 -48.59
CA ILE B 673 -4.07 -27.78 -49.72
C ILE B 673 -5.38 -27.53 -50.45
N ALA B 674 -5.31 -27.44 -51.78
CA ALA B 674 -6.44 -26.99 -52.57
C ALA B 674 -6.76 -27.86 -53.78
N THR B 675 -6.04 -28.95 -54.01
CA THR B 675 -6.28 -29.80 -55.16
C THR B 675 -6.06 -31.25 -54.79
N GLY B 676 -6.70 -32.15 -55.54
CA GLY B 676 -6.54 -33.58 -55.30
C GLY B 676 -5.13 -34.06 -55.52
N GLU B 677 -4.43 -33.49 -56.51
CA GLU B 677 -3.06 -33.91 -56.79
C GLU B 677 -2.16 -33.68 -55.58
N GLN B 678 -2.30 -32.51 -54.95
CA GLN B 678 -1.48 -32.21 -53.78
C GLN B 678 -1.80 -33.14 -52.63
N LEU B 679 -3.08 -33.44 -52.42
CA LEU B 679 -3.46 -34.38 -51.36
C LEU B 679 -2.85 -35.75 -51.61
N LEU B 680 -2.92 -36.23 -52.85
CA LEU B 680 -2.34 -37.54 -53.16
C LEU B 680 -0.83 -37.53 -52.98
N GLU B 681 -0.17 -36.44 -53.37
CA GLU B 681 1.27 -36.33 -53.17
C GLU B 681 1.63 -36.37 -51.70
N ALA B 682 0.87 -35.65 -50.87
CA ALA B 682 1.13 -35.67 -49.44
C ALA B 682 0.93 -37.06 -48.86
N LEU B 683 -0.14 -37.74 -49.27
CA LEU B 683 -0.37 -39.11 -48.80
C LEU B 683 0.78 -40.02 -49.20
N GLU B 684 1.26 -39.89 -50.44
CA GLU B 684 2.36 -40.73 -50.89
C GLU B 684 3.62 -40.46 -50.08
N LEU B 685 3.92 -39.19 -49.81
CA LEU B 685 5.12 -38.88 -49.04
C LEU B 685 5.02 -39.35 -47.61
N LEU B 686 3.82 -39.29 -47.01
CA LEU B 686 3.67 -39.82 -45.66
C LEU B 686 3.78 -41.34 -45.65
N GLY B 687 3.23 -42.00 -46.66
CA GLY B 687 3.36 -43.44 -46.78
C GLY B 687 2.51 -44.22 -45.79
N ASN B 688 1.20 -44.05 -45.85
CA ASN B 688 0.27 -44.74 -44.97
C ASN B 688 -0.59 -45.76 -45.69
N PHE B 689 -1.17 -45.40 -46.83
CA PHE B 689 -2.09 -46.26 -47.57
C PHE B 689 -1.36 -46.94 -48.72
N LYS B 690 -1.89 -48.10 -49.12
CA LYS B 690 -1.27 -48.93 -50.13
C LYS B 690 -1.77 -48.54 -51.52
N ASP B 691 -1.29 -49.28 -52.53
CA ASP B 691 -1.59 -48.92 -53.92
C ASP B 691 -3.08 -49.04 -54.22
N LYS B 692 -3.69 -50.17 -53.85
CA LYS B 692 -5.11 -50.36 -54.13
C LYS B 692 -5.95 -49.32 -53.39
N GLU B 693 -5.65 -49.10 -52.11
CA GLU B 693 -6.37 -48.09 -51.35
C GLU B 693 -6.11 -46.70 -51.92
N ARG B 694 -4.89 -46.45 -52.40
CA ARG B 694 -4.59 -45.17 -53.02
C ARG B 694 -5.46 -44.94 -54.23
N THR B 695 -5.57 -45.95 -55.10
CA THR B 695 -6.42 -45.82 -56.28
C THR B 695 -7.88 -45.62 -55.89
N THR B 696 -8.35 -46.37 -54.90
CA THR B 696 -9.73 -46.21 -54.44
C THR B 696 -9.98 -44.79 -53.98
N ILE B 697 -9.08 -44.23 -53.17
CA ILE B 697 -9.24 -42.86 -52.70
C ILE B 697 -9.21 -41.90 -53.87
N ALA B 698 -8.29 -42.10 -54.82
CA ALA B 698 -8.16 -41.20 -55.95
C ALA B 698 -9.45 -41.15 -56.76
N GLN B 699 -10.08 -42.30 -56.97
CA GLN B 699 -11.28 -42.35 -57.81
C GLN B 699 -12.31 -41.33 -57.35
N GLN B 700 -12.57 -41.26 -56.04
CA GLN B 700 -13.59 -40.34 -55.54
C GLN B 700 -13.05 -38.96 -55.20
N VAL B 701 -11.76 -38.80 -54.93
CA VAL B 701 -11.26 -37.49 -54.49
C VAL B 701 -10.76 -36.63 -55.66
N LYS B 702 -10.36 -37.25 -56.78
CA LYS B 702 -9.86 -36.48 -57.91
C LYS B 702 -10.98 -35.78 -58.68
N GLY B 703 -12.24 -36.10 -58.38
CA GLY B 703 -13.35 -35.50 -59.10
C GLY B 703 -13.70 -34.09 -58.71
N LYS B 704 -12.97 -33.48 -57.78
CA LYS B 704 -13.27 -32.13 -57.33
C LYS B 704 -12.07 -31.59 -56.56
N LYS B 705 -12.25 -30.44 -55.92
CA LYS B 705 -11.21 -29.80 -55.13
C LYS B 705 -11.44 -30.06 -53.64
N VAL B 706 -10.44 -29.68 -52.84
CA VAL B 706 -10.48 -29.87 -51.39
C VAL B 706 -9.94 -28.62 -50.71
N TRP B 707 -10.13 -28.57 -49.39
N TRP B 707 -10.14 -28.55 -49.40
CA TRP B 707 -9.69 -27.44 -48.58
CA TRP B 707 -9.64 -27.43 -48.60
C TRP B 707 -9.35 -27.99 -47.19
C TRP B 707 -9.35 -27.97 -47.20
N ILE B 708 -8.03 -28.25 -46.93
CA ILE B 708 -7.62 -28.90 -45.69
C ILE B 708 -6.21 -28.42 -45.33
N GLY B 709 -5.95 -28.33 -44.02
CA GLY B 709 -4.61 -28.05 -43.54
C GLY B 709 -3.83 -29.31 -43.20
N ILE B 710 -2.50 -29.19 -43.21
CA ILE B 710 -1.64 -30.35 -43.00
C ILE B 710 -1.80 -30.89 -41.58
N LYS B 711 -1.85 -30.00 -40.60
CA LYS B 711 -1.93 -30.43 -39.20
C LYS B 711 -3.25 -31.11 -38.89
N LYS B 712 -4.33 -30.75 -39.61
CA LYS B 712 -5.59 -31.47 -39.49
C LYS B 712 -5.57 -32.78 -40.26
N LEU B 713 -4.84 -32.83 -41.38
CA LEU B 713 -4.75 -34.05 -42.16
C LEU B 713 -4.08 -35.17 -41.35
N LEU B 714 -3.03 -34.83 -40.61
CA LEU B 714 -2.37 -35.85 -39.79
C LEU B 714 -3.34 -36.41 -38.75
N MET B 715 -4.10 -35.53 -38.10
CA MET B 715 -5.08 -35.98 -37.11
C MET B 715 -6.12 -36.88 -37.74
N LEU B 716 -6.60 -36.51 -38.94
CA LEU B 716 -7.60 -37.35 -39.59
C LEU B 716 -7.05 -38.73 -39.91
N ILE B 717 -5.82 -38.80 -40.41
CA ILE B 717 -5.23 -40.10 -40.72
C ILE B 717 -5.11 -40.94 -39.46
N GLU B 718 -4.63 -40.33 -38.37
CA GLU B 718 -4.47 -41.07 -37.12
C GLU B 718 -5.81 -41.59 -36.63
N MET B 719 -6.85 -40.75 -36.67
CA MET B 719 -8.15 -41.21 -36.20
C MET B 719 -8.70 -42.33 -37.08
N SER B 720 -8.47 -42.26 -38.39
CA SER B 720 -8.99 -43.30 -39.28
C SER B 720 -8.27 -44.62 -39.06
N LEU B 721 -6.97 -44.59 -38.76
CA LEU B 721 -6.21 -45.84 -38.69
C LEU B 721 -6.63 -46.76 -37.54
N GLN B 722 -7.60 -46.39 -36.71
CA GLN B 722 -7.96 -47.21 -35.56
C GLN B 722 -9.06 -48.23 -35.85
N MET B 723 -9.63 -48.21 -37.04
CA MET B 723 -10.70 -49.16 -37.38
C MET B 723 -10.10 -50.48 -37.84
N ASP B 724 -10.97 -51.46 -38.06
CA ASP B 724 -10.54 -52.73 -38.60
C ASP B 724 -10.09 -52.56 -40.05
N PRO B 725 -9.21 -53.43 -40.54
CA PRO B 725 -8.63 -53.21 -41.87
C PRO B 725 -9.66 -53.06 -42.97
N GLU B 726 -10.82 -53.73 -42.84
CA GLU B 726 -11.82 -53.68 -43.90
C GLU B 726 -12.38 -52.28 -44.10
N TYR B 727 -12.62 -51.55 -43.01
CA TYR B 727 -13.38 -50.31 -43.09
C TYR B 727 -12.51 -49.06 -43.08
N ARG B 728 -11.22 -49.17 -42.75
CA ARG B 728 -10.37 -47.99 -42.57
C ARG B 728 -10.60 -46.96 -43.66
N VAL B 729 -10.30 -47.33 -44.91
CA VAL B 729 -10.39 -46.37 -46.00
C VAL B 729 -11.74 -45.67 -45.99
N ARG B 730 -12.81 -46.46 -45.90
CA ARG B 730 -14.15 -45.87 -45.92
C ARG B 730 -14.26 -44.75 -44.90
N LYS B 731 -13.92 -45.06 -43.64
CA LYS B 731 -14.05 -44.06 -42.59
C LYS B 731 -13.32 -42.78 -42.98
N PHE B 732 -12.08 -42.93 -43.47
CA PHE B 732 -11.31 -41.75 -43.89
C PHE B 732 -12.18 -40.84 -44.75
N LEU B 733 -12.71 -41.39 -45.84
CA LEU B 733 -13.47 -40.56 -46.77
C LEU B 733 -14.60 -39.84 -46.04
N ALA B 734 -15.32 -40.56 -45.18
CA ALA B 734 -16.42 -39.94 -44.45
C ALA B 734 -15.93 -38.68 -43.73
N LEU B 735 -14.85 -38.80 -42.96
CA LEU B 735 -14.35 -37.64 -42.25
C LEU B 735 -14.03 -36.52 -43.23
N LEU B 736 -13.35 -36.84 -44.33
CA LEU B 736 -13.01 -35.80 -45.29
C LEU B 736 -14.26 -35.10 -45.81
N ARG B 737 -15.36 -35.82 -45.95
N ARG B 737 -15.36 -35.83 -45.97
CA ARG B 737 -16.59 -35.20 -46.43
CA ARG B 737 -16.59 -35.20 -46.42
C ARG B 737 -17.16 -34.24 -45.39
C ARG B 737 -17.12 -34.21 -45.39
N GLU B 738 -17.07 -34.56 -44.10
CA GLU B 738 -17.62 -33.69 -43.08
C GLU B 738 -16.76 -32.46 -42.87
N GLU B 739 -15.43 -32.61 -42.93
CA GLU B 739 -14.54 -31.48 -42.66
C GLU B 739 -14.64 -30.45 -43.77
N GLY B 740 -14.84 -30.88 -45.01
CA GLY B 740 -14.78 -29.97 -46.14
C GLY B 740 -15.67 -28.76 -45.97
N ALA B 741 -15.11 -27.59 -46.23
CA ALA B 741 -15.82 -26.32 -46.05
C ALA B 741 -15.45 -25.38 -47.19
N SER B 742 -16.32 -24.41 -47.42
CA SER B 742 -16.09 -23.44 -48.49
C SER B 742 -14.87 -22.58 -48.15
N PRO B 743 -13.93 -22.40 -49.09
CA PRO B 743 -12.79 -21.51 -48.83
C PRO B 743 -13.21 -20.11 -48.39
N GLN C 209 41.37 43.44 18.02
CA GLN C 209 41.85 42.59 16.94
C GLN C 209 40.79 42.49 15.84
N SER C 210 41.19 42.76 14.61
CA SER C 210 40.27 42.71 13.49
C SER C 210 39.78 41.28 13.27
N ILE C 211 38.52 41.16 12.84
CA ILE C 211 37.96 39.84 12.58
C ILE C 211 38.61 39.21 11.36
N ILE C 212 38.90 40.01 10.34
CA ILE C 212 39.50 39.52 9.11
C ILE C 212 40.99 39.32 9.32
N ASN C 213 41.53 38.29 8.66
CA ASN C 213 42.97 38.05 8.74
C ASN C 213 43.72 39.22 8.09
N PRO C 214 44.88 39.59 8.62
CA PRO C 214 45.60 40.74 8.04
C PRO C 214 46.01 40.52 6.61
N ASP C 215 46.32 39.29 6.21
CA ASP C 215 46.88 39.00 4.89
C ASP C 215 45.85 38.47 3.91
N TRP C 216 44.57 38.52 4.24
CA TRP C 216 43.55 37.98 3.34
C TRP C 216 43.45 38.84 2.08
N ASN C 217 43.21 38.17 0.95
CA ASN C 217 43.05 38.82 -0.34
C ASN C 217 42.04 38.04 -1.16
N PHE C 218 41.14 38.76 -1.83
CA PHE C 218 40.07 38.08 -2.56
C PHE C 218 40.62 37.17 -3.65
N GLU C 219 41.62 37.66 -4.40
CA GLU C 219 42.17 36.87 -5.49
C GLU C 219 42.81 35.58 -5.00
N LYS C 220 43.18 35.52 -3.72
CA LYS C 220 43.79 34.32 -3.17
C LYS C 220 42.79 33.20 -2.94
N MET C 221 41.50 33.51 -2.83
CA MET C 221 40.51 32.48 -2.54
C MET C 221 40.46 31.44 -3.64
N GLY C 222 40.53 31.88 -4.89
CA GLY C 222 40.47 30.95 -6.01
C GLY C 222 39.07 30.52 -6.40
N ILE C 223 38.10 31.42 -6.31
CA ILE C 223 36.72 31.16 -6.72
C ILE C 223 36.38 32.11 -7.84
N GLY C 224 35.84 31.58 -8.92
CA GLY C 224 35.47 32.38 -10.07
C GLY C 224 34.04 32.14 -10.50
N GLY C 225 33.39 33.22 -10.93
CA GLY C 225 32.03 33.14 -11.41
C GLY C 225 30.95 33.39 -10.37
N LEU C 226 31.33 33.78 -9.16
CA LEU C 226 30.37 34.00 -8.07
C LEU C 226 30.67 35.32 -7.37
N ASP C 227 30.86 36.38 -8.15
CA ASP C 227 31.20 37.68 -7.58
C ASP C 227 30.02 38.37 -6.94
N LYS C 228 28.81 38.19 -7.48
CA LYS C 228 27.62 38.81 -6.89
C LYS C 228 27.19 38.11 -5.60
N GLU C 229 27.22 36.77 -5.60
CA GLU C 229 26.79 36.02 -4.42
C GLU C 229 27.69 36.31 -3.23
N PHE C 230 29.00 36.35 -3.45
CA PHE C 230 29.93 36.63 -2.36
C PHE C 230 29.73 38.04 -1.83
N SER C 231 29.48 39.01 -2.72
CA SER C 231 29.23 40.37 -2.28
C SER C 231 28.01 40.43 -1.39
N ASP C 232 26.93 39.75 -1.79
CA ASP C 232 25.72 39.74 -0.98
C ASP C 232 25.98 39.09 0.38
N ILE C 233 26.69 37.96 0.38
CA ILE C 233 26.96 37.27 1.64
C ILE C 233 27.77 38.15 2.57
N PHE C 234 28.83 38.78 2.03
CA PHE C 234 29.67 39.65 2.85
C PHE C 234 28.85 40.79 3.43
N ARG C 235 28.04 41.44 2.59
CA ARG C 235 27.26 42.58 3.06
C ARG C 235 26.31 42.16 4.17
N ARG C 236 25.58 41.07 3.98
CA ARG C 236 24.56 40.70 4.96
C ARG C 236 25.12 40.06 6.22
N ALA C 237 26.34 39.49 6.17
CA ALA C 237 26.86 38.74 7.31
C ALA C 237 27.96 39.45 8.07
N PHE C 238 28.93 40.06 7.38
CA PHE C 238 30.12 40.60 8.03
C PHE C 238 30.16 42.12 8.05
N ALA C 239 29.12 42.80 7.55
CA ALA C 239 29.14 44.25 7.52
C ALA C 239 29.17 44.83 8.93
N SER C 240 28.40 44.25 9.85
CA SER C 240 28.24 44.79 11.18
C SER C 240 29.37 44.40 12.13
N ARG C 241 30.29 43.56 11.69
N ARG C 241 30.29 43.56 11.69
CA ARG C 241 31.45 43.19 12.49
CA ARG C 241 31.45 43.19 12.49
C ARG C 241 32.73 43.90 12.05
C ARG C 241 32.73 43.90 12.04
N VAL C 242 32.67 44.74 11.02
CA VAL C 242 33.83 45.50 10.57
C VAL C 242 33.71 46.96 10.96
N PHE C 243 32.49 47.48 11.06
CA PHE C 243 32.27 48.87 11.39
C PHE C 243 32.70 49.13 12.84
N PRO C 244 33.00 50.39 13.18
CA PRO C 244 33.43 50.69 14.55
C PRO C 244 32.39 50.25 15.56
N PRO C 245 32.81 49.71 16.70
CA PRO C 245 31.84 49.11 17.63
C PRO C 245 30.89 50.12 18.27
N GLU C 246 31.35 51.34 18.56
CA GLU C 246 30.50 52.28 19.29
C GLU C 246 29.25 52.64 18.49
N ILE C 247 29.43 52.93 17.19
CA ILE C 247 28.27 53.30 16.38
C ILE C 247 27.30 52.13 16.27
N VAL C 248 27.81 50.91 16.10
CA VAL C 248 26.94 49.75 16.06
C VAL C 248 26.17 49.63 17.38
N GLU C 249 26.83 49.91 18.49
CA GLU C 249 26.15 49.92 19.78
C GLU C 249 25.00 50.92 19.77
N GLN C 250 25.26 52.14 19.28
CA GLN C 250 24.22 53.15 19.27
C GLN C 250 22.98 52.69 18.50
N MET C 251 23.16 51.93 17.43
CA MET C 251 22.02 51.48 16.64
C MET C 251 21.26 50.35 17.32
N GLY C 252 21.94 49.53 18.13
CA GLY C 252 21.26 48.51 18.90
C GLY C 252 20.78 47.31 18.11
N CYS C 253 21.49 46.92 17.05
CA CYS C 253 21.09 45.77 16.24
C CYS C 253 21.89 44.54 16.64
N LYS C 254 21.33 43.37 16.33
CA LYS C 254 21.98 42.09 16.59
C LYS C 254 22.56 41.54 15.29
N HIS C 255 23.57 40.67 15.45
CA HIS C 255 24.24 40.09 14.31
C HIS C 255 23.42 38.94 13.72
N VAL C 256 23.67 38.65 12.45
CA VAL C 256 23.04 37.52 11.78
C VAL C 256 23.78 36.24 12.17
N LYS C 257 23.05 35.13 12.25
CA LYS C 257 23.61 33.87 12.72
C LYS C 257 23.18 32.69 11.87
N GLY C 258 23.22 32.83 10.54
CA GLY C 258 22.84 31.72 9.68
C GLY C 258 23.05 31.94 8.20
N ILE C 259 23.41 30.88 7.49
CA ILE C 259 23.59 30.90 6.05
C ILE C 259 23.19 29.54 5.49
N LEU C 260 22.52 29.55 4.34
CA LEU C 260 22.14 28.33 3.65
C LEU C 260 22.47 28.47 2.17
N LEU C 261 23.02 27.40 1.59
CA LEU C 261 23.43 27.37 0.20
C LEU C 261 22.82 26.13 -0.45
N TYR C 262 22.13 26.32 -1.57
CA TYR C 262 21.52 25.19 -2.26
C TYR C 262 21.73 25.32 -3.77
N GLY C 263 21.74 24.17 -4.44
CA GLY C 263 21.92 24.13 -5.87
C GLY C 263 22.22 22.74 -6.39
N PRO C 264 22.39 22.62 -7.72
CA PRO C 264 22.66 21.31 -8.30
C PRO C 264 24.10 20.87 -8.01
N PRO C 265 24.41 19.60 -8.22
CA PRO C 265 25.73 19.09 -7.83
C PRO C 265 26.87 19.75 -8.60
N GLY C 266 28.00 19.91 -7.92
CA GLY C 266 29.24 20.25 -8.59
C GLY C 266 29.45 21.71 -8.92
N CYS C 267 28.73 22.63 -8.27
CA CYS C 267 28.81 24.04 -8.62
C CYS C 267 29.58 24.87 -7.60
N GLY C 268 30.15 24.27 -6.58
CA GLY C 268 31.08 24.99 -5.70
C GLY C 268 30.51 25.47 -4.38
N LYS C 269 29.76 24.62 -3.68
CA LYS C 269 29.24 25.00 -2.37
C LYS C 269 30.25 24.73 -1.26
N THR C 270 30.74 23.49 -1.13
CA THR C 270 31.77 23.08 -0.16
C THR C 270 33.07 23.82 -0.33
N LEU C 271 33.44 24.30 -1.50
CA LEU C 271 34.61 25.16 -1.67
C LEU C 271 34.37 26.52 -1.04
N LEU C 272 33.20 27.10 -1.30
CA LEU C 272 32.88 28.41 -0.72
C LEU C 272 32.84 28.32 0.80
N ALA C 273 32.25 27.26 1.34
CA ALA C 273 32.19 27.12 2.80
C ALA C 273 33.59 27.03 3.39
N ARG C 274 34.47 26.22 2.79
CA ARG C 274 35.82 26.07 3.32
C ARG C 274 36.60 27.38 3.23
N GLN C 275 36.47 28.12 2.13
CA GLN C 275 37.17 29.39 2.00
C GLN C 275 36.66 30.40 3.03
N ILE C 276 35.35 30.46 3.23
CA ILE C 276 34.81 31.34 4.26
C ILE C 276 35.38 30.96 5.62
N GLY C 277 35.48 29.66 5.89
CA GLY C 277 36.08 29.23 7.14
C GLY C 277 37.51 29.70 7.30
N LYS C 278 38.28 29.62 6.21
CA LYS C 278 39.70 29.99 6.28
C LYS C 278 39.95 31.49 6.25
N MET C 279 38.97 32.31 5.88
CA MET C 279 39.22 33.75 5.76
C MET C 279 39.05 34.50 7.08
N LEU C 280 38.51 33.85 8.11
CA LEU C 280 38.25 34.50 9.39
C LEU C 280 39.33 34.16 10.40
N ASN C 281 39.75 35.18 11.17
CA ASN C 281 40.69 35.02 12.26
C ASN C 281 39.93 34.67 13.53
N ALA C 282 39.70 33.37 13.72
CA ALA C 282 38.92 32.88 14.85
C ALA C 282 39.42 31.49 15.22
N ARG C 283 38.60 30.75 15.97
CA ARG C 283 38.96 29.39 16.36
C ARG C 283 38.91 28.47 15.14
N GLU C 284 39.22 27.20 15.35
CA GLU C 284 39.12 26.23 14.26
C GLU C 284 37.66 25.79 14.09
N PRO C 285 37.10 25.85 12.89
CA PRO C 285 35.69 25.51 12.72
C PRO C 285 35.40 24.06 13.09
N LYS C 286 34.19 23.83 13.60
CA LYS C 286 33.69 22.49 13.87
C LYS C 286 32.96 21.99 12.64
N VAL C 287 33.16 20.72 12.30
CA VAL C 287 32.61 20.12 11.09
C VAL C 287 31.82 18.88 11.47
N VAL C 288 30.64 18.73 10.87
CA VAL C 288 29.80 17.55 11.03
C VAL C 288 29.58 16.95 9.65
N ASN C 289 29.96 15.68 9.48
CA ASN C 289 29.86 15.00 8.19
C ASN C 289 28.59 14.17 8.17
N GLY C 290 27.53 14.76 7.62
CA GLY C 290 26.28 14.07 7.46
C GLY C 290 25.71 13.63 8.80
N PRO C 291 25.10 12.45 8.85
CA PRO C 291 24.55 11.94 10.12
C PRO C 291 25.62 11.30 11.01
N GLU C 292 26.54 12.13 11.49
CA GLU C 292 27.62 11.68 12.34
C GLU C 292 27.28 11.74 13.82
N ILE C 293 26.06 12.16 14.17
CA ILE C 293 25.68 12.38 15.56
C ILE C 293 24.58 11.43 16.01
N LEU C 294 24.22 10.43 15.21
CA LEU C 294 23.20 9.47 15.58
C LEU C 294 23.81 8.38 16.45
N ASN C 295 23.05 7.93 17.45
CA ASN C 295 23.50 6.88 18.36
C ASN C 295 22.32 6.00 18.72
N LYS C 296 22.62 4.80 19.21
CA LYS C 296 21.58 3.82 19.50
C LYS C 296 21.04 3.91 20.92
N TYR C 297 21.82 4.40 21.87
CA TYR C 297 21.36 4.54 23.24
C TYR C 297 20.41 5.72 23.37
N VAL C 298 19.38 5.57 24.19
CA VAL C 298 18.40 6.64 24.36
C VAL C 298 19.07 7.85 24.99
N GLY C 299 18.82 9.03 24.43
CA GLY C 299 19.29 10.26 25.00
C GLY C 299 20.71 10.65 24.68
N GLU C 300 21.37 9.97 23.74
CA GLU C 300 22.74 10.32 23.36
C GLU C 300 22.82 11.19 22.11
N SER C 301 21.96 10.95 21.12
CA SER C 301 21.94 11.78 19.92
C SER C 301 21.74 13.24 20.24
N GLU C 302 21.04 13.56 21.33
CA GLU C 302 20.80 14.94 21.71
C GLU C 302 21.93 15.50 22.57
N ALA C 303 22.56 14.67 23.40
CA ALA C 303 23.77 15.11 24.07
C ALA C 303 24.84 15.48 23.07
N ASN C 304 24.93 14.75 21.95
CA ASN C 304 25.88 15.10 20.91
C ASN C 304 25.60 16.50 20.37
N ILE C 305 24.34 16.82 20.14
CA ILE C 305 23.99 18.16 19.68
C ILE C 305 24.37 19.21 20.71
N ARG C 306 23.97 18.98 21.97
CA ARG C 306 24.26 19.97 23.01
C ARG C 306 25.76 20.15 23.24
N LYS C 307 26.58 19.17 22.88
CA LYS C 307 28.02 19.29 23.10
C LYS C 307 28.71 20.22 22.12
N LEU C 308 28.04 20.65 21.05
CA LEU C 308 28.65 21.54 20.08
C LEU C 308 28.62 23.01 20.50
N PHE C 309 27.81 23.38 21.49
CA PHE C 309 27.61 24.78 21.86
C PHE C 309 28.24 25.13 23.21
N ALA C 310 29.00 24.22 23.81
CA ALA C 310 29.50 24.47 25.17
C ALA C 310 30.48 25.63 25.20
N ASP C 311 31.48 25.61 24.31
CA ASP C 311 32.52 26.64 24.34
C ASP C 311 31.93 28.03 24.13
N ALA C 312 31.00 28.16 23.17
CA ALA C 312 30.40 29.46 22.90
C ALA C 312 29.67 29.98 24.13
N GLU C 313 28.89 29.13 24.79
CA GLU C 313 28.16 29.57 25.97
C GLU C 313 29.11 29.97 27.08
N GLU C 314 30.17 29.19 27.31
CA GLU C 314 31.11 29.52 28.37
C GLU C 314 31.78 30.86 28.10
N GLU C 315 32.23 31.07 26.86
CA GLU C 315 32.91 32.33 26.55
C GLU C 315 31.95 33.51 26.62
N GLN C 316 30.69 33.32 26.20
CA GLN C 316 29.70 34.38 26.34
C GLN C 316 29.49 34.75 27.79
N ARG C 317 29.39 33.74 28.67
CA ARG C 317 29.20 34.02 30.08
C ARG C 317 30.41 34.75 30.67
N ARG C 318 31.61 34.34 30.28
CA ARG C 318 32.81 34.90 30.90
C ARG C 318 33.14 36.30 30.36
N LEU C 319 33.40 36.40 29.06
CA LEU C 319 33.94 37.62 28.47
C LEU C 319 32.86 38.60 28.01
N GLY C 320 31.59 38.24 28.12
CA GLY C 320 30.55 39.17 27.75
C GLY C 320 30.59 39.49 26.26
N ALA C 321 30.67 40.78 25.94
CA ALA C 321 30.57 41.25 24.56
C ALA C 321 31.94 41.40 23.89
N ASN C 322 33.00 40.88 24.49
CA ASN C 322 34.33 40.91 23.89
C ASN C 322 34.77 39.54 23.37
N SER C 323 33.82 38.62 23.19
CA SER C 323 34.15 37.27 22.78
C SER C 323 34.55 37.23 21.30
N GLY C 324 35.12 36.10 20.92
CA GLY C 324 35.48 35.84 19.54
C GLY C 324 34.30 35.31 18.76
N LEU C 325 34.61 34.59 17.69
CA LEU C 325 33.60 34.00 16.82
C LEU C 325 33.80 32.50 16.75
N HIS C 326 32.69 31.75 16.84
CA HIS C 326 32.71 30.30 16.74
C HIS C 326 31.86 29.90 15.53
N ILE C 327 32.42 29.08 14.66
CA ILE C 327 31.77 28.68 13.42
C ILE C 327 31.44 27.20 13.49
N ILE C 328 30.33 26.82 12.87
CA ILE C 328 29.88 25.43 12.81
C ILE C 328 29.37 25.16 11.40
N ILE C 329 29.71 24.00 10.85
CA ILE C 329 29.40 23.65 9.47
C ILE C 329 28.61 22.35 9.46
N PHE C 330 27.47 22.37 8.78
CA PHE C 330 26.59 21.20 8.65
C PHE C 330 26.59 20.78 7.19
N ASP C 331 27.27 19.71 6.83
CA ASP C 331 27.34 19.18 5.44
C ASP C 331 26.24 18.14 5.29
N GLU C 332 25.36 18.26 4.31
CA GLU C 332 24.20 17.40 4.08
C GLU C 332 23.19 17.56 5.21
N ILE C 333 22.76 18.80 5.43
CA ILE C 333 21.88 19.10 6.56
C ILE C 333 20.54 18.40 6.42
N ASP C 334 20.11 18.11 5.19
CA ASP C 334 18.80 17.52 4.98
C ASP C 334 18.70 16.09 5.49
N ALA C 335 19.79 15.52 5.98
CA ALA C 335 19.75 14.16 6.49
C ALA C 335 19.21 14.07 7.91
N ILE C 336 19.22 15.17 8.65
CA ILE C 336 18.85 15.16 10.06
C ILE C 336 17.88 16.29 10.42
N CYS C 337 17.33 16.98 9.44
CA CYS C 337 16.49 18.15 9.71
C CYS C 337 15.25 18.14 8.80
N LYS C 338 14.61 16.99 8.68
CA LYS C 338 13.40 16.91 7.87
C LYS C 338 12.19 17.44 8.64
N GLN C 339 11.13 17.74 7.89
CA GLN C 339 9.93 18.30 8.48
C GLN C 339 9.34 17.34 9.52
N ARG C 340 8.88 17.91 10.63
CA ARG C 340 8.24 17.10 11.66
C ARG C 340 6.86 16.67 11.19
N GLY C 341 6.47 15.44 11.56
CA GLY C 341 5.23 14.88 11.05
C GLY C 341 4.02 15.73 11.39
N SER C 342 3.91 16.16 12.64
CA SER C 342 2.83 17.03 13.09
C SER C 342 1.45 16.41 12.87
N MET C 343 1.32 15.10 13.12
CA MET C 343 0.04 14.44 13.06
C MET C 343 0.17 13.12 13.81
N ALA C 344 -0.78 12.82 14.68
CA ALA C 344 -0.60 11.73 15.63
C ALA C 344 -0.59 10.38 14.93
N GLY C 345 0.47 9.62 15.15
CA GLY C 345 0.62 8.28 14.63
C GLY C 345 1.68 8.11 13.57
N SER C 346 2.18 9.20 12.98
CA SER C 346 3.31 9.16 12.06
C SER C 346 4.40 10.10 12.55
N THR C 347 4.64 10.10 13.85
CA THR C 347 5.70 10.93 14.41
C THR C 347 7.04 10.58 13.75
N GLY C 348 7.81 11.61 13.43
CA GLY C 348 9.05 11.40 12.72
C GLY C 348 9.99 10.49 13.47
N VAL C 349 10.85 9.82 12.71
CA VAL C 349 11.80 8.88 13.30
C VAL C 349 12.78 9.63 14.22
N HIS C 350 13.16 10.85 13.84
CA HIS C 350 13.97 11.71 14.70
C HIS C 350 13.32 13.09 14.73
N ASP C 351 12.57 13.37 15.80
CA ASP C 351 12.07 14.72 16.06
C ASP C 351 12.71 15.35 17.29
N THR C 352 13.19 14.55 18.23
CA THR C 352 13.88 15.11 19.39
C THR C 352 15.13 15.87 18.96
N VAL C 353 15.84 15.37 17.94
CA VAL C 353 17.02 16.06 17.45
C VAL C 353 16.64 17.42 16.90
N VAL C 354 15.58 17.48 16.09
CA VAL C 354 15.15 18.74 15.52
C VAL C 354 14.75 19.72 16.61
N ASN C 355 14.00 19.24 17.61
CA ASN C 355 13.59 20.11 18.69
C ASN C 355 14.78 20.63 19.48
N GLN C 356 15.76 19.78 19.75
CA GLN C 356 16.95 20.22 20.46
C GLN C 356 17.71 21.27 19.67
N LEU C 357 17.88 21.06 18.37
CA LEU C 357 18.60 22.04 17.55
C LEU C 357 17.87 23.38 17.55
N LEU C 358 16.55 23.34 17.36
CA LEU C 358 15.77 24.57 17.36
C LEU C 358 15.89 25.30 18.69
N SER C 359 15.79 24.55 19.80
CA SER C 359 15.87 25.18 21.10
C SER C 359 17.25 25.76 21.37
N LYS C 360 18.30 25.16 20.81
CA LYS C 360 19.66 25.64 21.06
C LYS C 360 20.04 26.83 20.20
N ILE C 361 19.61 26.88 18.93
CA ILE C 361 20.01 28.01 18.09
C ILE C 361 19.43 29.31 18.63
N ASP C 362 18.16 29.31 19.01
CA ASP C 362 17.48 30.51 19.49
C ASP C 362 16.53 30.10 20.61
N GLY C 363 16.97 30.29 21.86
CA GLY C 363 16.18 29.90 23.01
C GLY C 363 16.01 31.01 24.02
N VAL C 364 15.63 30.65 25.25
CA VAL C 364 15.43 31.65 26.29
C VAL C 364 16.74 32.34 26.65
N GLU C 365 17.87 31.67 26.50
CA GLU C 365 19.17 32.26 26.74
C GLU C 365 19.77 32.71 25.41
N GLN C 366 20.31 33.93 25.39
CA GLN C 366 20.68 34.61 24.16
C GLN C 366 22.19 34.53 23.94
N LEU C 367 22.58 34.18 22.72
CA LEU C 367 23.97 34.14 22.31
C LEU C 367 24.19 35.13 21.17
N ASN C 368 25.42 35.68 21.08
CA ASN C 368 25.75 36.64 20.04
C ASN C 368 27.14 36.40 19.47
N ASN C 369 27.66 35.17 19.54
CA ASN C 369 29.01 34.89 19.07
C ASN C 369 29.07 33.56 18.31
N ILE C 370 28.05 33.25 17.52
CA ILE C 370 28.03 32.01 16.75
C ILE C 370 27.66 32.30 15.30
N LEU C 371 27.97 31.34 14.44
CA LEU C 371 27.62 31.40 13.02
C LEU C 371 27.50 29.97 12.52
N VAL C 372 26.42 29.69 11.78
CA VAL C 372 26.12 28.35 11.32
C VAL C 372 25.96 28.38 9.80
N ILE C 373 26.52 27.38 9.13
CA ILE C 373 26.47 27.27 7.68
C ILE C 373 25.95 25.89 7.32
N GLY C 374 25.00 25.83 6.37
CA GLY C 374 24.42 24.59 5.95
C GLY C 374 24.49 24.44 4.44
N MET C 375 24.36 23.20 4.00
CA MET C 375 24.49 22.86 2.58
C MET C 375 23.57 21.69 2.27
N THR C 376 22.93 21.74 1.09
CA THR C 376 21.95 20.72 0.72
C THR C 376 21.76 20.71 -0.79
N ASN C 377 21.14 19.63 -1.27
CA ASN C 377 20.74 19.50 -2.66
C ASN C 377 19.22 19.49 -2.82
N ARG C 378 18.46 19.37 -1.74
N ARG C 378 18.47 19.35 -1.74
CA ARG C 378 17.01 19.30 -1.79
CA ARG C 378 17.00 19.29 -1.78
C ARG C 378 16.45 20.29 -0.78
C ARG C 378 16.47 20.29 -0.78
N PRO C 379 16.48 21.59 -1.12
CA PRO C 379 16.08 22.61 -0.14
C PRO C 379 14.62 22.57 0.26
N ASP C 380 13.78 21.76 -0.38
CA ASP C 380 12.36 21.75 -0.10
C ASP C 380 11.94 20.77 0.98
N LEU C 381 12.89 20.05 1.58
CA LEU C 381 12.58 19.10 2.64
C LEU C 381 12.93 19.62 4.03
N ILE C 382 13.57 20.78 4.14
CA ILE C 382 13.97 21.29 5.43
C ILE C 382 12.75 21.80 6.19
N ASP C 383 12.81 21.67 7.52
CA ASP C 383 11.73 22.16 8.36
C ASP C 383 11.60 23.67 8.24
N GLU C 384 10.37 24.15 8.12
CA GLU C 384 10.14 25.58 7.91
C GLU C 384 10.59 26.41 9.10
N ALA C 385 10.34 25.94 10.32
CA ALA C 385 10.69 26.72 11.50
C ALA C 385 12.19 26.97 11.60
N LEU C 386 13.00 26.21 10.87
CA LEU C 386 14.44 26.39 10.88
C LEU C 386 14.92 27.48 9.93
N LEU C 387 14.05 28.00 9.07
CA LEU C 387 14.45 28.94 8.02
C LEU C 387 13.85 30.33 8.22
N ARG C 388 13.32 30.63 9.39
CA ARG C 388 12.73 31.94 9.62
C ARG C 388 13.83 32.98 9.84
N PRO C 389 13.52 34.26 9.65
CA PRO C 389 14.58 35.29 9.65
C PRO C 389 15.42 35.34 10.91
N GLY C 390 15.05 34.63 11.97
CA GLY C 390 15.83 34.65 13.18
C GLY C 390 16.89 33.56 13.31
N ARG C 391 16.81 32.51 12.49
CA ARG C 391 17.70 31.36 12.62
C ARG C 391 18.64 31.22 11.42
N LEU C 392 18.09 31.08 10.21
CA LEU C 392 18.89 30.94 8.99
C LEU C 392 18.32 31.97 8.01
N GLU C 393 18.86 33.19 8.07
CA GLU C 393 18.22 34.31 7.39
C GLU C 393 18.67 34.45 5.94
N VAL C 394 19.91 34.09 5.62
CA VAL C 394 20.49 34.33 4.32
C VAL C 394 20.49 33.01 3.55
N LYS C 395 19.70 32.95 2.47
CA LYS C 395 19.61 31.76 1.62
C LYS C 395 20.09 32.13 0.22
N MET C 396 20.97 31.31 -0.34
CA MET C 396 21.57 31.58 -1.64
C MET C 396 21.53 30.34 -2.52
N GLU C 397 21.43 30.58 -3.83
CA GLU C 397 21.44 29.52 -4.84
C GLU C 397 22.72 29.63 -5.66
N ILE C 398 23.40 28.50 -5.84
CA ILE C 398 24.59 28.42 -6.67
C ILE C 398 24.24 27.65 -7.94
N GLY C 399 24.27 28.33 -9.08
CA GLY C 399 23.85 27.74 -10.33
C GLY C 399 24.95 27.64 -11.36
N LEU C 400 24.60 27.25 -12.59
CA LEU C 400 25.59 27.09 -13.63
C LEU C 400 26.15 28.45 -14.05
N PRO C 401 27.41 28.50 -14.47
CA PRO C 401 28.01 29.77 -14.85
C PRO C 401 27.71 30.13 -16.30
N ASP C 402 28.07 31.36 -16.65
CA ASP C 402 28.00 31.85 -18.02
C ASP C 402 29.41 31.92 -18.60
N GLU C 403 29.53 32.46 -19.82
CA GLU C 403 30.80 32.40 -20.53
C GLU C 403 31.91 33.08 -19.75
N LYS C 404 31.63 34.26 -19.18
CA LYS C 404 32.65 34.98 -18.43
C LYS C 404 33.13 34.17 -17.23
N GLY C 405 32.20 33.53 -16.51
CA GLY C 405 32.60 32.68 -15.41
C GLY C 405 33.44 31.50 -15.87
N ARG C 406 33.12 30.92 -17.02
CA ARG C 406 33.91 29.82 -17.55
C ARG C 406 35.33 30.27 -17.84
N LEU C 407 35.48 31.47 -18.44
CA LEU C 407 36.81 32.00 -18.69
C LEU C 407 37.57 32.19 -17.38
N GLN C 408 36.90 32.75 -16.38
CA GLN C 408 37.55 32.96 -15.09
C GLN C 408 38.00 31.65 -14.46
N ILE C 409 37.17 30.61 -14.53
CA ILE C 409 37.54 29.33 -13.94
C ILE C 409 38.72 28.72 -14.68
N LEU C 410 38.69 28.77 -16.01
CA LEU C 410 39.80 28.21 -16.78
C LEU C 410 41.10 28.93 -16.46
N HIS C 411 41.08 30.26 -16.34
N HIS C 411 41.07 30.25 -16.33
CA HIS C 411 42.30 30.96 -15.96
CA HIS C 411 42.28 30.98 -15.97
C HIS C 411 42.78 30.55 -14.58
C HIS C 411 42.77 30.56 -14.58
N ILE C 412 41.85 30.39 -13.63
CA ILE C 412 42.25 30.00 -12.28
C ILE C 412 42.96 28.65 -12.31
N HIS C 413 42.45 27.70 -13.09
CA HIS C 413 43.02 26.36 -13.11
C HIS C 413 44.18 26.21 -14.07
N THR C 414 44.50 27.22 -14.89
CA THR C 414 45.65 27.16 -15.78
C THR C 414 46.79 28.09 -15.36
N ALA C 415 46.56 28.98 -14.40
CA ALA C 415 47.61 29.91 -13.98
C ALA C 415 48.92 29.20 -13.66
N ARG C 416 48.86 28.16 -12.82
CA ARG C 416 50.11 27.52 -12.40
C ARG C 416 50.86 26.90 -13.56
N MET C 417 50.15 26.22 -14.48
CA MET C 417 50.83 25.66 -15.63
C MET C 417 51.47 26.77 -16.47
N ARG C 418 50.77 27.89 -16.66
N ARG C 418 50.77 27.89 -16.65
CA ARG C 418 51.35 28.96 -17.44
CA ARG C 418 51.33 28.98 -17.43
C ARG C 418 52.58 29.58 -16.78
C ARG C 418 52.58 29.58 -16.78
N GLY C 419 52.73 29.41 -15.47
CA GLY C 419 53.88 30.00 -14.79
C GLY C 419 55.20 29.39 -15.21
N HIS C 420 55.25 28.07 -15.39
CA HIS C 420 56.49 27.34 -15.61
C HIS C 420 56.71 26.95 -17.06
N GLN C 421 56.06 27.64 -18.00
N GLN C 421 56.04 27.64 -17.99
CA GLN C 421 56.26 27.40 -19.42
CA GLN C 421 56.23 27.40 -19.43
C GLN C 421 55.94 25.96 -19.80
C GLN C 421 55.96 25.95 -19.79
N LEU C 422 54.93 25.36 -19.17
CA LEU C 422 54.50 24.01 -19.47
C LEU C 422 53.30 23.97 -20.41
N LEU C 423 52.84 25.12 -20.89
CA LEU C 423 51.67 25.21 -21.75
C LEU C 423 52.08 25.73 -23.12
N SER C 424 51.68 25.02 -24.17
CA SER C 424 52.07 25.37 -25.52
C SER C 424 51.44 26.70 -25.93
N ALA C 425 52.00 27.31 -26.98
CA ALA C 425 51.58 28.63 -27.42
C ALA C 425 50.37 28.61 -28.35
N ASP C 426 49.93 27.43 -28.80
CA ASP C 426 48.82 27.32 -29.73
C ASP C 426 47.49 27.07 -29.02
N VAL C 427 47.45 27.20 -27.69
CA VAL C 427 46.25 26.97 -26.91
C VAL C 427 45.60 28.33 -26.63
N ASP C 428 44.37 28.48 -27.11
CA ASP C 428 43.59 29.69 -26.89
C ASP C 428 42.45 29.37 -25.93
N ILE C 429 42.40 30.07 -24.80
CA ILE C 429 41.41 29.76 -23.78
C ILE C 429 40.04 30.35 -24.10
N LYS C 430 39.98 31.45 -24.86
CA LYS C 430 38.68 32.01 -25.20
C LYS C 430 37.88 31.06 -26.08
N GLU C 431 38.54 30.40 -27.04
CA GLU C 431 37.85 29.42 -27.86
C GLU C 431 37.32 28.28 -27.02
N LEU C 432 38.13 27.82 -26.04
CA LEU C 432 37.66 26.76 -25.14
C LEU C 432 36.46 27.21 -24.34
N ALA C 433 36.47 28.46 -23.85
CA ALA C 433 35.31 28.97 -23.12
C ALA C 433 34.08 28.99 -24.01
N VAL C 434 34.25 29.39 -25.26
CA VAL C 434 33.11 29.44 -26.19
C VAL C 434 32.55 28.04 -26.42
N GLU C 435 33.42 27.06 -26.65
CA GLU C 435 33.00 25.70 -26.94
C GLU C 435 32.29 25.04 -25.77
N THR C 436 32.82 25.18 -24.55
CA THR C 436 32.27 24.50 -23.40
C THR C 436 31.00 25.16 -22.91
N LYS C 437 29.86 24.78 -23.48
CA LYS C 437 28.58 25.36 -23.10
C LYS C 437 27.92 24.53 -22.01
N ASN C 438 27.40 25.21 -20.98
CA ASN C 438 26.68 24.56 -19.89
C ASN C 438 27.55 23.52 -19.19
N PHE C 439 28.75 23.93 -18.81
CA PHE C 439 29.65 23.11 -18.03
C PHE C 439 29.68 23.60 -16.59
N SER C 440 29.60 22.67 -15.64
CA SER C 440 29.72 23.01 -14.24
C SER C 440 31.19 23.23 -13.88
N GLY C 441 31.41 23.75 -12.66
CA GLY C 441 32.77 24.04 -12.23
C GLY C 441 33.66 22.81 -12.21
N ALA C 442 33.12 21.67 -11.79
CA ALA C 442 33.92 20.45 -11.70
C ALA C 442 34.33 19.90 -13.05
N GLU C 443 33.48 20.06 -14.07
CA GLU C 443 33.77 19.45 -15.36
C GLU C 443 34.96 20.13 -16.04
N LEU C 444 35.11 21.44 -15.89
CA LEU C 444 36.27 22.10 -16.47
C LEU C 444 37.57 21.60 -15.84
N GLU C 445 37.58 21.44 -14.51
CA GLU C 445 38.74 20.88 -13.84
C GLU C 445 39.02 19.46 -14.32
N GLY C 446 37.98 18.66 -14.48
CA GLY C 446 38.17 17.32 -15.02
C GLY C 446 38.77 17.34 -16.42
N LEU C 447 38.33 18.28 -17.25
CA LEU C 447 38.87 18.41 -18.60
C LEU C 447 40.35 18.72 -18.55
N VAL C 448 40.75 19.68 -17.72
CA VAL C 448 42.16 20.02 -17.62
C VAL C 448 42.96 18.83 -17.12
N ARG C 449 42.44 18.11 -16.12
CA ARG C 449 43.15 16.96 -15.60
C ARG C 449 43.34 15.89 -16.66
N ALA C 450 42.29 15.63 -17.45
CA ALA C 450 42.40 14.63 -18.51
C ALA C 450 43.42 15.04 -19.56
N ALA C 451 43.44 16.33 -19.92
CA ALA C 451 44.43 16.80 -20.88
C ALA C 451 45.84 16.58 -20.35
N GLN C 452 46.07 16.93 -19.08
CA GLN C 452 47.39 16.72 -18.50
C GLN C 452 47.78 15.25 -18.51
N SER C 453 46.85 14.36 -18.15
CA SER C 453 47.16 12.94 -18.14
C SER C 453 47.52 12.45 -19.54
N THR C 454 46.76 12.88 -20.54
CA THR C 454 47.08 12.48 -21.91
C THR C 454 48.46 12.98 -22.31
N ALA C 455 48.81 14.21 -21.93
CA ALA C 455 50.14 14.73 -22.24
C ALA C 455 51.22 13.90 -21.58
N MET C 456 51.03 13.53 -20.31
CA MET C 456 52.06 12.76 -19.61
C MET C 456 52.21 11.36 -20.18
N ASN C 457 51.13 10.75 -20.65
CA ASN C 457 51.16 9.34 -21.03
C ASN C 457 52.12 9.04 -22.17
N ARG C 458 52.54 10.05 -22.93
CA ARG C 458 53.37 9.81 -24.10
C ARG C 458 54.80 9.41 -23.77
N HIS C 459 55.25 9.65 -22.54
CA HIS C 459 56.63 9.34 -22.15
C HIS C 459 56.72 8.12 -21.25
N ILE C 460 55.74 7.23 -21.30
CA ILE C 460 55.75 6.00 -20.52
C ILE C 460 55.45 4.83 -21.43
N LYS C 461 55.98 3.67 -21.07
CA LYS C 461 55.81 2.45 -21.85
C LYS C 461 55.43 1.32 -20.91
N ALA C 462 54.16 0.89 -20.94
CA ALA C 462 53.68 -0.20 -20.09
C ALA C 462 52.97 -1.25 -20.96
N SER C 463 53.77 -2.15 -21.50
CA SER C 463 53.31 -3.46 -21.93
C SER C 463 54.25 -4.55 -21.43
N THR C 464 55.38 -4.18 -20.84
CA THR C 464 56.34 -5.03 -20.17
C THR C 464 56.74 -4.27 -18.93
N LYS C 465 57.87 -4.59 -18.31
CA LYS C 465 58.35 -3.79 -17.19
C LYS C 465 58.14 -2.30 -17.49
N VAL C 466 57.77 -1.54 -16.47
CA VAL C 466 57.33 -0.16 -16.62
C VAL C 466 58.55 0.74 -16.53
N GLU C 467 58.78 1.53 -17.58
CA GLU C 467 59.93 2.42 -17.66
C GLU C 467 59.46 3.81 -18.09
N VAL C 468 60.14 4.83 -17.59
CA VAL C 468 59.84 6.22 -17.91
C VAL C 468 61.08 6.82 -18.57
N ASP C 469 60.90 7.38 -19.75
CA ASP C 469 61.99 8.03 -20.48
C ASP C 469 62.22 9.41 -19.89
N MET C 470 63.24 9.55 -19.04
CA MET C 470 63.53 10.80 -18.36
C MET C 470 64.54 11.65 -19.13
N GLU C 471 64.61 11.50 -20.44
CA GLU C 471 65.41 12.37 -21.29
C GLU C 471 64.58 13.30 -22.14
N LYS C 472 63.36 12.91 -22.53
CA LYS C 472 62.43 13.79 -23.21
C LYS C 472 61.34 14.30 -22.27
N ALA C 473 61.37 13.91 -21.00
CA ALA C 473 60.41 14.37 -20.02
C ALA C 473 60.70 15.78 -19.53
N GLU C 474 61.85 16.34 -19.91
CA GLU C 474 62.19 17.72 -19.59
C GLU C 474 61.74 18.69 -20.69
N SER C 475 61.23 18.18 -21.80
CA SER C 475 60.69 19.02 -22.87
C SER C 475 59.20 18.76 -22.99
N LEU C 476 58.53 18.64 -21.85
CA LEU C 476 57.10 18.30 -21.81
C LEU C 476 56.27 19.56 -22.03
N GLN C 477 55.27 19.45 -22.91
CA GLN C 477 54.37 20.56 -23.18
C GLN C 477 53.00 20.01 -23.55
N VAL C 478 51.97 20.81 -23.30
CA VAL C 478 50.58 20.42 -23.52
C VAL C 478 50.06 21.17 -24.73
N THR C 479 49.54 20.43 -25.71
CA THR C 479 49.04 21.00 -26.95
C THR C 479 47.52 20.93 -27.00
N ARG C 480 46.94 21.59 -27.99
CA ARG C 480 45.48 21.65 -28.11
C ARG C 480 44.89 20.33 -28.60
N GLY C 481 45.69 19.48 -29.24
CA GLY C 481 45.18 18.18 -29.63
C GLY C 481 44.71 17.36 -28.45
N ASP C 482 45.42 17.46 -27.32
CA ASP C 482 44.99 16.77 -26.11
C ASP C 482 43.63 17.31 -25.65
N PHE C 483 43.45 18.62 -25.68
CA PHE C 483 42.17 19.19 -25.28
C PHE C 483 41.04 18.70 -26.20
N LEU C 484 41.31 18.67 -27.51
CA LEU C 484 40.28 18.20 -28.44
C LEU C 484 39.92 16.75 -28.18
N ALA C 485 40.93 15.90 -27.98
CA ALA C 485 40.66 14.49 -27.68
C ALA C 485 39.86 14.34 -26.40
N SER C 486 40.22 15.10 -25.36
CA SER C 486 39.51 15.01 -24.10
C SER C 486 38.06 15.44 -24.28
N LEU C 487 37.72 16.49 -25.04
CA LEU C 487 36.37 16.98 -25.22
C LEU C 487 35.48 15.99 -25.96
N GLU C 488 36.07 14.99 -26.62
CA GLU C 488 35.32 14.05 -27.45
C GLU C 488 35.06 12.71 -26.78
N ASN C 489 35.93 12.27 -25.88
CA ASN C 489 35.85 10.91 -25.35
C ASN C 489 35.69 10.83 -23.84
N ASP C 490 36.23 11.79 -23.09
CA ASP C 490 36.34 11.64 -21.65
C ASP C 490 35.23 12.34 -20.87
N ILE C 491 35.03 13.63 -21.09
CA ILE C 491 34.09 14.42 -20.30
C ILE C 491 32.80 14.57 -21.09
N LYS C 492 31.70 14.23 -20.50
CA LYS C 492 30.36 14.36 -21.07
C LYS C 492 29.50 15.12 -20.08
N PRO C 493 29.02 16.33 -20.41
CA PRO C 493 28.29 17.12 -19.41
C PRO C 493 26.92 16.54 -19.10
N ALA C 494 26.17 17.20 -18.22
CA ALA C 494 24.83 16.77 -17.82
C ALA C 494 23.73 17.71 -18.27
N PHE C 495 23.96 19.02 -18.24
CA PHE C 495 23.00 20.00 -18.72
C PHE C 495 23.33 20.51 -20.12
N GLY C 496 24.34 19.94 -20.78
CA GLY C 496 24.67 20.29 -22.14
C GLY C 496 24.06 19.33 -23.13
N THR C 497 24.71 19.22 -24.29
CA THR C 497 24.26 18.31 -25.34
C THR C 497 25.46 17.64 -25.98
N ASN C 498 25.19 16.48 -26.60
CA ASN C 498 26.21 15.70 -27.29
C ASN C 498 25.67 15.25 -28.63
N GLN C 499 26.59 14.97 -29.56
CA GLN C 499 26.23 14.73 -30.95
C GLN C 499 25.72 13.31 -31.21
N GLU C 500 25.81 12.40 -30.23
CA GLU C 500 25.40 11.03 -30.48
C GLU C 500 23.92 10.92 -30.75
N ASP C 501 23.09 11.64 -29.99
CA ASP C 501 21.65 11.55 -30.19
C ASP C 501 21.24 11.99 -31.59
N TYR C 502 21.82 13.09 -32.08
CA TYR C 502 21.51 13.54 -33.43
C TYR C 502 21.85 12.46 -34.45
N ALA C 503 23.01 11.82 -34.29
CA ALA C 503 23.35 10.70 -35.16
C ALA C 503 22.34 9.57 -35.02
N SER C 504 21.72 9.44 -33.86
CA SER C 504 20.75 8.38 -33.66
C SER C 504 19.43 8.69 -34.35
N TYR C 505 19.08 9.97 -34.47
CA TYR C 505 17.78 10.37 -35.01
C TYR C 505 17.81 10.86 -36.45
N ILE C 506 18.99 11.19 -36.98
CA ILE C 506 19.14 11.71 -38.34
C ILE C 506 19.98 10.71 -39.12
N MET C 507 19.75 9.42 -38.83
N MET C 507 19.76 9.42 -38.83
CA MET C 507 20.62 8.35 -39.31
CA MET C 507 20.65 8.36 -39.30
C MET C 507 21.13 8.59 -40.72
C MET C 507 21.14 8.59 -40.73
N ASN C 508 20.22 8.81 -41.68
CA ASN C 508 20.57 8.87 -43.08
C ASN C 508 20.63 10.30 -43.64
N GLY C 509 20.78 11.30 -42.79
CA GLY C 509 20.96 12.65 -43.26
C GLY C 509 19.71 13.21 -43.89
N ILE C 510 19.87 14.35 -44.55
CA ILE C 510 18.78 15.07 -45.19
C ILE C 510 19.18 15.44 -46.61
N ILE C 511 18.37 15.05 -47.58
CA ILE C 511 18.61 15.37 -48.99
C ILE C 511 17.52 16.31 -49.47
N LYS C 512 17.89 17.23 -50.36
CA LYS C 512 16.96 18.25 -50.87
C LYS C 512 16.38 17.75 -52.19
N TRP C 513 15.28 17.01 -52.08
CA TRP C 513 14.62 16.43 -53.25
C TRP C 513 13.53 17.32 -53.82
N GLY C 514 13.27 18.48 -53.23
CA GLY C 514 12.22 19.32 -53.72
C GLY C 514 12.17 20.65 -52.98
N ASP C 515 11.11 21.40 -53.24
CA ASP C 515 10.92 22.72 -52.65
C ASP C 515 10.44 22.64 -51.20
N PRO C 516 9.50 21.74 -50.87
CA PRO C 516 8.97 21.74 -49.50
C PRO C 516 10.04 21.60 -48.42
N VAL C 517 11.10 20.85 -48.72
CA VAL C 517 12.15 20.63 -47.73
C VAL C 517 12.76 21.96 -47.29
N THR C 518 12.84 22.93 -48.21
CA THR C 518 13.35 24.25 -47.87
C THR C 518 12.34 25.09 -47.09
N ARG C 519 11.07 25.02 -47.45
N ARG C 519 11.06 25.01 -47.46
CA ARG C 519 10.05 25.80 -46.76
CA ARG C 519 10.05 25.80 -46.76
C ARG C 519 9.93 25.37 -45.30
C ARG C 519 9.94 25.38 -45.30
N VAL C 520 9.98 24.07 -45.04
CA VAL C 520 9.83 23.58 -43.68
C VAL C 520 10.95 24.11 -42.80
N LEU C 521 12.18 24.12 -43.33
CA LEU C 521 13.32 24.59 -42.55
C LEU C 521 13.32 26.11 -42.38
N ASP C 522 12.93 26.86 -43.41
CA ASP C 522 12.84 28.30 -43.29
C ASP C 522 11.81 28.73 -42.24
N ASP C 523 10.65 28.07 -42.21
CA ASP C 523 9.69 28.38 -41.16
C ASP C 523 10.26 28.16 -39.76
N GLY C 524 11.01 27.07 -39.56
CA GLY C 524 11.62 26.83 -38.27
C GLY C 524 12.63 27.89 -37.90
N GLU C 525 13.45 28.32 -38.86
CA GLU C 525 14.37 29.41 -38.58
C GLU C 525 13.64 30.66 -38.11
N LEU C 526 12.53 30.99 -38.80
CA LEU C 526 11.77 32.17 -38.42
C LEU C 526 11.24 32.04 -37.00
N LEU C 527 10.70 30.87 -36.66
CA LEU C 527 10.17 30.66 -35.32
C LEU C 527 11.27 30.78 -34.26
N VAL C 528 12.44 30.22 -34.54
CA VAL C 528 13.55 30.32 -33.59
C VAL C 528 13.96 31.77 -33.38
N GLN C 529 14.07 32.55 -34.44
N GLN C 529 14.07 32.55 -34.44
CA GLN C 529 14.40 33.95 -34.27
CA GLN C 529 14.40 33.96 -34.29
C GLN C 529 13.36 34.68 -33.43
C GLN C 529 13.36 34.67 -33.42
N GLN C 530 12.07 34.43 -33.71
CA GLN C 530 11.03 35.08 -32.94
C GLN C 530 11.14 34.73 -31.46
N THR C 531 11.33 33.45 -31.14
CA THR C 531 11.38 33.08 -29.73
C THR C 531 12.61 33.65 -29.05
N LYS C 532 13.70 33.87 -29.78
CA LYS C 532 14.89 34.37 -29.10
C LYS C 532 14.88 35.89 -28.93
N ASN C 533 14.25 36.63 -29.86
N ASN C 533 14.28 36.64 -29.86
CA ASN C 533 14.30 38.09 -29.85
CA ASN C 533 14.33 38.09 -29.80
C ASN C 533 12.98 38.73 -29.43
C ASN C 533 13.01 38.73 -29.39
N SER C 534 12.15 38.02 -28.67
CA SER C 534 10.85 38.53 -28.27
C SER C 534 10.75 38.66 -26.75
N ASP C 535 9.94 39.62 -26.31
CA ASP C 535 9.73 39.89 -24.89
C ASP C 535 8.28 39.67 -24.44
N ARG C 536 7.30 39.96 -25.30
CA ARG C 536 5.91 39.78 -24.91
C ARG C 536 5.49 38.32 -24.92
N THR C 537 6.15 37.47 -25.72
CA THR C 537 5.83 36.06 -25.84
C THR C 537 7.05 35.24 -25.46
N PRO C 538 7.24 34.93 -24.18
CA PRO C 538 8.39 34.10 -23.79
C PRO C 538 8.19 32.61 -24.03
N LEU C 539 7.03 32.19 -24.53
CA LEU C 539 6.75 30.78 -24.78
C LEU C 539 6.04 30.65 -26.12
N VAL C 540 6.56 29.78 -26.98
CA VAL C 540 5.96 29.52 -28.28
C VAL C 540 6.07 28.03 -28.58
N SER C 541 5.06 27.49 -29.25
CA SER C 541 5.01 26.07 -29.57
C SER C 541 4.50 25.89 -30.99
N VAL C 542 4.89 24.78 -31.61
CA VAL C 542 4.52 24.47 -32.98
C VAL C 542 4.35 22.97 -33.12
N LEU C 543 3.58 22.56 -34.12
CA LEU C 543 3.27 21.16 -34.37
C LEU C 543 3.60 20.80 -35.81
N LEU C 544 4.31 19.69 -36.01
CA LEU C 544 4.61 19.15 -37.32
C LEU C 544 3.73 17.94 -37.57
N GLU C 545 2.98 17.96 -38.67
CA GLU C 545 2.02 16.91 -38.97
C GLU C 545 2.13 16.50 -40.43
N GLY C 546 1.83 15.23 -40.70
CA GLY C 546 1.86 14.70 -42.03
C GLY C 546 1.51 13.23 -42.07
N PRO C 547 1.51 12.64 -43.26
CA PRO C 547 1.21 11.21 -43.39
C PRO C 547 2.38 10.36 -42.91
N PRO C 548 2.16 9.08 -42.65
CA PRO C 548 3.23 8.23 -42.11
C PRO C 548 4.36 8.02 -43.11
N HIS C 549 5.55 7.77 -42.57
CA HIS C 549 6.75 7.53 -43.36
C HIS C 549 7.15 8.75 -44.19
N SER C 550 6.68 9.94 -43.80
CA SER C 550 7.04 11.16 -44.49
C SER C 550 8.31 11.80 -43.95
N GLY C 551 8.84 11.31 -42.84
CA GLY C 551 10.10 11.82 -42.31
C GLY C 551 9.95 13.13 -41.57
N LYS C 552 9.16 13.14 -40.51
CA LYS C 552 8.91 14.38 -39.78
C LYS C 552 9.76 14.51 -38.52
N THR C 553 10.20 13.41 -37.92
CA THR C 553 11.08 13.38 -36.72
C THR C 553 12.53 13.76 -37.04
N ALA C 554 13.05 13.58 -38.25
CA ALA C 554 14.38 14.05 -38.64
C ALA C 554 14.39 15.55 -38.87
N LEU C 555 13.33 16.09 -39.47
CA LEU C 555 13.28 17.53 -39.71
C LEU C 555 13.23 18.30 -38.39
N ALA C 556 12.46 17.80 -37.42
CA ALA C 556 12.44 18.45 -36.11
C ALA C 556 13.82 18.40 -35.46
N ALA C 557 14.48 17.25 -35.55
CA ALA C 557 15.82 17.16 -34.98
C ALA C 557 16.77 18.14 -35.65
N LYS C 558 16.69 18.27 -36.97
CA LYS C 558 17.56 19.21 -37.69
C LYS C 558 17.29 20.64 -37.27
N ILE C 559 16.03 21.03 -37.15
CA ILE C 559 15.71 22.38 -36.72
C ILE C 559 16.27 22.64 -35.32
N ALA C 560 16.06 21.70 -34.41
CA ALA C 560 16.58 21.88 -33.05
C ALA C 560 18.10 22.00 -33.06
N GLU C 561 18.78 21.17 -33.87
CA GLU C 561 20.23 21.25 -33.94
C GLU C 561 20.69 22.61 -34.45
N GLU C 562 20.02 23.12 -35.49
CA GLU C 562 20.41 24.41 -36.06
C GLU C 562 20.00 25.59 -35.17
N SER C 563 19.15 25.39 -34.17
CA SER C 563 18.78 26.49 -33.29
C SER C 563 20.01 27.07 -32.58
N ASN C 564 20.97 26.24 -32.20
CA ASN C 564 22.18 26.67 -31.50
C ASN C 564 21.87 27.18 -30.09
N PHE C 565 20.81 26.67 -29.47
CA PHE C 565 20.57 27.00 -28.08
C PHE C 565 21.47 26.16 -27.16
N PRO C 566 21.80 26.67 -25.97
CA PRO C 566 22.68 25.91 -25.07
C PRO C 566 22.08 24.58 -24.63
N PHE C 567 20.78 24.52 -24.40
CA PHE C 567 20.12 23.35 -23.81
C PHE C 567 19.11 22.80 -24.81
N ILE C 568 19.31 21.55 -25.22
CA ILE C 568 18.43 20.87 -26.17
C ILE C 568 18.22 19.45 -25.67
N LYS C 569 16.96 19.07 -25.46
CA LYS C 569 16.60 17.75 -24.97
C LYS C 569 15.48 17.18 -25.82
N ILE C 570 15.44 15.85 -25.94
CA ILE C 570 14.44 15.14 -26.72
C ILE C 570 13.72 14.15 -25.82
N CYS C 571 12.40 14.25 -25.77
CA CYS C 571 11.57 13.34 -24.99
C CYS C 571 10.92 12.33 -25.95
N SER C 572 11.25 11.05 -25.77
CA SER C 572 10.82 10.02 -26.67
C SER C 572 10.21 8.85 -25.90
N PRO C 573 9.24 8.14 -26.49
CA PRO C 573 8.66 6.98 -25.80
C PRO C 573 9.57 5.77 -25.77
N ASP C 574 10.73 5.81 -26.45
CA ASP C 574 11.63 4.67 -26.46
C ASP C 574 12.15 4.34 -25.07
N LYS C 575 12.15 5.30 -24.16
CA LYS C 575 12.71 5.13 -22.82
C LYS C 575 11.63 4.88 -21.77
N MET C 576 10.40 4.61 -22.19
CA MET C 576 9.27 4.44 -21.28
C MET C 576 8.47 3.19 -21.64
N ILE C 577 9.18 2.09 -21.86
CA ILE C 577 8.52 0.84 -22.22
C ILE C 577 8.05 0.15 -20.94
N GLY C 578 6.75 -0.14 -20.88
CA GLY C 578 6.17 -0.80 -19.72
C GLY C 578 5.80 0.11 -18.57
N PHE C 579 6.08 1.40 -18.67
CA PHE C 579 5.75 2.32 -17.59
C PHE C 579 4.25 2.48 -17.43
N SER C 580 3.83 2.73 -16.19
CA SER C 580 2.47 3.17 -15.94
C SER C 580 2.36 4.67 -16.17
N GLU C 581 1.12 5.17 -16.20
CA GLU C 581 0.92 6.58 -16.52
C GLU C 581 1.60 7.49 -15.52
N THR C 582 1.61 7.11 -14.25
CA THR C 582 2.24 7.95 -13.23
C THR C 582 3.73 8.12 -13.49
N ALA C 583 4.43 7.05 -13.84
CA ALA C 583 5.86 7.14 -14.14
C ALA C 583 6.10 8.03 -15.35
N LYS C 584 5.26 7.91 -16.37
CA LYS C 584 5.42 8.74 -17.56
C LYS C 584 5.24 10.21 -17.23
N CYS C 585 4.21 10.53 -16.44
CA CYS C 585 4.02 11.91 -16.01
C CYS C 585 5.21 12.41 -15.21
N GLN C 586 5.75 11.58 -14.32
N GLN C 586 5.75 11.58 -14.31
CA GLN C 586 6.90 12.00 -13.53
CA GLN C 586 6.90 12.01 -13.53
C GLN C 586 8.11 12.27 -14.40
C GLN C 586 8.11 12.27 -14.41
N ALA C 587 8.35 11.42 -15.41
CA ALA C 587 9.48 11.63 -16.30
C ALA C 587 9.33 12.92 -17.08
N MET C 588 8.13 13.18 -17.61
CA MET C 588 7.91 14.42 -18.35
C MET C 588 8.13 15.63 -17.45
N LYS C 589 7.62 15.57 -16.22
CA LYS C 589 7.83 16.67 -15.28
C LYS C 589 9.31 16.88 -14.99
N LYS C 590 10.08 15.80 -14.86
CA LYS C 590 11.52 15.94 -14.62
C LYS C 590 12.20 16.67 -15.77
N ILE C 591 11.88 16.28 -17.00
CA ILE C 591 12.53 16.93 -18.15
C ILE C 591 12.19 18.42 -18.17
N PHE C 592 10.90 18.74 -17.99
CA PHE C 592 10.52 20.15 -18.07
C PHE C 592 11.08 20.95 -16.90
N ASP C 593 11.26 20.32 -15.74
CA ASP C 593 11.88 21.01 -14.60
C ASP C 593 13.35 21.30 -14.89
N ASP C 594 14.03 20.33 -15.48
CA ASP C 594 15.41 20.58 -15.84
C ASP C 594 15.53 21.69 -16.88
N ALA C 595 14.52 21.82 -17.74
CA ALA C 595 14.59 22.84 -18.79
C ALA C 595 14.44 24.27 -18.26
N TYR C 596 13.95 24.51 -17.07
CA TYR C 596 13.70 25.87 -16.51
C TYR C 596 14.97 26.38 -15.84
N LYS C 597 16.06 25.76 -15.78
N LYS C 597 16.06 25.75 -15.80
CA LYS C 597 17.27 26.32 -15.20
CA LYS C 597 17.28 26.29 -15.20
C LYS C 597 18.26 26.77 -16.25
C LYS C 597 18.26 26.80 -16.24
N SER C 598 17.77 27.24 -17.40
CA SER C 598 18.64 27.77 -18.45
C SER C 598 17.99 29.01 -19.04
N GLN C 599 18.82 29.86 -19.65
CA GLN C 599 18.32 31.11 -20.22
C GLN C 599 17.63 30.90 -21.55
N LEU C 600 17.89 29.77 -22.21
CA LEU C 600 17.30 29.47 -23.51
C LEU C 600 17.16 27.97 -23.64
N SER C 601 15.93 27.49 -23.83
CA SER C 601 15.68 26.06 -23.84
C SER C 601 14.85 25.65 -25.06
N CYS C 602 15.11 24.45 -25.56
CA CYS C 602 14.34 23.85 -26.64
C CYS C 602 14.02 22.42 -26.27
N VAL C 603 12.76 22.02 -26.49
CA VAL C 603 12.29 20.68 -26.15
C VAL C 603 11.50 20.12 -27.32
N VAL C 604 11.62 18.81 -27.52
CA VAL C 604 10.98 18.12 -28.63
C VAL C 604 10.16 16.95 -28.07
N VAL C 605 8.89 16.89 -28.46
CA VAL C 605 7.99 15.81 -28.08
C VAL C 605 7.68 15.02 -29.35
N ASP C 606 7.92 13.72 -29.29
CA ASP C 606 7.92 12.87 -30.47
C ASP C 606 6.84 11.80 -30.33
N ASP C 607 6.12 11.57 -31.44
CA ASP C 607 5.06 10.55 -31.50
C ASP C 607 4.13 10.77 -30.34
N ILE C 608 3.34 11.81 -30.40
CA ILE C 608 2.36 12.11 -29.35
C ILE C 608 1.36 10.98 -29.20
N GLU C 609 0.89 10.34 -30.25
CA GLU C 609 -0.16 9.29 -30.17
C GLU C 609 0.38 8.03 -29.52
N ARG C 610 1.66 7.77 -29.60
CA ARG C 610 2.27 6.64 -28.85
C ARG C 610 2.55 7.05 -27.42
N LEU C 611 2.52 8.34 -27.10
CA LEU C 611 2.66 8.78 -25.72
C LEU C 611 1.35 8.66 -24.96
N LEU C 612 0.22 8.80 -25.65
CA LEU C 612 -1.10 8.73 -25.02
C LEU C 612 -1.70 7.32 -25.04
N ASP C 613 -1.05 6.37 -25.71
CA ASP C 613 -1.55 4.99 -25.77
C ASP C 613 -2.91 4.94 -26.48
N TYR C 614 -2.97 5.52 -27.67
CA TYR C 614 -4.22 5.60 -28.43
C TYR C 614 -4.40 4.36 -29.28
N VAL C 615 -5.63 3.85 -29.31
CA VAL C 615 -5.98 2.71 -30.15
C VAL C 615 -7.36 2.97 -30.74
N PRO C 616 -7.56 2.79 -32.05
CA PRO C 616 -8.86 3.18 -32.63
C PRO C 616 -10.05 2.46 -32.03
N ILE C 617 -9.89 1.23 -31.56
CA ILE C 617 -11.01 0.47 -31.02
C ILE C 617 -11.42 1.08 -29.69
N GLY C 618 -12.73 1.21 -29.48
CA GLY C 618 -13.27 1.87 -28.32
C GLY C 618 -13.67 3.33 -28.57
N PRO C 619 -12.70 4.24 -28.69
CA PRO C 619 -11.25 4.24 -28.52
C PRO C 619 -10.80 4.21 -27.06
N ARG C 620 -9.52 3.93 -26.84
N ARG C 620 -9.53 3.89 -26.84
CA ARG C 620 -8.95 3.89 -25.50
CA ARG C 620 -8.92 3.90 -25.52
C ARG C 620 -7.65 4.70 -25.48
C ARG C 620 -7.69 4.77 -25.52
N PHE C 621 -7.43 5.42 -24.39
CA PHE C 621 -6.23 6.23 -24.22
C PHE C 621 -6.06 6.55 -22.75
N SER C 622 -4.93 7.19 -22.42
CA SER C 622 -4.62 7.59 -21.05
C SER C 622 -5.00 9.05 -20.87
N ASN C 623 -5.93 9.31 -19.95
CA ASN C 623 -6.40 10.67 -19.71
C ASN C 623 -5.46 11.48 -18.83
N LEU C 624 -4.78 10.84 -17.88
CA LEU C 624 -3.87 11.56 -16.99
C LEU C 624 -2.74 12.22 -17.76
N VAL C 625 -2.12 11.48 -18.68
CA VAL C 625 -1.04 12.05 -19.48
C VAL C 625 -1.55 13.20 -20.34
N LEU C 626 -2.74 13.04 -20.93
CA LEU C 626 -3.30 14.10 -21.74
C LEU C 626 -3.52 15.38 -20.93
N GLN C 627 -4.06 15.23 -19.72
CA GLN C 627 -4.28 16.41 -18.89
C GLN C 627 -2.97 17.07 -18.49
N ALA C 628 -1.97 16.26 -18.12
CA ALA C 628 -0.67 16.82 -17.80
C ALA C 628 -0.09 17.59 -18.97
N LEU C 629 -0.18 17.02 -20.17
CA LEU C 629 0.39 17.67 -21.34
C LEU C 629 -0.36 18.95 -21.68
N LEU C 630 -1.69 18.94 -21.55
CA LEU C 630 -2.47 20.16 -21.80
C LEU C 630 -2.09 21.25 -20.81
N VAL C 631 -1.97 20.91 -19.52
CA VAL C 631 -1.61 21.92 -18.54
C VAL C 631 -0.18 22.41 -18.73
N LEU C 632 0.69 21.58 -19.30
CA LEU C 632 2.11 21.88 -19.38
C LEU C 632 2.49 22.70 -20.61
N LEU C 633 1.55 22.97 -21.51
CA LEU C 633 1.81 23.78 -22.69
C LEU C 633 1.47 25.25 -22.49
N LYS C 634 1.03 25.63 -21.30
CA LYS C 634 0.62 27.00 -21.02
C LYS C 634 1.38 27.62 -19.86
N LYS C 635 2.28 26.90 -19.24
CA LYS C 635 2.99 27.36 -18.04
C LYS C 635 4.24 28.06 -18.53
N ALA C 636 4.39 29.36 -18.23
CA ALA C 636 5.57 30.11 -18.62
C ALA C 636 6.71 29.87 -17.61
N PRO C 637 7.96 30.01 -18.06
CA PRO C 637 9.08 29.78 -17.14
C PRO C 637 9.26 30.95 -16.20
N PRO C 638 10.23 30.88 -15.28
CA PRO C 638 10.51 32.04 -14.42
C PRO C 638 10.90 33.25 -15.26
N GLN C 639 10.56 34.42 -14.76
CA GLN C 639 10.74 35.66 -15.51
C GLN C 639 12.17 35.79 -16.00
N GLY C 640 12.33 36.12 -17.27
CA GLY C 640 13.63 36.33 -17.87
C GLY C 640 14.21 35.15 -18.63
N ARG C 641 13.43 34.08 -18.83
CA ARG C 641 13.90 32.89 -19.52
C ARG C 641 12.98 32.57 -20.68
N LYS C 642 13.50 31.84 -21.67
CA LYS C 642 12.79 31.56 -22.90
C LYS C 642 12.81 30.06 -23.20
N LEU C 643 11.67 29.55 -23.67
CA LEU C 643 11.48 28.15 -23.96
C LEU C 643 10.79 27.99 -25.30
N LEU C 644 11.20 26.96 -26.06
CA LEU C 644 10.58 26.61 -27.32
C LEU C 644 10.22 25.13 -27.29
N ILE C 645 9.03 24.80 -27.79
CA ILE C 645 8.51 23.43 -27.77
C ILE C 645 8.12 23.05 -29.19
N ILE C 646 8.60 21.90 -29.65
CA ILE C 646 8.25 21.34 -30.94
C ILE C 646 7.59 20.00 -30.71
N GLY C 647 6.54 19.70 -31.47
CA GLY C 647 5.84 18.44 -31.31
C GLY C 647 5.54 17.78 -32.64
N THR C 648 5.62 16.46 -32.69
CA THR C 648 5.39 15.72 -33.92
C THR C 648 4.24 14.73 -33.74
N THR C 649 3.40 14.62 -34.77
CA THR C 649 2.28 13.70 -34.75
C THR C 649 1.96 13.27 -36.18
N SER C 650 1.21 12.18 -36.36
CA SER C 650 0.74 11.61 -37.66
C SER C 650 -0.80 11.52 -37.74
N ARG C 651 -1.56 11.99 -36.73
CA ARG C 651 -3.03 11.86 -36.69
C ARG C 651 -3.67 13.16 -36.25
N LYS C 652 -3.85 14.16 -37.14
CA LYS C 652 -4.33 15.47 -36.72
C LYS C 652 -5.79 15.45 -36.31
N ASP C 653 -6.61 14.62 -36.95
CA ASP C 653 -8.04 14.61 -36.64
C ASP C 653 -8.30 14.21 -35.20
N VAL C 654 -7.56 13.22 -34.69
CA VAL C 654 -7.74 12.78 -33.31
C VAL C 654 -7.41 13.93 -32.36
N LEU C 655 -6.27 14.58 -32.58
CA LEU C 655 -5.88 15.69 -31.70
C LEU C 655 -6.90 16.81 -31.77
N GLN C 656 -7.44 17.08 -32.97
CA GLN C 656 -8.48 18.08 -33.09
C GLN C 656 -9.69 17.70 -32.25
N GLU C 657 -10.07 16.42 -32.30
CA GLU C 657 -11.22 15.98 -31.51
C GLU C 657 -10.96 16.19 -30.03
N MET C 658 -9.77 15.84 -29.55
CA MET C 658 -9.43 16.02 -28.13
C MET C 658 -9.26 17.48 -27.73
N GLU C 659 -9.61 18.44 -28.58
CA GLU C 659 -9.53 19.86 -28.23
C GLU C 659 -8.09 20.25 -27.85
N MET C 660 -7.12 19.75 -28.61
CA MET C 660 -5.71 19.93 -28.29
C MET C 660 -4.99 20.84 -29.28
N LEU C 661 -5.66 21.28 -30.34
CA LEU C 661 -5.05 22.18 -31.32
C LEU C 661 -5.22 23.65 -30.95
N ASN C 662 -5.94 23.96 -29.88
CA ASN C 662 -5.97 25.31 -29.35
C ASN C 662 -4.80 25.62 -28.44
N ALA C 663 -4.04 24.61 -28.03
CA ALA C 663 -2.87 24.80 -27.18
C ALA C 663 -1.60 25.07 -27.97
N PHE C 664 -1.60 24.84 -29.28
CA PHE C 664 -0.46 25.10 -30.13
C PHE C 664 -0.64 26.42 -30.84
N SER C 665 0.48 27.10 -31.11
CA SER C 665 0.42 28.41 -31.73
C SER C 665 0.32 28.35 -33.25
N THR C 666 0.93 27.35 -33.88
CA THR C 666 0.89 27.25 -35.34
C THR C 666 1.18 25.81 -35.73
N THR C 667 1.11 25.56 -37.04
CA THR C 667 1.29 24.22 -37.58
C THR C 667 2.04 24.27 -38.89
N ILE C 668 2.77 23.21 -39.19
CA ILE C 668 3.52 23.06 -40.43
C ILE C 668 3.20 21.70 -41.02
N HIS C 669 3.06 21.65 -42.35
CA HIS C 669 2.68 20.43 -43.05
C HIS C 669 3.89 19.83 -43.75
N VAL C 670 4.01 18.51 -43.69
CA VAL C 670 5.13 17.78 -44.29
C VAL C 670 4.59 16.83 -45.36
N PRO C 671 4.78 17.10 -46.65
CA PRO C 671 4.14 16.30 -47.68
C PRO C 671 5.00 15.13 -48.16
N ASN C 672 4.38 14.30 -49.00
CA ASN C 672 5.05 13.18 -49.64
C ASN C 672 5.61 13.60 -51.01
N ILE C 673 6.25 12.66 -51.67
CA ILE C 673 6.67 12.85 -53.06
C ILE C 673 5.46 12.62 -53.96
N ALA C 674 5.22 13.56 -54.87
CA ALA C 674 3.97 13.56 -55.63
C ALA C 674 4.14 13.66 -57.14
N THR C 675 5.36 13.67 -57.65
CA THR C 675 5.58 13.77 -59.10
C THR C 675 6.78 12.91 -59.49
N GLY C 676 6.77 12.48 -60.75
CA GLY C 676 7.88 11.66 -61.25
C GLY C 676 9.20 12.38 -61.24
N GLU C 677 9.19 13.69 -61.52
CA GLU C 677 10.44 14.46 -61.53
C GLU C 677 11.10 14.44 -60.16
N GLN C 678 10.31 14.60 -59.10
CA GLN C 678 10.88 14.56 -57.75
C GLN C 678 11.46 13.19 -57.44
N LEU C 679 10.77 12.12 -57.86
CA LEU C 679 11.30 10.78 -57.63
C LEU C 679 12.62 10.58 -58.37
N LEU C 680 12.69 11.04 -59.62
CA LEU C 680 13.94 10.89 -60.37
C LEU C 680 15.06 11.70 -59.72
N GLU C 681 14.75 12.91 -59.23
CA GLU C 681 15.75 13.71 -58.54
C GLU C 681 16.25 13.01 -57.29
N ALA C 682 15.34 12.41 -56.51
CA ALA C 682 15.75 11.69 -55.31
C ALA C 682 16.64 10.50 -55.66
N LEU C 683 16.26 9.75 -56.70
CA LEU C 683 17.09 8.62 -57.12
C LEU C 683 18.47 9.09 -57.54
N GLU C 684 18.54 10.19 -58.30
CA GLU C 684 19.84 10.71 -58.72
C GLU C 684 20.68 11.12 -57.53
N LEU C 685 20.07 11.80 -56.55
CA LEU C 685 20.82 12.22 -55.37
C LEU C 685 21.34 11.02 -54.59
N LEU C 686 20.50 10.01 -54.40
CA LEU C 686 20.94 8.82 -53.68
C LEU C 686 22.08 8.12 -54.42
N GLY C 687 21.98 8.02 -55.73
CA GLY C 687 23.05 7.43 -56.53
C GLY C 687 23.07 5.92 -56.49
N ASN C 688 21.99 5.29 -56.97
CA ASN C 688 21.86 3.84 -56.97
C ASN C 688 21.77 3.26 -58.38
N PHE C 689 20.85 3.78 -59.20
CA PHE C 689 20.64 3.27 -60.54
C PHE C 689 21.36 4.14 -61.55
N LYS C 690 22.11 3.51 -62.46
CA LYS C 690 22.89 4.24 -63.44
C LYS C 690 21.99 4.84 -64.51
N ASP C 691 22.61 5.54 -65.46
CA ASP C 691 21.85 6.20 -66.51
C ASP C 691 21.05 5.21 -67.34
N LYS C 692 21.66 4.06 -67.66
CA LYS C 692 20.98 3.09 -68.52
C LYS C 692 19.67 2.64 -67.89
N GLU C 693 19.70 2.32 -66.60
CA GLU C 693 18.47 1.95 -65.91
C GLU C 693 17.58 3.15 -65.63
N ARG C 694 18.18 4.32 -65.42
CA ARG C 694 17.38 5.51 -65.13
C ARG C 694 16.49 5.88 -66.31
N THR C 695 16.99 5.69 -67.54
CA THR C 695 16.16 5.97 -68.71
C THR C 695 14.94 5.06 -68.73
N THR C 696 15.14 3.77 -68.46
CA THR C 696 14.02 2.84 -68.42
C THR C 696 13.03 3.22 -67.33
N ILE C 697 13.54 3.57 -66.14
CA ILE C 697 12.66 3.96 -65.05
C ILE C 697 11.86 5.20 -65.42
N ALA C 698 12.51 6.18 -66.03
CA ALA C 698 11.82 7.41 -66.43
C ALA C 698 10.76 7.12 -67.48
N GLN C 699 11.01 6.20 -68.39
CA GLN C 699 10.03 5.92 -69.43
C GLN C 699 8.68 5.52 -68.85
N GLN C 700 8.67 4.97 -67.64
CA GLN C 700 7.45 4.51 -67.00
C GLN C 700 6.84 5.56 -66.07
N VAL C 701 7.61 6.01 -65.08
CA VAL C 701 7.06 6.87 -64.04
C VAL C 701 6.75 8.26 -64.57
N LYS C 702 7.52 8.75 -65.56
CA LYS C 702 7.39 10.13 -66.00
C LYS C 702 5.96 10.46 -66.41
N GLY C 703 5.23 9.48 -66.95
CA GLY C 703 3.89 9.74 -67.43
C GLY C 703 2.82 9.35 -66.44
N LYS C 704 3.04 9.62 -65.16
CA LYS C 704 2.11 9.23 -64.11
C LYS C 704 2.34 10.13 -62.90
N LYS C 705 1.53 9.89 -61.86
CA LYS C 705 1.69 10.53 -60.57
C LYS C 705 1.95 9.47 -59.51
N VAL C 706 2.71 9.85 -58.48
CA VAL C 706 3.18 8.93 -57.47
C VAL C 706 2.83 9.46 -56.08
N TRP C 707 2.85 8.56 -55.10
N TRP C 707 2.82 8.56 -55.11
CA TRP C 707 2.50 8.89 -53.73
CA TRP C 707 2.53 8.93 -53.73
C TRP C 707 3.30 7.95 -52.82
C TRP C 707 3.29 7.96 -52.82
N ILE C 708 4.44 8.41 -52.32
CA ILE C 708 5.32 7.58 -51.51
C ILE C 708 6.16 8.46 -50.62
N GLY C 709 6.53 7.97 -49.42
CA GLY C 709 7.38 8.68 -48.46
C GLY C 709 8.81 8.24 -48.61
N ILE C 710 9.78 9.05 -48.26
CA ILE C 710 11.22 8.80 -48.43
C ILE C 710 11.64 7.56 -47.65
N LYS C 711 11.18 7.44 -46.41
CA LYS C 711 11.56 6.29 -45.58
C LYS C 711 11.14 4.99 -46.22
N LYS C 712 10.03 4.98 -46.95
CA LYS C 712 9.60 3.79 -47.67
C LYS C 712 10.41 3.59 -48.95
N LEU C 713 10.82 4.69 -49.58
CA LEU C 713 11.61 4.58 -50.80
C LEU C 713 12.95 3.91 -50.53
N LEU C 714 13.60 4.27 -49.41
CA LEU C 714 14.87 3.63 -49.09
C LEU C 714 14.70 2.12 -48.92
N MET C 715 13.65 1.71 -48.22
CA MET C 715 13.41 0.28 -48.02
C MET C 715 13.13 -0.42 -49.34
N LEU C 716 12.36 0.22 -50.23
CA LEU C 716 12.10 -0.39 -51.53
C LEU C 716 13.37 -0.58 -52.32
N ILE C 717 14.25 0.43 -52.33
CA ILE C 717 15.51 0.30 -53.06
C ILE C 717 16.33 -0.85 -52.48
N GLU C 718 16.43 -0.92 -51.15
CA GLU C 718 17.21 -1.98 -50.53
C GLU C 718 16.64 -3.35 -50.88
N MET C 719 15.32 -3.50 -50.84
CA MET C 719 14.73 -4.78 -51.20
C MET C 719 15.01 -5.15 -52.64
N SER C 720 14.92 -4.17 -53.55
CA SER C 720 15.14 -4.48 -54.97
C SER C 720 16.58 -4.85 -55.26
N LEU C 721 17.54 -4.27 -54.51
CA LEU C 721 18.94 -4.50 -54.85
C LEU C 721 19.39 -5.95 -54.62
N GLN C 722 18.59 -6.79 -53.96
CA GLN C 722 19.05 -8.13 -53.62
C GLN C 722 18.95 -9.12 -54.76
N MET C 723 18.27 -8.79 -55.85
CA MET C 723 18.09 -9.73 -56.94
C MET C 723 19.36 -9.79 -57.81
N ASP C 724 19.26 -10.52 -58.92
CA ASP C 724 20.37 -10.64 -59.84
C ASP C 724 20.59 -9.32 -60.58
N PRO C 725 21.77 -9.13 -61.18
CA PRO C 725 22.07 -7.83 -61.80
C PRO C 725 21.09 -7.42 -62.87
N GLU C 726 20.47 -8.36 -63.57
CA GLU C 726 19.62 -8.05 -64.71
C GLU C 726 18.14 -8.32 -64.43
N TYR C 727 17.76 -8.30 -63.14
CA TYR C 727 16.35 -8.40 -62.76
C TYR C 727 15.92 -7.32 -61.79
N ARG C 728 16.80 -6.35 -61.48
CA ARG C 728 16.52 -5.41 -60.41
C ARG C 728 15.44 -4.40 -60.80
N VAL C 729 15.53 -3.85 -62.02
CA VAL C 729 14.61 -2.79 -62.42
C VAL C 729 13.18 -3.31 -62.44
N ARG C 730 12.97 -4.51 -62.98
CA ARG C 730 11.62 -5.06 -63.06
C ARG C 730 11.02 -5.24 -61.67
N LYS C 731 11.80 -5.78 -60.72
CA LYS C 731 11.28 -5.96 -59.37
C LYS C 731 10.99 -4.62 -58.71
N PHE C 732 11.86 -3.63 -58.92
CA PHE C 732 11.62 -2.31 -58.33
C PHE C 732 10.31 -1.73 -58.85
N LEU C 733 10.09 -1.81 -60.16
CA LEU C 733 8.86 -1.28 -60.73
C LEU C 733 7.65 -2.04 -60.22
N ALA C 734 7.75 -3.37 -60.12
CA ALA C 734 6.63 -4.16 -59.62
C ALA C 734 6.29 -3.77 -58.18
N LEU C 735 7.30 -3.62 -57.33
CA LEU C 735 7.05 -3.20 -55.96
C LEU C 735 6.43 -1.82 -55.91
N LEU C 736 6.93 -0.89 -56.72
CA LEU C 736 6.37 0.46 -56.72
C LEU C 736 4.89 0.44 -57.12
N ARG C 737 4.56 -0.32 -58.17
CA ARG C 737 3.17 -0.40 -58.60
C ARG C 737 2.30 -1.04 -57.52
N GLU C 738 2.79 -2.12 -56.91
CA GLU C 738 2.03 -2.79 -55.86
C GLU C 738 1.78 -1.85 -54.69
N GLU C 739 2.72 -0.96 -54.39
CA GLU C 739 2.60 -0.09 -53.21
C GLU C 739 1.23 0.59 -53.16
N GLY C 740 0.79 1.14 -54.29
CA GLY C 740 -0.46 1.86 -54.34
C GLY C 740 -0.29 3.33 -53.99
N ALA C 741 -1.34 4.10 -54.29
CA ALA C 741 -1.32 5.54 -54.05
C ALA C 741 -2.33 5.96 -52.99
N SER C 742 -3.62 5.66 -53.19
CA SER C 742 -4.71 6.05 -52.31
C SER C 742 -4.47 7.43 -51.70
N PRO C 743 -4.32 8.48 -52.53
CA PRO C 743 -4.07 9.82 -51.97
C PRO C 743 -5.20 10.29 -51.05
N GLN D 209 5.49 42.12 51.22
CA GLN D 209 6.27 42.45 50.04
C GLN D 209 5.49 42.09 48.77
N SER D 210 5.45 43.03 47.84
CA SER D 210 4.73 42.81 46.60
C SER D 210 5.43 41.77 45.73
N ILE D 211 4.67 41.22 44.78
CA ILE D 211 5.20 40.22 43.85
C ILE D 211 5.66 40.84 42.54
N ILE D 212 5.63 42.17 42.43
CA ILE D 212 6.08 42.89 41.25
C ILE D 212 7.23 43.80 41.65
N ASN D 213 8.29 43.80 40.86
CA ASN D 213 9.42 44.67 41.16
C ASN D 213 8.96 46.12 41.18
N PRO D 214 9.44 46.93 42.13
CA PRO D 214 8.95 48.32 42.20
C PRO D 214 9.21 49.10 40.92
N ASP D 215 10.33 48.85 40.26
CA ASP D 215 10.69 49.57 39.04
C ASP D 215 10.30 48.76 37.81
N TRP D 216 8.99 48.57 37.64
CA TRP D 216 8.44 47.83 36.52
C TRP D 216 7.46 48.72 35.77
N ASN D 217 7.55 48.71 34.44
CA ASN D 217 6.68 49.51 33.58
C ASN D 217 6.36 48.70 32.34
N PHE D 218 5.08 48.71 31.93
CA PHE D 218 4.66 47.86 30.83
C PHE D 218 5.38 48.21 29.53
N GLU D 219 5.78 49.47 29.37
CA GLU D 219 6.48 49.88 28.17
C GLU D 219 7.97 49.57 28.21
N LYS D 220 8.46 49.00 29.32
CA LYS D 220 9.87 48.64 29.42
C LYS D 220 10.16 47.30 28.78
N MET D 221 9.16 46.43 28.64
CA MET D 221 9.41 45.07 28.16
C MET D 221 9.40 44.96 26.65
N GLY D 222 9.07 46.03 25.94
CA GLY D 222 9.23 46.03 24.49
C GLY D 222 8.43 44.98 23.75
N ILE D 223 7.14 44.86 24.07
CA ILE D 223 6.22 43.98 23.35
C ILE D 223 5.08 44.82 22.81
N GLY D 224 4.74 44.61 21.54
CA GLY D 224 3.68 45.37 20.90
C GLY D 224 2.75 44.47 20.11
N GLY D 225 1.47 44.80 20.17
CA GLY D 225 0.45 44.06 19.44
C GLY D 225 -0.22 42.96 20.21
N LEU D 226 0.05 42.82 21.51
CA LEU D 226 -0.50 41.75 22.33
C LEU D 226 -1.08 42.30 23.61
N ASP D 227 -1.71 43.47 23.55
CA ASP D 227 -2.27 44.07 24.75
C ASP D 227 -3.38 43.20 25.34
N LYS D 228 -4.29 42.73 24.49
CA LYS D 228 -5.42 41.95 24.97
C LYS D 228 -4.97 40.64 25.60
N GLU D 229 -4.04 39.94 24.96
CA GLU D 229 -3.57 38.66 25.49
C GLU D 229 -2.90 38.85 26.85
N PHE D 230 -2.05 39.88 26.97
CA PHE D 230 -1.40 40.14 28.23
C PHE D 230 -2.41 40.51 29.31
N SER D 231 -3.43 41.30 28.95
CA SER D 231 -4.46 41.64 29.93
C SER D 231 -5.17 40.39 30.42
N ASP D 232 -5.54 39.49 29.50
CA ASP D 232 -6.22 38.26 29.92
C ASP D 232 -5.33 37.42 30.81
N ILE D 233 -4.05 37.28 30.45
CA ILE D 233 -3.14 36.48 31.27
C ILE D 233 -3.01 37.07 32.66
N PHE D 234 -2.84 38.40 32.75
CA PHE D 234 -2.72 39.04 34.04
C PHE D 234 -3.98 38.86 34.87
N ARG D 235 -5.14 38.98 34.25
CA ARG D 235 -6.39 38.80 34.99
C ARG D 235 -6.51 37.38 35.53
N ARG D 236 -6.22 36.38 34.69
CA ARG D 236 -6.45 35.00 35.10
C ARG D 236 -5.39 34.49 36.08
N ALA D 237 -4.16 34.96 35.98
CA ALA D 237 -3.04 34.36 36.72
C ALA D 237 -2.69 35.11 37.99
N PHE D 238 -2.38 36.40 37.88
CA PHE D 238 -1.80 37.16 38.99
C PHE D 238 -2.83 37.99 39.76
N ALA D 239 -4.11 37.89 39.41
CA ALA D 239 -5.11 38.67 40.12
C ALA D 239 -5.17 38.29 41.59
N SER D 240 -5.14 37.00 41.90
CA SER D 240 -5.29 36.55 43.27
C SER D 240 -4.11 36.99 44.13
N ARG D 241 -2.89 36.92 43.59
CA ARG D 241 -1.70 37.12 44.39
C ARG D 241 -1.40 38.59 44.68
N VAL D 242 -2.13 39.52 44.08
CA VAL D 242 -1.91 40.95 44.31
C VAL D 242 -3.00 41.50 45.21
N PHE D 243 -4.19 40.90 45.15
CA PHE D 243 -5.30 41.36 45.95
C PHE D 243 -4.99 41.13 47.44
N PRO D 244 -5.57 41.93 48.34
CA PRO D 244 -5.31 41.73 49.77
C PRO D 244 -5.70 40.32 50.20
N PRO D 245 -4.93 39.72 51.11
CA PRO D 245 -5.14 38.31 51.43
C PRO D 245 -6.47 38.00 52.12
N GLU D 246 -6.81 38.76 53.16
CA GLU D 246 -7.92 38.38 54.02
C GLU D 246 -9.19 38.08 53.21
N ILE D 247 -9.47 38.91 52.20
CA ILE D 247 -10.63 38.65 51.36
C ILE D 247 -10.45 37.33 50.61
N VAL D 248 -9.23 37.04 50.18
CA VAL D 248 -8.98 35.78 49.48
C VAL D 248 -9.24 34.59 50.41
N GLU D 249 -8.74 34.66 51.64
CA GLU D 249 -8.98 33.59 52.60
C GLU D 249 -10.48 33.42 52.86
N GLN D 250 -11.19 34.53 53.03
CA GLN D 250 -12.64 34.44 53.17
C GLN D 250 -13.27 33.76 51.97
N MET D 251 -12.76 34.08 50.77
CA MET D 251 -13.32 33.56 49.53
C MET D 251 -12.91 32.11 49.29
N GLY D 252 -11.73 31.71 49.79
CA GLY D 252 -11.38 30.30 49.86
C GLY D 252 -11.06 29.62 48.56
N CYS D 253 -10.43 30.32 47.61
CA CYS D 253 -10.08 29.72 46.33
C CYS D 253 -8.60 29.32 46.29
N LYS D 254 -8.26 28.50 45.30
CA LYS D 254 -6.89 28.08 45.05
C LYS D 254 -6.34 28.80 43.82
N HIS D 255 -5.05 29.11 43.87
CA HIS D 255 -4.41 29.82 42.78
C HIS D 255 -4.31 28.93 41.54
N VAL D 256 -3.95 29.54 40.42
CA VAL D 256 -3.79 28.85 39.14
C VAL D 256 -2.30 28.62 38.91
N LYS D 257 -1.96 27.44 38.39
CA LYS D 257 -0.58 27.01 38.26
C LYS D 257 -0.33 26.38 36.89
N GLY D 258 -0.78 27.05 35.83
CA GLY D 258 -0.51 26.55 34.49
C GLY D 258 -0.84 27.51 33.36
N ILE D 259 0.06 27.65 32.42
CA ILE D 259 -0.15 28.49 31.23
C ILE D 259 0.42 27.76 30.02
N LEU D 260 -0.33 27.77 28.92
CA LEU D 260 0.12 27.19 27.66
C LEU D 260 -0.02 28.23 26.56
N LEU D 261 1.00 28.30 25.70
CA LEU D 261 1.04 29.22 24.57
C LEU D 261 1.29 28.44 23.29
N TYR D 262 0.50 28.72 22.25
CA TYR D 262 0.69 28.07 20.97
C TYR D 262 0.44 29.06 19.84
N GLY D 263 0.99 28.75 18.67
CA GLY D 263 0.86 29.59 17.50
C GLY D 263 1.88 29.26 16.45
N PRO D 264 1.81 29.93 15.30
CA PRO D 264 2.77 29.67 14.22
C PRO D 264 4.14 30.24 14.57
N PRO D 265 5.17 29.89 13.79
CA PRO D 265 6.53 30.29 14.15
C PRO D 265 6.73 31.80 14.07
N GLY D 266 7.52 32.33 14.99
CA GLY D 266 7.97 33.71 14.91
C GLY D 266 6.93 34.76 15.28
N CYS D 267 6.19 34.54 16.37
CA CYS D 267 5.16 35.49 16.78
C CYS D 267 5.42 36.12 18.14
N GLY D 268 6.30 35.54 18.96
CA GLY D 268 6.69 36.19 20.20
C GLY D 268 6.34 35.44 21.48
N LYS D 269 6.31 34.11 21.43
CA LYS D 269 6.00 33.34 22.63
C LYS D 269 7.17 33.38 23.62
N THR D 270 8.38 33.05 23.15
CA THR D 270 9.53 33.03 24.04
C THR D 270 9.78 34.40 24.65
N LEU D 271 9.52 35.46 23.88
CA LEU D 271 9.67 36.81 24.43
C LEU D 271 8.72 37.03 25.60
N LEU D 272 7.46 36.60 25.44
CA LEU D 272 6.52 36.70 26.55
C LEU D 272 7.00 35.92 27.76
N ALA D 273 7.47 34.69 27.55
CA ALA D 273 7.92 33.89 28.67
C ALA D 273 9.07 34.57 29.41
N ARG D 274 10.06 35.04 28.66
CA ARG D 274 11.21 35.69 29.28
C ARG D 274 10.81 36.95 30.04
N GLN D 275 9.94 37.77 29.44
CA GLN D 275 9.53 39.01 30.09
C GLN D 275 8.71 38.73 31.34
N ILE D 276 7.82 37.74 31.30
CA ILE D 276 7.07 37.37 32.49
C ILE D 276 8.02 36.91 33.58
N GLY D 277 9.01 36.09 33.22
CA GLY D 277 9.99 35.66 34.20
C GLY D 277 10.71 36.83 34.83
N LYS D 278 11.04 37.85 34.04
CA LYS D 278 11.73 39.01 34.59
C LYS D 278 10.82 39.88 35.44
N MET D 279 9.52 39.89 35.14
CA MET D 279 8.62 40.82 35.83
C MET D 279 8.53 40.49 37.32
N LEU D 280 8.29 39.22 37.65
CA LEU D 280 7.97 38.85 39.02
C LEU D 280 9.20 38.95 39.92
N ASN D 281 8.96 39.29 41.18
CA ASN D 281 10.00 39.33 42.21
C ASN D 281 10.01 37.99 42.91
N ALA D 282 10.86 37.09 42.45
CA ALA D 282 10.94 35.74 43.01
C ALA D 282 12.30 35.15 42.68
N ARG D 283 12.45 33.84 42.91
N ARG D 283 12.46 33.85 42.92
CA ARG D 283 13.72 33.18 42.64
CA ARG D 283 13.71 33.17 42.64
C ARG D 283 13.94 33.07 41.13
C ARG D 283 13.94 33.05 41.14
N GLU D 284 15.19 32.83 40.77
CA GLU D 284 15.53 32.71 39.36
C GLU D 284 14.78 31.51 38.76
N PRO D 285 14.16 31.67 37.59
CA PRO D 285 13.37 30.57 37.03
C PRO D 285 14.24 29.42 36.56
N LYS D 286 13.65 28.22 36.59
CA LYS D 286 14.28 27.03 36.04
C LYS D 286 13.78 26.84 34.61
N VAL D 287 14.70 26.64 33.68
CA VAL D 287 14.39 26.53 32.26
C VAL D 287 14.88 25.18 31.75
N VAL D 288 14.06 24.50 30.96
CA VAL D 288 14.38 23.22 30.37
C VAL D 288 14.39 23.39 28.85
N ASN D 289 15.55 23.13 28.23
CA ASN D 289 15.71 23.32 26.79
C ASN D 289 15.41 22.00 26.08
N GLY D 290 14.14 21.81 25.71
CA GLY D 290 13.75 20.65 24.95
C GLY D 290 13.95 19.36 25.72
N PRO D 291 14.16 18.25 25.00
CA PRO D 291 14.33 16.96 25.68
C PRO D 291 15.69 16.81 26.35
N GLU D 292 15.91 17.58 27.42
CA GLU D 292 17.16 17.53 28.16
C GLU D 292 17.11 16.59 29.36
N ILE D 293 16.00 15.87 29.54
CA ILE D 293 15.85 15.02 30.71
C ILE D 293 16.18 13.56 30.39
N LEU D 294 16.05 13.16 29.13
CA LEU D 294 16.22 11.76 28.77
C LEU D 294 17.62 11.27 29.14
N ASN D 295 17.70 10.03 29.62
CA ASN D 295 18.96 9.42 30.00
C ASN D 295 18.96 7.96 29.57
N LYS D 296 20.17 7.41 29.43
CA LYS D 296 20.33 6.06 28.90
C LYS D 296 20.00 4.99 29.95
N TYR D 297 20.16 5.29 31.24
CA TYR D 297 19.94 4.31 32.28
C TYR D 297 18.43 4.14 32.53
N VAL D 298 18.09 3.28 33.48
CA VAL D 298 16.70 3.00 33.83
C VAL D 298 16.34 3.80 35.07
N GLY D 299 15.24 4.55 34.98
CA GLY D 299 14.74 5.31 36.11
C GLY D 299 15.45 6.63 36.36
N GLU D 300 16.31 7.08 35.45
CA GLU D 300 17.00 8.35 35.63
C GLU D 300 16.20 9.54 35.11
N SER D 301 15.40 9.34 34.06
CA SER D 301 14.56 10.44 33.58
C SER D 301 13.58 10.88 34.65
N GLU D 302 12.96 9.92 35.34
CA GLU D 302 12.01 10.26 36.39
C GLU D 302 12.71 10.97 37.55
N ALA D 303 13.92 10.55 37.89
CA ALA D 303 14.67 11.25 38.92
C ALA D 303 14.97 12.68 38.49
N ASN D 304 15.34 12.88 37.23
CA ASN D 304 15.59 14.23 36.74
C ASN D 304 14.34 15.08 36.85
N ILE D 305 13.19 14.52 36.49
CA ILE D 305 11.94 15.28 36.59
C ILE D 305 11.64 15.63 38.04
N ARG D 306 11.78 14.65 38.94
N ARG D 306 11.77 14.65 38.94
CA ARG D 306 11.50 14.90 40.35
CA ARG D 306 11.47 14.89 40.34
C ARG D 306 12.44 15.94 40.95
C ARG D 306 12.43 15.88 40.97
N LYS D 307 13.67 16.04 40.45
N LYS D 307 13.63 16.02 40.44
CA LYS D 307 14.62 16.98 41.00
CA LYS D 307 14.61 16.96 40.98
C LYS D 307 14.22 18.44 40.76
C LYS D 307 14.23 18.41 40.76
N LEU D 308 13.23 18.69 39.90
CA LEU D 308 12.82 20.07 39.66
C LEU D 308 11.96 20.63 40.79
N PHE D 309 11.16 19.81 41.45
CA PHE D 309 10.17 20.26 42.42
C PHE D 309 10.65 20.16 43.86
N ALA D 310 11.92 19.83 44.09
CA ALA D 310 12.38 19.61 45.46
C ALA D 310 12.27 20.87 46.31
N ASP D 311 12.79 21.99 45.80
CA ASP D 311 12.83 23.22 46.60
C ASP D 311 11.42 23.70 46.92
N ALA D 312 10.51 23.61 45.95
CA ALA D 312 9.14 24.05 46.19
C ALA D 312 8.50 23.25 47.32
N GLU D 313 8.66 21.92 47.29
CA GLU D 313 8.09 21.10 48.35
C GLU D 313 8.73 21.42 49.70
N GLU D 314 10.04 21.61 49.73
CA GLU D 314 10.71 21.93 50.99
C GLU D 314 10.18 23.22 51.57
N GLU D 315 10.06 24.26 50.74
CA GLU D 315 9.59 25.55 51.25
C GLU D 315 8.13 25.47 51.68
N GLN D 316 7.30 24.76 50.92
CA GLN D 316 5.90 24.59 51.33
C GLN D 316 5.82 23.90 52.69
N ARG D 317 6.62 22.85 52.89
CA ARG D 317 6.57 22.13 54.16
C ARG D 317 7.07 23.02 55.30
N ARG D 318 8.10 23.82 55.05
CA ARG D 318 8.69 24.60 56.12
C ARG D 318 7.84 25.82 56.48
N LEU D 319 7.67 26.74 55.52
CA LEU D 319 7.02 28.02 55.79
C LEU D 319 5.52 28.00 55.55
N GLY D 320 4.96 26.90 55.07
CA GLY D 320 3.53 26.84 54.87
C GLY D 320 3.06 27.90 53.90
N ALA D 321 1.96 28.58 54.26
CA ALA D 321 1.34 29.53 53.34
C ALA D 321 2.28 30.69 53.01
N ASN D 322 3.00 31.21 54.01
CA ASN D 322 3.87 32.37 53.81
C ASN D 322 5.16 31.89 53.13
N SER D 323 5.05 31.64 51.83
CA SER D 323 6.18 31.15 51.04
C SER D 323 6.23 31.91 49.72
N GLY D 324 7.43 31.92 49.13
CA GLY D 324 7.64 32.58 47.86
C GLY D 324 7.10 31.75 46.70
N LEU D 325 7.33 32.27 45.50
CA LEU D 325 6.86 31.65 44.27
C LEU D 325 8.02 31.05 43.49
N HIS D 326 7.77 29.90 42.86
CA HIS D 326 8.75 29.22 42.03
C HIS D 326 8.19 29.08 40.63
N ILE D 327 8.99 29.47 39.63
CA ILE D 327 8.58 29.45 38.23
C ILE D 327 9.40 28.40 37.49
N ILE D 328 8.73 27.63 36.64
CA ILE D 328 9.37 26.61 35.82
C ILE D 328 8.92 26.81 34.38
N ILE D 329 9.87 26.78 33.45
CA ILE D 329 9.61 27.05 32.04
C ILE D 329 9.97 25.82 31.24
N PHE D 330 9.02 25.34 30.43
CA PHE D 330 9.21 24.20 29.55
C PHE D 330 9.22 24.71 28.11
N ASP D 331 10.32 24.66 27.37
CA ASP D 331 10.41 25.07 25.94
C ASP D 331 10.28 23.84 25.04
N GLU D 332 9.45 23.88 24.01
CA GLU D 332 9.19 22.72 23.14
C GLU D 332 8.64 21.58 24.00
N ILE D 333 7.52 21.79 24.72
CA ILE D 333 6.96 20.80 25.62
C ILE D 333 6.42 19.58 24.88
N ASP D 334 6.11 19.71 23.59
CA ASP D 334 5.57 18.60 22.84
C ASP D 334 6.59 17.50 22.58
N ALA D 335 7.87 17.75 22.87
CA ALA D 335 8.89 16.73 22.64
C ALA D 335 8.83 15.61 23.66
N ILE D 336 8.48 15.92 24.90
CA ILE D 336 8.54 14.95 25.99
C ILE D 336 7.14 14.47 26.37
N CYS D 337 6.15 15.34 26.21
CA CYS D 337 4.77 15.04 26.60
C CYS D 337 3.93 14.79 25.35
N LYS D 338 3.51 13.54 25.17
CA LYS D 338 2.63 13.17 24.08
C LYS D 338 1.61 12.17 24.59
N GLN D 339 0.53 11.99 23.83
CA GLN D 339 -0.54 11.11 24.26
C GLN D 339 0.01 9.72 24.52
N ARG D 340 -0.40 9.12 25.63
CA ARG D 340 0.18 7.85 26.05
C ARG D 340 -0.31 6.72 25.14
N GLY D 341 0.62 5.85 24.76
CA GLY D 341 0.27 4.68 23.96
C GLY D 341 0.20 4.94 22.48
N SER D 342 1.19 5.65 21.94
CA SER D 342 1.24 5.95 20.51
C SER D 342 2.59 5.66 19.87
N MET D 343 3.65 5.45 20.65
CA MET D 343 4.97 5.17 20.12
C MET D 343 5.17 3.67 20.07
N ALA D 344 5.55 3.16 18.89
CA ALA D 344 5.74 1.73 18.72
C ALA D 344 7.04 1.25 19.36
N GLY D 345 8.06 2.11 19.37
CA GLY D 345 9.37 1.76 19.95
C GLY D 345 9.80 2.75 21.00
N SER D 346 10.58 2.32 21.99
CA SER D 346 11.11 3.17 23.05
C SER D 346 10.02 3.84 23.86
N THR D 347 8.78 3.33 23.79
CA THR D 347 7.68 3.91 24.54
C THR D 347 7.78 3.61 26.03
N GLY D 348 8.65 2.70 26.45
CA GLY D 348 8.76 2.37 27.86
C GLY D 348 9.11 3.57 28.71
N VAL D 349 9.95 4.47 28.20
CA VAL D 349 10.37 5.62 28.98
C VAL D 349 9.41 6.80 28.84
N HIS D 350 8.82 6.99 27.65
CA HIS D 350 7.98 8.16 27.42
C HIS D 350 6.73 8.13 28.31
N ASP D 351 6.06 6.99 28.35
CA ASP D 351 4.85 6.89 29.16
C ASP D 351 5.16 7.07 30.64
N THR D 352 6.27 6.50 31.11
CA THR D 352 6.66 6.68 32.50
C THR D 352 6.93 8.15 32.79
N VAL D 353 7.59 8.85 31.87
CA VAL D 353 7.86 10.27 32.05
C VAL D 353 6.55 11.03 32.17
N VAL D 354 5.61 10.74 31.27
CA VAL D 354 4.32 11.45 31.29
C VAL D 354 3.59 11.19 32.60
N ASN D 355 3.57 9.95 33.05
CA ASN D 355 2.88 9.62 34.30
C ASN D 355 3.54 10.31 35.48
N GLN D 356 4.87 10.33 35.52
CA GLN D 356 5.56 11.02 36.60
C GLN D 356 5.20 12.50 36.62
N LEU D 357 5.20 13.14 35.45
CA LEU D 357 4.85 14.55 35.40
C LEU D 357 3.43 14.79 35.87
N LEU D 358 2.49 13.97 35.41
CA LEU D 358 1.09 14.14 35.82
C LEU D 358 0.95 13.99 37.33
N SER D 359 1.57 12.97 37.90
CA SER D 359 1.47 12.76 39.34
C SER D 359 2.10 13.91 40.11
N LYS D 360 3.23 14.43 39.63
CA LYS D 360 3.93 15.48 40.38
C LYS D 360 3.16 16.79 40.33
N ILE D 361 2.57 17.14 39.18
CA ILE D 361 1.86 18.41 39.09
C ILE D 361 0.66 18.42 40.03
N ASP D 362 -0.12 17.34 40.05
CA ASP D 362 -1.34 17.27 40.85
C ASP D 362 -1.45 15.86 41.43
N GLY D 363 -1.00 15.71 42.67
CA GLY D 363 -1.03 14.41 43.34
C GLY D 363 -1.69 14.47 44.70
N VAL D 364 -1.49 13.44 45.51
CA VAL D 364 -2.11 13.40 46.84
C VAL D 364 -1.62 14.59 47.67
N GLU D 365 -0.31 14.82 47.68
CA GLU D 365 0.20 16.04 48.29
C GLU D 365 -0.13 17.23 47.42
N GLN D 366 -0.38 18.38 48.04
CA GLN D 366 -0.82 19.58 47.35
C GLN D 366 0.20 20.69 47.53
N LEU D 367 0.53 21.37 46.43
CA LEU D 367 1.41 22.52 46.45
C LEU D 367 0.64 23.75 45.97
N ASN D 368 1.04 24.92 46.46
CA ASN D 368 0.34 26.16 46.15
C ASN D 368 1.30 27.30 45.89
N ASN D 369 2.53 26.99 45.45
CA ASN D 369 3.53 28.02 45.19
C ASN D 369 4.34 27.73 43.93
N ILE D 370 3.73 27.09 42.94
CA ILE D 370 4.42 26.74 41.69
C ILE D 370 3.62 27.28 40.51
N LEU D 371 4.35 27.73 39.49
CA LEU D 371 3.76 28.18 38.24
C LEU D 371 4.52 27.57 37.08
N VAL D 372 3.79 27.06 36.08
CA VAL D 372 4.36 26.32 34.97
C VAL D 372 3.93 26.99 33.67
N ILE D 373 4.89 27.21 32.77
CA ILE D 373 4.65 27.86 31.49
C ILE D 373 5.14 26.93 30.39
N GLY D 374 4.33 26.74 29.37
CA GLY D 374 4.68 25.89 28.25
C GLY D 374 4.46 26.59 26.92
N MET D 375 5.35 26.29 25.98
CA MET D 375 5.28 26.82 24.62
C MET D 375 5.26 25.66 23.64
N THR D 376 4.43 25.76 22.60
CA THR D 376 4.39 24.69 21.62
C THR D 376 3.94 25.21 20.26
N ASN D 377 4.26 24.44 19.22
CA ASN D 377 3.82 24.71 17.86
C ASN D 377 2.76 23.72 17.37
N ARG D 378 2.55 22.62 18.09
N ARG D 378 2.55 22.61 18.08
CA ARG D 378 1.59 21.58 17.71
CA ARG D 378 1.61 21.56 17.72
C ARG D 378 0.70 21.28 18.90
C ARG D 378 0.71 21.29 18.93
N PRO D 379 -0.26 22.17 19.20
CA PRO D 379 -1.07 21.99 20.42
C PRO D 379 -1.88 20.71 20.46
N ASP D 380 -2.19 20.10 19.32
CA ASP D 380 -3.12 18.98 19.28
C ASP D 380 -2.45 17.63 19.52
N LEU D 381 -1.13 17.59 19.71
CA LEU D 381 -0.42 16.35 19.98
C LEU D 381 -0.21 16.08 21.47
N ILE D 382 -0.59 17.01 22.33
CA ILE D 382 -0.33 16.89 23.76
C ILE D 382 -1.40 16.02 24.40
N ASP D 383 -1.03 15.36 25.50
CA ASP D 383 -1.97 14.50 26.20
C ASP D 383 -3.11 15.31 26.79
N GLU D 384 -4.33 14.79 26.68
CA GLU D 384 -5.49 15.52 27.16
C GLU D 384 -5.49 15.63 28.67
N ALA D 385 -5.03 14.59 29.37
CA ALA D 385 -5.04 14.61 30.83
C ALA D 385 -4.22 15.76 31.38
N LEU D 386 -3.28 16.29 30.60
CA LEU D 386 -2.47 17.42 31.04
C LEU D 386 -3.15 18.77 30.84
N LEU D 387 -4.25 18.82 30.12
CA LEU D 387 -4.91 20.08 29.77
C LEU D 387 -6.20 20.33 30.53
N ARG D 388 -6.59 19.44 31.44
CA ARG D 388 -7.79 19.67 32.21
C ARG D 388 -7.58 20.82 33.20
N PRO D 389 -8.65 21.49 33.63
CA PRO D 389 -8.48 22.54 34.63
C PRO D 389 -7.84 22.01 35.89
N GLY D 390 -7.01 22.84 36.51
CA GLY D 390 -6.23 22.47 37.66
C GLY D 390 -4.78 22.15 37.36
N ARG D 391 -4.45 21.85 36.09
CA ARG D 391 -3.08 21.61 35.68
C ARG D 391 -2.58 22.67 34.72
N LEU D 392 -3.27 22.86 33.59
CA LEU D 392 -2.89 23.87 32.59
C LEU D 392 -4.20 24.49 32.09
N GLU D 393 -4.62 25.57 32.74
CA GLU D 393 -5.91 26.19 32.46
C GLU D 393 -5.82 27.23 31.34
N VAL D 394 -4.96 28.24 31.52
CA VAL D 394 -4.93 29.39 30.63
C VAL D 394 -4.24 28.96 29.33
N LYS D 395 -5.04 28.76 28.28
CA LYS D 395 -4.55 28.40 26.96
C LYS D 395 -4.63 29.64 26.08
N MET D 396 -3.52 30.01 25.45
CA MET D 396 -3.45 31.22 24.66
C MET D 396 -2.89 30.94 23.27
N GLU D 397 -3.44 31.66 22.29
CA GLU D 397 -2.98 31.59 20.90
C GLU D 397 -2.39 32.94 20.52
N ILE D 398 -1.19 32.90 19.94
CA ILE D 398 -0.52 34.10 19.45
C ILE D 398 -0.49 34.01 17.92
N GLY D 399 -1.10 35.00 17.26
CA GLY D 399 -1.24 35.01 15.83
C GLY D 399 -0.61 36.24 15.20
N LEU D 400 -0.75 36.32 13.88
CA LEU D 400 -0.16 37.42 13.14
C LEU D 400 -0.82 38.75 13.53
N PRO D 401 -0.07 39.83 13.53
CA PRO D 401 -0.63 41.12 13.94
C PRO D 401 -1.44 41.76 12.81
N ASP D 402 -2.23 42.76 13.20
CA ASP D 402 -2.95 43.59 12.25
C ASP D 402 -2.13 44.84 11.95
N GLU D 403 -2.71 45.79 11.22
CA GLU D 403 -1.96 46.97 10.82
C GLU D 403 -1.46 47.76 12.02
N LYS D 404 -2.33 47.94 13.02
N LYS D 404 -2.33 47.94 13.02
CA LYS D 404 -1.92 48.69 14.22
CA LYS D 404 -1.94 48.68 14.21
C LYS D 404 -0.79 47.98 14.94
C LYS D 404 -0.80 47.99 14.95
N GLY D 405 -0.88 46.66 15.07
CA GLY D 405 0.19 45.92 15.70
C GLY D 405 1.49 46.04 14.94
N ARG D 406 1.42 45.99 13.61
CA ARG D 406 2.62 46.17 12.79
C ARG D 406 3.22 47.56 13.01
N LEU D 407 2.37 48.58 13.08
CA LEU D 407 2.87 49.92 13.34
C LEU D 407 3.56 50.01 14.70
N GLN D 408 2.95 49.44 15.73
CA GLN D 408 3.56 49.46 17.07
C GLN D 408 4.90 48.74 17.05
N ILE D 409 4.95 47.55 16.45
CA ILE D 409 6.19 46.78 16.41
C ILE D 409 7.26 47.57 15.67
N LEU D 410 6.90 48.18 14.54
CA LEU D 410 7.88 48.95 13.78
C LEU D 410 8.40 50.13 14.59
N HIS D 411 7.53 50.80 15.35
N HIS D 411 7.53 50.77 15.37
CA HIS D 411 8.00 51.87 16.23
CA HIS D 411 7.99 51.87 16.21
C HIS D 411 8.95 51.36 17.28
C HIS D 411 8.93 51.38 17.31
N ILE D 412 8.69 50.17 17.84
CA ILE D 412 9.52 49.68 18.93
C ILE D 412 10.97 49.53 18.50
N HIS D 413 11.21 49.00 17.31
CA HIS D 413 12.55 48.63 16.88
C HIS D 413 13.32 49.78 16.25
N THR D 414 12.76 51.00 16.22
CA THR D 414 13.44 52.15 15.64
C THR D 414 13.60 53.28 16.64
N ALA D 415 13.48 53.00 17.94
CA ALA D 415 13.57 54.07 18.93
C ALA D 415 14.99 54.60 19.07
N ARG D 416 15.98 53.71 19.14
CA ARG D 416 17.35 54.14 19.38
C ARG D 416 17.87 55.01 18.25
N MET D 417 17.61 54.60 17.01
CA MET D 417 18.11 55.38 15.88
C MET D 417 17.53 56.78 15.88
N ARG D 418 16.23 56.91 16.14
N ARG D 418 16.23 56.91 16.14
CA ARG D 418 15.61 58.23 16.24
CA ARG D 418 15.63 58.23 16.23
C ARG D 418 16.22 59.03 17.39
C ARG D 418 16.21 59.02 17.38
N GLY D 419 16.44 58.38 18.53
CA GLY D 419 17.00 59.09 19.66
C GLY D 419 18.38 59.64 19.38
N HIS D 420 19.18 58.91 18.60
CA HIS D 420 20.55 59.31 18.31
C HIS D 420 20.70 60.03 16.98
N GLN D 421 19.60 60.38 16.32
CA GLN D 421 19.62 61.18 15.10
C GLN D 421 20.31 60.46 13.95
N LEU D 422 20.17 59.14 13.89
CA LEU D 422 20.73 58.35 12.80
C LEU D 422 19.70 58.02 11.72
N LEU D 423 18.47 58.50 11.84
CA LEU D 423 17.40 58.19 10.91
C LEU D 423 17.07 59.43 10.09
N SER D 424 17.01 59.30 8.77
CA SER D 424 16.77 60.44 7.87
C SER D 424 15.33 60.88 8.03
N ALA D 425 15.01 62.12 7.67
CA ALA D 425 13.72 62.76 7.87
C ALA D 425 12.69 62.40 6.81
N ASP D 426 13.08 61.69 5.76
CA ASP D 426 12.16 61.34 4.69
C ASP D 426 11.53 59.97 4.88
N VAL D 427 11.78 59.30 5.99
CA VAL D 427 11.23 57.98 6.25
C VAL D 427 9.90 58.12 6.96
N ASP D 428 8.85 57.52 6.38
CA ASP D 428 7.52 57.55 6.94
C ASP D 428 7.16 56.15 7.42
N ILE D 429 6.89 56.02 8.72
CA ILE D 429 6.61 54.70 9.30
C ILE D 429 5.26 54.19 8.81
N LYS D 430 4.26 55.07 8.71
CA LYS D 430 2.92 54.63 8.36
C LYS D 430 2.88 54.02 6.96
N GLU D 431 3.64 54.56 6.02
CA GLU D 431 3.71 53.96 4.70
C GLU D 431 4.23 52.52 4.77
N LEU D 432 5.29 52.30 5.54
CA LEU D 432 5.81 50.94 5.70
C LEU D 432 4.77 50.04 6.34
N ALA D 433 4.09 50.52 7.38
CA ALA D 433 3.09 49.70 8.04
C ALA D 433 1.98 49.30 7.08
N VAL D 434 1.54 50.23 6.24
CA VAL D 434 0.51 49.91 5.26
C VAL D 434 1.03 48.91 4.24
N GLU D 435 2.27 49.08 3.78
CA GLU D 435 2.79 48.23 2.72
C GLU D 435 3.03 46.82 3.21
N THR D 436 3.67 46.66 4.37
CA THR D 436 4.13 45.35 4.84
C THR D 436 2.93 44.54 5.31
N LYS D 437 2.40 43.72 4.42
CA LYS D 437 1.23 42.89 4.70
C LYS D 437 1.64 41.44 4.89
N ASN D 438 0.98 40.77 5.83
CA ASN D 438 1.21 39.37 6.17
C ASN D 438 2.53 39.14 6.88
N PHE D 439 3.24 40.20 7.27
CA PHE D 439 4.51 40.06 7.96
C PHE D 439 4.28 39.72 9.43
N SER D 440 5.31 39.14 10.04
CA SER D 440 5.35 38.87 11.47
C SER D 440 6.48 39.66 12.11
N GLY D 441 6.55 39.60 13.43
CA GLY D 441 7.54 40.39 14.15
C GLY D 441 8.96 40.11 13.70
N ALA D 442 9.31 38.83 13.59
CA ALA D 442 10.66 38.47 13.16
C ALA D 442 10.98 39.06 11.80
N GLU D 443 10.01 39.02 10.88
CA GLU D 443 10.26 39.55 9.55
C GLU D 443 10.45 41.06 9.58
N LEU D 444 9.69 41.77 10.41
CA LEU D 444 9.88 43.21 10.52
C LEU D 444 11.27 43.54 11.08
N GLU D 445 11.69 42.81 12.11
CA GLU D 445 13.03 43.03 12.64
C GLU D 445 14.08 42.75 11.59
N GLY D 446 13.91 41.68 10.81
CA GLY D 446 14.86 41.38 9.75
C GLY D 446 14.91 42.47 8.69
N LEU D 447 13.76 43.02 8.34
CA LEU D 447 13.73 44.11 7.37
C LEU D 447 14.52 45.31 7.89
N VAL D 448 14.29 45.68 9.15
CA VAL D 448 15.05 46.80 9.72
C VAL D 448 16.54 46.49 9.71
N ARG D 449 16.92 45.27 10.07
CA ARG D 449 18.33 44.92 10.14
C ARG D 449 18.99 44.97 8.77
N ALA D 450 18.31 44.49 7.73
CA ALA D 450 18.87 44.57 6.38
C ALA D 450 19.00 46.01 5.92
N ALA D 451 18.00 46.83 6.23
CA ALA D 451 18.08 48.24 5.88
C ALA D 451 19.28 48.89 6.53
N GLN D 452 19.54 48.56 7.80
CA GLN D 452 20.69 49.13 8.48
C GLN D 452 22.02 48.72 7.84
N SER D 453 22.14 47.49 7.36
CA SER D 453 23.38 47.04 6.76
C SER D 453 23.62 47.62 5.37
N THR D 454 22.55 47.82 4.60
CA THR D 454 22.73 48.43 3.29
C THR D 454 23.35 49.81 3.39
N ALA D 455 23.11 50.54 4.49
CA ALA D 455 23.73 51.84 4.69
C ALA D 455 25.17 51.72 5.16
N MET D 456 25.45 50.80 6.09
CA MET D 456 26.81 50.60 6.55
C MET D 456 27.74 50.18 5.43
N ASN D 457 27.23 49.47 4.42
CA ASN D 457 28.10 48.95 3.38
C ASN D 457 28.66 50.02 2.45
N ARG D 458 28.14 51.25 2.49
CA ARG D 458 28.63 52.28 1.58
C ARG D 458 29.95 52.88 2.01
N HIS D 459 30.48 52.53 3.18
CA HIS D 459 31.73 53.10 3.68
C HIS D 459 32.80 52.04 3.87
N ILE D 460 32.73 50.94 3.13
CA ILE D 460 33.70 49.86 3.24
C ILE D 460 34.19 49.50 1.85
N LYS D 461 35.45 49.07 1.77
CA LYS D 461 36.08 48.68 0.51
C LYS D 461 36.65 47.29 0.68
N ALA D 462 35.99 46.31 0.07
CA ALA D 462 36.41 44.90 0.13
C ALA D 462 36.96 44.43 -1.21
N SER D 463 37.68 45.30 -1.91
CA SER D 463 38.25 44.94 -3.21
C SER D 463 39.47 44.04 -3.04
N THR D 464 40.52 44.57 -2.41
CA THR D 464 41.73 43.79 -2.15
C THR D 464 41.95 43.64 -0.65
N LYS D 465 42.00 44.75 0.10
CA LYS D 465 42.11 44.71 1.55
C LYS D 465 40.92 45.44 2.15
N VAL D 466 40.31 44.81 3.17
CA VAL D 466 39.12 45.37 3.79
C VAL D 466 39.51 46.66 4.52
N GLU D 467 38.98 47.78 4.06
CA GLU D 467 39.31 49.09 4.63
C GLU D 467 38.04 49.87 4.89
N VAL D 468 38.04 50.65 5.96
CA VAL D 468 36.92 51.52 6.30
C VAL D 468 37.38 52.96 6.19
N ASP D 469 36.43 53.84 5.84
CA ASP D 469 36.76 55.26 5.69
C ASP D 469 37.09 55.89 7.04
N MET D 470 36.13 55.86 7.97
CA MET D 470 36.25 56.41 9.31
C MET D 470 36.22 57.93 9.33
N GLU D 471 36.21 58.59 8.16
CA GLU D 471 36.04 60.03 8.07
C GLU D 471 34.71 60.43 7.48
N LYS D 472 34.05 59.53 6.74
CA LYS D 472 32.66 59.71 6.33
C LYS D 472 31.71 58.83 7.10
N ALA D 473 32.22 57.89 7.91
CA ALA D 473 31.38 57.04 8.73
C ALA D 473 30.51 57.91 9.63
N GLU D 474 31.11 58.94 10.21
CA GLU D 474 30.34 59.96 10.89
C GLU D 474 29.40 60.60 9.87
N SER D 475 28.18 60.94 10.29
CA SER D 475 27.14 61.43 9.41
C SER D 475 26.49 60.28 8.64
N LEU D 476 26.66 59.05 9.10
CA LEU D 476 25.91 57.94 8.55
C LEU D 476 24.42 58.16 8.76
N GLN D 477 23.64 57.94 7.69
CA GLN D 477 22.20 58.12 7.77
C GLN D 477 21.52 57.02 6.96
N VAL D 478 20.28 56.71 7.32
CA VAL D 478 19.49 55.67 6.68
C VAL D 478 18.35 56.35 5.94
N THR D 479 18.21 56.05 4.65
CA THR D 479 17.25 56.72 3.80
C THR D 479 16.13 55.75 3.39
N ARG D 480 15.12 56.30 2.70
CA ARG D 480 13.99 55.50 2.26
C ARG D 480 14.38 54.52 1.16
N GLY D 481 15.33 54.90 0.31
CA GLY D 481 15.75 54.00 -0.76
C GLY D 481 16.31 52.69 -0.21
N ASP D 482 17.02 52.75 0.91
CA ASP D 482 17.51 51.52 1.52
C ASP D 482 16.38 50.61 1.91
N PHE D 483 15.34 51.16 2.55
CA PHE D 483 14.19 50.35 2.93
C PHE D 483 13.53 49.74 1.70
N LEU D 484 13.35 50.53 0.64
CA LEU D 484 12.70 50.02 -0.56
C LEU D 484 13.51 48.88 -1.18
N ALA D 485 14.83 49.07 -1.30
CA ALA D 485 15.65 48.03 -1.90
C ALA D 485 15.65 46.77 -1.05
N SER D 486 15.77 46.92 0.27
CA SER D 486 15.78 45.74 1.13
C SER D 486 14.46 44.99 1.05
N LEU D 487 13.33 45.67 0.67
CA LEU D 487 12.01 45.06 0.63
C LEU D 487 11.73 44.31 -0.66
N GLU D 488 12.60 44.43 -1.66
CA GLU D 488 12.38 43.80 -2.96
C GLU D 488 13.38 42.69 -3.27
N ASN D 489 14.52 42.62 -2.56
CA ASN D 489 15.54 41.64 -2.86
C ASN D 489 16.01 40.84 -1.65
N ASP D 490 15.61 41.17 -0.43
CA ASP D 490 16.17 40.51 0.74
C ASP D 490 15.14 39.73 1.54
N ILE D 491 13.99 40.33 1.83
CA ILE D 491 13.00 39.76 2.74
C ILE D 491 11.73 39.47 1.97
N LYS D 492 11.14 38.33 2.16
CA LYS D 492 9.93 37.91 1.49
C LYS D 492 9.08 37.14 2.49
N PRO D 493 7.80 37.49 2.67
CA PRO D 493 6.98 36.78 3.65
C PRO D 493 6.69 35.35 3.20
N ALA D 494 6.37 34.52 4.19
CA ALA D 494 6.08 33.10 3.97
C ALA D 494 4.60 32.78 4.16
N PHE D 495 3.72 33.68 3.71
CA PHE D 495 2.29 33.49 3.89
C PHE D 495 1.53 34.28 2.84
N GLY D 496 0.45 33.70 2.33
CA GLY D 496 -0.42 34.40 1.42
C GLY D 496 0.19 34.62 0.05
N THR D 497 -0.55 35.37 -0.77
CA THR D 497 -0.12 35.75 -2.11
C THR D 497 0.58 37.10 -2.08
N ASN D 498 1.55 37.27 -2.97
CA ASN D 498 2.37 38.47 -2.99
C ASN D 498 2.54 38.91 -4.45
N GLN D 499 3.42 39.89 -4.66
CA GLN D 499 3.53 40.51 -5.98
C GLN D 499 3.99 39.51 -7.03
N GLU D 500 4.83 38.56 -6.66
CA GLU D 500 5.35 37.61 -7.64
C GLU D 500 4.24 36.79 -8.30
N ASP D 501 3.07 36.71 -7.67
CA ASP D 501 1.96 35.97 -8.25
C ASP D 501 1.19 36.84 -9.24
N TYR D 502 0.81 38.05 -8.82
CA TYR D 502 0.13 38.97 -9.73
C TYR D 502 0.98 39.26 -10.96
N ALA D 503 2.31 39.29 -10.80
CA ALA D 503 3.17 39.52 -11.95
C ALA D 503 3.01 38.41 -12.97
N SER D 504 2.91 37.17 -12.53
CA SER D 504 2.76 36.05 -13.46
C SER D 504 1.36 36.01 -14.06
N TYR D 505 0.34 36.25 -13.23
CA TYR D 505 -1.03 36.11 -13.72
C TYR D 505 -1.43 37.28 -14.62
N ILE D 506 -1.01 38.49 -14.28
CA ILE D 506 -1.26 39.67 -15.11
C ILE D 506 0.09 40.09 -15.68
N MET D 507 0.40 39.61 -16.88
CA MET D 507 1.73 39.82 -17.45
C MET D 507 1.82 41.08 -18.29
N ASN D 508 0.80 41.38 -19.09
CA ASN D 508 0.82 42.51 -20.00
C ASN D 508 -0.16 43.61 -19.59
N GLY D 509 -0.65 43.58 -18.36
CA GLY D 509 -1.51 44.65 -17.89
C GLY D 509 -2.89 44.61 -18.50
N ILE D 510 -3.65 45.68 -18.24
CA ILE D 510 -5.03 45.83 -18.71
C ILE D 510 -5.11 47.13 -19.50
N ILE D 511 -5.70 47.05 -20.69
CA ILE D 511 -5.88 48.20 -21.56
C ILE D 511 -7.35 48.34 -21.89
N LYS D 512 -7.87 49.57 -21.84
CA LYS D 512 -9.28 49.85 -22.07
C LYS D 512 -9.50 49.98 -23.57
N TRP D 513 -9.74 48.86 -24.25
CA TRP D 513 -10.00 48.87 -25.68
C TRP D 513 -11.48 49.03 -26.01
N GLY D 514 -12.35 49.09 -25.01
CA GLY D 514 -13.77 49.18 -25.28
C GLY D 514 -14.55 49.44 -24.01
N ASP D 515 -15.87 49.36 -24.14
CA ASP D 515 -16.79 49.61 -23.04
C ASP D 515 -16.88 48.43 -22.08
N PRO D 516 -16.98 47.19 -22.58
CA PRO D 516 -17.19 46.06 -21.65
C PRO D 516 -16.14 45.94 -20.56
N VAL D 517 -14.91 46.40 -20.83
CA VAL D 517 -13.86 46.28 -19.82
C VAL D 517 -14.26 47.01 -18.55
N THR D 518 -14.81 48.21 -18.68
CA THR D 518 -15.28 48.96 -17.51
C THR D 518 -16.51 48.30 -16.91
N ARG D 519 -17.37 47.74 -17.76
CA ARG D 519 -18.60 47.13 -17.28
C ARG D 519 -18.30 45.96 -16.35
N VAL D 520 -17.33 45.13 -16.71
CA VAL D 520 -17.00 43.98 -15.86
C VAL D 520 -16.51 44.43 -14.50
N LEU D 521 -15.62 45.42 -14.47
CA LEU D 521 -15.07 45.89 -13.20
C LEU D 521 -16.15 46.53 -12.33
N ASP D 522 -17.03 47.33 -12.95
CA ASP D 522 -18.12 47.95 -12.21
C ASP D 522 -19.14 46.94 -11.72
N ASP D 523 -19.28 45.80 -12.40
CA ASP D 523 -20.10 44.71 -11.90
C ASP D 523 -19.44 43.94 -10.77
N GLY D 524 -18.11 43.82 -10.79
CA GLY D 524 -17.42 43.13 -9.72
C GLY D 524 -17.36 43.95 -8.44
N GLU D 525 -17.28 45.27 -8.58
N GLU D 525 -17.28 45.28 -8.58
CA GLU D 525 -17.27 46.14 -7.41
CA GLU D 525 -17.27 46.14 -7.41
C GLU D 525 -18.57 46.03 -6.62
C GLU D 525 -18.57 46.03 -6.63
N LEU D 526 -19.70 45.92 -7.32
CA LEU D 526 -20.98 45.81 -6.63
C LEU D 526 -21.02 44.57 -5.74
N LEU D 527 -20.53 43.44 -6.26
CA LEU D 527 -20.48 42.22 -5.47
C LEU D 527 -19.48 42.30 -4.33
N VAL D 528 -18.34 42.95 -4.55
CA VAL D 528 -17.39 43.11 -3.43
C VAL D 528 -18.04 43.91 -2.31
N GLN D 529 -18.71 45.02 -2.65
N GLN D 529 -18.70 45.03 -2.65
CA GLN D 529 -19.38 45.83 -1.64
CA GLN D 529 -19.37 45.82 -1.63
C GLN D 529 -20.51 45.06 -0.96
C GLN D 529 -20.50 45.05 -0.96
N GLN D 530 -21.27 44.29 -1.73
CA GLN D 530 -22.36 43.51 -1.13
C GLN D 530 -21.83 42.51 -0.12
N THR D 531 -20.75 41.79 -0.45
CA THR D 531 -20.22 40.85 0.51
C THR D 531 -19.65 41.58 1.72
N LYS D 532 -19.06 42.75 1.51
CA LYS D 532 -18.53 43.50 2.64
C LYS D 532 -19.64 43.93 3.61
N ASN D 533 -20.76 44.40 3.07
CA ASN D 533 -21.77 45.06 3.91
C ASN D 533 -22.82 44.10 4.46
N SER D 534 -23.52 43.40 3.57
CA SER D 534 -24.70 42.64 3.98
C SER D 534 -24.36 41.62 5.06
N ASP D 535 -25.36 41.27 5.86
CA ASP D 535 -25.22 40.31 6.94
C ASP D 535 -26.16 39.11 6.82
N ARG D 536 -27.20 39.20 5.99
CA ARG D 536 -28.10 38.07 5.77
C ARG D 536 -27.53 37.03 4.82
N THR D 537 -26.52 37.40 4.03
CA THR D 537 -25.92 36.51 3.03
C THR D 537 -24.42 36.53 3.21
N PRO D 538 -23.89 35.76 4.17
CA PRO D 538 -22.45 35.80 4.41
C PRO D 538 -21.62 35.21 3.27
N LEU D 539 -22.21 34.38 2.41
CA LEU D 539 -21.49 33.70 1.35
C LEU D 539 -22.04 34.11 -0.01
N VAL D 540 -21.14 34.46 -0.93
CA VAL D 540 -21.52 34.89 -2.27
C VAL D 540 -20.65 34.17 -3.28
N SER D 541 -21.17 34.03 -4.51
CA SER D 541 -20.46 33.35 -5.59
C SER D 541 -20.77 34.04 -6.90
N VAL D 542 -19.85 33.88 -7.87
CA VAL D 542 -20.02 34.46 -9.20
C VAL D 542 -19.19 33.66 -10.17
N LEU D 543 -19.64 33.62 -11.43
CA LEU D 543 -18.96 32.87 -12.49
C LEU D 543 -18.68 33.79 -13.67
N LEU D 544 -17.42 33.86 -14.07
CA LEU D 544 -17.02 34.60 -15.27
C LEU D 544 -16.93 33.62 -16.43
N GLU D 545 -17.66 33.90 -17.51
CA GLU D 545 -17.71 33.00 -18.66
C GLU D 545 -17.48 33.76 -19.94
N GLY D 546 -16.86 33.09 -20.91
CA GLY D 546 -16.59 33.68 -22.20
C GLY D 546 -15.89 32.71 -23.14
N PRO D 547 -15.67 33.14 -24.38
CA PRO D 547 -14.99 32.27 -25.35
C PRO D 547 -13.52 32.14 -25.04
N PRO D 548 -12.82 31.21 -25.68
CA PRO D 548 -11.39 31.03 -25.38
C PRO D 548 -10.57 32.23 -25.83
N HIS D 549 -9.44 32.43 -25.15
CA HIS D 549 -8.52 33.54 -25.45
C HIS D 549 -9.20 34.89 -25.29
N SER D 550 -9.99 35.04 -24.22
CA SER D 550 -10.68 36.29 -23.94
C SER D 550 -10.06 37.09 -22.80
N GLY D 551 -9.30 36.44 -21.91
CA GLY D 551 -8.67 37.14 -20.82
C GLY D 551 -9.50 37.17 -19.56
N LYS D 552 -9.96 35.99 -19.12
CA LYS D 552 -10.78 35.92 -17.92
C LYS D 552 -9.93 35.91 -16.65
N THR D 553 -8.82 35.17 -16.67
CA THR D 553 -7.98 35.06 -15.48
C THR D 553 -7.42 36.42 -15.08
N ALA D 554 -6.99 37.22 -16.05
CA ALA D 554 -6.45 38.53 -15.73
C ALA D 554 -7.49 39.42 -15.06
N LEU D 555 -8.71 39.44 -15.59
CA LEU D 555 -9.76 40.26 -15.01
C LEU D 555 -10.11 39.79 -13.60
N ALA D 556 -10.19 38.47 -13.41
CA ALA D 556 -10.47 37.96 -12.07
C ALA D 556 -9.38 38.36 -11.10
N ALA D 557 -8.12 38.25 -11.51
CA ALA D 557 -7.02 38.63 -10.63
C ALA D 557 -7.08 40.12 -10.32
N LYS D 558 -7.40 40.95 -11.31
CA LYS D 558 -7.49 42.38 -11.06
C LYS D 558 -8.59 42.70 -10.04
N ILE D 559 -9.75 42.09 -10.21
CA ILE D 559 -10.84 42.34 -9.26
C ILE D 559 -10.43 41.90 -7.86
N ALA D 560 -9.83 40.71 -7.73
CA ALA D 560 -9.40 40.24 -6.42
C ALA D 560 -8.37 41.19 -5.81
N GLU D 561 -7.44 41.67 -6.62
CA GLU D 561 -6.41 42.58 -6.11
C GLU D 561 -7.04 43.87 -5.60
N GLU D 562 -7.99 44.42 -6.34
CA GLU D 562 -8.62 45.67 -5.89
C GLU D 562 -9.64 45.44 -4.79
N SER D 563 -9.97 44.19 -4.46
CA SER D 563 -10.87 43.94 -3.34
C SER D 563 -10.32 44.53 -2.04
N ASN D 564 -9.00 44.48 -1.85
CA ASN D 564 -8.33 44.99 -0.67
C ASN D 564 -8.69 44.21 0.59
N PHE D 565 -9.12 42.97 0.45
CA PHE D 565 -9.42 42.16 1.63
C PHE D 565 -8.13 41.70 2.30
N PRO D 566 -8.18 41.39 3.60
CA PRO D 566 -6.96 40.92 4.28
C PRO D 566 -6.40 39.63 3.70
N PHE D 567 -7.26 38.72 3.27
CA PHE D 567 -6.85 37.40 2.82
C PHE D 567 -7.25 37.19 1.37
N ILE D 568 -6.29 36.81 0.54
CA ILE D 568 -6.51 36.53 -0.88
C ILE D 568 -5.70 35.32 -1.27
N LYS D 569 -6.29 34.44 -2.08
CA LYS D 569 -5.60 33.23 -2.51
C LYS D 569 -6.12 32.83 -3.89
N ILE D 570 -5.28 32.13 -4.63
CA ILE D 570 -5.59 31.69 -5.99
C ILE D 570 -5.27 30.20 -6.09
N CYS D 571 -6.27 29.40 -6.47
CA CYS D 571 -6.14 27.96 -6.61
C CYS D 571 -6.13 27.63 -8.11
N SER D 572 -4.98 27.20 -8.62
CA SER D 572 -4.84 26.94 -10.04
C SER D 572 -4.32 25.52 -10.27
N PRO D 573 -4.66 24.91 -11.41
CA PRO D 573 -4.23 23.52 -11.64
C PRO D 573 -2.74 23.38 -11.94
N ASP D 574 -2.06 24.45 -12.35
CA ASP D 574 -0.66 24.34 -12.72
C ASP D 574 0.26 24.10 -11.53
N LYS D 575 -0.27 24.16 -10.31
CA LYS D 575 0.50 23.81 -9.12
C LYS D 575 0.25 22.37 -8.67
N MET D 576 -0.56 21.62 -9.42
CA MET D 576 -0.90 20.25 -9.05
C MET D 576 -0.76 19.34 -10.27
N ILE D 577 0.34 19.46 -10.99
CA ILE D 577 0.57 18.66 -12.18
C ILE D 577 0.92 17.24 -11.76
N GLY D 578 0.22 16.27 -12.34
CA GLY D 578 0.48 14.86 -12.07
C GLY D 578 -0.17 14.32 -10.81
N PHE D 579 -0.91 15.13 -10.07
CA PHE D 579 -1.52 14.68 -8.84
C PHE D 579 -2.64 13.68 -9.12
N SER D 580 -2.92 12.85 -8.12
CA SER D 580 -4.06 11.95 -8.18
C SER D 580 -5.32 12.71 -7.82
N GLU D 581 -6.44 12.00 -7.66
CA GLU D 581 -7.69 12.62 -7.26
C GLU D 581 -7.76 13.01 -5.79
N THR D 582 -7.35 12.12 -4.88
CA THR D 582 -7.38 12.44 -3.45
C THR D 582 -6.44 13.59 -3.13
N ALA D 583 -5.29 13.64 -3.78
CA ALA D 583 -4.36 14.74 -3.56
C ALA D 583 -4.99 16.06 -3.94
N LYS D 584 -5.69 16.09 -5.07
CA LYS D 584 -6.38 17.30 -5.49
C LYS D 584 -7.44 17.72 -4.47
N CYS D 585 -8.26 16.76 -4.03
CA CYS D 585 -9.27 17.09 -3.04
C CYS D 585 -8.65 17.64 -1.76
N GLN D 586 -7.57 17.02 -1.30
CA GLN D 586 -6.93 17.44 -0.06
C GLN D 586 -6.27 18.80 -0.20
N ALA D 587 -5.69 19.10 -1.36
CA ALA D 587 -5.07 20.40 -1.57
C ALA D 587 -6.09 21.51 -1.69
N MET D 588 -7.29 21.21 -2.21
CA MET D 588 -8.36 22.22 -2.21
C MET D 588 -8.94 22.44 -0.82
N LYS D 589 -9.16 21.36 -0.07
CA LYS D 589 -9.67 21.49 1.29
C LYS D 589 -8.77 22.34 2.17
N LYS D 590 -7.45 22.21 2.03
CA LYS D 590 -6.53 23.01 2.81
C LYS D 590 -6.65 24.49 2.51
N ILE D 591 -6.76 24.87 1.23
CA ILE D 591 -6.93 26.28 0.90
C ILE D 591 -8.26 26.80 1.43
N PHE D 592 -9.32 26.02 1.38
CA PHE D 592 -10.59 26.49 1.92
C PHE D 592 -10.64 26.50 3.44
N ASP D 593 -9.80 25.73 4.12
CA ASP D 593 -9.80 25.75 5.58
C ASP D 593 -9.13 26.99 6.14
N ASP D 594 -8.16 27.55 5.44
CA ASP D 594 -7.43 28.72 5.93
C ASP D 594 -8.20 30.02 5.76
N ALA D 595 -9.25 30.04 4.94
CA ALA D 595 -10.09 31.21 4.81
C ALA D 595 -11.15 31.29 5.89
N TYR D 596 -11.51 30.16 6.48
CA TYR D 596 -12.49 30.10 7.57
C TYR D 596 -11.87 30.75 8.80
N LYS D 597 -10.56 30.62 9.02
CA LYS D 597 -9.89 31.18 10.18
C LYS D 597 -9.91 32.71 10.15
N SER D 598 -9.72 33.29 8.96
CA SER D 598 -9.73 34.74 8.84
C SER D 598 -11.14 35.27 9.05
N GLN D 599 -11.27 36.60 8.94
CA GLN D 599 -12.55 37.27 9.17
C GLN D 599 -13.34 37.46 7.89
N LEU D 600 -12.74 38.09 6.87
CA LEU D 600 -13.34 38.22 5.56
C LEU D 600 -12.32 37.81 4.51
N SER D 601 -12.73 36.97 3.56
CA SER D 601 -11.78 36.32 2.66
C SER D 601 -12.32 36.31 1.23
N CYS D 602 -11.39 36.16 0.28
CA CYS D 602 -11.71 36.03 -1.13
C CYS D 602 -10.87 34.91 -1.72
N VAL D 603 -11.49 34.10 -2.59
CA VAL D 603 -10.84 32.95 -3.20
C VAL D 603 -11.19 32.91 -4.69
N VAL D 604 -10.24 32.42 -5.48
CA VAL D 604 -10.37 32.37 -6.94
C VAL D 604 -10.08 30.95 -7.41
N VAL D 605 -10.95 30.44 -8.29
CA VAL D 605 -10.81 29.11 -8.87
C VAL D 605 -10.85 29.29 -10.38
N ASP D 606 -9.71 29.08 -11.04
CA ASP D 606 -9.57 29.35 -12.47
C ASP D 606 -9.45 28.06 -13.25
N ASP D 607 -10.03 28.05 -14.45
CA ASP D 607 -9.98 26.89 -15.35
C ASP D 607 -10.59 25.66 -14.68
N ILE D 608 -11.89 25.75 -14.41
CA ILE D 608 -12.59 24.65 -13.76
C ILE D 608 -12.52 23.40 -14.61
N GLU D 609 -12.71 23.54 -15.93
CA GLU D 609 -12.74 22.37 -16.80
C GLU D 609 -11.43 21.59 -16.74
N ARG D 610 -10.33 22.24 -16.36
CA ARG D 610 -9.06 21.53 -16.16
C ARG D 610 -8.90 21.00 -14.75
N LEU D 611 -9.57 21.62 -13.77
CA LEU D 611 -9.51 21.12 -12.40
C LEU D 611 -10.09 19.71 -12.32
N LEU D 612 -11.25 19.49 -12.95
CA LEU D 612 -11.80 18.17 -13.14
C LEU D 612 -11.55 17.75 -14.59
N ASP D 613 -10.94 16.58 -14.76
CA ASP D 613 -10.39 16.20 -16.07
C ASP D 613 -11.46 15.89 -17.09
N TYR D 614 -11.88 16.89 -17.86
CA TYR D 614 -12.94 16.71 -18.84
C TYR D 614 -12.34 16.55 -20.23
N VAL D 615 -12.89 15.59 -20.99
CA VAL D 615 -12.48 15.36 -22.37
C VAL D 615 -13.72 15.01 -23.18
N PRO D 616 -13.94 15.63 -24.35
CA PRO D 616 -15.21 15.40 -25.07
C PRO D 616 -15.46 13.94 -25.39
N ILE D 617 -14.44 13.18 -25.78
CA ILE D 617 -14.63 11.75 -26.02
C ILE D 617 -15.02 11.09 -24.71
N GLY D 618 -15.92 10.12 -24.78
CA GLY D 618 -16.51 9.56 -23.59
C GLY D 618 -17.93 10.06 -23.38
N PRO D 619 -18.11 11.07 -22.52
CA PRO D 619 -17.11 11.88 -21.82
C PRO D 619 -16.52 11.22 -20.57
N ARG D 620 -15.42 11.78 -20.08
N ARG D 620 -15.44 11.80 -20.06
CA ARG D 620 -14.74 11.29 -18.89
CA ARG D 620 -14.75 11.28 -18.89
C ARG D 620 -14.44 12.46 -17.97
C ARG D 620 -14.39 12.44 -17.98
N PHE D 621 -14.49 12.21 -16.67
CA PHE D 621 -14.18 13.26 -15.69
C PHE D 621 -14.05 12.65 -14.31
N SER D 622 -13.58 13.47 -13.37
CA SER D 622 -13.40 13.07 -11.99
C SER D 622 -14.67 13.39 -11.20
N ASN D 623 -15.36 12.36 -10.74
CA ASN D 623 -16.58 12.58 -9.96
C ASN D 623 -16.27 13.11 -8.57
N LEU D 624 -15.17 12.66 -7.96
CA LEU D 624 -14.86 13.05 -6.60
C LEU D 624 -14.68 14.56 -6.49
N VAL D 625 -13.93 15.15 -7.42
CA VAL D 625 -13.69 16.59 -7.38
C VAL D 625 -15.00 17.35 -7.60
N LEU D 626 -15.83 16.87 -8.52
CA LEU D 626 -17.11 17.53 -8.76
C LEU D 626 -17.96 17.55 -7.50
N GLN D 627 -18.04 16.41 -6.81
CA GLN D 627 -18.85 16.34 -5.60
C GLN D 627 -18.27 17.24 -4.50
N ALA D 628 -16.94 17.24 -4.36
CA ALA D 628 -16.32 18.10 -3.36
C ALA D 628 -16.62 19.57 -3.63
N LEU D 629 -16.52 20.00 -4.89
CA LEU D 629 -16.83 21.38 -5.24
C LEU D 629 -18.29 21.72 -5.01
N LEU D 630 -19.20 20.82 -5.40
CA LEU D 630 -20.62 21.08 -5.18
C LEU D 630 -20.93 21.20 -3.69
N VAL D 631 -20.22 20.45 -2.84
CA VAL D 631 -20.42 20.58 -1.41
C VAL D 631 -19.86 21.91 -0.90
N LEU D 632 -18.66 22.28 -1.35
CA LEU D 632 -18.01 23.48 -0.83
C LEU D 632 -18.65 24.77 -1.32
N LEU D 633 -19.37 24.75 -2.45
CA LEU D 633 -19.98 25.99 -2.94
C LEU D 633 -21.16 26.44 -2.12
N LYS D 634 -21.71 25.60 -1.24
N LYS D 634 -21.70 25.60 -1.24
CA LYS D 634 -22.85 25.96 -0.42
CA LYS D 634 -22.85 25.94 -0.41
C LYS D 634 -22.56 25.86 1.08
C LYS D 634 -22.55 25.89 1.08
N LYS D 635 -21.29 25.69 1.45
CA LYS D 635 -20.90 25.63 2.86
C LYS D 635 -20.61 27.04 3.37
N ALA D 636 -21.27 27.46 4.52
CA ALA D 636 -21.05 28.79 5.06
C ALA D 636 -20.00 28.76 6.16
N PRO D 637 -19.24 29.84 6.32
CA PRO D 637 -18.21 29.85 7.36
C PRO D 637 -18.81 30.11 8.73
N PRO D 638 -18.01 30.08 9.78
CA PRO D 638 -18.55 30.35 11.12
C PRO D 638 -19.16 31.73 11.22
N GLN D 639 -20.04 31.89 12.19
CA GLN D 639 -20.80 33.13 12.36
C GLN D 639 -19.87 34.33 12.40
N GLY D 640 -20.31 35.44 11.81
CA GLY D 640 -19.57 36.68 11.86
C GLY D 640 -18.47 36.80 10.83
N ARG D 641 -18.29 35.81 9.96
CA ARG D 641 -17.22 35.82 8.97
C ARG D 641 -17.82 35.70 7.57
N LYS D 642 -17.10 36.26 6.59
CA LYS D 642 -17.63 36.42 5.25
C LYS D 642 -16.60 35.95 4.22
N LEU D 643 -17.12 35.39 3.12
CA LEU D 643 -16.28 34.79 2.09
C LEU D 643 -16.85 35.09 0.72
N LEU D 644 -15.96 35.40 -0.23
CA LEU D 644 -16.32 35.62 -1.62
C LEU D 644 -15.56 34.61 -2.47
N ILE D 645 -16.25 34.03 -3.44
CA ILE D 645 -15.68 33.02 -4.34
C ILE D 645 -15.87 33.48 -5.77
N ILE D 646 -14.80 33.46 -6.55
CA ILE D 646 -14.85 33.79 -7.97
C ILE D 646 -14.37 32.57 -8.74
N GLY D 647 -15.03 32.26 -9.84
CA GLY D 647 -14.66 31.11 -10.64
C GLY D 647 -14.72 31.45 -12.12
N THR D 648 -13.78 30.89 -12.87
CA THR D 648 -13.70 31.13 -14.30
C THR D 648 -13.76 29.83 -15.08
N THR D 649 -14.37 29.90 -16.27
CA THR D 649 -14.52 28.75 -17.12
C THR D 649 -14.70 29.23 -18.56
N SER D 650 -14.56 28.28 -19.50
CA SER D 650 -14.73 28.56 -20.91
C SER D 650 -15.76 27.68 -21.58
N ARG D 651 -16.47 26.83 -20.83
CA ARG D 651 -17.45 25.91 -21.40
C ARG D 651 -18.67 25.91 -20.47
N LYS D 652 -19.64 26.78 -20.78
CA LYS D 652 -20.80 26.94 -19.92
C LYS D 652 -21.76 25.76 -20.03
N ASP D 653 -21.99 25.28 -21.25
CA ASP D 653 -22.98 24.23 -21.45
C ASP D 653 -22.62 22.96 -20.70
N VAL D 654 -21.34 22.59 -20.70
CA VAL D 654 -20.92 21.40 -19.97
C VAL D 654 -21.23 21.53 -18.49
N LEU D 655 -20.92 22.68 -17.90
CA LEU D 655 -21.24 22.89 -16.49
C LEU D 655 -22.75 22.84 -16.27
N GLN D 656 -23.52 23.37 -17.22
CA GLN D 656 -24.98 23.32 -17.09
C GLN D 656 -25.46 21.86 -17.07
N GLU D 657 -24.87 21.01 -17.89
CA GLU D 657 -25.29 19.62 -17.93
C GLU D 657 -25.09 18.93 -16.58
N MET D 658 -23.97 19.20 -15.93
CA MET D 658 -23.68 18.58 -14.63
C MET D 658 -24.49 19.18 -13.50
N GLU D 659 -25.27 20.23 -13.74
CA GLU D 659 -26.13 20.86 -12.72
C GLU D 659 -25.27 21.68 -11.76
N MET D 660 -24.12 22.19 -12.20
CA MET D 660 -23.32 23.09 -11.38
C MET D 660 -23.71 24.54 -11.55
N LEU D 661 -24.29 24.98 -12.66
CA LEU D 661 -24.54 26.44 -12.92
C LEU D 661 -25.64 27.00 -12.03
N ASN D 662 -26.27 26.21 -11.17
CA ASN D 662 -27.35 26.66 -10.26
C ASN D 662 -26.81 26.69 -8.85
N ALA D 663 -25.55 26.33 -8.64
CA ALA D 663 -24.89 26.56 -7.37
C ALA D 663 -24.21 27.92 -7.29
N PHE D 664 -24.15 28.65 -8.40
CA PHE D 664 -23.60 29.99 -8.43
C PHE D 664 -24.72 31.02 -8.33
N SER D 665 -24.37 32.19 -7.79
CA SER D 665 -25.36 33.24 -7.59
C SER D 665 -25.58 34.08 -8.83
N THR D 666 -24.54 34.31 -9.65
CA THR D 666 -24.69 35.13 -10.84
C THR D 666 -23.51 34.87 -11.77
N THR D 667 -23.66 35.35 -13.01
CA THR D 667 -22.67 35.14 -14.05
C THR D 667 -22.38 36.45 -14.76
N ILE D 668 -21.15 36.55 -15.29
CA ILE D 668 -20.69 37.73 -16.01
C ILE D 668 -20.05 37.28 -17.32
N HIS D 669 -20.46 37.89 -18.42
CA HIS D 669 -19.98 37.51 -19.74
C HIS D 669 -18.80 38.38 -20.16
N VAL D 670 -17.82 37.76 -20.79
CA VAL D 670 -16.60 38.44 -21.24
C VAL D 670 -16.52 38.29 -22.76
N PRO D 671 -16.85 39.33 -23.52
CA PRO D 671 -16.94 39.21 -24.97
C PRO D 671 -15.59 39.37 -25.67
N ASN D 672 -15.61 39.16 -26.98
CA ASN D 672 -14.45 39.33 -27.85
C ASN D 672 -14.53 40.65 -28.59
N ILE D 673 -13.45 40.98 -29.29
CA ILE D 673 -13.45 42.15 -30.15
C ILE D 673 -14.34 41.88 -31.36
N ALA D 674 -15.24 42.82 -31.66
CA ALA D 674 -16.29 42.60 -32.65
C ALA D 674 -16.29 43.56 -33.83
N THR D 675 -15.64 44.72 -33.71
CA THR D 675 -15.70 45.73 -34.75
C THR D 675 -14.30 46.28 -35.02
N GLY D 676 -14.12 46.78 -36.24
CA GLY D 676 -12.82 47.29 -36.64
C GLY D 676 -12.37 48.49 -35.83
N GLU D 677 -13.32 49.30 -35.37
CA GLU D 677 -12.95 50.47 -34.57
C GLU D 677 -12.24 50.05 -33.30
N GLN D 678 -12.73 49.01 -32.63
CA GLN D 678 -12.08 48.52 -31.43
C GLN D 678 -10.69 47.98 -31.74
N LEU D 679 -10.54 47.28 -32.87
CA LEU D 679 -9.23 46.79 -33.27
C LEU D 679 -8.26 47.94 -33.47
N LEU D 680 -8.69 49.00 -34.15
CA LEU D 680 -7.81 50.15 -34.37
C LEU D 680 -7.47 50.82 -33.06
N GLU D 681 -8.44 50.93 -32.15
CA GLU D 681 -8.16 51.52 -30.84
C GLU D 681 -7.12 50.70 -30.08
N ALA D 682 -7.24 49.37 -30.12
CA ALA D 682 -6.26 48.52 -29.45
C ALA D 682 -4.88 48.68 -30.08
N LEU D 683 -4.81 48.72 -31.41
CA LEU D 683 -3.52 48.94 -32.07
C LEU D 683 -2.91 50.25 -31.65
N GLU D 684 -3.71 51.33 -31.60
CA GLU D 684 -3.18 52.62 -31.18
C GLU D 684 -2.69 52.56 -29.75
N LEU D 685 -3.44 51.91 -28.86
CA LEU D 685 -3.04 51.83 -27.46
C LEU D 685 -1.75 51.04 -27.30
N LEU D 686 -1.51 50.05 -28.18
CA LEU D 686 -0.28 49.29 -28.13
C LEU D 686 0.88 50.01 -28.82
N GLY D 687 0.59 50.87 -29.78
CA GLY D 687 1.65 51.63 -30.43
C GLY D 687 2.65 50.79 -31.18
N ASN D 688 2.18 49.82 -31.97
CA ASN D 688 3.08 48.96 -32.73
C ASN D 688 3.21 49.38 -34.19
N PHE D 689 2.14 49.89 -34.80
CA PHE D 689 2.15 50.31 -36.18
C PHE D 689 1.98 51.82 -36.27
N LYS D 690 2.67 52.43 -37.22
CA LYS D 690 2.64 53.87 -37.38
C LYS D 690 1.35 54.33 -38.06
N ASP D 691 1.17 55.64 -38.13
CA ASP D 691 -0.03 56.20 -38.74
C ASP D 691 -0.13 55.82 -40.21
N LYS D 692 0.99 55.87 -40.93
CA LYS D 692 0.96 55.55 -42.36
C LYS D 692 0.47 54.12 -42.59
N GLU D 693 1.01 53.17 -41.81
CA GLU D 693 0.58 51.78 -41.95
C GLU D 693 -0.82 51.57 -41.40
N ARG D 694 -1.18 52.28 -40.33
CA ARG D 694 -2.51 52.14 -39.77
C ARG D 694 -3.57 52.63 -40.76
N THR D 695 -3.23 53.60 -41.61
CA THR D 695 -4.16 54.01 -42.64
C THR D 695 -4.46 52.87 -43.61
N THR D 696 -3.41 52.18 -44.05
CA THR D 696 -3.60 51.03 -44.94
C THR D 696 -4.42 49.95 -44.24
N ILE D 697 -4.13 49.69 -42.97
CA ILE D 697 -4.89 48.68 -42.23
C ILE D 697 -6.35 49.06 -42.16
N ALA D 698 -6.64 50.33 -41.83
CA ALA D 698 -8.02 50.77 -41.74
C ALA D 698 -8.73 50.69 -43.08
N GLN D 699 -7.99 50.87 -44.18
CA GLN D 699 -8.61 50.77 -45.50
C GLN D 699 -9.24 49.41 -45.74
N GLN D 700 -8.82 48.38 -45.01
CA GLN D 700 -9.28 47.01 -45.23
C GLN D 700 -10.29 46.55 -44.19
N VAL D 701 -10.11 46.89 -42.92
CA VAL D 701 -10.94 46.33 -41.87
C VAL D 701 -12.26 47.08 -41.69
N LYS D 702 -12.29 48.38 -42.00
CA LYS D 702 -13.48 49.16 -41.71
C LYS D 702 -14.70 48.62 -42.43
N GLY D 703 -14.52 47.99 -43.59
CA GLY D 703 -15.62 47.43 -44.34
C GLY D 703 -15.83 45.95 -44.08
N LYS D 704 -15.66 45.54 -42.82
CA LYS D 704 -15.79 44.13 -42.46
C LYS D 704 -15.99 44.03 -40.96
N LYS D 705 -16.43 42.84 -40.53
CA LYS D 705 -16.60 42.52 -39.11
C LYS D 705 -15.50 41.56 -38.68
N VAL D 706 -14.97 41.76 -37.49
CA VAL D 706 -13.85 40.98 -36.98
C VAL D 706 -14.31 40.16 -35.78
N TRP D 707 -13.57 39.08 -35.52
CA TRP D 707 -13.87 38.18 -34.41
C TRP D 707 -12.53 37.62 -33.93
N ILE D 708 -11.95 38.25 -32.91
CA ILE D 708 -10.62 37.89 -32.42
C ILE D 708 -10.56 38.15 -30.93
N GLY D 709 -9.76 37.33 -30.24
CA GLY D 709 -9.52 37.50 -28.82
C GLY D 709 -8.26 38.30 -28.57
N ILE D 710 -8.21 38.96 -27.42
CA ILE D 710 -7.09 39.85 -27.11
C ILE D 710 -5.79 39.06 -27.04
N LYS D 711 -5.82 37.89 -26.39
CA LYS D 711 -4.60 37.12 -26.20
C LYS D 711 -4.03 36.58 -27.51
N LYS D 712 -4.86 36.50 -28.55
CA LYS D 712 -4.40 36.05 -29.87
C LYS D 712 -3.80 37.19 -30.69
N LEU D 713 -4.30 38.41 -30.50
CA LEU D 713 -3.78 39.55 -31.25
C LEU D 713 -2.31 39.81 -30.93
N LEU D 714 -1.94 39.69 -29.65
CA LEU D 714 -0.56 39.91 -29.26
C LEU D 714 0.38 38.90 -29.88
N MET D 715 -0.08 37.67 -30.13
CA MET D 715 0.72 36.67 -30.82
C MET D 715 0.77 36.94 -32.32
N LEU D 716 -0.34 37.36 -32.92
CA LEU D 716 -0.33 37.68 -34.34
C LEU D 716 0.65 38.82 -34.64
N ILE D 717 0.65 39.85 -33.80
CA ILE D 717 1.53 40.99 -34.03
C ILE D 717 2.99 40.55 -33.95
N GLU D 718 3.33 39.73 -32.95
CA GLU D 718 4.70 39.26 -32.81
C GLU D 718 5.11 38.41 -34.01
N MET D 719 4.20 37.56 -34.50
CA MET D 719 4.51 36.78 -35.70
C MET D 719 4.78 37.70 -36.88
N SER D 720 3.95 38.75 -37.04
CA SER D 720 4.12 39.64 -38.18
C SER D 720 5.44 40.40 -38.12
N LEU D 721 5.85 40.82 -36.93
CA LEU D 721 7.01 41.72 -36.82
C LEU D 721 8.30 41.07 -37.33
N GLN D 722 8.38 39.74 -37.40
CA GLN D 722 9.63 39.12 -37.81
C GLN D 722 9.97 39.39 -39.27
N MET D 723 8.96 39.63 -40.11
CA MET D 723 9.21 39.81 -41.53
C MET D 723 10.00 41.11 -41.76
N ASP D 724 10.39 41.32 -43.01
CA ASP D 724 11.10 42.52 -43.38
C ASP D 724 10.17 43.74 -43.34
N PRO D 725 10.73 44.94 -43.29
CA PRO D 725 9.86 46.13 -43.14
C PRO D 725 8.82 46.26 -44.24
N GLU D 726 9.10 45.78 -45.45
CA GLU D 726 8.17 45.92 -46.55
C GLU D 726 6.98 44.98 -46.44
N TYR D 727 7.17 43.79 -45.87
CA TYR D 727 6.16 42.74 -45.87
C TYR D 727 5.60 42.49 -44.46
N ARG D 728 5.36 43.54 -43.70
CA ARG D 728 4.81 43.40 -42.36
C ARG D 728 3.29 43.51 -42.37
N VAL D 729 2.75 44.61 -42.88
CA VAL D 729 1.30 44.79 -42.93
C VAL D 729 0.66 43.70 -43.77
N ARG D 730 1.33 43.31 -44.86
CA ARG D 730 0.79 42.27 -45.72
C ARG D 730 0.64 40.95 -44.95
N LYS D 731 1.69 40.56 -44.22
CA LYS D 731 1.64 39.32 -43.44
C LYS D 731 0.58 39.41 -42.35
N PHE D 732 0.48 40.55 -41.68
CA PHE D 732 -0.52 40.70 -40.63
C PHE D 732 -1.92 40.54 -41.20
N LEU D 733 -2.19 41.18 -42.34
CA LEU D 733 -3.51 41.07 -42.96
C LEU D 733 -3.78 39.64 -43.42
N ALA D 734 -2.76 38.96 -43.95
CA ALA D 734 -2.96 37.57 -44.37
C ALA D 734 -3.33 36.70 -43.17
N LEU D 735 -2.63 36.85 -42.05
CA LEU D 735 -2.96 36.06 -40.87
C LEU D 735 -4.36 36.38 -40.37
N LEU D 736 -4.72 37.67 -40.34
CA LEU D 736 -6.05 38.04 -39.89
C LEU D 736 -7.12 37.42 -40.77
N ARG D 737 -6.91 37.45 -42.09
CA ARG D 737 -7.87 36.83 -43.00
C ARG D 737 -7.96 35.33 -42.74
N GLU D 738 -6.82 34.67 -42.52
CA GLU D 738 -6.84 33.24 -42.27
C GLU D 738 -7.62 32.92 -41.01
N GLU D 739 -7.55 33.78 -39.99
CA GLU D 739 -8.26 33.51 -38.74
C GLU D 739 -9.74 33.27 -38.99
N GLY D 740 -10.34 34.04 -39.90
CA GLY D 740 -11.76 33.87 -40.15
C GLY D 740 -12.59 34.43 -39.01
N ALA D 741 -13.85 33.99 -38.96
CA ALA D 741 -14.77 34.43 -37.93
C ALA D 741 -15.86 33.39 -37.76
N SER D 742 -16.44 33.36 -36.56
CA SER D 742 -17.56 32.47 -36.26
C SER D 742 -18.30 32.97 -35.02
N PRO D 743 -18.95 34.14 -35.10
CA PRO D 743 -19.67 34.70 -33.94
C PRO D 743 -20.74 33.75 -33.40
N SER E 210 -12.92 3.12 67.81
CA SER E 210 -13.38 2.12 66.86
C SER E 210 -12.59 2.22 65.56
N ILE E 211 -12.84 1.28 64.64
CA ILE E 211 -12.15 1.28 63.35
C ILE E 211 -12.49 2.52 62.54
N ILE E 212 -13.61 3.18 62.84
CA ILE E 212 -14.06 4.37 62.13
C ILE E 212 -13.86 5.57 63.04
N ASN E 213 -13.36 6.67 62.47
CA ASN E 213 -13.18 7.89 63.23
C ASN E 213 -14.51 8.32 63.84
N PRO E 214 -14.55 8.66 65.12
CA PRO E 214 -15.85 8.97 65.75
C PRO E 214 -16.58 10.13 65.11
N ASP E 215 -15.86 11.12 64.57
CA ASP E 215 -16.47 12.33 64.03
C ASP E 215 -16.80 12.21 62.56
N TRP E 216 -16.49 11.09 61.92
CA TRP E 216 -16.71 10.97 60.48
C TRP E 216 -18.20 10.95 60.15
N ASN E 217 -18.57 11.61 59.06
CA ASN E 217 -19.92 11.54 58.52
C ASN E 217 -19.84 11.80 57.02
N PHE E 218 -20.89 11.38 56.30
CA PHE E 218 -20.88 11.50 54.85
C PHE E 218 -20.76 12.95 54.41
N GLU E 219 -21.40 13.87 55.13
CA GLU E 219 -21.52 15.25 54.65
C GLU E 219 -20.19 15.98 54.69
N LYS E 220 -19.26 15.58 55.56
CA LYS E 220 -18.04 16.35 55.77
C LYS E 220 -16.99 16.16 54.68
N MET E 221 -17.08 15.11 53.86
CA MET E 221 -16.02 14.88 52.88
C MET E 221 -16.17 15.71 51.62
N GLY E 222 -17.28 16.43 51.46
CA GLY E 222 -17.43 17.32 50.33
C GLY E 222 -17.52 16.63 48.98
N ILE E 223 -17.87 15.35 48.95
CA ILE E 223 -18.02 14.67 47.67
C ILE E 223 -19.28 15.14 46.97
N GLY E 224 -19.29 14.99 45.64
CA GLY E 224 -20.43 15.42 44.85
C GLY E 224 -21.48 14.33 44.68
N GLY E 225 -22.03 14.21 43.47
CA GLY E 225 -23.09 13.26 43.21
C GLY E 225 -22.60 11.87 42.89
N LEU E 226 -22.02 11.19 43.87
CA LEU E 226 -21.58 9.80 43.74
C LEU E 226 -22.21 8.94 44.84
N ASP E 227 -23.51 9.13 45.06
CA ASP E 227 -24.18 8.44 46.16
C ASP E 227 -24.18 6.93 45.95
N LYS E 228 -24.60 6.48 44.77
CA LYS E 228 -24.72 5.05 44.53
C LYS E 228 -23.37 4.35 44.64
N GLU E 229 -22.33 4.94 44.06
CA GLU E 229 -21.03 4.27 44.03
C GLU E 229 -20.46 4.08 45.43
N PHE E 230 -20.55 5.12 46.26
CA PHE E 230 -20.04 5.01 47.63
C PHE E 230 -20.82 3.97 48.41
N SER E 231 -22.14 3.94 48.24
CA SER E 231 -22.95 2.93 48.92
C SER E 231 -22.56 1.54 48.49
N ASP E 232 -22.32 1.34 47.19
CA ASP E 232 -21.90 0.02 46.71
C ASP E 232 -20.56 -0.37 47.30
N ILE E 233 -19.62 0.58 47.37
CA ILE E 233 -18.33 0.29 47.99
C ILE E 233 -18.52 -0.14 49.43
N PHE E 234 -19.29 0.63 50.20
CA PHE E 234 -19.48 0.30 51.60
C PHE E 234 -20.13 -1.06 51.75
N ARG E 235 -21.08 -1.39 50.88
CA ARG E 235 -21.74 -2.69 50.95
C ARG E 235 -20.76 -3.81 50.68
N ARG E 236 -20.02 -3.74 49.58
CA ARG E 236 -19.24 -4.86 49.09
C ARG E 236 -17.84 -4.93 49.65
N ALA E 237 -17.40 -3.95 50.43
CA ALA E 237 -16.02 -3.92 50.89
C ALA E 237 -15.90 -3.87 52.40
N PHE E 238 -16.86 -3.22 53.07
CA PHE E 238 -16.76 -2.98 54.51
C PHE E 238 -17.85 -3.66 55.32
N ALA E 239 -18.75 -4.40 54.69
CA ALA E 239 -19.81 -5.06 55.44
C ALA E 239 -19.25 -6.07 56.43
N SER E 240 -18.28 -6.87 56.00
CA SER E 240 -17.80 -7.98 56.83
C SER E 240 -17.08 -7.48 58.08
N ARG E 241 -16.26 -6.44 57.95
CA ARG E 241 -15.44 -5.99 59.09
C ARG E 241 -16.26 -5.38 60.22
N VAL E 242 -17.55 -5.08 60.00
CA VAL E 242 -18.32 -4.33 60.97
C VAL E 242 -19.11 -5.26 61.88
N PHE E 243 -19.48 -6.42 61.37
CA PHE E 243 -20.29 -7.36 62.14
C PHE E 243 -19.45 -8.00 63.25
N PRO E 244 -20.10 -8.51 64.29
CA PRO E 244 -19.35 -9.13 65.38
C PRO E 244 -18.55 -10.31 64.88
N PRO E 245 -17.40 -10.59 65.49
CA PRO E 245 -16.58 -11.70 65.01
C PRO E 245 -17.28 -13.05 65.05
N GLU E 246 -18.21 -13.24 65.99
CA GLU E 246 -18.82 -14.56 66.15
C GLU E 246 -19.55 -15.00 64.88
N ILE E 247 -20.41 -14.14 64.35
CA ILE E 247 -21.24 -14.54 63.21
C ILE E 247 -20.38 -14.68 61.95
N VAL E 248 -19.46 -13.74 61.72
CA VAL E 248 -18.62 -13.82 60.54
C VAL E 248 -17.77 -15.09 60.60
N GLU E 249 -17.27 -15.45 61.78
CA GLU E 249 -16.57 -16.72 61.93
C GLU E 249 -17.50 -17.89 61.64
N GLN E 250 -18.75 -17.79 62.09
CA GLN E 250 -19.71 -18.86 61.82
C GLN E 250 -19.84 -19.08 60.32
N MET E 251 -19.99 -18.01 59.54
CA MET E 251 -20.02 -18.17 58.09
C MET E 251 -18.67 -18.64 57.57
N GLY E 252 -17.58 -18.17 58.17
CA GLY E 252 -16.26 -18.55 57.71
C GLY E 252 -15.94 -18.07 56.31
N CYS E 253 -16.31 -16.83 55.98
CA CYS E 253 -16.06 -16.25 54.68
C CYS E 253 -14.83 -15.36 54.71
N LYS E 254 -14.17 -15.26 53.57
CA LYS E 254 -12.97 -14.44 53.43
C LYS E 254 -13.32 -13.00 53.07
N HIS E 255 -12.33 -12.14 53.17
CA HIS E 255 -12.52 -10.71 53.11
C HIS E 255 -11.93 -10.14 51.83
N VAL E 256 -12.53 -9.04 51.34
CA VAL E 256 -12.04 -8.41 50.13
C VAL E 256 -10.70 -7.73 50.42
N LYS E 257 -9.89 -7.57 49.36
CA LYS E 257 -8.55 -7.01 49.52
C LYS E 257 -8.17 -6.01 48.43
N GLY E 258 -9.09 -5.65 47.53
CA GLY E 258 -8.71 -4.84 46.39
C GLY E 258 -9.85 -3.97 45.89
N ILE E 259 -9.48 -2.90 45.20
CA ILE E 259 -10.43 -1.98 44.58
C ILE E 259 -9.73 -1.32 43.40
N LEU E 260 -10.47 -1.13 42.31
CA LEU E 260 -9.91 -0.55 41.09
C LEU E 260 -10.87 0.53 40.57
N LEU E 261 -10.51 1.79 40.82
CA LEU E 261 -11.29 2.92 40.33
C LEU E 261 -10.75 3.36 38.97
N TYR E 262 -11.65 3.74 38.07
CA TYR E 262 -11.25 4.24 36.76
C TYR E 262 -12.36 5.10 36.18
N GLY E 263 -11.98 5.92 35.20
CA GLY E 263 -12.90 6.82 34.55
C GLY E 263 -12.17 7.94 33.84
N PRO E 264 -12.92 8.86 33.24
CA PRO E 264 -12.30 9.97 32.53
C PRO E 264 -11.63 10.93 33.50
N PRO E 265 -10.74 11.79 33.02
CA PRO E 265 -9.98 12.65 33.94
C PRO E 265 -10.86 13.61 34.71
N GLY E 266 -10.42 13.97 35.91
CA GLY E 266 -11.06 15.00 36.69
C GLY E 266 -12.47 14.67 37.14
N CYS E 267 -12.67 13.46 37.68
CA CYS E 267 -13.97 13.06 38.19
C CYS E 267 -14.02 12.94 39.71
N GLY E 268 -12.88 12.68 40.36
CA GLY E 268 -12.85 12.62 41.81
C GLY E 268 -12.16 11.38 42.37
N LYS E 269 -11.48 10.62 41.51
CA LYS E 269 -10.87 9.38 41.96
C LYS E 269 -9.88 9.63 43.10
N THR E 270 -8.97 10.59 42.91
CA THR E 270 -8.01 10.90 43.97
C THR E 270 -8.72 11.43 45.20
N LEU E 271 -9.73 12.28 45.00
CA LEU E 271 -10.49 12.81 46.13
C LEU E 271 -11.16 11.69 46.91
N LEU E 272 -11.80 10.75 46.19
CA LEU E 272 -12.46 9.63 46.84
C LEU E 272 -11.45 8.77 47.60
N ALA E 273 -10.30 8.49 46.99
CA ALA E 273 -9.31 7.65 47.64
C ALA E 273 -8.80 8.30 48.93
N ARG E 274 -8.46 9.59 48.87
CA ARG E 274 -7.96 10.25 50.07
C ARG E 274 -9.04 10.37 51.13
N GLN E 275 -10.30 10.57 50.72
CA GLN E 275 -11.37 10.63 51.72
C GLN E 275 -11.59 9.28 52.38
N ILE E 276 -11.48 8.19 51.62
CA ILE E 276 -11.55 6.86 52.23
C ILE E 276 -10.40 6.69 53.21
N GLY E 277 -9.20 7.13 52.83
CA GLY E 277 -8.08 7.05 53.75
C GLY E 277 -8.34 7.81 55.04
N LYS E 278 -8.89 9.02 54.94
CA LYS E 278 -9.18 9.81 56.13
C LYS E 278 -10.26 9.15 56.98
N MET E 279 -11.26 8.53 56.34
CA MET E 279 -12.37 7.94 57.08
C MET E 279 -11.88 6.85 58.03
N LEU E 280 -10.99 5.99 57.57
CA LEU E 280 -10.57 4.83 58.34
C LEU E 280 -9.54 5.22 59.39
N ASN E 281 -9.71 4.68 60.60
CA ASN E 281 -8.76 4.86 61.69
C ASN E 281 -7.80 3.67 61.68
N ALA E 282 -6.57 3.89 61.21
CA ALA E 282 -5.55 2.85 61.13
C ALA E 282 -4.22 3.55 60.88
N ARG E 283 -3.21 2.76 60.54
CA ARG E 283 -1.89 3.33 60.27
C ARG E 283 -1.96 4.28 59.07
N GLU E 284 -1.06 5.25 59.07
CA GLU E 284 -1.04 6.27 58.02
C GLU E 284 -0.87 5.57 56.67
N PRO E 285 -1.79 5.77 55.71
CA PRO E 285 -1.68 5.04 54.45
C PRO E 285 -0.36 5.29 53.73
N LYS E 286 0.16 4.23 53.11
CA LYS E 286 1.37 4.32 52.31
C LYS E 286 0.99 4.67 50.87
N VAL E 287 1.70 5.62 50.29
CA VAL E 287 1.39 6.13 48.96
C VAL E 287 2.59 5.87 48.06
N VAL E 288 2.33 5.28 46.90
CA VAL E 288 3.35 5.05 45.87
C VAL E 288 3.06 6.03 44.74
N ASN E 289 3.85 7.10 44.68
CA ASN E 289 3.62 8.19 43.74
C ASN E 289 4.19 7.81 42.38
N GLY E 290 3.36 7.19 41.55
CA GLY E 290 3.73 6.88 40.19
C GLY E 290 4.89 5.92 40.10
N PRO E 291 5.65 5.99 39.01
CA PRO E 291 6.80 5.07 38.83
C PRO E 291 8.06 5.54 39.56
N GLU E 292 7.96 5.60 40.88
CA GLU E 292 9.07 5.95 41.75
C GLU E 292 9.81 4.71 42.22
N ILE E 293 9.30 3.53 41.88
N ILE E 293 9.30 3.52 41.89
CA ILE E 293 9.83 2.26 42.37
CA ILE E 293 9.88 2.28 42.40
C ILE E 293 10.98 1.74 41.51
C ILE E 293 10.97 1.71 41.50
N LEU E 294 11.10 2.21 40.28
CA LEU E 294 12.14 1.72 39.37
C LEU E 294 13.50 2.23 39.79
N ASN E 295 14.51 1.36 39.69
CA ASN E 295 15.89 1.70 39.99
C ASN E 295 16.79 1.02 38.97
N LYS E 296 17.97 1.61 38.76
CA LYS E 296 18.85 1.09 37.72
C LYS E 296 19.53 -0.20 38.14
N TYR E 297 19.94 -0.31 39.41
CA TYR E 297 20.56 -1.52 39.89
C TYR E 297 19.58 -2.69 39.83
N VAL E 298 20.11 -3.89 39.60
CA VAL E 298 19.30 -5.07 39.42
C VAL E 298 18.79 -5.56 40.76
N GLY E 299 17.51 -5.94 40.81
CA GLY E 299 16.93 -6.55 41.97
C GLY E 299 16.49 -5.61 43.07
N GLU E 300 16.63 -4.30 42.89
CA GLU E 300 16.26 -3.36 43.93
C GLU E 300 14.81 -2.90 43.84
N SER E 301 14.18 -3.00 42.66
CA SER E 301 12.76 -2.70 42.57
C SER E 301 11.93 -3.65 43.42
N GLU E 302 12.21 -4.95 43.33
CA GLU E 302 11.54 -5.91 44.18
C GLU E 302 11.81 -5.63 45.65
N ALA E 303 12.99 -5.10 45.96
CA ALA E 303 13.28 -4.74 47.34
C ALA E 303 12.26 -3.74 47.87
N ASN E 304 11.95 -2.70 47.10
CA ASN E 304 10.94 -1.73 47.52
C ASN E 304 9.54 -2.32 47.55
N ILE E 305 9.20 -3.10 46.51
CA ILE E 305 7.86 -3.68 46.43
C ILE E 305 7.59 -4.65 47.57
N ARG E 306 8.64 -5.21 48.18
CA ARG E 306 8.48 -6.05 49.36
C ARG E 306 8.64 -5.28 50.67
N LYS E 307 9.44 -4.21 50.67
N LYS E 307 9.43 -4.21 50.67
CA LYS E 307 9.51 -3.34 51.84
CA LYS E 307 9.52 -3.35 51.85
C LYS E 307 8.16 -2.74 52.15
C LYS E 307 8.17 -2.72 52.14
N LEU E 308 7.35 -2.48 51.12
CA LEU E 308 6.02 -1.91 51.36
C LEU E 308 5.19 -2.84 52.22
N PHE E 309 5.23 -4.14 51.97
CA PHE E 309 4.37 -5.11 52.65
C PHE E 309 5.02 -5.74 53.87
N ALA E 310 6.32 -5.50 54.09
CA ALA E 310 7.00 -6.15 55.21
C ALA E 310 6.34 -5.81 56.54
N ASP E 311 5.97 -4.54 56.75
CA ASP E 311 5.41 -4.14 58.03
C ASP E 311 4.08 -4.84 58.30
N ALA E 312 3.21 -4.91 57.29
CA ALA E 312 1.94 -5.59 57.46
C ALA E 312 2.15 -7.07 57.74
N GLU E 313 3.11 -7.70 57.04
CA GLU E 313 3.41 -9.10 57.33
C GLU E 313 3.86 -9.28 58.77
N GLU E 314 4.74 -8.39 59.24
CA GLU E 314 5.22 -8.51 60.62
C GLU E 314 4.09 -8.36 61.61
N GLU E 315 3.21 -7.38 61.41
CA GLU E 315 2.11 -7.17 62.34
C GLU E 315 1.17 -8.38 62.36
N GLN E 316 0.84 -8.90 61.18
CA GLN E 316 -0.05 -10.06 61.13
C GLN E 316 0.59 -11.26 61.80
N ARG E 317 1.89 -11.46 61.61
CA ARG E 317 2.58 -12.55 62.32
C ARG E 317 2.52 -12.34 63.82
N ARG E 318 2.73 -11.12 64.29
CA ARG E 318 2.84 -10.89 65.72
C ARG E 318 1.49 -11.04 66.42
N LEU E 319 0.42 -10.48 65.84
CA LEU E 319 -0.88 -10.50 66.49
C LEU E 319 -1.83 -11.55 65.94
N GLY E 320 -1.65 -12.00 64.69
CA GLY E 320 -2.52 -13.01 64.13
C GLY E 320 -3.78 -12.46 63.52
N ALA E 321 -4.91 -13.10 63.82
CA ALA E 321 -6.17 -12.71 63.16
C ALA E 321 -6.75 -11.43 63.72
N ASN E 322 -6.36 -11.03 64.93
CA ASN E 322 -6.92 -9.87 65.59
C ASN E 322 -6.07 -8.61 65.42
N SER E 323 -5.29 -8.54 64.35
CA SER E 323 -4.42 -7.40 64.09
C SER E 323 -5.19 -6.29 63.41
N GLY E 324 -4.56 -5.11 63.34
CA GLY E 324 -5.15 -3.97 62.67
C GLY E 324 -5.08 -4.09 61.17
N LEU E 325 -5.58 -3.07 60.49
CA LEU E 325 -5.62 -3.03 59.04
C LEU E 325 -4.60 -2.06 58.48
N HIS E 326 -4.04 -2.41 57.33
CA HIS E 326 -3.08 -1.57 56.62
C HIS E 326 -3.60 -1.29 55.22
N ILE E 327 -3.45 -0.04 54.80
CA ILE E 327 -3.98 0.44 53.53
C ILE E 327 -2.84 1.00 52.70
N ILE E 328 -2.75 0.58 51.44
CA ILE E 328 -1.71 1.01 50.51
C ILE E 328 -2.40 1.56 49.27
N ILE E 329 -1.95 2.73 48.80
CA ILE E 329 -2.56 3.42 47.68
C ILE E 329 -1.55 3.46 46.54
N PHE E 330 -1.95 2.94 45.38
CA PHE E 330 -1.13 2.97 44.18
C PHE E 330 -1.76 3.93 43.18
N ASP E 331 -0.96 4.87 42.68
CA ASP E 331 -1.42 5.88 41.74
C ASP E 331 -0.73 5.66 40.40
N GLU E 332 -1.50 5.78 39.33
CA GLU E 332 -1.03 5.50 37.97
C GLU E 332 -0.50 4.07 37.89
N ILE E 333 -1.38 3.13 38.23
CA ILE E 333 -1.00 1.72 38.28
C ILE E 333 -0.56 1.23 36.91
N ASP E 334 -1.18 1.74 35.84
CA ASP E 334 -0.85 1.27 34.50
C ASP E 334 0.63 1.49 34.18
N ALA E 335 1.26 2.47 34.83
CA ALA E 335 2.68 2.70 34.59
C ALA E 335 3.51 1.49 35.02
N ILE E 336 3.18 0.91 36.17
CA ILE E 336 3.93 -0.22 36.69
C ILE E 336 3.45 -1.54 36.09
N CYS E 337 2.16 -1.81 36.20
CA CYS E 337 1.60 -3.12 35.86
C CYS E 337 1.06 -3.09 34.44
N LYS E 338 1.72 -3.82 33.54
CA LYS E 338 1.23 -4.05 32.19
C LYS E 338 1.47 -5.51 31.84
N GLN E 339 0.82 -5.96 30.77
CA GLN E 339 0.88 -7.37 30.40
C GLN E 339 2.32 -7.82 30.24
N ARG E 340 2.66 -8.91 30.92
CA ARG E 340 4.04 -9.40 30.92
C ARG E 340 4.48 -9.79 29.51
N GLY E 341 3.63 -10.53 28.79
CA GLY E 341 3.99 -10.97 27.45
C GLY E 341 4.10 -9.81 26.48
N SER E 342 3.15 -8.88 26.53
CA SER E 342 3.11 -7.75 25.59
C SER E 342 3.86 -6.58 26.20
N MET E 343 5.19 -6.57 26.07
CA MET E 343 6.04 -5.55 26.72
C MET E 343 7.34 -5.37 25.93
N ALA E 344 8.14 -4.34 26.24
CA ALA E 344 9.44 -4.09 25.58
C ALA E 344 10.40 -5.23 25.92
N GLY E 345 11.29 -5.59 24.99
CA GLY E 345 12.27 -6.68 25.20
C GLY E 345 13.62 -6.14 25.62
N SER E 346 13.76 -4.82 25.75
CA SER E 346 15.04 -4.17 26.16
C SER E 346 15.44 -4.68 27.54
N THR E 347 14.49 -4.85 28.47
CA THR E 347 14.76 -5.30 29.85
C THR E 347 13.60 -6.13 30.39
N GLY E 348 13.86 -7.21 31.15
CA GLY E 348 12.84 -7.99 31.83
C GLY E 348 12.49 -7.44 33.19
N VAL E 349 12.86 -6.18 33.46
CA VAL E 349 12.61 -5.60 34.77
C VAL E 349 11.11 -5.54 35.06
N HIS E 350 10.33 -5.13 34.07
CA HIS E 350 8.88 -4.98 34.29
C HIS E 350 8.23 -6.31 34.64
N ASP E 351 8.59 -7.38 33.91
CA ASP E 351 8.00 -8.67 34.18
C ASP E 351 8.33 -9.16 35.57
N THR E 352 9.58 -8.99 36.00
CA THR E 352 9.95 -9.39 37.35
C THR E 352 9.16 -8.60 38.39
N VAL E 353 8.95 -7.30 38.14
CA VAL E 353 8.16 -6.49 39.06
C VAL E 353 6.73 -7.00 39.15
N VAL E 354 6.10 -7.29 38.01
CA VAL E 354 4.74 -7.78 38.03
C VAL E 354 4.65 -9.12 38.75
N ASN E 355 5.60 -10.02 38.50
CA ASN E 355 5.59 -11.32 39.15
C ASN E 355 5.78 -11.17 40.66
N GLN E 356 6.68 -10.28 41.08
CA GLN E 356 6.88 -10.05 42.51
C GLN E 356 5.59 -9.53 43.15
N LEU E 357 4.92 -8.59 42.50
CA LEU E 357 3.69 -8.06 43.06
C LEU E 357 2.63 -9.15 43.17
N LEU E 358 2.48 -9.95 42.11
CA LEU E 358 1.49 -11.03 42.14
C LEU E 358 1.79 -12.03 43.24
N SER E 359 3.05 -12.41 43.40
CA SER E 359 3.41 -13.35 44.45
C SER E 359 3.14 -12.77 45.83
N LYS E 360 3.51 -11.51 46.04
CA LYS E 360 3.35 -10.91 47.36
C LYS E 360 1.88 -10.76 47.73
N ILE E 361 1.05 -10.29 46.79
CA ILE E 361 -0.36 -10.05 47.11
C ILE E 361 -1.07 -11.36 47.45
N ASP E 362 -0.81 -12.41 46.65
CA ASP E 362 -1.43 -13.72 46.87
C ASP E 362 -0.39 -14.79 46.55
N GLY E 363 0.32 -15.23 47.59
CA GLY E 363 1.32 -16.26 47.45
C GLY E 363 1.01 -17.47 48.30
N VAL E 364 2.00 -18.35 48.51
CA VAL E 364 1.79 -19.52 49.35
C VAL E 364 1.44 -19.08 50.77
N GLU E 365 2.18 -18.10 51.31
CA GLU E 365 1.82 -17.53 52.60
C GLU E 365 0.58 -16.65 52.45
N GLN E 366 -0.32 -16.75 53.42
CA GLN E 366 -1.59 -16.05 53.37
C GLN E 366 -1.55 -14.81 54.25
N LEU E 367 -1.87 -13.66 53.65
CA LEU E 367 -1.96 -12.39 54.37
C LEU E 367 -3.37 -11.84 54.18
N ASN E 368 -3.98 -11.37 55.27
CA ASN E 368 -5.39 -11.02 55.24
C ASN E 368 -5.71 -9.74 55.99
N ASN E 369 -4.75 -8.84 56.18
CA ASN E 369 -4.98 -7.57 56.86
C ASN E 369 -4.43 -6.42 56.03
N ILE E 370 -4.65 -6.45 54.71
CA ILE E 370 -4.14 -5.43 53.80
C ILE E 370 -5.24 -5.07 52.81
N LEU E 371 -5.34 -3.79 52.50
CA LEU E 371 -6.24 -3.28 51.47
C LEU E 371 -5.46 -2.39 50.52
N VAL E 372 -5.58 -2.65 49.22
CA VAL E 372 -4.82 -1.94 48.20
C VAL E 372 -5.79 -1.22 47.29
N ILE E 373 -5.50 0.05 47.02
CA ILE E 373 -6.35 0.90 46.19
C ILE E 373 -5.54 1.33 44.97
N GLY E 374 -6.13 1.15 43.79
CA GLY E 374 -5.47 1.51 42.55
C GLY E 374 -6.36 2.32 41.62
N MET E 375 -5.81 3.40 41.07
CA MET E 375 -6.55 4.30 40.20
C MET E 375 -5.80 4.43 38.88
N THR E 376 -6.55 4.49 37.78
CA THR E 376 -5.96 4.60 36.45
C THR E 376 -6.93 5.32 35.53
N ASN E 377 -6.55 5.39 34.25
CA ASN E 377 -7.37 5.98 33.21
C ASN E 377 -7.56 5.08 32.00
N ARG E 378 -6.75 4.02 31.86
CA ARG E 378 -6.82 3.11 30.72
C ARG E 378 -6.86 1.69 31.26
N PRO E 379 -8.02 1.23 31.73
CA PRO E 379 -8.07 -0.09 32.38
C PRO E 379 -7.72 -1.24 31.47
N ASP E 380 -7.77 -1.05 30.14
CA ASP E 380 -7.50 -2.16 29.23
C ASP E 380 -6.07 -2.67 29.37
N LEU E 381 -5.10 -1.76 29.54
CA LEU E 381 -3.70 -2.16 29.53
C LEU E 381 -3.34 -3.08 30.68
N ILE E 382 -4.12 -3.08 31.77
CA ILE E 382 -3.75 -3.87 32.94
C ILE E 382 -3.79 -5.35 32.60
N ASP E 383 -2.91 -6.12 33.23
CA ASP E 383 -2.85 -7.55 33.01
C ASP E 383 -4.12 -8.23 33.52
N GLU E 384 -4.53 -9.29 32.81
CA GLU E 384 -5.73 -10.02 33.20
C GLU E 384 -5.51 -10.81 34.48
N ALA E 385 -4.31 -11.37 34.67
CA ALA E 385 -4.06 -12.24 35.81
C ALA E 385 -4.29 -11.53 37.15
N LEU E 386 -4.22 -10.20 37.18
CA LEU E 386 -4.37 -9.47 38.42
C LEU E 386 -5.80 -9.09 38.72
N LEU E 387 -6.64 -8.95 37.69
CA LEU E 387 -8.03 -8.55 37.88
C LEU E 387 -8.94 -9.79 37.98
N ARG E 388 -8.62 -10.63 38.94
CA ARG E 388 -9.38 -11.84 39.24
C ARG E 388 -9.74 -11.85 40.71
N PRO E 389 -10.78 -12.59 41.10
CA PRO E 389 -11.20 -12.59 42.51
C PRO E 389 -10.07 -13.01 43.43
N GLY E 390 -9.97 -12.32 44.56
CA GLY E 390 -8.91 -12.51 45.52
C GLY E 390 -7.87 -11.41 45.50
N ARG E 391 -7.71 -10.72 44.37
CA ARG E 391 -6.78 -9.60 44.26
C ARG E 391 -7.51 -8.28 44.03
N LEU E 392 -8.32 -8.18 42.98
CA LEU E 392 -9.17 -7.02 42.75
C LEU E 392 -10.42 -7.52 42.03
N GLU E 393 -11.49 -7.77 42.79
CA GLU E 393 -12.76 -8.21 42.21
C GLU E 393 -13.73 -7.06 41.98
N VAL E 394 -13.78 -6.10 42.89
CA VAL E 394 -14.68 -4.96 42.76
C VAL E 394 -14.02 -3.92 41.86
N LYS E 395 -14.70 -3.54 40.78
CA LYS E 395 -14.17 -2.62 39.78
C LYS E 395 -15.27 -1.62 39.43
N MET E 396 -15.10 -0.37 39.84
CA MET E 396 -16.09 0.66 39.59
C MET E 396 -15.73 1.49 38.36
N GLU E 397 -16.71 2.23 37.88
CA GLU E 397 -16.54 3.19 36.80
C GLU E 397 -17.16 4.51 37.22
N ILE E 398 -16.35 5.56 37.27
CA ILE E 398 -16.82 6.90 37.57
C ILE E 398 -17.12 7.62 36.27
N GLY E 399 -18.22 8.36 36.24
CA GLY E 399 -18.64 9.03 35.03
C GLY E 399 -19.04 10.48 35.28
N LEU E 400 -19.49 11.15 34.23
CA LEU E 400 -19.90 12.54 34.36
C LEU E 400 -21.18 12.61 35.20
N PRO E 401 -21.36 13.68 35.99
CA PRO E 401 -22.53 13.79 36.85
C PRO E 401 -23.76 14.18 36.05
N ASP E 402 -24.88 14.29 36.77
CA ASP E 402 -26.16 14.68 36.20
C ASP E 402 -26.56 16.05 36.76
N GLU E 403 -27.76 16.49 36.42
CA GLU E 403 -28.21 17.82 36.85
C GLU E 403 -28.20 17.93 38.36
N LYS E 404 -28.69 16.91 39.06
CA LYS E 404 -28.65 16.93 40.52
C LYS E 404 -27.22 16.95 41.03
N GLY E 405 -26.35 16.14 40.43
CA GLY E 405 -24.95 16.16 40.83
C GLY E 405 -24.29 17.49 40.56
N ARG E 406 -24.68 18.13 39.45
CA ARG E 406 -24.11 19.42 39.01
C ARG E 406 -24.58 20.50 39.99
N LEU E 407 -25.80 20.39 40.52
CA LEU E 407 -26.30 21.30 41.54
C LEU E 407 -25.57 21.10 42.86
N GLN E 408 -25.38 19.85 43.27
CA GLN E 408 -24.69 19.57 44.53
C GLN E 408 -23.25 20.07 44.47
N ILE E 409 -22.58 19.85 43.34
CA ILE E 409 -21.19 20.28 43.21
C ILE E 409 -21.10 21.79 43.30
N LEU E 410 -21.95 22.50 42.54
CA LEU E 410 -21.94 23.96 42.61
C LEU E 410 -22.24 24.44 44.02
N HIS E 411 -23.10 23.72 44.75
CA HIS E 411 -23.39 24.10 46.12
C HIS E 411 -22.17 23.95 47.01
N ILE E 412 -21.41 22.87 46.84
CA ILE E 412 -20.29 22.60 47.74
C ILE E 412 -19.25 23.71 47.72
N HIS E 413 -19.08 24.40 46.60
CA HIS E 413 -18.03 25.42 46.51
C HIS E 413 -18.53 26.81 46.89
N THR E 414 -19.76 27.16 46.53
CA THR E 414 -20.27 28.49 46.80
C THR E 414 -20.47 28.74 48.30
N ALA E 415 -20.49 27.67 49.10
CA ALA E 415 -20.86 27.76 50.52
C ALA E 415 -20.25 28.96 51.23
N ARG E 416 -18.92 29.11 51.16
CA ARG E 416 -18.25 30.14 51.95
C ARG E 416 -18.65 31.54 51.50
N MET E 417 -18.82 31.75 50.19
CA MET E 417 -19.20 33.07 49.72
C MET E 417 -20.54 33.50 50.28
N ARG E 418 -21.53 32.58 50.29
CA ARG E 418 -22.79 32.87 50.95
C ARG E 418 -22.59 33.09 52.44
N GLY E 419 -21.74 32.29 53.06
CA GLY E 419 -21.52 32.43 54.49
C GLY E 419 -21.04 33.82 54.87
N HIS E 420 -20.16 34.39 54.04
CA HIS E 420 -19.58 35.71 54.31
C HIS E 420 -20.29 36.82 53.54
N GLN E 421 -21.41 36.53 52.88
CA GLN E 421 -22.19 37.53 52.16
C GLN E 421 -21.35 38.23 51.09
N LEU E 422 -20.82 37.43 50.17
CA LEU E 422 -20.04 37.94 49.04
C LEU E 422 -20.66 37.56 47.70
N LEU E 423 -21.88 37.04 47.69
CA LEU E 423 -22.55 36.63 46.46
C LEU E 423 -23.83 37.43 46.30
N SER E 424 -24.05 37.99 45.11
CA SER E 424 -25.24 38.80 44.81
C SER E 424 -26.46 37.90 44.77
N ALA E 425 -27.62 38.41 45.16
CA ALA E 425 -28.86 37.65 45.25
C ALA E 425 -29.42 37.27 43.89
N ASP E 426 -29.03 37.98 42.83
CA ASP E 426 -29.55 37.70 41.50
C ASP E 426 -29.07 36.37 40.94
N VAL E 427 -28.08 35.74 41.57
CA VAL E 427 -27.52 34.49 41.06
C VAL E 427 -28.50 33.35 41.35
N ASP E 428 -28.82 32.58 40.32
CA ASP E 428 -29.71 31.42 40.44
C ASP E 428 -28.88 30.17 40.13
N ILE E 429 -28.62 29.36 41.15
CA ILE E 429 -27.78 28.19 40.96
C ILE E 429 -28.48 27.17 40.07
N LYS E 430 -29.80 27.06 40.18
CA LYS E 430 -30.53 26.09 39.38
C LYS E 430 -30.37 26.38 37.89
N GLU E 431 -30.48 27.65 37.51
CA GLU E 431 -30.29 28.03 36.12
C GLU E 431 -28.90 27.65 35.64
N LEU E 432 -27.89 27.95 36.46
CA LEU E 432 -26.52 27.62 36.08
C LEU E 432 -26.37 26.12 35.86
N ALA E 433 -26.90 25.32 36.78
CA ALA E 433 -26.87 23.87 36.60
C ALA E 433 -27.57 23.45 35.32
N VAL E 434 -28.62 24.17 34.95
CA VAL E 434 -29.33 23.85 33.72
C VAL E 434 -28.42 24.10 32.51
N GLU E 435 -27.77 25.26 32.45
CA GLU E 435 -26.96 25.58 31.28
C GLU E 435 -25.74 24.67 31.17
N THR E 436 -25.06 24.40 32.28
CA THR E 436 -23.79 23.70 32.23
C THR E 436 -23.98 22.23 31.94
N LYS E 437 -24.01 21.87 30.65
CA LYS E 437 -24.27 20.50 30.21
C LYS E 437 -22.95 19.83 29.85
N ASN E 438 -22.77 18.59 30.33
CA ASN E 438 -21.60 17.75 30.10
C ASN E 438 -20.38 18.20 30.87
N PHE E 439 -20.50 19.21 31.73
CA PHE E 439 -19.36 19.64 32.53
C PHE E 439 -19.01 18.58 33.58
N SER E 440 -17.82 18.71 34.14
CA SER E 440 -17.35 17.86 35.22
C SER E 440 -17.07 18.73 36.45
N GLY E 441 -16.72 18.08 37.56
CA GLY E 441 -16.46 18.83 38.78
C GLY E 441 -15.31 19.80 38.62
N ALA E 442 -14.22 19.37 38.01
CA ALA E 442 -13.08 20.25 37.82
C ALA E 442 -13.46 21.47 36.99
N GLU E 443 -14.22 21.25 35.91
CA GLU E 443 -14.62 22.36 35.07
C GLU E 443 -15.57 23.31 35.80
N LEU E 444 -16.45 22.76 36.65
CA LEU E 444 -17.34 23.62 37.43
C LEU E 444 -16.54 24.50 38.39
N GLU E 445 -15.56 23.91 39.08
CA GLU E 445 -14.72 24.70 39.96
C GLU E 445 -13.93 25.74 39.19
N GLY E 446 -13.45 25.39 37.99
CA GLY E 446 -12.76 26.36 37.18
C GLY E 446 -13.65 27.52 36.75
N LEU E 447 -14.91 27.22 36.41
CA LEU E 447 -15.86 28.27 36.08
C LEU E 447 -16.07 29.20 37.25
N VAL E 448 -16.24 28.63 38.46
CA VAL E 448 -16.39 29.45 39.64
C VAL E 448 -15.17 30.35 39.85
N ARG E 449 -13.97 29.77 39.69
CA ARG E 449 -12.75 30.55 39.87
C ARG E 449 -12.66 31.67 38.83
N ALA E 450 -13.04 31.38 37.58
CA ALA E 450 -12.97 32.40 36.54
C ALA E 450 -13.93 33.55 36.82
N ALA E 451 -15.14 33.23 37.26
CA ALA E 451 -16.08 34.29 37.63
C ALA E 451 -15.52 35.13 38.77
N GLN E 452 -14.92 34.46 39.76
CA GLN E 452 -14.30 35.17 40.87
C GLN E 452 -13.21 36.11 40.39
N SER E 453 -12.35 35.64 39.49
CA SER E 453 -11.26 36.47 38.99
C SER E 453 -11.81 37.67 38.21
N THR E 454 -12.83 37.45 37.39
CA THR E 454 -13.43 38.55 36.66
C THR E 454 -13.99 39.60 37.61
N ALA E 455 -14.67 39.17 38.67
CA ALA E 455 -15.18 40.11 39.66
C ALA E 455 -14.04 40.86 40.33
N MET E 456 -12.94 40.16 40.61
CA MET E 456 -11.85 40.75 41.37
C MET E 456 -11.07 41.76 40.53
N ASN E 457 -11.02 41.57 39.21
CA ASN E 457 -10.16 42.37 38.35
C ASN E 457 -10.56 43.84 38.27
N ARG E 458 -11.76 44.18 38.74
CA ARG E 458 -12.31 45.52 38.55
C ARG E 458 -11.83 46.53 39.58
N HIS E 459 -10.89 46.14 40.45
CA HIS E 459 -10.38 47.04 41.48
C HIS E 459 -8.88 47.23 41.39
N ILE E 460 -8.30 47.01 40.21
CA ILE E 460 -6.86 47.15 39.99
C ILE E 460 -6.65 47.98 38.72
N LYS E 461 -5.69 48.90 38.77
CA LYS E 461 -5.34 49.75 37.63
C LYS E 461 -3.92 49.42 37.21
N ALA E 462 -3.78 48.40 36.38
CA ALA E 462 -2.51 47.95 35.84
C ALA E 462 -2.20 48.61 34.51
N SER E 463 -1.23 48.05 33.79
CA SER E 463 -0.88 48.47 32.43
C SER E 463 0.00 49.71 32.39
N THR E 464 0.16 50.40 33.52
CA THR E 464 1.30 51.29 33.69
C THR E 464 2.04 50.93 34.96
N LYS E 465 1.31 50.80 36.08
CA LYS E 465 1.85 50.33 37.34
C LYS E 465 0.68 49.85 38.18
N VAL E 466 0.84 48.70 38.82
CA VAL E 466 -0.27 48.01 39.46
C VAL E 466 -0.58 48.68 40.79
N GLU E 467 -1.86 48.99 41.01
CA GLU E 467 -2.34 49.57 42.26
C GLU E 467 -3.68 48.94 42.62
N VAL E 468 -4.06 49.09 43.89
CA VAL E 468 -5.32 48.58 44.42
C VAL E 468 -5.98 49.68 45.23
N ASP E 469 -7.31 49.74 45.17
CA ASP E 469 -8.04 50.82 45.81
C ASP E 469 -7.96 50.73 47.33
N MET E 470 -8.38 49.59 47.89
CA MET E 470 -8.25 49.31 49.32
C MET E 470 -9.28 50.05 50.16
N GLU E 471 -10.03 50.97 49.56
CA GLU E 471 -11.10 51.65 50.27
C GLU E 471 -12.43 51.50 49.53
N LYS E 472 -12.38 51.40 48.21
CA LYS E 472 -13.52 50.97 47.40
C LYS E 472 -13.46 49.48 47.11
N ALA E 473 -12.48 48.77 47.67
CA ALA E 473 -12.27 47.35 47.43
C ALA E 473 -12.76 46.50 48.61
N GLU E 474 -13.48 47.09 49.56
CA GLU E 474 -14.01 46.37 50.71
C GLU E 474 -15.51 46.15 50.58
N SER E 475 -16.04 46.34 49.37
CA SER E 475 -17.46 46.16 49.13
C SER E 475 -17.64 45.29 47.89
N LEU E 476 -16.86 44.22 47.80
CA LEU E 476 -16.84 43.36 46.63
C LEU E 476 -18.01 42.40 46.65
N GLN E 477 -18.50 42.08 45.45
CA GLN E 477 -19.60 41.13 45.30
C GLN E 477 -19.57 40.58 43.88
N VAL E 478 -20.14 39.40 43.71
CA VAL E 478 -20.14 38.68 42.43
C VAL E 478 -21.55 38.69 41.88
N THR E 479 -21.70 39.20 40.66
CA THR E 479 -23.00 39.25 40.00
C THR E 479 -23.14 38.10 39.01
N ARG E 480 -24.34 37.99 38.42
CA ARG E 480 -24.59 36.94 37.44
C ARG E 480 -23.96 37.25 36.09
N GLY E 481 -23.65 38.51 35.80
CA GLY E 481 -23.04 38.83 34.53
C GLY E 481 -21.70 38.17 34.35
N ASP E 482 -20.91 38.10 35.43
CA ASP E 482 -19.60 37.46 35.35
C ASP E 482 -19.72 35.99 34.94
N PHE E 483 -20.69 35.29 35.53
CA PHE E 483 -20.88 33.88 35.17
C PHE E 483 -21.24 33.73 33.70
N LEU E 484 -22.14 34.59 33.20
CA LEU E 484 -22.52 34.52 31.80
C LEU E 484 -21.34 34.80 30.89
N ALA E 485 -20.54 35.81 31.21
CA ALA E 485 -19.38 36.12 30.39
C ALA E 485 -18.39 34.95 30.38
N SER E 486 -18.11 34.39 31.55
CA SER E 486 -17.17 33.28 31.63
C SER E 486 -17.68 32.07 30.85
N LEU E 487 -18.93 31.80 30.86
CA LEU E 487 -19.46 30.61 30.22
C LEU E 487 -19.30 30.63 28.70
N GLU E 488 -18.96 31.77 28.10
CA GLU E 488 -18.77 31.84 26.66
C GLU E 488 -17.33 32.11 26.25
N ASN E 489 -16.48 32.61 27.15
CA ASN E 489 -15.12 33.00 26.81
C ASN E 489 -14.06 32.09 27.43
N ASP E 490 -14.21 31.71 28.69
CA ASP E 490 -13.12 31.05 29.40
C ASP E 490 -13.21 29.53 29.34
N ILE E 491 -14.32 28.97 29.80
CA ILE E 491 -14.42 27.52 30.00
C ILE E 491 -15.25 26.92 28.86
N LYS E 492 -14.68 25.96 28.12
CA LYS E 492 -15.40 25.14 27.16
C LYS E 492 -15.32 23.69 27.59
N PRO E 493 -16.39 22.91 27.38
CA PRO E 493 -16.38 21.51 27.85
C PRO E 493 -15.35 20.69 27.08
N ALA E 494 -14.53 19.95 27.82
CA ALA E 494 -13.55 19.07 27.19
C ALA E 494 -14.24 18.00 26.36
N PHE E 495 -15.32 17.43 26.89
CA PHE E 495 -16.14 16.48 26.13
C PHE E 495 -17.01 17.28 25.17
N GLY E 496 -16.82 17.05 23.86
CA GLY E 496 -17.53 17.81 22.86
C GLY E 496 -19.02 17.85 23.10
N THR E 497 -19.61 19.04 23.01
CA THR E 497 -21.03 19.19 23.26
C THR E 497 -21.84 18.29 22.33
N ASN E 498 -22.75 17.51 22.91
CA ASN E 498 -23.59 16.62 22.13
C ASN E 498 -24.78 17.33 21.50
N GLN E 499 -25.21 18.45 22.07
CA GLN E 499 -26.29 19.23 21.47
C GLN E 499 -25.86 19.71 20.10
N GLU E 500 -26.72 19.49 19.10
CA GLU E 500 -26.42 19.96 17.76
C GLU E 500 -26.46 21.48 17.71
N ASP E 501 -25.77 22.05 16.72
CA ASP E 501 -25.69 23.49 16.54
C ASP E 501 -26.84 23.93 15.63
N TYR E 502 -28.04 23.99 16.22
CA TYR E 502 -29.22 24.26 15.40
C TYR E 502 -29.17 25.63 14.77
N ALA E 503 -28.37 26.56 15.31
CA ALA E 503 -28.25 27.88 14.71
C ALA E 503 -27.70 27.79 13.29
N SER E 504 -26.74 26.90 13.07
CA SER E 504 -26.15 26.77 11.75
C SER E 504 -27.19 26.37 10.70
N TYR E 505 -28.04 25.40 11.04
CA TYR E 505 -29.03 24.93 10.09
C TYR E 505 -30.21 25.90 9.96
N ILE E 506 -30.61 26.52 11.06
CA ILE E 506 -31.66 27.53 11.06
C ILE E 506 -30.97 28.88 11.29
N MET E 507 -30.64 29.57 10.20
CA MET E 507 -29.87 30.80 10.27
C MET E 507 -30.72 32.06 10.19
N ASN E 508 -32.00 31.95 9.82
CA ASN E 508 -32.86 33.11 9.73
C ASN E 508 -34.26 32.82 10.27
N GLY E 509 -34.39 31.83 11.14
CA GLY E 509 -35.67 31.54 11.73
C GLY E 509 -36.68 31.03 10.71
N ILE E 510 -37.94 31.04 11.13
CA ILE E 510 -39.05 30.58 10.32
C ILE E 510 -40.18 31.60 10.43
N ILE E 511 -40.77 31.95 9.29
CA ILE E 511 -41.84 32.93 9.21
C ILE E 511 -43.05 32.27 8.56
N LYS E 512 -44.23 32.46 9.15
CA LYS E 512 -45.46 31.84 8.67
C LYS E 512 -46.02 32.68 7.53
N TRP E 513 -45.56 32.42 6.31
CA TRP E 513 -46.05 33.13 5.14
C TRP E 513 -47.23 32.42 4.48
N GLY E 514 -47.64 31.25 4.99
CA GLY E 514 -48.76 30.55 4.39
C GLY E 514 -49.13 29.32 5.19
N ASP E 515 -50.28 28.75 4.82
CA ASP E 515 -50.77 27.55 5.49
C ASP E 515 -49.81 26.37 5.40
N PRO E 516 -49.13 26.12 4.28
CA PRO E 516 -48.31 24.89 4.18
C PRO E 516 -47.32 24.74 5.31
N VAL E 517 -46.76 25.83 5.84
CA VAL E 517 -45.83 25.71 6.94
C VAL E 517 -46.51 25.05 8.14
N THR E 518 -47.68 25.56 8.51
CA THR E 518 -48.41 24.98 9.63
C THR E 518 -48.81 23.55 9.34
N ARG E 519 -49.22 23.26 8.10
CA ARG E 519 -49.61 21.90 7.75
C ARG E 519 -48.44 20.93 7.94
N VAL E 520 -47.26 21.31 7.46
CA VAL E 520 -46.09 20.46 7.59
C VAL E 520 -45.73 20.25 9.06
N LEU E 521 -45.75 21.32 9.84
CA LEU E 521 -45.41 21.19 11.25
C LEU E 521 -46.39 20.28 11.98
N ASP E 522 -47.69 20.41 11.66
CA ASP E 522 -48.68 19.55 12.29
C ASP E 522 -48.46 18.09 11.92
N ASP E 523 -48.14 17.82 10.65
CA ASP E 523 -47.87 16.44 10.26
C ASP E 523 -46.67 15.88 11.00
N GLY E 524 -45.62 16.68 11.14
CA GLY E 524 -44.45 16.24 11.88
C GLY E 524 -44.78 15.93 13.33
N GLU E 525 -45.58 16.79 13.96
CA GLU E 525 -45.99 16.54 15.34
C GLU E 525 -46.79 15.23 15.45
N LEU E 526 -47.68 14.99 14.49
CA LEU E 526 -48.45 13.75 14.51
C LEU E 526 -47.54 12.53 14.41
N LEU E 527 -46.55 12.59 13.51
CA LEU E 527 -45.62 11.48 13.39
C LEU E 527 -44.84 11.26 14.68
N VAL E 528 -44.40 12.35 15.32
CA VAL E 528 -43.66 12.23 16.57
C VAL E 528 -44.52 11.55 17.62
N GLN E 529 -45.79 11.97 17.73
CA GLN E 529 -46.68 11.35 18.70
C GLN E 529 -46.85 9.87 18.41
N GLN E 530 -47.06 9.52 17.13
CA GLN E 530 -47.27 8.11 16.79
C GLN E 530 -46.07 7.27 17.18
N THR E 531 -44.86 7.74 16.86
CA THR E 531 -43.68 6.96 17.21
C THR E 531 -43.48 6.89 18.72
N LYS E 532 -43.91 7.92 19.44
CA LYS E 532 -43.74 7.91 20.89
C LYS E 532 -44.70 6.96 21.58
N ASN E 533 -45.94 6.85 21.08
CA ASN E 533 -46.97 6.11 21.79
C ASN E 533 -47.43 4.87 21.03
N SER E 534 -46.49 4.09 20.51
CA SER E 534 -46.81 2.88 19.77
C SER E 534 -45.91 1.74 20.20
N ASP E 535 -46.41 0.51 20.04
CA ASP E 535 -45.66 -0.69 20.36
C ASP E 535 -45.63 -1.71 19.24
N ARG E 536 -46.60 -1.68 18.32
CA ARG E 536 -46.58 -2.60 17.19
C ARG E 536 -45.58 -2.18 16.12
N THR E 537 -45.21 -0.91 16.07
CA THR E 537 -44.34 -0.36 15.03
C THR E 537 -43.21 0.42 15.68
N PRO E 538 -42.18 -0.27 16.16
CA PRO E 538 -41.08 0.44 16.83
C PRO E 538 -40.27 1.35 15.91
N LEU E 539 -40.36 1.18 14.60
CA LEU E 539 -39.58 1.95 13.64
C LEU E 539 -40.50 2.67 12.67
N VAL E 540 -40.23 3.95 12.44
CA VAL E 540 -41.02 4.77 11.53
C VAL E 540 -40.07 5.61 10.67
N SER E 541 -40.50 5.89 9.45
CA SER E 541 -39.71 6.65 8.50
C SER E 541 -40.61 7.61 7.73
N VAL E 542 -40.01 8.70 7.25
CA VAL E 542 -40.75 9.72 6.51
C VAL E 542 -39.75 10.46 5.61
N LEU E 543 -40.25 10.98 4.50
CA LEU E 543 -39.43 11.66 3.51
C LEU E 543 -40.04 13.01 3.19
N LEU E 544 -39.19 14.04 3.17
CA LEU E 544 -39.58 15.40 2.79
C LEU E 544 -39.01 15.70 1.41
N GLU E 545 -39.89 16.11 0.48
CA GLU E 545 -39.49 16.36 -0.89
C GLU E 545 -40.09 17.66 -1.38
N GLY E 546 -39.38 18.32 -2.29
CA GLY E 546 -39.84 19.56 -2.87
C GLY E 546 -38.84 20.13 -3.86
N PRO E 547 -39.18 21.24 -4.49
CA PRO E 547 -38.28 21.86 -5.46
C PRO E 547 -37.10 22.51 -4.74
N PRO E 548 -36.01 22.80 -5.46
CA PRO E 548 -34.83 23.38 -4.82
C PRO E 548 -35.12 24.77 -4.27
N HIS E 549 -34.39 25.12 -3.21
CA HIS E 549 -34.54 26.42 -2.55
C HIS E 549 -35.92 26.58 -1.93
N SER E 550 -36.41 25.53 -1.27
CA SER E 550 -37.69 25.57 -0.57
C SER E 550 -37.56 25.59 0.94
N GLY E 551 -36.41 25.22 1.49
CA GLY E 551 -36.21 25.25 2.92
C GLY E 551 -36.56 23.93 3.59
N LYS E 552 -36.16 22.82 2.97
CA LYS E 552 -36.46 21.52 3.55
C LYS E 552 -35.61 21.25 4.78
N THR E 553 -34.33 21.59 4.73
CA THR E 553 -33.44 21.30 5.84
C THR E 553 -33.86 22.06 7.10
N ALA E 554 -34.22 23.33 6.97
CA ALA E 554 -34.62 24.11 8.14
C ALA E 554 -35.89 23.53 8.77
N LEU E 555 -36.87 23.16 7.93
CA LEU E 555 -38.10 22.59 8.46
C LEU E 555 -37.84 21.24 9.14
N ALA E 556 -36.99 20.41 8.56
CA ALA E 556 -36.67 19.14 9.20
C ALA E 556 -35.98 19.37 10.55
N ALA E 557 -35.04 20.32 10.59
CA ALA E 557 -34.37 20.62 11.86
C ALA E 557 -35.36 21.11 12.90
N LYS E 558 -36.29 21.98 12.50
CA LYS E 558 -37.30 22.47 13.44
C LYS E 558 -38.16 21.32 13.96
N ILE E 559 -38.60 20.44 13.07
CA ILE E 559 -39.42 19.31 13.50
C ILE E 559 -38.65 18.44 14.49
N ALA E 560 -37.38 18.19 14.21
CA ALA E 560 -36.57 17.40 15.13
C ALA E 560 -36.44 18.11 16.49
N GLU E 561 -36.20 19.41 16.48
CA GLU E 561 -36.01 20.14 17.73
C GLU E 561 -37.28 20.13 18.58
N GLU E 562 -38.45 20.33 17.95
CA GLU E 562 -39.67 20.44 18.72
C GLU E 562 -39.91 19.21 19.58
N SER E 563 -39.49 18.04 19.12
CA SER E 563 -39.55 16.86 19.95
C SER E 563 -38.50 16.96 21.07
N ASN E 564 -38.75 16.24 22.16
CA ASN E 564 -37.90 16.28 23.34
C ASN E 564 -37.20 14.94 23.57
N PHE E 565 -36.84 14.26 22.49
CA PHE E 565 -36.21 12.95 22.63
C PHE E 565 -34.83 13.08 23.26
N PRO E 566 -34.42 12.12 24.09
CA PRO E 566 -33.07 12.24 24.71
C PRO E 566 -31.94 12.33 23.70
N PHE E 567 -32.03 11.61 22.59
CA PHE E 567 -30.94 11.51 21.62
C PHE E 567 -31.40 12.07 20.29
N ILE E 568 -30.65 13.04 19.77
CA ILE E 568 -30.93 13.67 18.47
C ILE E 568 -29.61 13.95 17.79
N LYS E 569 -29.51 13.56 16.52
CA LYS E 569 -28.30 13.80 15.74
C LYS E 569 -28.68 14.03 14.28
N ILE E 570 -27.82 14.75 13.57
CA ILE E 570 -28.01 15.06 12.17
C ILE E 570 -26.77 14.62 11.39
N CYS E 571 -26.99 13.85 10.33
CA CYS E 571 -25.91 13.37 9.47
C CYS E 571 -25.94 14.16 8.17
N SER E 572 -24.83 14.83 7.86
CA SER E 572 -24.74 15.68 6.68
C SER E 572 -23.47 15.38 5.90
N PRO E 573 -23.47 15.61 4.59
CA PRO E 573 -22.25 15.39 3.80
C PRO E 573 -21.20 16.47 3.99
N ASP E 574 -21.51 17.55 4.72
CA ASP E 574 -20.54 18.62 4.91
C ASP E 574 -19.25 18.11 5.54
N LYS E 575 -19.36 17.10 6.40
CA LYS E 575 -18.18 16.55 7.07
C LYS E 575 -17.46 15.51 6.23
N MET E 576 -18.14 14.88 5.28
CA MET E 576 -17.55 13.83 4.46
C MET E 576 -17.08 14.38 3.12
N ILE E 577 -16.02 15.18 3.18
CA ILE E 577 -15.41 15.78 1.99
C ILE E 577 -14.15 14.98 1.66
N GLY E 578 -14.08 14.46 0.44
CA GLY E 578 -12.95 13.66 0.02
C GLY E 578 -12.97 12.24 0.54
N PHE E 579 -14.01 11.83 1.24
CA PHE E 579 -14.08 10.49 1.81
C PHE E 579 -14.33 9.46 0.71
N SER E 580 -13.82 8.25 0.95
CA SER E 580 -14.08 7.14 0.06
C SER E 580 -15.48 6.59 0.31
N GLU E 581 -15.84 5.58 -0.48
CA GLU E 581 -17.16 4.97 -0.37
C GLU E 581 -17.26 3.99 0.79
N THR E 582 -16.16 3.75 1.50
CA THR E 582 -16.14 2.94 2.72
C THR E 582 -16.21 3.79 3.98
N ALA E 583 -15.55 4.94 3.97
CA ALA E 583 -15.58 5.82 5.14
C ALA E 583 -16.99 6.29 5.42
N LYS E 584 -17.75 6.60 4.38
CA LYS E 584 -19.14 7.02 4.56
C LYS E 584 -19.95 5.91 5.24
N CYS E 585 -19.80 4.68 4.76
CA CYS E 585 -20.51 3.57 5.36
C CYS E 585 -20.14 3.41 6.82
N GLN E 586 -18.85 3.51 7.14
CA GLN E 586 -18.43 3.37 8.53
C GLN E 586 -19.03 4.46 9.40
N ALA E 587 -19.05 5.71 8.90
CA ALA E 587 -19.61 6.80 9.68
C ALA E 587 -21.09 6.60 9.94
N MET E 588 -21.86 6.21 8.91
CA MET E 588 -23.28 5.97 9.11
C MET E 588 -23.50 4.83 10.10
N LYS E 589 -22.71 3.76 9.99
CA LYS E 589 -22.85 2.65 10.92
C LYS E 589 -22.59 3.10 12.35
N LYS E 590 -21.55 3.92 12.56
CA LYS E 590 -21.27 4.41 13.91
C LYS E 590 -22.42 5.24 14.44
N ILE E 591 -22.97 6.14 13.62
CA ILE E 591 -24.05 6.98 14.08
C ILE E 591 -25.25 6.14 14.49
N PHE E 592 -25.61 5.16 13.65
CA PHE E 592 -26.78 4.34 13.98
C PHE E 592 -26.51 3.46 15.20
N ASP E 593 -25.28 2.97 15.36
CA ASP E 593 -24.95 2.21 16.55
C ASP E 593 -25.13 3.04 17.80
N ASP E 594 -24.66 4.29 17.77
CA ASP E 594 -24.86 5.18 18.92
C ASP E 594 -26.34 5.41 19.16
N ALA E 595 -27.12 5.61 18.10
CA ALA E 595 -28.54 5.85 18.27
C ALA E 595 -29.25 4.66 18.90
N TYR E 596 -28.79 3.45 18.60
CA TYR E 596 -29.46 2.26 19.10
C TYR E 596 -29.49 2.20 20.63
N LYS E 597 -28.51 2.81 21.29
CA LYS E 597 -28.40 2.63 22.74
C LYS E 597 -29.59 3.25 23.47
N SER E 598 -29.98 4.47 23.12
CA SER E 598 -31.02 5.17 23.86
C SER E 598 -32.38 4.49 23.67
N GLN E 599 -33.28 4.75 24.63
CA GLN E 599 -34.63 4.20 24.53
C GLN E 599 -35.40 4.82 23.38
N LEU E 600 -35.30 6.13 23.22
CA LEU E 600 -35.96 6.86 22.13
C LEU E 600 -34.90 7.57 21.32
N SER E 601 -34.93 7.41 20.00
CA SER E 601 -33.93 8.01 19.13
C SER E 601 -34.60 8.65 17.91
N CYS E 602 -34.01 9.75 17.45
CA CYS E 602 -34.44 10.42 16.23
C CYS E 602 -33.21 10.80 15.42
N VAL E 603 -33.23 10.50 14.12
CA VAL E 603 -32.09 10.74 13.24
C VAL E 603 -32.59 11.42 11.97
N VAL E 604 -31.75 12.30 11.43
CA VAL E 604 -32.07 13.08 10.24
C VAL E 604 -30.97 12.87 9.21
N VAL E 605 -31.37 12.50 8.00
CA VAL E 605 -30.47 12.33 6.86
C VAL E 605 -30.88 13.33 5.80
N ASP E 606 -30.00 14.26 5.49
CA ASP E 606 -30.30 15.35 4.56
C ASP E 606 -29.40 15.28 3.34
N ASP E 607 -29.92 15.76 2.21
CA ASP E 607 -29.20 15.77 0.95
C ASP E 607 -28.78 14.35 0.56
N ILE E 608 -29.80 13.52 0.35
CA ILE E 608 -29.55 12.12 -0.01
C ILE E 608 -28.79 12.03 -1.32
N GLU E 609 -29.20 12.81 -2.32
CA GLU E 609 -28.55 12.72 -3.63
C GLU E 609 -27.08 13.09 -3.57
N ARG E 610 -26.71 14.02 -2.68
CA ARG E 610 -25.31 14.32 -2.48
C ARG E 610 -24.59 13.25 -1.68
N LEU E 611 -25.33 12.42 -0.96
CA LEU E 611 -24.74 11.34 -0.20
C LEU E 611 -24.47 10.10 -1.05
N LEU E 612 -25.07 10.03 -2.24
CA LEU E 612 -24.85 8.91 -3.16
C LEU E 612 -23.95 9.29 -4.33
N ASP E 613 -23.51 10.54 -4.43
CA ASP E 613 -22.58 10.98 -5.47
C ASP E 613 -23.21 10.84 -6.85
N TYR E 614 -24.41 11.38 -6.99
CA TYR E 614 -25.20 11.22 -8.21
C TYR E 614 -24.84 12.30 -9.22
N VAL E 615 -24.74 11.89 -10.48
CA VAL E 615 -24.50 12.82 -11.59
C VAL E 615 -25.31 12.32 -12.79
N PRO E 616 -26.04 13.19 -13.49
CA PRO E 616 -26.98 12.69 -14.52
C PRO E 616 -26.30 12.19 -15.79
N ILE E 617 -24.97 12.27 -15.90
CA ILE E 617 -24.27 11.85 -17.10
C ILE E 617 -23.88 10.39 -16.95
N GLY E 618 -24.64 9.52 -17.61
CA GLY E 618 -24.34 8.11 -17.71
C GLY E 618 -25.40 7.18 -17.16
N PRO E 619 -25.93 7.44 -15.95
CA PRO E 619 -25.47 8.27 -14.83
C PRO E 619 -24.46 7.53 -13.97
N ARG E 620 -24.02 8.13 -12.87
N ARG E 620 -24.02 8.13 -12.87
CA ARG E 620 -23.07 7.50 -11.97
CA ARG E 620 -23.05 7.53 -11.97
C ARG E 620 -23.55 7.65 -10.54
C ARG E 620 -23.54 7.66 -10.54
N PHE E 621 -23.14 6.71 -9.70
CA PHE E 621 -23.46 6.75 -8.27
C PHE E 621 -22.70 5.61 -7.60
N SER E 622 -22.73 5.61 -6.27
CA SER E 622 -22.04 4.60 -5.47
C SER E 622 -23.07 3.60 -4.96
N ASN E 623 -22.86 2.32 -5.30
CA ASN E 623 -23.84 1.28 -4.98
C ASN E 623 -23.79 0.88 -3.52
N LEU E 624 -22.60 0.84 -2.93
CA LEU E 624 -22.45 0.33 -1.58
C LEU E 624 -23.23 1.17 -0.58
N VAL E 625 -23.16 2.50 -0.72
CA VAL E 625 -23.90 3.38 0.17
C VAL E 625 -25.40 3.15 0.03
N LEU E 626 -25.87 2.99 -1.21
CA LEU E 626 -27.29 2.75 -1.44
C LEU E 626 -27.74 1.48 -0.76
N GLN E 627 -26.96 0.41 -0.89
CA GLN E 627 -27.34 -0.86 -0.26
C GLN E 627 -27.34 -0.73 1.26
N ALA E 628 -26.33 -0.05 1.82
CA ALA E 628 -26.29 0.13 3.26
C ALA E 628 -27.52 0.89 3.75
N LEU E 629 -27.91 1.95 3.03
CA LEU E 629 -29.07 2.73 3.42
C LEU E 629 -30.35 1.90 3.32
N LEU E 630 -30.48 1.13 2.23
CA LEU E 630 -31.67 0.30 2.05
C LEU E 630 -31.79 -0.76 3.12
N VAL E 631 -30.66 -1.26 3.63
CA VAL E 631 -30.72 -2.21 4.74
C VAL E 631 -31.01 -1.52 6.06
N LEU E 632 -30.43 -0.35 6.31
CA LEU E 632 -30.64 0.35 7.57
C LEU E 632 -32.03 0.96 7.68
N LEU E 633 -32.75 1.10 6.57
CA LEU E 633 -34.11 1.63 6.65
C LEU E 633 -35.14 0.57 7.02
N LYS E 634 -34.73 -0.68 7.23
N LYS E 634 -34.72 -0.68 7.24
CA LYS E 634 -35.66 -1.74 7.60
CA LYS E 634 -35.64 -1.76 7.58
C LYS E 634 -35.17 -2.58 8.77
C LYS E 634 -35.17 -2.58 8.78
N LYS E 635 -34.08 -2.18 9.43
CA LYS E 635 -33.53 -2.89 10.58
C LYS E 635 -34.16 -2.33 11.86
N ALA E 636 -35.00 -3.21 12.56
CA ALA E 636 -35.60 -2.74 13.80
C ALA E 636 -34.56 -2.73 14.92
N PRO E 637 -34.65 -1.79 15.86
CA PRO E 637 -33.67 -1.71 16.93
C PRO E 637 -33.90 -2.82 17.95
N PRO E 638 -33.03 -2.94 18.95
CA PRO E 638 -33.21 -3.99 19.96
C PRO E 638 -34.57 -3.88 20.65
N GLN E 639 -34.88 -4.92 21.42
CA GLN E 639 -36.20 -5.01 22.04
C GLN E 639 -36.45 -3.83 22.96
N GLY E 640 -37.67 -3.30 22.93
CA GLY E 640 -38.07 -2.26 23.85
C GLY E 640 -37.46 -0.90 23.58
N ARG E 641 -37.15 -0.59 22.32
CA ARG E 641 -36.60 0.71 21.96
C ARG E 641 -37.31 1.22 20.71
N LYS E 642 -37.28 2.54 20.53
CA LYS E 642 -37.99 3.19 19.44
C LYS E 642 -37.09 4.17 18.71
N LEU E 643 -37.23 4.20 17.39
CA LEU E 643 -36.38 5.00 16.51
C LEU E 643 -37.24 5.70 15.47
N LEU E 644 -36.85 6.92 15.10
CA LEU E 644 -37.50 7.68 14.05
C LEU E 644 -36.43 8.22 13.09
N ILE E 645 -36.74 8.18 11.80
CA ILE E 645 -35.80 8.62 10.77
C ILE E 645 -36.51 9.60 9.85
N ILE E 646 -35.87 10.74 9.58
CA ILE E 646 -36.42 11.77 8.70
C ILE E 646 -35.41 12.02 7.58
N GLY E 647 -35.85 11.85 6.34
CA GLY E 647 -34.99 12.01 5.19
C GLY E 647 -35.40 13.20 4.34
N THR E 648 -34.40 13.85 3.72
CA THR E 648 -34.63 15.02 2.89
C THR E 648 -34.01 14.79 1.51
N THR E 649 -34.70 15.26 0.48
CA THR E 649 -34.23 15.12 -0.89
C THR E 649 -34.91 16.16 -1.77
N SER E 650 -34.33 16.36 -2.96
CA SER E 650 -34.87 17.30 -3.93
C SER E 650 -35.22 16.68 -5.27
N ARG E 651 -34.95 15.40 -5.48
N ARG E 651 -34.91 15.40 -5.49
CA ARG E 651 -35.25 14.72 -6.74
CA ARG E 651 -35.20 14.67 -6.72
C ARG E 651 -35.94 13.40 -6.42
C ARG E 651 -35.95 13.40 -6.35
N LYS E 652 -37.28 13.40 -6.47
CA LYS E 652 -38.05 12.22 -6.13
C LYS E 652 -38.03 11.16 -7.23
N ASP E 653 -38.01 11.57 -8.50
CA ASP E 653 -38.05 10.60 -9.59
C ASP E 653 -36.81 9.71 -9.58
N VAL E 654 -35.65 10.29 -9.30
CA VAL E 654 -34.41 9.51 -9.25
C VAL E 654 -34.52 8.44 -8.18
N LEU E 655 -34.99 8.82 -6.99
CA LEU E 655 -35.17 7.83 -5.93
C LEU E 655 -36.20 6.77 -6.34
N GLN E 656 -37.23 7.17 -7.07
N GLN E 656 -37.24 7.17 -7.06
CA GLN E 656 -38.21 6.21 -7.55
CA GLN E 656 -38.22 6.21 -7.56
C GLN E 656 -37.57 5.18 -8.46
C GLN E 656 -37.54 5.17 -8.44
N GLU E 657 -36.67 5.63 -9.34
CA GLU E 657 -36.00 4.73 -10.27
C GLU E 657 -35.21 3.66 -9.52
N MET E 658 -34.49 4.06 -8.47
CA MET E 658 -33.70 3.13 -7.67
C MET E 658 -34.56 2.20 -6.84
N GLU E 659 -35.86 2.43 -6.76
CA GLU E 659 -36.78 1.57 -6.01
C GLU E 659 -36.52 1.64 -4.51
N MET E 660 -36.22 2.84 -4.02
CA MET E 660 -36.13 3.08 -2.58
C MET E 660 -37.26 3.93 -2.04
N LEU E 661 -38.06 4.56 -2.91
CA LEU E 661 -39.20 5.32 -2.43
C LEU E 661 -40.21 4.43 -1.72
N ASN E 662 -40.21 3.12 -2.01
CA ASN E 662 -41.11 2.20 -1.33
C ASN E 662 -40.59 1.81 0.04
N ALA E 663 -39.32 2.06 0.34
CA ALA E 663 -38.77 1.73 1.65
C ALA E 663 -39.30 2.64 2.74
N PHE E 664 -39.65 3.88 2.42
CA PHE E 664 -40.20 4.81 3.39
C PHE E 664 -41.67 4.51 3.64
N SER E 665 -42.21 5.11 4.70
CA SER E 665 -43.60 4.88 5.10
C SER E 665 -44.53 5.98 4.62
N THR E 666 -44.10 7.24 4.62
CA THR E 666 -44.94 8.35 4.21
C THR E 666 -44.08 9.44 3.59
N THR E 667 -44.74 10.34 2.89
CA THR E 667 -44.07 11.45 2.21
C THR E 667 -44.80 12.75 2.51
N ILE E 668 -44.05 13.85 2.57
CA ILE E 668 -44.60 15.17 2.83
C ILE E 668 -44.06 16.12 1.76
N HIS E 669 -44.95 16.95 1.21
CA HIS E 669 -44.61 17.86 0.14
C HIS E 669 -44.37 19.26 0.70
N VAL E 670 -43.31 19.90 0.24
CA VAL E 670 -42.92 21.23 0.68
C VAL E 670 -42.97 22.17 -0.51
N PRO E 671 -44.03 22.96 -0.65
CA PRO E 671 -44.16 23.85 -1.82
C PRO E 671 -43.39 25.14 -1.65
N ASN E 672 -43.33 25.90 -2.74
CA ASN E 672 -42.73 27.23 -2.75
C ASN E 672 -43.78 28.26 -3.16
N ILE E 673 -43.48 29.53 -2.87
CA ILE E 673 -44.43 30.62 -3.09
C ILE E 673 -45.04 30.53 -4.47
N ALA E 674 -46.36 30.73 -4.55
CA ALA E 674 -47.10 30.57 -5.80
C ALA E 674 -47.92 31.79 -6.19
N THR E 675 -48.50 32.50 -5.23
CA THR E 675 -49.38 33.62 -5.49
C THR E 675 -48.77 34.93 -4.99
N GLY E 676 -49.15 36.03 -5.64
CA GLY E 676 -48.64 37.33 -5.27
C GLY E 676 -48.97 37.72 -3.85
N GLU E 677 -50.12 37.28 -3.34
CA GLU E 677 -50.51 37.61 -1.98
C GLU E 677 -49.49 37.07 -0.98
N GLN E 678 -49.03 35.84 -1.20
CA GLN E 678 -48.02 35.27 -0.32
C GLN E 678 -46.72 36.07 -0.40
N LEU E 679 -46.36 36.52 -1.59
CA LEU E 679 -45.16 37.35 -1.73
C LEU E 679 -45.30 38.65 -0.94
N LEU E 680 -46.47 39.29 -1.04
CA LEU E 680 -46.68 40.52 -0.27
C LEU E 680 -46.62 40.25 1.22
N GLU E 681 -47.20 39.14 1.66
CA GLU E 681 -47.15 38.80 3.09
C GLU E 681 -45.72 38.58 3.55
N ALA E 682 -44.91 37.89 2.73
CA ALA E 682 -43.52 37.66 3.09
C ALA E 682 -42.75 38.97 3.17
N LEU E 683 -42.98 39.87 2.21
CA LEU E 683 -42.31 41.16 2.25
C LEU E 683 -42.72 41.94 3.50
N GLU E 684 -44.01 41.89 3.86
CA GLU E 684 -44.45 42.56 5.07
C GLU E 684 -43.76 41.98 6.30
N LEU E 685 -43.66 40.65 6.38
CA LEU E 685 -43.02 40.03 7.52
C LEU E 685 -41.56 40.43 7.62
N LEU E 686 -40.86 40.47 6.49
CA LEU E 686 -39.46 40.91 6.50
C LEU E 686 -39.37 42.43 6.64
N GLY E 687 -40.35 43.16 6.13
CA GLY E 687 -40.39 44.60 6.29
C GLY E 687 -39.20 45.33 5.71
N ASN E 688 -38.83 45.00 4.46
CA ASN E 688 -37.69 45.62 3.81
C ASN E 688 -38.08 46.75 2.86
N PHE E 689 -39.37 47.01 2.68
CA PHE E 689 -39.83 48.07 1.80
C PHE E 689 -40.95 48.86 2.47
N LYS E 690 -41.11 50.11 2.04
CA LYS E 690 -42.09 51.01 2.62
C LYS E 690 -43.43 50.87 1.89
N ASP E 691 -44.44 51.60 2.39
CA ASP E 691 -45.79 51.45 1.87
C ASP E 691 -45.87 51.87 0.41
N LYS E 692 -45.19 52.96 0.03
CA LYS E 692 -45.23 53.42 -1.35
C LYS E 692 -44.65 52.35 -2.28
N GLU E 693 -43.49 51.80 -1.91
CA GLU E 693 -42.89 50.75 -2.73
C GLU E 693 -43.76 49.51 -2.75
N ARG E 694 -44.41 49.19 -1.62
CA ARG E 694 -45.29 48.04 -1.58
C ARG E 694 -46.46 48.21 -2.54
N THR E 695 -47.06 49.41 -2.57
CA THR E 695 -48.14 49.67 -3.51
C THR E 695 -47.65 49.57 -4.95
N THR E 696 -46.47 50.13 -5.23
CA THR E 696 -45.92 50.05 -6.58
C THR E 696 -45.73 48.61 -7.01
N ILE E 697 -45.17 47.78 -6.12
CA ILE E 697 -44.94 46.38 -6.45
C ILE E 697 -46.25 45.63 -6.62
N ALA E 698 -47.22 45.90 -5.74
CA ALA E 698 -48.50 45.22 -5.82
C ALA E 698 -49.20 45.51 -7.14
N GLN E 699 -49.12 46.77 -7.59
CA GLN E 699 -49.83 47.16 -8.80
C GLN E 699 -49.47 46.25 -9.97
N GLN E 700 -48.26 45.71 -9.99
CA GLN E 700 -47.83 44.80 -11.04
C GLN E 700 -48.01 43.34 -10.66
N VAL E 701 -47.53 42.93 -9.48
CA VAL E 701 -47.49 41.51 -9.15
C VAL E 701 -48.90 40.96 -8.96
N LYS E 702 -49.80 41.76 -8.39
CA LYS E 702 -51.15 41.26 -8.09
C LYS E 702 -51.85 40.74 -9.33
N GLY E 703 -51.47 41.24 -10.51
CA GLY E 703 -52.15 40.82 -11.73
C GLY E 703 -51.96 39.34 -12.04
N LYS E 704 -50.75 38.83 -11.88
CA LYS E 704 -50.40 37.48 -12.31
C LYS E 704 -49.87 36.66 -11.13
N LYS E 705 -49.38 35.46 -11.44
CA LYS E 705 -48.83 34.55 -10.46
C LYS E 705 -47.30 34.57 -10.49
N VAL E 706 -46.70 34.00 -9.44
CA VAL E 706 -45.26 33.94 -9.29
C VAL E 706 -44.85 32.54 -8.85
N TRP E 707 -43.56 32.25 -9.02
N TRP E 707 -43.58 32.23 -9.04
CA TRP E 707 -43.00 30.94 -8.69
CA TRP E 707 -43.02 30.93 -8.65
C TRP E 707 -41.56 31.15 -8.27
C TRP E 707 -41.57 31.14 -8.26
N ILE E 708 -41.31 31.21 -6.96
CA ILE E 708 -39.97 31.47 -6.44
C ILE E 708 -39.85 30.87 -5.05
N GLY E 709 -38.63 30.46 -4.71
CA GLY E 709 -38.36 29.96 -3.37
C GLY E 709 -37.89 31.05 -2.43
N ILE E 710 -38.05 30.79 -1.13
CA ILE E 710 -37.78 31.82 -0.13
C ILE E 710 -36.30 32.19 -0.12
N LYS E 711 -35.41 31.20 -0.21
CA LYS E 711 -33.98 31.50 -0.17
C LYS E 711 -33.58 32.40 -1.34
N LYS E 712 -34.06 32.09 -2.53
CA LYS E 712 -33.78 32.95 -3.68
C LYS E 712 -34.39 34.33 -3.48
N LEU E 713 -35.56 34.41 -2.84
CA LEU E 713 -36.16 35.71 -2.55
C LEU E 713 -35.24 36.54 -1.67
N LEU E 714 -34.68 35.94 -0.62
CA LEU E 714 -33.77 36.67 0.25
C LEU E 714 -32.53 37.12 -0.52
N MET E 715 -31.97 36.25 -1.35
CA MET E 715 -30.81 36.65 -2.14
C MET E 715 -31.13 37.81 -3.07
N LEU E 716 -32.30 37.76 -3.72
CA LEU E 716 -32.70 38.83 -4.62
C LEU E 716 -32.87 40.15 -3.87
N ILE E 717 -33.49 40.11 -2.69
CA ILE E 717 -33.64 41.33 -1.91
C ILE E 717 -32.29 41.92 -1.56
N GLU E 718 -31.37 41.07 -1.08
CA GLU E 718 -30.06 41.58 -0.69
C GLU E 718 -29.33 42.17 -1.88
N MET E 719 -29.41 41.53 -3.04
CA MET E 719 -28.78 42.10 -4.23
C MET E 719 -29.42 43.43 -4.62
N SER E 720 -30.74 43.53 -4.50
CA SER E 720 -31.42 44.75 -4.92
C SER E 720 -31.05 45.93 -4.02
N LEU E 721 -30.92 45.70 -2.71
CA LEU E 721 -30.69 46.81 -1.79
C LEU E 721 -29.36 47.51 -2.00
N GLN E 722 -28.52 47.09 -2.96
CA GLN E 722 -27.24 47.74 -3.17
C GLN E 722 -27.34 49.00 -4.03
N MET E 723 -28.45 49.21 -4.73
CA MET E 723 -28.55 50.35 -5.63
C MET E 723 -29.02 51.58 -4.88
N ASP E 724 -28.98 52.73 -5.56
CA ASP E 724 -29.42 53.97 -4.96
C ASP E 724 -30.94 53.96 -4.79
N PRO E 725 -31.46 54.76 -3.85
CA PRO E 725 -32.90 54.68 -3.53
C PRO E 725 -33.81 54.86 -4.74
N GLU E 726 -33.42 55.68 -5.71
CA GLU E 726 -34.29 55.97 -6.84
C GLU E 726 -34.34 54.83 -7.84
N TYR E 727 -33.50 53.81 -7.70
CA TYR E 727 -33.44 52.69 -8.63
C TYR E 727 -33.80 51.35 -8.02
N ARG E 728 -33.70 51.20 -6.70
CA ARG E 728 -33.78 49.87 -6.09
C ARG E 728 -35.02 49.13 -6.56
N VAL E 729 -36.19 49.76 -6.48
CA VAL E 729 -37.42 49.09 -6.84
C VAL E 729 -37.32 48.52 -8.25
N ARG E 730 -36.90 49.35 -9.21
CA ARG E 730 -36.73 48.85 -10.56
C ARG E 730 -35.77 47.68 -10.59
N LYS E 731 -34.62 47.82 -9.95
CA LYS E 731 -33.65 46.72 -9.91
C LYS E 731 -34.30 45.46 -9.39
N PHE E 732 -35.22 45.58 -8.43
CA PHE E 732 -35.92 44.41 -7.93
C PHE E 732 -36.78 43.78 -9.03
N LEU E 733 -37.63 44.59 -9.66
CA LEU E 733 -38.62 44.04 -10.59
C LEU E 733 -37.94 43.25 -11.69
N ALA E 734 -36.92 43.84 -12.32
CA ALA E 734 -36.20 43.13 -13.37
C ALA E 734 -35.72 41.77 -12.88
N LEU E 735 -35.09 41.74 -11.70
CA LEU E 735 -34.58 40.47 -11.19
C LEU E 735 -35.70 39.45 -11.03
N LEU E 736 -36.89 39.90 -10.65
CA LEU E 736 -38.01 38.98 -10.54
C LEU E 736 -38.52 38.56 -11.91
N ARG E 737 -38.52 39.49 -12.88
CA ARG E 737 -39.04 39.17 -14.20
C ARG E 737 -38.10 38.26 -14.96
N GLU E 738 -36.80 38.55 -14.93
CA GLU E 738 -35.85 37.77 -15.72
C GLU E 738 -35.71 36.36 -15.18
N GLU E 739 -35.58 36.22 -13.87
CA GLU E 739 -35.42 34.91 -13.24
C GLU E 739 -36.75 34.22 -12.95
N GLY E 740 -37.85 34.95 -12.95
CA GLY E 740 -39.14 34.39 -12.58
C GLY E 740 -39.80 33.51 -13.62
N ALA E 741 -39.14 33.28 -14.75
CA ALA E 741 -39.72 32.44 -15.79
C ALA E 741 -39.71 30.98 -15.36
N SER E 742 -40.83 30.52 -14.79
CA SER E 742 -40.93 29.16 -14.29
C SER E 742 -42.40 28.86 -14.03
N PRO E 743 -42.78 27.57 -13.97
CA PRO E 743 -44.19 27.23 -13.70
C PRO E 743 -44.63 27.62 -12.29
N GLY F 222 -13.49 -40.63 36.06
CA GLY F 222 -14.44 -39.71 36.66
C GLY F 222 -14.90 -38.62 35.72
N ILE F 223 -14.88 -38.92 34.42
CA ILE F 223 -15.29 -37.97 33.38
C ILE F 223 -16.14 -38.71 32.36
N GLY F 224 -17.19 -38.04 31.88
CA GLY F 224 -18.07 -38.61 30.89
C GLY F 224 -18.00 -37.84 29.58
N GLY F 225 -18.39 -38.51 28.51
CA GLY F 225 -18.39 -37.91 27.19
C GLY F 225 -17.06 -37.95 26.46
N LEU F 226 -16.02 -38.53 27.06
CA LEU F 226 -14.71 -38.62 26.44
C LEU F 226 -14.21 -40.04 26.40
N ASP F 227 -15.13 -41.01 26.35
CA ASP F 227 -14.72 -42.42 26.26
C ASP F 227 -13.98 -42.69 24.96
N LYS F 228 -14.50 -42.18 23.84
CA LYS F 228 -13.82 -42.37 22.57
C LYS F 228 -12.46 -41.69 22.58
N GLU F 229 -12.35 -40.55 23.25
CA GLU F 229 -11.07 -39.87 23.35
C GLU F 229 -10.05 -40.72 24.11
N PHE F 230 -10.48 -41.34 25.22
CA PHE F 230 -9.58 -42.21 25.96
C PHE F 230 -9.19 -43.44 25.11
N SER F 231 -10.15 -43.98 24.37
CA SER F 231 -9.84 -45.10 23.47
C SER F 231 -8.81 -44.70 22.43
N ASP F 232 -8.95 -43.50 21.86
CA ASP F 232 -7.96 -43.02 20.90
C ASP F 232 -6.61 -42.84 21.55
N ILE F 233 -6.58 -42.30 22.78
CA ILE F 233 -5.32 -42.14 23.48
C ILE F 233 -4.63 -43.49 23.65
N PHE F 234 -5.38 -44.50 24.09
CA PHE F 234 -4.81 -45.82 24.27
C PHE F 234 -4.33 -46.41 22.95
N ARG F 235 -5.12 -46.23 21.89
CA ARG F 235 -4.76 -46.78 20.59
C ARG F 235 -3.47 -46.16 20.06
N ARG F 236 -3.32 -44.84 20.21
CA ARG F 236 -2.24 -44.13 19.54
C ARG F 236 -0.88 -44.50 20.13
N ALA F 237 -0.75 -44.46 21.46
CA ALA F 237 0.55 -44.55 22.12
C ALA F 237 0.72 -45.85 22.89
N PHE F 238 -0.18 -46.16 23.82
CA PHE F 238 0.01 -47.29 24.71
C PHE F 238 -0.31 -48.63 24.06
N ALA F 239 -0.94 -48.64 22.90
CA ALA F 239 -1.24 -49.91 22.23
C ALA F 239 0.04 -50.61 21.79
N SER F 240 1.11 -49.87 21.56
CA SER F 240 2.38 -50.43 21.10
C SER F 240 3.35 -50.72 22.24
N ARG F 241 2.97 -50.45 23.48
CA ARG F 241 3.87 -50.62 24.62
C ARG F 241 3.88 -52.05 25.16
N VAL F 242 2.93 -52.90 24.75
CA VAL F 242 2.74 -54.17 25.42
C VAL F 242 3.90 -55.13 25.13
N PHE F 243 4.36 -55.16 23.88
CA PHE F 243 5.34 -56.18 23.50
C PHE F 243 6.65 -56.00 24.29
N PRO F 244 7.28 -57.09 24.68
CA PRO F 244 8.61 -57.00 25.33
C PRO F 244 9.60 -56.29 24.43
N PRO F 245 10.72 -55.81 25.00
CA PRO F 245 11.69 -55.06 24.19
C PRO F 245 12.27 -55.86 23.03
N GLU F 246 12.40 -57.18 23.17
CA GLU F 246 13.09 -57.96 22.15
C GLU F 246 12.39 -57.87 20.80
N ILE F 247 11.06 -58.00 20.79
CA ILE F 247 10.33 -58.02 19.53
C ILE F 247 10.32 -56.63 18.89
N VAL F 248 10.18 -55.58 19.69
CA VAL F 248 10.24 -54.24 19.14
C VAL F 248 11.64 -53.93 18.61
N GLU F 249 12.67 -54.47 19.26
CA GLU F 249 14.04 -54.22 18.82
C GLU F 249 14.23 -54.69 17.38
N GLN F 250 13.85 -55.93 17.09
CA GLN F 250 13.95 -56.42 15.71
C GLN F 250 13.06 -55.64 14.77
N MET F 251 11.87 -55.26 15.22
CA MET F 251 11.03 -54.36 14.42
C MET F 251 11.70 -53.01 14.21
N GLY F 252 12.23 -52.43 15.28
CA GLY F 252 12.73 -51.06 15.21
C GLY F 252 11.65 -50.01 15.27
N CYS F 253 10.43 -50.40 15.62
CA CYS F 253 9.33 -49.44 15.69
C CYS F 253 9.59 -48.42 16.81
N LYS F 254 9.11 -47.20 16.58
CA LYS F 254 9.29 -46.10 17.52
C LYS F 254 8.07 -45.96 18.43
N HIS F 255 8.19 -45.04 19.38
CA HIS F 255 7.18 -44.86 20.40
C HIS F 255 6.91 -43.37 20.59
N VAL F 256 5.71 -43.05 21.09
CA VAL F 256 5.29 -41.67 21.26
C VAL F 256 5.90 -41.10 22.54
N LYS F 257 6.28 -39.82 22.48
CA LYS F 257 6.81 -39.13 23.64
C LYS F 257 6.29 -37.71 23.79
N GLY F 258 5.38 -37.26 22.93
CA GLY F 258 4.84 -35.91 23.02
C GLY F 258 3.34 -35.85 22.88
N ILE F 259 2.66 -35.32 23.89
CA ILE F 259 1.21 -35.21 23.91
C ILE F 259 0.84 -33.79 24.33
N LEU F 260 -0.11 -33.19 23.61
CA LEU F 260 -0.57 -31.83 23.87
C LEU F 260 -2.08 -31.87 24.05
N LEU F 261 -2.56 -31.23 25.11
CA LEU F 261 -3.98 -31.11 25.42
C LEU F 261 -4.37 -29.65 25.40
N TYR F 262 -5.47 -29.31 24.73
CA TYR F 262 -5.99 -27.96 24.74
C TYR F 262 -7.49 -27.98 24.96
N GLY F 263 -7.98 -26.97 25.68
CA GLY F 263 -9.37 -26.84 26.04
C GLY F 263 -9.54 -25.84 27.16
N PRO F 264 -10.71 -25.21 27.24
CA PRO F 264 -10.94 -24.21 28.29
C PRO F 264 -10.66 -24.77 29.67
N PRO F 265 -10.59 -23.92 30.70
CA PRO F 265 -10.18 -24.39 32.02
C PRO F 265 -11.15 -25.42 32.59
N GLY F 266 -10.60 -26.33 33.38
CA GLY F 266 -11.39 -27.37 34.01
C GLY F 266 -10.50 -28.36 34.73
N CYS F 267 -11.14 -29.16 35.58
CA CYS F 267 -10.40 -30.16 36.36
C CYS F 267 -10.12 -31.43 35.56
N GLY F 268 -10.74 -31.58 34.38
CA GLY F 268 -10.57 -32.82 33.64
C GLY F 268 -9.15 -33.07 33.23
N LYS F 269 -8.47 -32.05 32.69
CA LYS F 269 -7.12 -32.25 32.16
C LYS F 269 -6.17 -32.74 33.24
N THR F 270 -6.19 -32.08 34.41
CA THR F 270 -5.34 -32.51 35.51
C THR F 270 -5.73 -33.91 35.99
N LEU F 271 -7.04 -34.17 36.08
CA LEU F 271 -7.49 -35.50 36.47
C LEU F 271 -7.02 -36.54 35.48
N LEU F 272 -7.08 -36.23 34.17
CA LEU F 272 -6.56 -37.14 33.17
C LEU F 272 -5.07 -37.38 33.38
N ALA F 273 -4.30 -36.32 33.64
CA ALA F 273 -2.88 -36.47 33.86
C ALA F 273 -2.60 -37.42 35.02
N ARG F 274 -3.32 -37.23 36.13
CA ARG F 274 -3.15 -38.13 37.26
C ARG F 274 -3.57 -39.56 36.89
N GLN F 275 -4.58 -39.71 36.05
CA GLN F 275 -4.99 -41.04 35.61
C GLN F 275 -3.88 -41.74 34.84
N ILE F 276 -3.25 -41.04 33.89
CA ILE F 276 -2.11 -41.64 33.19
C ILE F 276 -0.99 -41.95 34.17
N GLY F 277 -0.79 -41.08 35.16
CA GLY F 277 0.21 -41.38 36.18
C GLY F 277 -0.10 -42.66 36.92
N LYS F 278 -1.38 -42.94 37.15
CA LYS F 278 -1.78 -44.12 37.91
C LYS F 278 -1.59 -45.41 37.10
N MET F 279 -2.07 -45.42 35.85
CA MET F 279 -2.24 -46.69 35.15
C MET F 279 -0.92 -47.40 34.92
N LEU F 280 0.11 -46.67 34.50
CA LEU F 280 1.37 -47.29 34.14
C LEU F 280 2.31 -47.35 35.34
N ASN F 281 3.22 -48.33 35.31
CA ASN F 281 4.26 -48.49 36.33
C ASN F 281 5.32 -47.42 36.12
N ALA F 282 4.94 -46.18 36.40
CA ALA F 282 5.79 -45.02 36.17
C ALA F 282 6.24 -44.43 37.49
N ARG F 283 7.37 -43.72 37.43
CA ARG F 283 7.87 -43.01 38.58
C ARG F 283 6.85 -41.96 39.04
N GLU F 284 7.09 -41.40 40.21
CA GLU F 284 6.28 -40.28 40.67
C GLU F 284 6.39 -39.14 39.65
N PRO F 285 5.31 -38.79 38.95
CA PRO F 285 5.44 -37.81 37.86
C PRO F 285 5.91 -36.46 38.36
N LYS F 286 6.69 -35.78 37.51
CA LYS F 286 7.19 -34.45 37.79
C LYS F 286 6.31 -33.41 37.11
N VAL F 287 5.82 -32.45 37.88
CA VAL F 287 4.92 -31.42 37.39
C VAL F 287 5.48 -30.06 37.80
N VAL F 288 5.52 -29.13 36.85
CA VAL F 288 5.97 -27.77 37.09
C VAL F 288 4.76 -26.85 37.03
N ASN F 289 4.64 -25.99 38.04
CA ASN F 289 3.46 -25.12 38.20
C ASN F 289 3.84 -23.71 37.76
N GLY F 290 3.54 -23.39 36.50
CA GLY F 290 3.75 -22.06 35.99
C GLY F 290 5.20 -21.77 35.68
N PRO F 291 5.51 -20.51 35.39
CA PRO F 291 6.89 -20.13 35.02
C PRO F 291 7.81 -19.97 36.24
N GLU F 292 7.98 -21.08 36.97
CA GLU F 292 8.93 -21.09 38.08
C GLU F 292 10.37 -21.13 37.61
N ILE F 293 10.61 -21.52 36.36
CA ILE F 293 11.98 -21.61 35.86
C ILE F 293 12.62 -20.23 35.79
N LEU F 294 11.83 -19.21 35.46
CA LEU F 294 12.37 -17.86 35.27
C LEU F 294 13.06 -17.40 36.54
N ASN F 295 14.24 -16.80 36.37
CA ASN F 295 15.04 -16.31 37.50
C ASN F 295 15.68 -14.99 37.10
N LYS F 296 16.07 -14.22 38.13
CA LYS F 296 16.68 -12.92 37.89
C LYS F 296 18.10 -13.04 37.37
N TYR F 297 18.85 -14.05 37.83
CA TYR F 297 20.26 -14.17 37.47
C TYR F 297 20.42 -14.76 36.08
N VAL F 298 21.66 -14.78 35.60
CA VAL F 298 21.98 -15.25 34.26
C VAL F 298 22.37 -16.72 34.33
N GLY F 299 21.72 -17.54 33.50
CA GLY F 299 22.01 -18.96 33.44
C GLY F 299 21.21 -19.82 34.39
N GLU F 300 20.49 -19.22 35.34
CA GLU F 300 19.69 -20.00 36.28
C GLU F 300 18.37 -20.44 35.65
N SER F 301 17.80 -19.63 34.77
CA SER F 301 16.55 -20.02 34.11
C SER F 301 16.76 -21.29 33.29
N GLU F 302 17.88 -21.37 32.56
CA GLU F 302 18.20 -22.57 31.82
C GLU F 302 18.73 -23.69 32.72
N ALA F 303 19.17 -23.35 33.94
CA ALA F 303 19.74 -24.36 34.82
C ALA F 303 18.67 -25.31 35.37
N ASN F 304 17.46 -24.80 35.58
CA ASN F 304 16.41 -25.65 36.15
C ASN F 304 16.02 -26.77 35.21
N ILE F 305 16.23 -26.58 33.90
CA ILE F 305 15.78 -27.59 32.93
C ILE F 305 16.60 -28.87 33.05
N ARG F 306 17.93 -28.75 33.11
CA ARG F 306 18.77 -29.94 33.07
C ARG F 306 18.57 -30.81 34.30
N LYS F 307 18.20 -30.22 35.43
CA LYS F 307 17.94 -31.03 36.62
C LYS F 307 16.77 -31.98 36.40
N LEU F 308 15.84 -31.62 35.51
CA LEU F 308 14.65 -32.44 35.30
C LEU F 308 15.00 -33.81 34.75
N PHE F 309 15.94 -33.87 33.80
CA PHE F 309 16.25 -35.09 33.08
C PHE F 309 17.48 -35.82 33.63
N ALA F 310 18.00 -35.39 34.77
CA ALA F 310 19.16 -36.07 35.35
C ALA F 310 18.85 -37.52 35.66
N ASP F 311 17.70 -37.78 36.30
CA ASP F 311 17.33 -39.15 36.62
C ASP F 311 17.09 -39.97 35.36
N ALA F 312 16.47 -39.36 34.35
CA ALA F 312 16.24 -40.08 33.10
C ALA F 312 17.55 -40.47 32.45
N GLU F 313 18.51 -39.54 32.40
CA GLU F 313 19.82 -39.85 31.83
C GLU F 313 20.52 -40.94 32.61
N GLU F 314 20.47 -40.86 33.94
CA GLU F 314 21.11 -41.89 34.77
C GLU F 314 20.51 -43.25 34.51
N GLU F 315 19.18 -43.34 34.50
CA GLU F 315 18.52 -44.62 34.28
C GLU F 315 18.80 -45.16 32.88
N GLN F 316 18.79 -44.30 31.87
CA GLN F 316 19.09 -44.75 30.52
C GLN F 316 20.51 -45.27 30.41
N ARG F 317 21.47 -44.58 31.07
CA ARG F 317 22.86 -45.00 30.97
C ARG F 317 23.13 -46.26 31.78
N ARG F 318 22.39 -46.49 32.86
CA ARG F 318 22.65 -47.64 33.73
C ARG F 318 21.87 -48.87 33.29
N LEU F 319 20.53 -48.78 33.29
CA LEU F 319 19.69 -49.92 32.97
C LEU F 319 19.42 -50.06 31.48
N GLY F 320 19.83 -49.10 30.66
CA GLY F 320 19.62 -49.21 29.23
C GLY F 320 18.15 -49.32 28.89
N ALA F 321 17.81 -50.27 28.02
CA ALA F 321 16.44 -50.41 27.56
C ALA F 321 15.49 -50.75 28.70
N ASN F 322 15.91 -51.66 29.59
CA ASN F 322 15.06 -52.10 30.70
C ASN F 322 15.07 -51.04 31.80
N SER F 323 14.48 -49.88 31.46
CA SER F 323 14.40 -48.75 32.35
C SER F 323 12.95 -48.29 32.47
N GLY F 324 12.61 -47.76 33.64
CA GLY F 324 11.25 -47.32 33.88
C GLY F 324 10.87 -46.12 33.05
N LEU F 325 9.58 -45.99 32.79
CA LEU F 325 9.06 -44.87 32.02
C LEU F 325 9.14 -43.57 32.82
N HIS F 326 9.34 -42.47 32.12
CA HIS F 326 9.39 -41.14 32.73
C HIS F 326 8.28 -40.28 32.15
N ILE F 327 7.53 -39.63 33.03
CA ILE F 327 6.39 -38.80 32.65
C ILE F 327 6.63 -37.39 33.16
N ILE F 328 6.48 -36.40 32.28
CA ILE F 328 6.64 -35.00 32.61
C ILE F 328 5.34 -34.28 32.29
N ILE F 329 4.85 -33.48 33.24
CA ILE F 329 3.63 -32.73 33.10
C ILE F 329 3.96 -31.24 33.11
N PHE F 330 3.52 -30.53 32.09
CA PHE F 330 3.72 -29.09 31.98
C PHE F 330 2.38 -28.39 32.10
N ASP F 331 2.27 -27.48 33.07
CA ASP F 331 1.07 -26.69 33.28
C ASP F 331 1.31 -25.27 32.80
N GLU F 332 0.42 -24.78 31.94
CA GLU F 332 0.57 -23.44 31.36
C GLU F 332 1.91 -23.32 30.63
N ILE F 333 2.19 -24.29 29.76
CA ILE F 333 3.46 -24.31 29.05
C ILE F 333 3.61 -23.08 28.17
N ASP F 334 2.50 -22.51 27.71
CA ASP F 334 2.58 -21.32 26.86
C ASP F 334 3.34 -20.19 27.54
N ALA F 335 3.31 -20.14 28.88
CA ALA F 335 4.01 -19.08 29.59
C ALA F 335 5.51 -19.14 29.32
N ILE F 336 6.08 -20.34 29.34
CA ILE F 336 7.52 -20.49 29.15
C ILE F 336 7.89 -20.67 27.67
N CYS F 337 6.99 -21.24 26.86
CA CYS F 337 7.25 -21.50 25.47
C CYS F 337 6.36 -20.61 24.60
N LYS F 338 6.96 -19.94 23.64
CA LYS F 338 6.22 -19.05 22.74
C LYS F 338 7.05 -18.73 21.50
N THR F 347 14.08 -10.91 26.01
CA THR F 347 13.81 -12.07 25.17
C THR F 347 14.91 -13.11 25.32
N GLY F 348 16.04 -12.71 25.92
CA GLY F 348 17.15 -13.62 26.09
C GLY F 348 16.82 -14.82 26.95
N VAL F 349 15.99 -14.62 27.97
CA VAL F 349 15.62 -15.72 28.86
C VAL F 349 14.72 -16.70 28.12
N HIS F 350 13.70 -16.20 27.43
CA HIS F 350 12.69 -17.06 26.83
C HIS F 350 13.27 -17.89 25.69
N ASP F 351 14.00 -17.25 24.77
CA ASP F 351 14.54 -17.98 23.64
C ASP F 351 15.56 -19.02 24.10
N THR F 352 16.41 -18.67 25.06
CA THR F 352 17.38 -19.63 25.59
C THR F 352 16.67 -20.79 26.27
N VAL F 353 15.62 -20.52 27.03
CA VAL F 353 14.87 -21.59 27.69
C VAL F 353 14.25 -22.52 26.65
N VAL F 354 13.66 -21.94 25.60
CA VAL F 354 13.04 -22.75 24.56
C VAL F 354 14.08 -23.61 23.86
N ASN F 355 15.25 -23.04 23.55
CA ASN F 355 16.31 -23.80 22.91
C ASN F 355 16.79 -24.93 23.80
N GLN F 356 16.97 -24.66 25.09
CA GLN F 356 17.41 -25.70 26.02
C GLN F 356 16.39 -26.82 26.10
N LEU F 357 15.11 -26.48 26.21
CA LEU F 357 14.08 -27.51 26.28
C LEU F 357 14.03 -28.34 25.01
N LEU F 358 14.12 -27.68 23.85
CA LEU F 358 14.09 -28.41 22.59
C LEU F 358 15.28 -29.34 22.47
N SER F 359 16.47 -28.87 22.85
CA SER F 359 17.66 -29.72 22.77
C SER F 359 17.55 -30.91 23.73
N LYS F 360 17.08 -30.66 24.95
CA LYS F 360 16.96 -31.75 25.92
C LYS F 360 15.95 -32.79 25.47
N ILE F 361 14.80 -32.34 24.95
CA ILE F 361 13.77 -33.28 24.50
C ILE F 361 14.28 -34.08 23.31
N ASP F 362 14.93 -33.42 22.35
CA ASP F 362 15.45 -34.08 21.16
C ASP F 362 16.80 -33.43 20.82
N GLY F 363 17.88 -34.10 21.23
CA GLY F 363 19.22 -33.63 20.93
C GLY F 363 20.08 -34.73 20.35
N VAL F 364 21.40 -34.62 20.52
CA VAL F 364 22.29 -35.67 20.02
C VAL F 364 21.97 -36.99 20.71
N GLU F 365 21.77 -36.96 22.02
CA GLU F 365 21.37 -38.15 22.76
C GLU F 365 19.87 -38.33 22.66
N GLN F 366 19.44 -39.55 22.33
CA GLN F 366 18.03 -39.87 22.16
C GLN F 366 17.58 -40.77 23.29
N LEU F 367 16.45 -40.41 23.91
CA LEU F 367 15.88 -41.14 25.03
C LEU F 367 14.58 -41.79 24.59
N ASN F 368 14.38 -43.05 25.02
CA ASN F 368 13.19 -43.82 24.65
C ASN F 368 12.36 -44.19 25.88
N ASN F 369 12.50 -43.45 26.98
CA ASN F 369 11.75 -43.74 28.20
C ASN F 369 11.24 -42.46 28.85
N ILE F 370 10.98 -41.43 28.04
CA ILE F 370 10.57 -40.12 28.54
C ILE F 370 9.28 -39.72 27.83
N LEU F 371 8.31 -39.25 28.61
CA LEU F 371 7.04 -38.75 28.09
C LEU F 371 6.79 -37.37 28.68
N VAL F 372 6.35 -36.44 27.83
CA VAL F 372 6.08 -35.06 28.23
C VAL F 372 4.64 -34.74 27.83
N ILE F 373 3.89 -34.15 28.76
CA ILE F 373 2.50 -33.79 28.56
C ILE F 373 2.32 -32.32 28.87
N GLY F 374 1.64 -31.60 28.00
CA GLY F 374 1.39 -30.18 28.19
C GLY F 374 -0.08 -29.86 28.04
N MET F 375 -0.52 -28.87 28.82
CA MET F 375 -1.90 -28.41 28.81
C MET F 375 -1.93 -26.92 28.51
N THR F 376 -2.87 -26.52 27.65
CA THR F 376 -2.98 -25.13 27.24
C THR F 376 -4.44 -24.78 27.02
N ASN F 377 -4.72 -23.48 27.05
CA ASN F 377 -6.01 -22.95 26.68
C ASN F 377 -5.95 -22.06 25.44
N ARG F 378 -4.76 -21.69 24.98
CA ARG F 378 -4.56 -20.87 23.80
C ARG F 378 -3.54 -21.57 22.90
N PRO F 379 -3.97 -22.61 22.18
CA PRO F 379 -3.00 -23.39 21.38
C PRO F 379 -2.28 -22.58 20.33
N ASP F 380 -2.89 -21.51 19.80
CA ASP F 380 -2.28 -20.74 18.74
C ASP F 380 -1.07 -19.94 19.21
N LEU F 381 -0.84 -19.84 20.52
CA LEU F 381 0.28 -19.09 21.06
C LEU F 381 1.52 -19.93 21.31
N ILE F 382 1.49 -21.21 20.96
CA ILE F 382 2.62 -22.11 21.18
C ILE F 382 3.56 -22.02 19.99
N ASP F 383 4.85 -22.24 20.25
CA ASP F 383 5.85 -22.18 19.19
C ASP F 383 5.65 -23.30 18.19
N GLU F 384 5.82 -22.97 16.91
CA GLU F 384 5.63 -23.95 15.84
C GLU F 384 6.67 -25.06 15.91
N ALA F 385 7.92 -24.70 16.22
CA ALA F 385 8.98 -25.70 16.24
C ALA F 385 8.66 -26.85 17.18
N LEU F 386 7.97 -26.56 18.29
CA LEU F 386 7.62 -27.60 19.25
C LEU F 386 6.64 -28.62 18.67
N LEU F 387 5.95 -28.27 17.58
CA LEU F 387 4.98 -29.16 16.97
C LEU F 387 5.57 -30.05 15.88
N ARG F 388 6.84 -29.87 15.54
CA ARG F 388 7.45 -30.69 14.51
C ARG F 388 7.47 -32.15 14.95
N PRO F 389 7.32 -33.09 14.01
CA PRO F 389 7.24 -34.51 14.41
C PRO F 389 8.46 -34.92 15.25
N GLY F 390 8.20 -35.74 16.26
CA GLY F 390 9.21 -36.12 17.21
C GLY F 390 9.34 -35.21 18.41
N ARG F 391 8.57 -34.12 18.45
CA ARG F 391 8.56 -33.20 19.58
C ARG F 391 7.21 -33.12 20.27
N LEU F 392 6.13 -32.98 19.52
CA LEU F 392 4.77 -33.11 20.04
C LEU F 392 3.96 -33.90 19.02
N GLU F 393 3.57 -35.11 19.39
CA GLU F 393 2.98 -36.06 18.45
C GLU F 393 1.47 -36.13 18.50
N VAL F 394 0.88 -36.12 19.69
CA VAL F 394 -0.56 -36.30 19.86
C VAL F 394 -1.19 -34.94 20.13
N LYS F 395 -2.28 -34.64 19.41
CA LYS F 395 -3.06 -33.44 19.62
C LYS F 395 -4.42 -33.83 20.19
N MET F 396 -4.81 -33.18 21.29
CA MET F 396 -6.03 -33.56 22.00
C MET F 396 -6.85 -32.32 22.31
N GLU F 397 -8.15 -32.39 22.02
CA GLU F 397 -9.12 -31.38 22.41
C GLU F 397 -9.96 -31.91 23.56
N ILE F 398 -10.10 -31.11 24.61
CA ILE F 398 -10.81 -31.52 25.82
C ILE F 398 -12.00 -30.58 26.02
N GLY F 399 -13.17 -31.16 26.27
CA GLY F 399 -14.37 -30.38 26.49
C GLY F 399 -14.41 -29.77 27.87
N LEU F 400 -15.37 -28.87 28.04
CA LEU F 400 -15.53 -28.13 29.29
C LEU F 400 -16.34 -28.94 30.30
N PRO F 401 -16.25 -28.59 31.58
CA PRO F 401 -17.16 -29.19 32.57
C PRO F 401 -18.60 -28.75 32.33
N ASP F 402 -19.53 -29.48 32.92
CA ASP F 402 -20.94 -29.37 32.55
C ASP F 402 -21.79 -29.35 33.82
N GLU F 403 -23.09 -29.55 33.63
CA GLU F 403 -24.08 -29.19 34.65
C GLU F 403 -23.87 -29.97 35.95
N LYS F 404 -23.75 -31.29 35.85
CA LYS F 404 -23.79 -32.10 37.08
C LYS F 404 -22.55 -31.89 37.94
N GLY F 405 -21.38 -31.79 37.32
CA GLY F 405 -20.20 -31.44 38.08
C GLY F 405 -20.33 -30.08 38.75
N ARG F 406 -20.82 -29.09 37.99
CA ARG F 406 -21.07 -27.77 38.56
C ARG F 406 -22.01 -27.87 39.76
N LEU F 407 -23.00 -28.75 39.67
CA LEU F 407 -23.92 -28.95 40.79
C LEU F 407 -23.20 -29.54 42.00
N GLN F 408 -22.27 -30.47 41.76
CA GLN F 408 -21.48 -31.03 42.86
C GLN F 408 -20.66 -29.95 43.54
N ILE F 409 -19.99 -29.11 42.75
CA ILE F 409 -19.22 -28.01 43.31
C ILE F 409 -20.11 -27.06 44.08
N LEU F 410 -21.29 -26.75 43.54
CA LEU F 410 -22.23 -25.88 44.23
C LEU F 410 -22.68 -26.47 45.55
N HIS F 411 -22.96 -27.78 45.58
CA HIS F 411 -23.35 -28.45 46.81
C HIS F 411 -22.24 -28.39 47.83
N ILE F 412 -21.00 -28.65 47.40
CA ILE F 412 -19.88 -28.63 48.33
C ILE F 412 -19.75 -27.25 48.97
N HIS F 413 -19.85 -26.19 48.16
CA HIS F 413 -19.79 -24.85 48.75
C HIS F 413 -20.99 -24.56 49.64
N THR F 414 -22.20 -24.94 49.24
CA THR F 414 -23.39 -24.58 50.00
C THR F 414 -23.55 -25.42 51.27
N ALA F 415 -22.74 -26.47 51.43
CA ALA F 415 -22.89 -27.34 52.59
C ALA F 415 -22.74 -26.57 53.90
N ARG F 416 -21.80 -25.62 53.96
CA ARG F 416 -21.56 -24.92 55.22
C ARG F 416 -22.80 -24.17 55.68
N MET F 417 -23.39 -23.36 54.80
CA MET F 417 -24.60 -22.65 55.18
C MET F 417 -25.77 -23.61 55.41
N ARG F 418 -25.88 -24.69 54.62
CA ARG F 418 -26.99 -25.61 54.85
C ARG F 418 -26.89 -26.27 56.23
N GLY F 419 -25.68 -26.58 56.68
CA GLY F 419 -25.53 -27.24 57.96
C GLY F 419 -26.01 -26.39 59.11
N HIS F 420 -25.80 -25.08 59.04
CA HIS F 420 -26.13 -24.16 60.12
C HIS F 420 -27.49 -23.48 59.91
N GLN F 421 -28.26 -23.90 58.91
CA GLN F 421 -29.61 -23.42 58.69
C GLN F 421 -29.64 -21.91 58.44
N LEU F 422 -28.58 -21.38 57.85
CA LEU F 422 -28.52 -19.97 57.47
C LEU F 422 -29.02 -19.73 56.04
N LEU F 423 -29.48 -20.78 55.35
CA LEU F 423 -29.94 -20.69 53.98
C LEU F 423 -31.45 -20.86 53.94
N SER F 424 -32.12 -19.97 53.21
CA SER F 424 -33.57 -20.06 53.08
C SER F 424 -33.96 -21.32 52.30
N ALA F 425 -35.13 -21.85 52.62
CA ALA F 425 -35.60 -23.09 52.00
C ALA F 425 -36.15 -22.90 50.60
N ASP F 426 -36.31 -21.64 50.20
CA ASP F 426 -36.91 -21.27 48.89
C ASP F 426 -35.89 -21.39 47.77
N VAL F 427 -34.62 -21.63 48.10
CA VAL F 427 -33.56 -21.64 47.11
C VAL F 427 -33.44 -23.04 46.51
N ASP F 428 -33.41 -23.11 45.19
CA ASP F 428 -33.24 -24.37 44.45
C ASP F 428 -31.87 -24.34 43.77
N ILE F 429 -31.01 -25.28 44.15
CA ILE F 429 -29.66 -25.29 43.60
C ILE F 429 -29.67 -25.69 42.13
N LYS F 430 -30.59 -26.57 41.73
CA LYS F 430 -30.65 -27.00 40.34
C LYS F 430 -30.92 -25.82 39.41
N GLU F 431 -31.84 -24.92 39.81
CA GLU F 431 -32.15 -23.77 38.99
C GLU F 431 -30.92 -22.90 38.76
N LEU F 432 -30.18 -22.61 39.84
CA LEU F 432 -28.99 -21.78 39.70
C LEU F 432 -27.92 -22.49 38.88
N ALA F 433 -27.76 -23.79 39.08
CA ALA F 433 -26.77 -24.54 38.30
C ALA F 433 -27.08 -24.48 36.82
N VAL F 434 -28.35 -24.63 36.46
CA VAL F 434 -28.75 -24.49 35.06
C VAL F 434 -28.51 -23.07 34.57
N GLU F 435 -28.86 -22.07 35.39
CA GLU F 435 -28.76 -20.68 34.95
C GLU F 435 -27.30 -20.29 34.69
N THR F 436 -26.40 -20.63 35.61
CA THR F 436 -25.00 -20.28 35.44
C THR F 436 -24.37 -21.15 34.36
N LYS F 437 -23.96 -20.52 33.26
CA LYS F 437 -23.40 -21.23 32.12
C LYS F 437 -22.12 -20.53 31.69
N ASN F 438 -21.09 -21.33 31.40
CA ASN F 438 -19.76 -20.80 31.05
C ASN F 438 -19.12 -20.08 32.23
N PHE F 439 -19.35 -20.49 33.50
CA PHE F 439 -18.66 -19.87 34.68
C PHE F 439 -17.68 -20.83 35.33
N SER F 440 -16.51 -20.34 35.77
CA SER F 440 -15.48 -21.15 36.46
C SER F 440 -15.74 -21.17 37.97
N GLY F 441 -14.84 -21.78 38.75
CA GLY F 441 -14.99 -21.90 40.22
C GLY F 441 -14.85 -20.58 40.95
N ALA F 442 -13.91 -19.70 40.56
CA ALA F 442 -13.69 -18.37 41.19
C ALA F 442 -14.92 -17.51 40.92
N GLU F 443 -15.52 -17.64 39.74
CA GLU F 443 -16.79 -16.94 39.42
C GLU F 443 -17.94 -17.61 40.19
N LEU F 444 -17.85 -19.00 40.33
CA LEU F 444 -18.95 -19.69 41.01
C LEU F 444 -18.94 -19.41 42.50
N GLU F 445 -17.77 -19.32 43.12
CA GLU F 445 -17.69 -18.71 44.43
C GLU F 445 -18.12 -17.25 44.37
N GLY F 446 -17.67 -16.53 43.35
CA GLY F 446 -17.95 -15.11 43.26
C GLY F 446 -19.44 -14.83 43.30
N LEU F 447 -20.34 -15.75 42.63
CA LEU F 447 -21.82 -15.52 42.61
C LEU F 447 -22.38 -15.69 44.01
N VAL F 448 -21.90 -16.69 44.74
CA VAL F 448 -22.40 -17.04 46.07
C VAL F 448 -22.01 -15.94 47.05
N ARG F 449 -20.73 -15.57 47.07
CA ARG F 449 -20.29 -14.47 47.92
C ARG F 449 -21.16 -13.25 47.70
N ALA F 450 -21.38 -12.89 46.43
CA ALA F 450 -22.22 -11.73 46.14
C ALA F 450 -23.57 -11.87 46.80
N ALA F 451 -24.22 -13.03 46.62
CA ALA F 451 -25.49 -13.26 47.27
C ALA F 451 -25.39 -12.97 48.76
N GLN F 452 -24.37 -13.54 49.41
CA GLN F 452 -24.20 -13.30 50.84
C GLN F 452 -24.23 -11.81 51.14
N SER F 453 -23.47 -11.01 50.40
CA SER F 453 -23.41 -9.59 50.66
C SER F 453 -24.80 -8.99 50.70
N THR F 454 -25.63 -9.33 49.71
CA THR F 454 -26.94 -8.72 49.61
C THR F 454 -27.74 -8.89 50.90
N ALA F 455 -27.47 -9.97 51.63
CA ALA F 455 -28.13 -10.17 52.91
C ALA F 455 -27.57 -9.23 53.97
N MET F 456 -26.25 -9.25 54.20
CA MET F 456 -25.69 -8.50 55.31
C MET F 456 -26.03 -7.02 55.22
N ASN F 457 -26.10 -6.46 54.01
CA ASN F 457 -26.35 -5.04 53.88
C ASN F 457 -27.68 -4.61 54.46
N ARG F 458 -28.63 -5.54 54.66
CA ARG F 458 -29.90 -5.19 55.27
C ARG F 458 -29.75 -4.85 56.74
N HIS F 459 -28.74 -5.42 57.41
CA HIS F 459 -28.52 -5.16 58.82
C HIS F 459 -27.70 -3.90 59.06
N ILE F 460 -26.89 -3.49 58.09
CA ILE F 460 -26.05 -2.32 58.25
C ILE F 460 -26.91 -1.05 58.17
N LYS F 461 -26.50 -0.03 58.90
CA LYS F 461 -27.23 1.23 58.99
C LYS F 461 -26.28 2.41 58.79
N ALA F 462 -25.47 2.33 57.74
CA ALA F 462 -24.50 3.38 57.42
C ALA F 462 -25.17 4.56 56.72
N SER F 463 -24.38 5.42 56.08
CA SER F 463 -24.89 6.62 55.41
C SER F 463 -25.44 7.62 56.42
N THR F 464 -24.51 8.10 57.27
CA THR F 464 -24.73 9.01 58.39
C THR F 464 -23.75 8.65 59.49
N LYS F 465 -23.36 7.37 59.53
CA LYS F 465 -22.33 6.87 60.42
C LYS F 465 -21.97 5.47 59.96
N VAL F 466 -21.19 4.73 60.75
CA VAL F 466 -20.90 3.34 60.45
C VAL F 466 -21.50 2.49 61.55
N GLU F 467 -22.62 2.95 62.10
CA GLU F 467 -23.33 2.24 63.16
C GLU F 467 -24.46 1.43 62.55
N VAL F 468 -24.66 0.22 63.05
CA VAL F 468 -25.56 -0.74 62.45
C VAL F 468 -26.69 -1.07 63.42
N ASP F 469 -27.68 -1.81 62.92
CA ASP F 469 -28.89 -2.08 63.68
C ASP F 469 -28.61 -2.80 64.99
N MET F 470 -27.92 -3.94 64.90
CA MET F 470 -27.49 -4.72 66.06
C MET F 470 -28.67 -5.44 66.73
N GLU F 471 -29.90 -5.09 66.33
CA GLU F 471 -31.06 -5.86 66.81
C GLU F 471 -31.51 -6.86 65.76
N LYS F 472 -31.40 -6.51 64.48
CA LYS F 472 -31.63 -7.47 63.41
C LYS F 472 -30.50 -8.48 63.30
N ALA F 473 -29.37 -8.21 63.95
CA ALA F 473 -28.23 -9.12 63.91
C ALA F 473 -28.53 -10.46 64.57
N GLU F 474 -29.57 -10.54 65.40
CA GLU F 474 -29.91 -11.81 66.03
C GLU F 474 -30.19 -12.90 65.01
N SER F 475 -30.67 -12.52 63.82
CA SER F 475 -31.01 -13.47 62.79
C SER F 475 -30.55 -12.95 61.44
N LEU F 476 -30.28 -13.87 60.52
CA LEU F 476 -29.86 -13.51 59.17
C LEU F 476 -29.95 -14.74 58.27
N GLN F 477 -30.58 -14.59 57.10
CA GLN F 477 -30.70 -15.67 56.15
C GLN F 477 -30.50 -15.12 54.74
N VAL F 478 -30.51 -16.01 53.75
CA VAL F 478 -30.23 -15.67 52.36
C VAL F 478 -31.42 -16.13 51.54
N THR F 479 -32.16 -15.19 50.97
CA THR F 479 -33.31 -15.54 50.15
C THR F 479 -32.87 -15.81 48.71
N ARG F 480 -33.80 -16.40 47.94
CA ARG F 480 -33.50 -16.72 46.55
C ARG F 480 -33.16 -15.47 45.76
N GLY F 481 -33.93 -14.39 45.94
CA GLY F 481 -33.69 -13.18 45.18
C GLY F 481 -32.27 -12.65 45.36
N ASP F 482 -31.74 -12.74 46.58
CA ASP F 482 -30.39 -12.25 46.83
C ASP F 482 -29.39 -12.90 45.88
N PHE F 483 -29.64 -14.14 45.46
CA PHE F 483 -28.81 -14.75 44.43
C PHE F 483 -29.13 -14.15 43.06
N LEU F 484 -30.40 -14.17 42.67
CA LEU F 484 -30.78 -13.80 41.32
C LEU F 484 -30.29 -12.41 40.95
N ALA F 485 -30.57 -11.42 41.80
CA ALA F 485 -30.09 -10.07 41.52
C ALA F 485 -28.60 -10.09 41.23
N SER F 486 -27.83 -10.78 42.08
CA SER F 486 -26.38 -10.78 41.92
C SER F 486 -25.94 -11.37 40.60
N LEU F 487 -26.55 -12.26 40.00
CA LEU F 487 -26.13 -12.81 38.71
C LEU F 487 -26.51 -11.92 37.54
N GLU F 488 -27.41 -10.95 37.75
CA GLU F 488 -27.76 -10.00 36.69
C GLU F 488 -26.96 -8.70 36.81
N ASN F 489 -27.00 -8.07 37.97
CA ASN F 489 -26.52 -6.71 38.13
C ASN F 489 -25.13 -6.60 38.74
N ASP F 490 -24.55 -7.69 39.22
CA ASP F 490 -23.26 -7.62 39.91
C ASP F 490 -22.17 -8.42 39.23
N ILE F 491 -22.42 -9.69 38.92
CA ILE F 491 -21.40 -10.60 38.42
C ILE F 491 -21.73 -10.96 36.97
N LYS F 492 -20.77 -10.79 36.09
CA LYS F 492 -20.90 -11.07 34.67
C LYS F 492 -20.00 -12.22 34.25
N PRO F 493 -20.45 -13.10 33.37
CA PRO F 493 -19.56 -14.16 32.87
C PRO F 493 -18.42 -13.60 32.03
N ALA F 494 -17.29 -14.30 32.06
CA ALA F 494 -16.11 -13.88 31.32
C ALA F 494 -16.11 -14.35 29.88
N PHE F 495 -16.81 -15.44 29.58
CA PHE F 495 -16.83 -16.03 28.25
C PHE F 495 -18.11 -15.68 27.48
N GLY F 496 -18.78 -14.59 27.84
CA GLY F 496 -20.01 -14.23 27.17
C GLY F 496 -21.15 -15.17 27.53
N THR F 497 -22.15 -15.21 26.66
CA THR F 497 -23.30 -16.07 26.87
C THR F 497 -23.92 -16.37 25.51
N ASN F 498 -24.78 -17.40 25.51
CA ASN F 498 -25.44 -17.85 24.28
C ASN F 498 -26.62 -16.93 24.01
N GLN F 499 -26.39 -15.91 23.18
CA GLN F 499 -27.41 -14.92 22.86
C GLN F 499 -28.24 -15.39 21.68
N GLU F 500 -29.55 -15.25 21.80
CA GLU F 500 -30.48 -15.58 20.73
C GLU F 500 -31.63 -14.59 20.73
N ASP F 501 -31.97 -14.08 19.55
CA ASP F 501 -33.12 -13.22 19.34
C ASP F 501 -34.01 -13.80 18.26
N TYR F 502 -34.28 -15.10 18.35
CA TYR F 502 -35.04 -15.78 17.31
C TYR F 502 -36.38 -15.09 17.08
N ALA F 503 -36.98 -14.56 18.14
CA ALA F 503 -38.25 -13.85 17.98
C ALA F 503 -38.12 -12.70 16.99
N SER F 504 -36.92 -12.15 16.82
CA SER F 504 -36.72 -11.02 15.93
C SER F 504 -37.42 -11.21 14.59
N TYR F 505 -37.50 -12.45 14.10
CA TYR F 505 -38.12 -12.74 12.82
C TYR F 505 -39.62 -13.00 12.92
N ILE F 506 -40.17 -13.09 14.14
CA ILE F 506 -41.61 -13.25 14.34
C ILE F 506 -41.99 -12.30 15.48
N MET F 507 -42.51 -11.13 15.12
CA MET F 507 -42.89 -10.13 16.11
C MET F 507 -44.40 -10.00 16.30
N ASN F 508 -45.21 -10.69 15.48
CA ASN F 508 -46.66 -10.60 15.62
C ASN F 508 -47.31 -11.97 15.44
N GLY F 509 -46.58 -13.06 15.61
CA GLY F 509 -47.17 -14.37 15.49
C GLY F 509 -47.64 -14.65 14.08
N ILE F 510 -48.47 -15.71 13.97
CA ILE F 510 -49.06 -16.12 12.70
C ILE F 510 -50.54 -16.30 12.93
N ILE F 511 -51.37 -15.65 12.10
CA ILE F 511 -52.81 -15.70 12.20
C ILE F 511 -53.37 -16.28 10.92
N LYS F 512 -54.20 -17.31 11.05
CA LYS F 512 -54.79 -17.99 9.89
C LYS F 512 -55.98 -17.17 9.41
N TRP F 513 -55.79 -16.47 8.29
CA TRP F 513 -56.86 -15.70 7.67
C TRP F 513 -57.30 -16.27 6.34
N GLY F 514 -56.87 -17.49 6.01
CA GLY F 514 -57.25 -18.09 4.75
C GLY F 514 -56.62 -19.46 4.59
N ASP F 515 -56.87 -20.05 3.43
CA ASP F 515 -56.37 -21.37 3.07
C ASP F 515 -54.89 -21.35 2.67
N PRO F 516 -54.41 -20.30 1.99
CA PRO F 516 -53.02 -20.32 1.50
C PRO F 516 -52.00 -20.61 2.59
N VAL F 517 -52.20 -20.10 3.80
CA VAL F 517 -51.25 -20.38 4.87
C VAL F 517 -51.19 -21.89 5.14
N THR F 518 -52.35 -22.53 5.21
CA THR F 518 -52.40 -23.97 5.43
C THR F 518 -51.72 -24.71 4.28
N ARG F 519 -51.97 -24.29 3.05
CA ARG F 519 -51.35 -24.94 1.91
C ARG F 519 -49.83 -24.84 1.98
N VAL F 520 -49.32 -23.65 2.31
CA VAL F 520 -47.88 -23.44 2.39
C VAL F 520 -47.28 -24.33 3.48
N LEU F 521 -47.93 -24.38 4.64
CA LEU F 521 -47.40 -25.19 5.73
C LEU F 521 -47.40 -26.67 5.37
N ASP F 522 -48.45 -27.14 4.70
CA ASP F 522 -48.51 -28.54 4.28
C ASP F 522 -47.38 -28.85 3.29
N ASP F 523 -47.14 -27.97 2.34
CA ASP F 523 -46.05 -28.20 1.39
C ASP F 523 -44.71 -28.24 2.11
N GLY F 524 -44.50 -27.35 3.07
CA GLY F 524 -43.28 -27.38 3.84
C GLY F 524 -43.08 -28.69 4.57
N GLU F 525 -44.16 -29.20 5.19
CA GLU F 525 -44.05 -30.47 5.90
C GLU F 525 -43.71 -31.62 4.93
N LEU F 526 -44.32 -31.65 3.75
CA LEU F 526 -44.03 -32.67 2.75
C LEU F 526 -42.57 -32.61 2.33
N LEU F 527 -42.05 -31.41 2.11
CA LEU F 527 -40.64 -31.28 1.76
C LEU F 527 -39.74 -31.78 2.90
N VAL F 528 -40.11 -31.46 4.14
CA VAL F 528 -39.27 -31.85 5.28
C VAL F 528 -39.17 -33.37 5.36
N GLN F 529 -40.31 -34.06 5.22
N GLN F 529 -40.30 -34.05 5.24
CA GLN F 529 -40.30 -35.51 5.35
CA GLN F 529 -40.27 -35.51 5.39
C GLN F 529 -39.45 -36.18 4.29
C GLN F 529 -39.49 -36.20 4.29
N GLN F 530 -39.41 -35.61 3.09
CA GLN F 530 -38.63 -36.19 2.00
C GLN F 530 -37.15 -36.17 2.29
N THR F 531 -36.63 -35.03 2.74
CA THR F 531 -35.22 -34.95 3.09
C THR F 531 -34.89 -36.03 4.12
N LYS F 532 -35.74 -36.18 5.12
CA LYS F 532 -35.42 -37.08 6.21
C LYS F 532 -35.53 -38.55 5.81
N ASN F 533 -36.28 -38.94 4.77
CA ASN F 533 -36.49 -40.38 4.46
C ASN F 533 -35.85 -40.85 3.14
N SER F 534 -35.41 -39.97 2.24
CA SER F 534 -34.90 -40.33 0.87
C SER F 534 -33.45 -40.82 0.90
N ASP F 535 -33.13 -41.82 0.08
CA ASP F 535 -31.80 -42.46 0.01
C ASP F 535 -31.07 -41.95 -1.22
N ARG F 536 -31.82 -41.52 -2.24
CA ARG F 536 -31.15 -41.09 -3.46
C ARG F 536 -30.97 -39.58 -3.55
N THR F 537 -31.80 -38.81 -2.86
CA THR F 537 -31.78 -37.33 -2.86
C THR F 537 -31.43 -36.83 -1.46
N PRO F 538 -30.14 -36.75 -1.05
CA PRO F 538 -29.79 -36.18 0.26
C PRO F 538 -29.92 -34.67 0.33
N LEU F 539 -30.04 -33.97 -0.80
CA LEU F 539 -30.12 -32.52 -0.83
C LEU F 539 -31.41 -32.09 -1.51
N VAL F 540 -32.10 -31.12 -0.91
CA VAL F 540 -33.37 -30.62 -1.43
C VAL F 540 -33.38 -29.11 -1.27
N SER F 541 -33.94 -28.41 -2.27
CA SER F 541 -34.00 -26.96 -2.28
C SER F 541 -35.41 -26.50 -2.60
N VAL F 542 -35.78 -25.34 -2.04
CA VAL F 542 -37.09 -24.72 -2.27
C VAL F 542 -36.90 -23.22 -2.39
N LEU F 543 -37.89 -22.56 -2.99
CA LEU F 543 -37.90 -21.11 -3.15
C LEU F 543 -39.28 -20.57 -2.80
N LEU F 544 -39.29 -19.47 -2.05
CA LEU F 544 -40.52 -18.80 -1.67
C LEU F 544 -40.69 -17.53 -2.50
N GLU F 545 -41.84 -17.41 -3.16
CA GLU F 545 -42.12 -16.30 -4.05
C GLU F 545 -43.32 -15.50 -3.54
N GLY F 546 -43.31 -14.20 -3.82
CA GLY F 546 -44.41 -13.35 -3.47
C GLY F 546 -44.11 -11.88 -3.68
N PRO F 547 -45.15 -11.05 -3.72
CA PRO F 547 -44.95 -9.61 -3.84
C PRO F 547 -44.49 -9.01 -2.53
N PRO F 548 -44.05 -7.76 -2.53
CA PRO F 548 -43.50 -7.17 -1.31
C PRO F 548 -44.55 -7.02 -0.21
N HIS F 549 -44.07 -7.02 1.03
CA HIS F 549 -44.92 -6.86 2.21
C HIS F 549 -45.96 -7.97 2.28
N SER F 550 -45.56 -9.19 1.92
CA SER F 550 -46.45 -10.34 1.96
C SER F 550 -46.16 -11.30 3.12
N GLY F 551 -45.07 -11.09 3.85
CA GLY F 551 -44.75 -11.94 4.98
C GLY F 551 -44.17 -13.28 4.59
N LYS F 552 -43.02 -13.27 3.93
CA LYS F 552 -42.33 -14.49 3.54
C LYS F 552 -41.26 -14.90 4.54
N THR F 553 -40.50 -13.94 5.07
CA THR F 553 -39.45 -14.23 6.02
C THR F 553 -39.98 -14.90 7.28
N ALA F 554 -41.20 -14.58 7.70
CA ALA F 554 -41.80 -15.23 8.86
C ALA F 554 -42.32 -16.62 8.54
N LEU F 555 -42.94 -16.80 7.39
CA LEU F 555 -43.45 -18.11 6.99
C LEU F 555 -42.34 -19.11 6.71
N ALA F 556 -41.15 -18.64 6.34
CA ALA F 556 -40.01 -19.53 6.23
C ALA F 556 -39.45 -19.93 7.59
N ALA F 557 -39.35 -18.98 8.52
CA ALA F 557 -38.87 -19.29 9.86
C ALA F 557 -39.81 -20.24 10.59
N LYS F 558 -41.12 -20.10 10.38
CA LYS F 558 -42.07 -21.02 11.01
C LYS F 558 -41.83 -22.45 10.54
N ILE F 559 -41.64 -22.64 9.24
CA ILE F 559 -41.37 -23.97 8.71
C ILE F 559 -40.06 -24.50 9.29
N ALA F 560 -39.02 -23.66 9.32
CA ALA F 560 -37.75 -24.09 9.87
C ALA F 560 -37.91 -24.55 11.32
N GLU F 561 -38.67 -23.80 12.12
CA GLU F 561 -38.89 -24.19 13.50
C GLU F 561 -39.63 -25.51 13.60
N GLU F 562 -40.68 -25.68 12.80
CA GLU F 562 -41.43 -26.92 12.84
C GLU F 562 -40.64 -28.11 12.31
N SER F 563 -39.52 -27.86 11.62
CA SER F 563 -38.72 -28.98 11.09
C SER F 563 -38.25 -29.90 12.20
N ASN F 564 -37.82 -29.34 13.33
CA ASN F 564 -37.29 -30.10 14.46
C ASN F 564 -36.03 -30.87 14.05
N PHE F 565 -35.04 -30.12 13.58
CA PHE F 565 -33.74 -30.68 13.24
C PHE F 565 -32.69 -30.26 14.26
N PRO F 566 -31.63 -31.06 14.46
CA PRO F 566 -30.61 -30.68 15.44
C PRO F 566 -29.97 -29.33 15.16
N PHE F 567 -29.74 -28.99 13.88
CA PHE F 567 -29.01 -27.79 13.50
C PHE F 567 -29.91 -26.94 12.62
N ILE F 568 -30.10 -25.68 13.02
CA ILE F 568 -30.87 -24.70 12.26
C ILE F 568 -30.15 -23.37 12.32
N LYS F 569 -30.05 -22.70 11.16
CA LYS F 569 -29.35 -21.42 11.08
C LYS F 569 -30.02 -20.55 10.04
N ILE F 570 -29.93 -19.24 10.23
CA ILE F 570 -30.53 -18.26 9.34
C ILE F 570 -29.44 -17.30 8.89
N CYS F 571 -29.29 -17.15 7.57
CA CYS F 571 -28.33 -16.22 7.00
C CYS F 571 -29.08 -14.98 6.50
N SER F 572 -28.71 -13.82 7.02
CA SER F 572 -29.39 -12.58 6.71
C SER F 572 -28.38 -11.50 6.35
N PRO F 573 -28.74 -10.56 5.47
CA PRO F 573 -27.83 -9.46 5.15
C PRO F 573 -27.71 -8.42 6.25
N ASP F 574 -28.56 -8.49 7.28
CA ASP F 574 -28.48 -7.51 8.37
C ASP F 574 -27.13 -7.57 9.06
N LYS F 575 -26.57 -8.77 9.20
CA LYS F 575 -25.32 -8.96 9.91
C LYS F 575 -24.10 -8.58 9.08
N MET F 576 -24.27 -8.29 7.79
CA MET F 576 -23.18 -7.91 6.89
C MET F 576 -23.53 -6.55 6.27
N ILE F 577 -23.05 -5.48 6.89
CA ILE F 577 -23.25 -4.13 6.39
C ILE F 577 -21.88 -3.53 6.11
N GLY F 578 -21.70 -3.01 4.89
CA GLY F 578 -20.44 -2.46 4.48
C GLY F 578 -19.42 -3.47 4.03
N PHE F 579 -19.76 -4.76 4.04
CA PHE F 579 -18.82 -5.79 3.63
C PHE F 579 -18.58 -5.75 2.13
N SER F 580 -17.42 -6.24 1.73
CA SER F 580 -17.09 -6.43 0.32
C SER F 580 -17.51 -7.84 -0.10
N GLU F 581 -17.31 -8.16 -1.39
CA GLU F 581 -17.73 -9.46 -1.89
C GLU F 581 -17.00 -10.59 -1.18
N THR F 582 -15.69 -10.44 -0.96
CA THR F 582 -14.92 -11.51 -0.34
C THR F 582 -15.43 -11.81 1.06
N ALA F 583 -15.75 -10.77 1.84
CA ALA F 583 -16.25 -10.99 3.19
C ALA F 583 -17.56 -11.75 3.18
N LYS F 584 -18.48 -11.39 2.28
CA LYS F 584 -19.74 -12.10 2.18
C LYS F 584 -19.53 -13.56 1.80
N CYS F 585 -18.64 -13.81 0.84
CA CYS F 585 -18.37 -15.19 0.44
C CYS F 585 -17.83 -15.99 1.60
N GLN F 586 -16.90 -15.42 2.36
CA GLN F 586 -16.35 -16.12 3.52
C GLN F 586 -17.44 -16.40 4.55
N ALA F 587 -18.31 -15.42 4.79
CA ALA F 587 -19.37 -15.60 5.78
C ALA F 587 -20.31 -16.73 5.38
N MET F 588 -20.73 -16.78 4.12
CA MET F 588 -21.59 -17.88 3.69
C MET F 588 -20.87 -19.21 3.76
N LYS F 589 -19.61 -19.26 3.33
CA LYS F 589 -18.86 -20.50 3.35
C LYS F 589 -18.75 -21.05 4.76
N LYS F 590 -18.51 -20.20 5.75
CA LYS F 590 -18.39 -20.65 7.12
C LYS F 590 -19.68 -21.27 7.64
N ILE F 591 -20.82 -20.64 7.37
CA ILE F 591 -22.09 -21.20 7.82
C ILE F 591 -22.33 -22.55 7.18
N PHE F 592 -22.09 -22.66 5.87
CA PHE F 592 -22.32 -23.96 5.24
C PHE F 592 -21.35 -25.02 5.76
N ASP F 593 -20.11 -24.64 6.03
CA ASP F 593 -19.15 -25.58 6.59
C ASP F 593 -19.64 -26.10 7.94
N ASP F 594 -20.12 -25.20 8.79
CA ASP F 594 -20.69 -25.65 10.07
C ASP F 594 -21.86 -26.57 9.84
N ALA F 595 -22.71 -26.25 8.86
CA ALA F 595 -23.89 -27.08 8.60
C ALA F 595 -23.49 -28.50 8.21
N TYR F 596 -22.40 -28.64 7.44
CA TYR F 596 -22.05 -29.95 6.91
C TYR F 596 -21.72 -30.96 8.00
N LYS F 597 -21.30 -30.51 9.19
CA LYS F 597 -20.76 -31.43 10.17
C LYS F 597 -21.83 -32.16 10.99
N SER F 598 -23.09 -31.73 10.91
CA SER F 598 -24.15 -32.45 11.61
C SER F 598 -24.69 -33.57 10.73
N GLN F 599 -25.68 -34.30 11.25
CA GLN F 599 -26.26 -35.40 10.49
C GLN F 599 -27.32 -34.89 9.51
N LEU F 600 -28.31 -34.16 10.01
CA LEU F 600 -29.33 -33.55 9.17
C LEU F 600 -29.47 -32.09 9.55
N SER F 601 -29.47 -31.21 8.55
CA SER F 601 -29.41 -29.78 8.78
C SER F 601 -30.39 -29.05 7.88
N CYS F 602 -30.78 -27.85 8.31
CA CYS F 602 -31.66 -26.97 7.55
C CYS F 602 -31.11 -25.56 7.60
N VAL F 603 -31.07 -24.90 6.45
CA VAL F 603 -30.55 -23.54 6.32
C VAL F 603 -31.53 -22.72 5.49
N VAL F 604 -31.70 -21.46 5.88
CA VAL F 604 -32.62 -20.55 5.21
C VAL F 604 -31.88 -19.26 4.87
N VAL F 605 -32.02 -18.82 3.63
CA VAL F 605 -31.45 -17.56 3.15
C VAL F 605 -32.58 -16.67 2.67
N ASP F 606 -32.60 -15.43 3.14
CA ASP F 606 -33.66 -14.50 2.84
C ASP F 606 -33.09 -13.24 2.19
N ASP F 607 -33.93 -12.59 1.38
CA ASP F 607 -33.56 -11.38 0.66
C ASP F 607 -32.34 -11.64 -0.24
N ILE F 608 -32.56 -12.53 -1.20
CA ILE F 608 -31.50 -12.88 -2.14
C ILE F 608 -31.04 -11.65 -2.91
N GLU F 609 -31.99 -10.84 -3.37
CA GLU F 609 -31.61 -9.65 -4.15
C GLU F 609 -30.76 -8.69 -3.34
N ARG F 610 -30.97 -8.63 -2.02
CA ARG F 610 -30.12 -7.79 -1.19
C ARG F 610 -28.77 -8.45 -0.94
N LEU F 611 -28.75 -9.78 -0.83
CA LEU F 611 -27.49 -10.48 -0.60
C LEU F 611 -26.50 -10.19 -1.72
N LEU F 612 -26.94 -10.42 -2.97
CA LEU F 612 -26.17 -10.02 -4.15
C LEU F 612 -26.77 -8.71 -4.64
N ASP F 613 -26.36 -7.62 -4.01
CA ASP F 613 -26.92 -6.30 -4.25
C ASP F 613 -27.24 -6.09 -5.74
N TYR F 614 -28.46 -5.65 -6.00
CA TYR F 614 -28.95 -5.50 -7.36
C TYR F 614 -29.66 -4.16 -7.50
N VAL F 615 -29.45 -3.50 -8.63
CA VAL F 615 -30.05 -2.20 -8.89
C VAL F 615 -30.60 -2.19 -10.31
N PRO F 616 -31.84 -1.73 -10.53
CA PRO F 616 -32.40 -1.78 -11.89
C PRO F 616 -31.59 -1.00 -12.91
N ILE F 617 -30.91 0.07 -12.51
CA ILE F 617 -30.12 0.87 -13.44
C ILE F 617 -28.86 0.10 -13.82
N GLY F 618 -28.52 0.14 -15.10
CA GLY F 618 -27.45 -0.65 -15.65
C GLY F 618 -27.89 -1.94 -16.32
N PRO F 619 -28.27 -2.97 -15.54
CA PRO F 619 -28.27 -3.21 -14.09
C PRO F 619 -26.87 -3.48 -13.54
N ARG F 620 -26.72 -3.45 -12.22
N ARG F 620 -26.72 -3.41 -12.22
CA ARG F 620 -25.45 -3.70 -11.57
CA ARG F 620 -25.47 -3.68 -11.54
C ARG F 620 -25.65 -4.69 -10.43
C ARG F 620 -25.68 -4.75 -10.48
N PHE F 621 -24.65 -5.54 -10.21
CA PHE F 621 -24.69 -6.54 -9.15
C PHE F 621 -23.30 -7.13 -8.98
N SER F 622 -23.19 -8.06 -8.04
CA SER F 622 -21.93 -8.74 -7.74
C SER F 622 -21.98 -10.16 -8.31
N ASN F 623 -21.06 -10.46 -9.21
CA ASN F 623 -20.99 -11.77 -9.86
C ASN F 623 -20.36 -12.84 -8.96
N LEU F 624 -19.42 -12.46 -8.10
CA LEU F 624 -18.75 -13.44 -7.25
C LEU F 624 -19.74 -14.16 -6.36
N VAL F 625 -20.62 -13.42 -5.70
CA VAL F 625 -21.60 -14.04 -4.80
C VAL F 625 -22.58 -14.89 -5.58
N LEU F 626 -22.99 -14.43 -6.77
CA LEU F 626 -23.91 -15.23 -7.58
C LEU F 626 -23.30 -16.57 -7.94
N GLN F 627 -22.04 -16.56 -8.38
CA GLN F 627 -21.38 -17.82 -8.72
C GLN F 627 -21.18 -18.71 -7.52
N ALA F 628 -20.82 -18.14 -6.36
CA ALA F 628 -20.71 -18.95 -5.16
C ALA F 628 -22.03 -19.61 -4.81
N LEU F 629 -23.13 -18.86 -4.90
CA LEU F 629 -24.44 -19.46 -4.62
C LEU F 629 -24.77 -20.58 -5.60
N LEU F 630 -24.56 -20.34 -6.89
CA LEU F 630 -24.87 -21.37 -7.87
C LEU F 630 -24.05 -22.63 -7.64
N VAL F 631 -22.80 -22.48 -7.21
CA VAL F 631 -21.99 -23.66 -6.91
C VAL F 631 -22.50 -24.35 -5.65
N LEU F 632 -22.86 -23.57 -4.63
CA LEU F 632 -23.26 -24.18 -3.36
C LEU F 632 -24.61 -24.88 -3.44
N LEU F 633 -25.48 -24.45 -4.35
CA LEU F 633 -26.83 -25.00 -4.40
C LEU F 633 -26.89 -26.42 -4.97
N LYS F 634 -25.77 -26.97 -5.47
CA LYS F 634 -25.76 -28.31 -6.02
C LYS F 634 -24.57 -29.13 -5.54
N LYS F 635 -24.06 -28.84 -4.35
CA LYS F 635 -22.95 -29.59 -3.76
C LYS F 635 -23.49 -30.45 -2.62
N ALA F 636 -23.40 -31.77 -2.78
CA ALA F 636 -23.94 -32.68 -1.79
C ALA F 636 -23.03 -32.73 -0.56
N PRO F 637 -23.59 -32.96 0.63
CA PRO F 637 -22.76 -33.05 1.83
C PRO F 637 -22.05 -34.38 1.89
N PRO F 638 -21.19 -34.60 2.88
CA PRO F 638 -20.50 -35.89 3.00
C PRO F 638 -21.47 -37.06 3.02
N GLN F 639 -20.96 -38.26 2.75
CA GLN F 639 -21.83 -39.42 2.60
C GLN F 639 -22.64 -39.66 3.86
N GLY F 640 -23.94 -39.90 3.69
CA GLY F 640 -24.81 -40.28 4.79
C GLY F 640 -25.43 -39.15 5.56
N ARG F 641 -25.36 -37.91 5.06
CA ARG F 641 -25.91 -36.76 5.76
C ARG F 641 -26.91 -36.03 4.87
N LYS F 642 -27.84 -35.35 5.51
CA LYS F 642 -28.95 -34.71 4.81
C LYS F 642 -28.87 -33.21 5.01
N LEU F 643 -29.31 -32.42 4.03
CA LEU F 643 -29.34 -30.98 4.09
C LEU F 643 -30.58 -30.46 3.38
N LEU F 644 -31.17 -29.40 3.95
CA LEU F 644 -32.31 -28.71 3.35
C LEU F 644 -32.00 -27.22 3.25
N ILE F 645 -32.42 -26.60 2.16
CA ILE F 645 -32.16 -25.19 1.91
C ILE F 645 -33.47 -24.53 1.50
N ILE F 646 -33.76 -23.37 2.10
CA ILE F 646 -34.97 -22.62 1.80
C ILE F 646 -34.57 -21.17 1.50
N GLY F 647 -34.94 -20.70 0.31
CA GLY F 647 -34.60 -19.35 -0.11
C GLY F 647 -35.85 -18.51 -0.29
N THR F 648 -35.75 -17.22 0.07
CA THR F 648 -36.86 -16.29 -0.04
C THR F 648 -36.46 -15.10 -0.90
N THR F 649 -37.39 -14.65 -1.75
CA THR F 649 -37.16 -13.49 -2.60
C THR F 649 -38.50 -12.92 -3.01
N SER F 650 -38.45 -11.76 -3.68
CA SER F 650 -39.65 -11.08 -4.16
C SER F 650 -39.53 -10.62 -5.60
N ARG F 651 -38.45 -11.01 -6.31
CA ARG F 651 -38.24 -10.66 -7.72
C ARG F 651 -37.92 -11.96 -8.45
N LYS F 652 -38.96 -12.65 -8.93
CA LYS F 652 -38.75 -13.92 -9.60
C LYS F 652 -38.19 -13.71 -11.00
N ASP F 653 -38.66 -12.69 -11.71
CA ASP F 653 -38.24 -12.50 -13.10
C ASP F 653 -36.73 -12.30 -13.21
N VAL F 654 -36.16 -11.51 -12.30
CA VAL F 654 -34.71 -11.28 -12.34
C VAL F 654 -33.95 -12.58 -12.18
N LEU F 655 -34.32 -13.37 -11.16
CA LEU F 655 -33.63 -14.64 -10.94
C LEU F 655 -33.79 -15.57 -12.13
N GLN F 656 -34.99 -15.61 -12.73
CA GLN F 656 -35.18 -16.42 -13.92
C GLN F 656 -34.26 -15.97 -15.04
N GLU F 657 -34.09 -14.66 -15.21
CA GLU F 657 -33.21 -14.17 -16.26
C GLU F 657 -31.77 -14.58 -15.98
N MET F 658 -31.35 -14.51 -14.71
CA MET F 658 -29.96 -14.83 -14.36
C MET F 658 -29.65 -16.32 -14.45
N GLU F 659 -30.63 -17.17 -14.75
CA GLU F 659 -30.48 -18.61 -14.90
C GLU F 659 -30.32 -19.33 -13.57
N MET F 660 -30.71 -18.70 -12.46
CA MET F 660 -30.66 -19.35 -11.16
C MET F 660 -31.93 -20.11 -10.82
N LEU F 661 -33.07 -19.70 -11.39
CA LEU F 661 -34.33 -20.35 -11.06
C LEU F 661 -34.37 -21.82 -11.46
N ASN F 662 -33.47 -22.25 -12.34
CA ASN F 662 -33.39 -23.65 -12.72
C ASN F 662 -32.61 -24.51 -11.73
N ALA F 663 -31.87 -23.88 -10.82
CA ALA F 663 -31.13 -24.65 -9.82
C ALA F 663 -32.06 -25.20 -8.75
N PHE F 664 -33.03 -24.40 -8.32
CA PHE F 664 -33.95 -24.83 -7.27
C PHE F 664 -34.81 -25.99 -7.76
N SER F 665 -35.19 -26.85 -6.82
CA SER F 665 -35.98 -28.03 -7.17
C SER F 665 -37.45 -27.72 -7.36
N THR F 666 -37.99 -26.76 -6.60
CA THR F 666 -39.41 -26.46 -6.67
C THR F 666 -39.65 -25.06 -6.11
N THR F 667 -40.87 -24.57 -6.30
CA THR F 667 -41.23 -23.21 -5.91
C THR F 667 -42.60 -23.22 -5.22
N ILE F 668 -42.83 -22.21 -4.39
CA ILE F 668 -44.12 -21.99 -3.74
C ILE F 668 -44.47 -20.51 -3.87
N HIS F 669 -45.75 -20.22 -3.82
CA HIS F 669 -46.27 -18.87 -4.03
C HIS F 669 -46.97 -18.37 -2.78
N VAL F 670 -46.71 -17.12 -2.41
CA VAL F 670 -47.31 -16.49 -1.23
C VAL F 670 -48.16 -15.31 -1.69
N PRO F 671 -49.48 -15.41 -1.68
CA PRO F 671 -50.32 -14.34 -2.23
C PRO F 671 -50.69 -13.30 -1.18
N ASN F 672 -51.31 -12.22 -1.66
CA ASN F 672 -51.80 -11.14 -0.81
C ASN F 672 -53.25 -11.41 -0.40
N ILE F 673 -53.87 -10.44 0.25
CA ILE F 673 -55.29 -10.50 0.57
C ILE F 673 -56.07 -10.01 -0.66
N ALA F 674 -56.99 -10.84 -1.13
CA ALA F 674 -57.71 -10.57 -2.38
C ALA F 674 -59.12 -10.05 -2.15
N THR F 675 -59.93 -10.77 -1.38
CA THR F 675 -61.33 -10.42 -1.19
C THR F 675 -61.53 -9.72 0.15
N GLY F 676 -62.66 -9.00 0.25
CA GLY F 676 -62.96 -8.28 1.46
C GLY F 676 -63.28 -9.18 2.64
N GLU F 677 -63.76 -10.39 2.37
CA GLU F 677 -64.07 -11.33 3.45
C GLU F 677 -62.80 -11.69 4.21
N GLN F 678 -61.71 -11.94 3.49
CA GLN F 678 -60.45 -12.25 4.14
C GLN F 678 -59.96 -11.08 4.97
N LEU F 679 -60.12 -9.86 4.46
CA LEU F 679 -59.73 -8.67 5.22
C LEU F 679 -60.55 -8.55 6.50
N LEU F 680 -61.86 -8.81 6.41
CA LEU F 680 -62.70 -8.74 7.60
C LEU F 680 -62.29 -9.81 8.62
N GLU F 681 -61.98 -11.01 8.14
CA GLU F 681 -61.52 -12.06 9.05
C GLU F 681 -60.22 -11.67 9.72
N ALA F 682 -59.30 -11.06 8.97
CA ALA F 682 -58.03 -10.62 9.56
C ALA F 682 -58.27 -9.55 10.61
N LEU F 683 -59.15 -8.59 10.32
CA LEU F 683 -59.46 -7.56 11.32
C LEU F 683 -60.07 -8.18 12.56
N GLU F 684 -60.98 -9.14 12.38
CA GLU F 684 -61.60 -9.79 13.54
C GLU F 684 -60.55 -10.51 14.38
N LEU F 685 -59.63 -11.23 13.73
CA LEU F 685 -58.58 -11.91 14.47
C LEU F 685 -57.69 -10.92 15.21
N LEU F 686 -57.35 -9.80 14.56
CA LEU F 686 -56.54 -8.79 15.23
C LEU F 686 -57.30 -8.14 16.39
N GLY F 687 -58.61 -7.98 16.23
CA GLY F 687 -59.42 -7.40 17.29
C GLY F 687 -59.09 -5.96 17.61
N ASN F 688 -58.92 -5.12 16.59
CA ASN F 688 -58.63 -3.71 16.78
C ASN F 688 -59.86 -2.82 16.62
N PHE F 689 -60.88 -3.28 15.91
CA PHE F 689 -62.12 -2.53 15.72
C PHE F 689 -63.29 -3.32 16.29
N LYS F 690 -64.25 -2.58 16.85
CA LYS F 690 -65.44 -3.20 17.44
C LYS F 690 -66.55 -3.32 16.39
N ASP F 691 -67.70 -3.84 16.82
CA ASP F 691 -68.75 -4.20 15.88
C ASP F 691 -69.28 -2.98 15.12
N LYS F 692 -69.44 -1.85 15.81
CA LYS F 692 -70.05 -0.69 15.18
C LYS F 692 -69.27 -0.24 13.97
N GLU F 693 -67.94 -0.15 14.09
CA GLU F 693 -67.12 0.25 12.96
C GLU F 693 -66.98 -0.87 11.94
N ARG F 694 -66.93 -2.12 12.41
CA ARG F 694 -66.83 -3.25 11.50
C ARG F 694 -68.03 -3.30 10.56
N THR F 695 -69.21 -2.90 11.03
CA THR F 695 -70.39 -2.91 10.18
C THR F 695 -70.20 -1.95 9.00
N THR F 696 -69.77 -0.73 9.28
CA THR F 696 -69.55 0.25 8.21
C THR F 696 -68.44 -0.23 7.27
N ILE F 697 -67.37 -0.79 7.84
CA ILE F 697 -66.26 -1.26 7.01
C ILE F 697 -66.75 -2.36 6.07
N ALA F 698 -67.55 -3.30 6.59
CA ALA F 698 -68.09 -4.36 5.75
C ALA F 698 -68.99 -3.78 4.67
N GLN F 699 -69.83 -2.81 5.03
CA GLN F 699 -70.68 -2.17 4.01
C GLN F 699 -69.84 -1.59 2.89
N GLN F 700 -68.73 -0.94 3.24
CA GLN F 700 -67.94 -0.25 2.23
C GLN F 700 -67.13 -1.21 1.37
N VAL F 701 -66.54 -2.23 1.99
CA VAL F 701 -65.50 -3.03 1.32
C VAL F 701 -66.05 -4.32 0.75
N LYS F 702 -67.06 -4.89 1.40
CA LYS F 702 -67.49 -6.25 1.05
C LYS F 702 -67.85 -6.37 -0.42
N GLY F 703 -68.36 -5.29 -1.03
CA GLY F 703 -68.71 -5.31 -2.43
C GLY F 703 -67.60 -4.80 -3.34
N LYS F 704 -66.39 -5.34 -3.19
CA LYS F 704 -65.26 -4.92 -3.99
C LYS F 704 -64.07 -5.81 -3.68
N LYS F 705 -63.12 -5.86 -4.62
CA LYS F 705 -61.88 -6.59 -4.45
C LYS F 705 -60.79 -5.67 -3.91
N VAL F 706 -59.83 -6.26 -3.21
CA VAL F 706 -58.75 -5.52 -2.56
C VAL F 706 -57.42 -6.18 -2.88
N TRP F 707 -56.34 -5.42 -2.67
N TRP F 707 -56.34 -5.42 -2.69
CA TRP F 707 -54.98 -5.88 -2.94
CA TRP F 707 -54.98 -5.91 -2.94
C TRP F 707 -54.07 -5.20 -1.93
C TRP F 707 -54.06 -5.21 -1.94
N ILE F 708 -53.77 -5.89 -0.83
CA ILE F 708 -52.98 -5.33 0.25
C ILE F 708 -52.23 -6.44 0.96
N GLY F 709 -51.01 -6.12 1.44
CA GLY F 709 -50.24 -7.04 2.22
C GLY F 709 -50.46 -6.86 3.71
N ILE F 710 -50.22 -7.94 4.46
CA ILE F 710 -50.53 -7.94 5.89
C ILE F 710 -49.67 -6.92 6.63
N LYS F 711 -48.38 -6.85 6.32
CA LYS F 711 -47.50 -5.90 6.99
C LYS F 711 -47.98 -4.47 6.77
N LYS F 712 -48.32 -4.14 5.53
CA LYS F 712 -48.86 -2.81 5.24
C LYS F 712 -50.17 -2.59 5.96
N LEU F 713 -50.99 -3.64 6.09
CA LEU F 713 -52.26 -3.51 6.80
C LEU F 713 -52.02 -3.14 8.27
N LEU F 714 -51.06 -3.80 8.91
CA LEU F 714 -50.74 -3.46 10.30
C LEU F 714 -50.25 -2.02 10.39
N MET F 715 -49.39 -1.62 9.44
CA MET F 715 -48.89 -0.25 9.47
C MET F 715 -50.05 0.75 9.35
N LEU F 716 -50.98 0.49 8.44
CA LEU F 716 -52.10 1.40 8.23
C LEU F 716 -52.99 1.46 9.47
N ILE F 717 -53.27 0.32 10.09
CA ILE F 717 -54.11 0.30 11.28
C ILE F 717 -53.46 1.13 12.38
N GLU F 718 -52.16 0.91 12.61
CA GLU F 718 -51.46 1.65 13.64
C GLU F 718 -51.47 3.15 13.34
N MET F 719 -51.26 3.51 12.08
N MET F 719 -51.27 3.52 12.07
CA MET F 719 -51.24 4.92 11.70
CA MET F 719 -51.24 4.93 11.71
C MET F 719 -52.60 5.59 11.89
C MET F 719 -52.60 5.58 11.93
N SER F 720 -53.69 4.89 11.56
CA SER F 720 -55.01 5.48 11.69
C SER F 720 -55.46 5.55 13.14
N LEU F 721 -54.98 4.63 13.98
CA LEU F 721 -55.44 4.61 15.37
C LEU F 721 -55.04 5.85 16.14
N GLN F 722 -54.08 6.63 15.64
CA GLN F 722 -53.54 7.73 16.44
C GLN F 722 -54.59 8.80 16.74
N MET F 723 -55.39 9.18 15.76
CA MET F 723 -56.28 10.31 15.94
C MET F 723 -57.46 9.94 16.84
N ASP F 724 -58.36 10.90 17.01
CA ASP F 724 -59.47 10.74 17.94
C ASP F 724 -60.44 9.68 17.43
N PRO F 725 -61.26 9.11 18.32
CA PRO F 725 -62.15 8.01 17.92
C PRO F 725 -63.13 8.41 16.82
N GLU F 726 -63.38 9.70 16.62
CA GLU F 726 -64.38 10.12 15.64
C GLU F 726 -63.86 9.96 14.22
N TYR F 727 -62.57 10.23 14.01
CA TYR F 727 -61.99 10.30 12.67
C TYR F 727 -61.31 9.01 12.23
N ARG F 728 -61.28 7.99 13.09
CA ARG F 728 -60.44 6.81 12.82
C ARG F 728 -60.93 6.06 11.59
N VAL F 729 -62.23 5.79 11.51
CA VAL F 729 -62.77 5.01 10.40
C VAL F 729 -62.55 5.74 9.09
N ARG F 730 -62.83 7.05 9.07
CA ARG F 730 -62.67 7.82 7.86
C ARG F 730 -61.20 7.85 7.42
N LYS F 731 -60.28 8.03 8.37
CA LYS F 731 -58.86 8.04 8.02
C LYS F 731 -58.43 6.70 7.44
N PHE F 732 -58.84 5.61 8.08
CA PHE F 732 -58.47 4.28 7.60
C PHE F 732 -58.99 4.03 6.19
N LEU F 733 -60.27 4.33 5.96
CA LEU F 733 -60.85 4.12 4.64
C LEU F 733 -60.20 5.03 3.60
N ALA F 734 -59.82 6.24 3.99
CA ALA F 734 -59.13 7.14 3.07
C ALA F 734 -57.79 6.56 2.65
N LEU F 735 -56.99 6.11 3.62
CA LEU F 735 -55.68 5.56 3.28
C LEU F 735 -55.82 4.31 2.42
N LEU F 736 -56.80 3.46 2.74
CA LEU F 736 -56.94 2.21 1.98
C LEU F 736 -57.10 2.48 0.49
N ARG F 737 -57.79 3.56 0.11
CA ARG F 737 -57.99 3.85 -1.30
C ARG F 737 -56.68 4.19 -2.00
N GLU F 738 -55.82 4.98 -1.35
CA GLU F 738 -54.51 5.29 -1.94
C GLU F 738 -53.64 4.04 -2.03
N GLU F 739 -53.63 3.21 -0.99
CA GLU F 739 -52.86 1.98 -1.06
C GLU F 739 -53.57 0.87 -1.84
N GLY F 740 -54.81 1.10 -2.26
CA GLY F 740 -55.50 0.11 -3.08
C GLY F 740 -54.90 0.01 -4.47
N ALA F 741 -55.04 -1.17 -5.06
CA ALA F 741 -54.51 -1.42 -6.40
C ALA F 741 -54.98 -2.78 -6.90
N SER F 742 -54.57 -3.15 -8.12
CA SER F 742 -54.89 -4.44 -8.70
C SER F 742 -53.63 -5.09 -9.25
N PRO F 743 -53.59 -6.42 -9.31
CA PRO F 743 -52.40 -7.11 -9.83
C PRO F 743 -52.21 -6.91 -11.33
N MET G 2 7.45 -6.29 1.06
CA MET G 2 7.33 -5.92 2.50
C MET G 2 8.53 -5.07 2.92
N ALA G 3 8.25 -3.94 3.56
CA ALA G 3 9.29 -3.03 4.01
C ALA G 3 9.87 -3.56 5.31
N GLU G 4 11.18 -3.72 5.35
CA GLU G 4 11.85 -4.27 6.54
C GLU G 4 11.64 -3.33 7.72
N ASP G 5 11.52 -3.91 8.91
CA ASP G 5 11.28 -3.12 10.11
C ASP G 5 12.37 -2.09 10.31
N ALA G 6 11.97 -0.90 10.75
CA ALA G 6 12.91 0.19 10.94
C ALA G 6 13.84 -0.12 12.11
N ASP G 7 14.77 0.80 12.36
CA ASP G 7 15.71 0.63 13.45
C ASP G 7 15.04 0.94 14.78
N MET G 8 15.68 0.51 15.87
CA MET G 8 15.13 0.67 17.21
C MET G 8 16.20 1.21 18.15
N ARG G 9 15.73 1.87 19.21
CA ARG G 9 16.60 2.32 20.28
C ARG G 9 16.90 1.16 21.21
N ASN G 10 17.61 1.43 22.31
CA ASN G 10 17.97 0.41 23.27
C ASN G 10 18.01 1.02 24.67
N GLU G 11 17.78 0.17 25.67
CA GLU G 11 17.80 0.56 27.08
C GLU G 11 18.86 -0.23 27.81
N LEU G 12 19.52 0.41 28.79
CA LEU G 12 20.70 -0.14 29.43
C LEU G 12 20.50 -0.23 30.94
N GLU G 13 21.15 -1.23 31.53
CA GLU G 13 21.05 -1.55 32.94
C GLU G 13 22.46 -1.63 33.52
N GLU G 14 22.68 -0.97 34.66
CA GLU G 14 23.99 -0.85 35.28
C GLU G 14 24.10 -1.83 36.45
N MET G 15 25.31 -2.36 36.64
CA MET G 15 25.59 -3.33 37.70
C MET G 15 26.75 -2.83 38.56
N GLN G 16 26.71 -3.15 39.84
CA GLN G 16 27.67 -2.67 40.81
C GLN G 16 28.48 -3.85 41.34
N ARG G 17 29.80 -3.68 41.34
CA ARG G 17 30.71 -4.69 41.88
C ARG G 17 31.14 -4.30 43.29
PG ATP H . -26.09 -30.89 -14.49
O1G ATP H . -25.46 -30.02 -15.52
O2G ATP H . -25.32 -30.95 -13.18
O3G ATP H . -27.55 -30.54 -14.19
PB ATP H . -25.17 -33.60 -15.30
O1B ATP H . -23.76 -33.24 -15.05
O2B ATP H . -25.49 -34.10 -16.71
O3B ATP H . -26.14 -32.40 -15.00
PA ATP H . -25.02 -35.85 -13.39
O1A ATP H . -24.38 -35.28 -12.19
O2A ATP H . -24.09 -36.65 -14.31
O3A ATP H . -25.68 -34.72 -14.29
O5' ATP H . -26.25 -36.77 -13.01
C5' ATP H . -26.28 -38.17 -13.37
C4' ATP H . -26.98 -38.92 -12.28
O4' ATP H . -27.76 -39.96 -12.93
C3' ATP H . -25.98 -39.68 -11.42
O3' ATP H . -26.67 -40.00 -10.22
C2' ATP H . -25.84 -41.00 -12.18
O2' ATP H . -25.58 -41.99 -11.20
C1' ATP H . -27.29 -41.23 -12.55
N9 ATP H . -27.42 -42.10 -13.72
C8 ATP H . -28.08 -43.29 -13.79
N7 ATP H . -28.04 -43.86 -14.96
C5 ATP H . -27.31 -42.97 -15.73
C6 ATP H . -26.91 -42.99 -17.08
N6 ATP H . -27.20 -43.96 -17.94
N1 ATP H . -26.18 -41.94 -17.54
C2 ATP H . -25.89 -40.95 -16.69
N3 ATP H . -26.21 -40.82 -15.39
C4 ATP H . -26.92 -41.87 -14.98
H5'1 ATP H . -25.37 -38.50 -13.47
H5'2 ATP H . -26.75 -38.28 -14.21
H4' ATP H . -27.54 -38.34 -11.75
H3' ATP H . -25.14 -39.22 -11.28
HO3' ATP H . -26.29 -40.69 -9.89
H2' ATP H . -25.22 -40.99 -12.92
HO2' ATP H . -25.12 -42.61 -11.59
H1' ATP H . -27.80 -41.59 -11.80
H8 ATP H . -28.51 -43.68 -13.06
HN61 ATP H . -27.66 -44.64 -17.67
HN62 ATP H . -26.92 -43.92 -18.75
H2 ATP H . -25.39 -40.25 -17.04
PB ADP I . 13.38 -35.82 -0.79
O1B ADP I . 14.41 -34.82 -0.51
O2B ADP I . 13.15 -35.96 -2.25
O3B ADP I . 12.13 -35.52 -0.03
PA ADP I . 14.09 -37.95 1.18
O1A ADP I . 15.49 -38.49 1.25
O2A ADP I . 13.67 -36.99 2.23
O3A ADP I . 13.90 -37.26 -0.24
O5' ADP I . 13.08 -39.18 1.16
C5' ADP I . 12.56 -39.72 2.41
C4' ADP I . 12.92 -41.18 2.58
O4' ADP I . 12.42 -41.97 1.47
C3' ADP I . 14.40 -41.55 2.58
O3' ADP I . 15.07 -41.20 3.79
C2' ADP I . 14.30 -43.06 2.38
O2' ADP I . 13.93 -43.72 3.56
C1' ADP I . 13.19 -43.14 1.34
N9 ADP I . 13.68 -43.25 -0.02
C8 ADP I . 13.49 -42.35 -1.04
N7 ADP I . 14.08 -42.70 -2.16
C5 ADP I . 14.71 -43.89 -1.86
C6 ADP I . 15.51 -44.75 -2.62
N6 ADP I . 15.81 -44.54 -3.89
N1 ADP I . 16.01 -45.85 -2.00
C2 ADP I . 15.69 -46.06 -0.73
N3 ADP I . 14.94 -45.32 0.09
C4 ADP I . 14.48 -44.23 -0.54
H5'1 ADP I . 11.57 -39.63 2.42
H5'2 ADP I . 12.93 -39.21 3.16
H4' ADP I . 12.50 -41.51 3.41
H3' ADP I . 14.86 -41.13 1.81
HO3' ADP I . 15.88 -41.42 3.72
H2' ADP I . 15.15 -43.42 2.02
HO2' ADP I . 14.50 -43.54 4.17
H1' ADP I . 12.63 -43.93 1.54
H8 ADP I . 12.97 -41.56 -0.95
HN61 ADP I . 15.51 -43.82 -4.29
HN62 ADP I . 16.33 -45.10 -4.32
H2 ADP I . 16.05 -46.84 -0.35
PG ATP J . 29.72 -12.00 -12.17
O1G ATP J . 29.09 -10.85 -12.87
O2G ATP J . 30.02 -11.73 -10.70
O3G ATP J . 28.95 -13.31 -12.29
PB ATP J . 32.52 -11.60 -13.09
O1B ATP J . 32.42 -10.66 -14.23
O2B ATP J . 33.00 -11.00 -11.77
O3B ATP J . 31.15 -12.32 -12.80
PA ATP J . 34.82 -13.42 -12.84
O1A ATP J . 34.62 -13.95 -11.47
O2A ATP J . 35.87 -12.32 -12.95
O3A ATP J . 33.48 -12.83 -13.42
O5' ATP J . 35.19 -14.57 -13.85
C5' ATP J . 35.10 -15.95 -13.49
C4' ATP J . 36.20 -16.72 -14.16
O4' ATP J . 36.10 -16.47 -15.56
C3' ATP J . 37.56 -16.11 -13.84
O3' ATP J . 38.04 -16.82 -12.70
C2' ATP J . 38.39 -16.61 -15.01
O2' ATP J . 38.58 -18.00 -14.78
C1' ATP J . 37.38 -16.57 -16.16
N9 ATP J . 37.55 -15.38 -17.00
C8 ATP J . 36.65 -14.38 -17.21
N7 ATP J . 37.07 -13.44 -18.01
C5 ATP J . 38.36 -13.84 -18.33
C6 ATP J . 39.36 -13.27 -19.14
N6 ATP J . 39.21 -12.12 -19.81
N1 ATP J . 40.54 -13.93 -19.25
C2 ATP J . 40.69 -15.08 -18.60
N3 ATP J . 39.82 -15.72 -17.81
C4 ATP J . 38.67 -15.04 -17.71
H5'1 ATP J . 34.24 -16.31 -13.77
H5'2 ATP J . 35.18 -16.04 -12.52
H4' ATP J . 36.16 -17.66 -13.94
H3' ATP J . 37.56 -15.16 -13.73
HO3' ATP J . 38.43 -16.26 -12.21
H2' ATP J . 39.22 -16.12 -15.17
HO2' ATP J . 38.68 -18.10 -13.95
H1' ATP J . 37.44 -17.38 -16.71
H8 ATP J . 35.80 -14.38 -16.84
HN61 ATP J . 38.49 -11.67 -19.74
HN62 ATP J . 39.85 -11.83 -20.30
H2 ATP J . 41.51 -15.50 -18.71
PG ATP K . -2.28 -23.40 -35.12
O1G ATP K . -3.22 -22.80 -36.11
O2G ATP K . -1.59 -22.39 -34.22
O3G ATP K . -2.93 -24.48 -34.25
PB ATP K . 0.14 -23.83 -36.78
O1B ATP K . 1.10 -22.93 -36.10
O2B ATP K . -0.40 -23.35 -38.12
O3B ATP K . -1.09 -24.15 -35.86
PA ATP K . 2.07 -26.05 -36.56
O1A ATP K . 2.23 -26.01 -35.10
O2A ATP K . 3.23 -25.46 -37.35
O3A ATP K . 0.77 -25.27 -37.02
O5' ATP K . 1.79 -27.52 -37.07
C5' ATP K . 2.44 -28.05 -38.25
C4' ATP K . 2.71 -29.51 -38.04
O4' ATP K . 2.82 -30.11 -39.35
C3' ATP K . 4.08 -29.72 -37.40
O3' ATP K . 4.04 -31.03 -36.84
C2' ATP K . 4.99 -29.82 -38.61
O2' ATP K . 6.05 -30.69 -38.25
C1' ATP K . 4.11 -30.65 -39.53
N9 ATP K . 4.45 -30.48 -40.93
C8 ATP K . 4.79 -31.47 -41.82
N7 ATP K . 5.05 -31.02 -43.03
C5 ATP K . 4.88 -29.66 -42.92
C6 ATP K . 5.02 -28.60 -43.86
N6 ATP K . 5.36 -28.78 -45.13
N1 ATP K . 4.76 -27.35 -43.42
C2 ATP K . 4.42 -27.17 -42.15
N3 ATP K . 4.26 -28.07 -41.18
C4 ATP K . 4.51 -29.30 -41.64
H5'1 ATP K . 3.28 -27.58 -38.40
H5'2 ATP K . 1.87 -27.92 -39.02
H4' ATP K . 2.00 -29.92 -37.50
H3' ATP K . 4.33 -29.03 -36.76
HO3' ATP K . 4.75 -31.11 -36.38
H2' ATP K . 5.27 -28.96 -38.98
HO2' ATP K . 6.63 -30.64 -38.87
H1' ATP K . 4.14 -31.59 -39.28
H8 ATP K . 4.82 -32.36 -41.59
HN61 ATP K . 5.35 -29.58 -45.47
HN62 ATP K . 5.60 -28.12 -45.61
H2 ATP K . 4.26 -26.28 -41.90
PG ATP L . 6.99 7.10 -38.63
O1G ATP L . 5.79 7.45 -39.40
O2G ATP L . 6.86 7.48 -37.21
O3G ATP L . 7.39 5.68 -38.80
PB ATP L . 8.63 9.40 -39.58
O1B ATP L . 8.66 10.25 -38.38
O2B ATP L . 7.66 9.69 -40.62
O3B ATP L . 8.26 7.90 -39.20
PA ATP L . 11.59 9.18 -39.66
O1A ATP L . 11.61 8.12 -38.62
O2A ATP L . 12.11 10.50 -39.25
O3A ATP L . 10.10 9.30 -40.21
O5' ATP L . 12.41 8.67 -40.93
C5' ATP L . 13.02 9.57 -41.90
C4' ATP L . 14.25 8.92 -42.46
O4' ATP L . 14.51 9.44 -43.79
C3' ATP L . 15.55 9.17 -41.69
O3' ATP L . 16.45 8.08 -41.79
C2' ATP L . 16.14 10.36 -42.41
O2' ATP L . 17.53 10.46 -42.21
C1' ATP L . 15.80 10.00 -43.86
N9 ATP L . 15.78 11.14 -44.77
C8 ATP L . 16.53 11.29 -45.90
N7 ATP L . 16.30 12.41 -46.52
C5 ATP L . 15.33 13.04 -45.75
C6 ATP L . 14.67 14.28 -45.87
N6 ATP L . 14.86 15.13 -46.88
N1 ATP L . 13.75 14.59 -44.93
C2 ATP L . 13.55 13.74 -43.93
N3 ATP L . 14.12 12.56 -43.71
C4 ATP L . 15.01 12.27 -44.66
H5'1 ATP L . 13.26 10.42 -41.46
H5'2 ATP L . 12.38 9.75 -42.63
H4' ATP L . 14.09 7.95 -42.52
H3' ATP L . 15.36 9.38 -40.73
HO3' ATP L . 17.19 8.29 -41.42
H2' ATP L . 15.69 11.20 -42.14
HO2' ATP L . 17.83 11.12 -42.65
H1' ATP L . 16.45 9.33 -44.18
H8 ATP L . 17.15 10.65 -46.21
HN61 ATP L . 15.42 14.93 -47.51
HN62 ATP L . 14.42 15.89 -46.89
H2 ATP L . 12.91 14.00 -43.29
PG ATP M . 27.98 18.30 -4.42
O1G ATP M . 26.73 19.05 -4.61
O2G ATP M . 28.09 17.17 -5.34
O3G ATP M . 28.14 17.88 -3.01
PB ATP M . 29.56 20.85 -4.49
O1B ATP M . 29.73 20.98 -3.04
O2B ATP M . 28.55 21.67 -5.15
O3B ATP M . 29.18 19.32 -4.77
PA ATP M . 32.54 21.23 -4.84
O1A ATP M . 32.97 20.18 -3.89
O2A ATP M . 32.77 22.61 -4.37
O3A ATP M . 30.99 21.02 -5.18
O5' ATP M . 33.24 21.04 -6.26
C5' ATP M . 34.39 20.17 -6.49
C4' ATP M . 35.54 20.95 -7.08
O4' ATP M . 35.16 21.57 -8.33
C3' ATP M . 36.11 22.10 -6.27
O3' ATP M . 36.99 21.69 -5.24
C2' ATP M . 36.85 22.87 -7.36
O2' ATP M . 38.06 22.22 -7.67
C1' ATP M . 35.87 22.78 -8.52
N9 ATP M . 34.92 23.87 -8.57
C8 ATP M . 33.58 23.81 -8.36
N7 ATP M . 33.01 24.98 -8.47
C5 ATP M . 34.04 25.86 -8.75
C6 ATP M . 34.09 27.25 -8.96
N6 ATP M . 33.02 28.04 -8.91
N1 ATP M . 35.29 27.81 -9.21
C2 ATP M . 36.36 27.02 -9.24
N3 ATP M . 36.45 25.70 -9.07
C4 ATP M . 35.24 25.19 -8.81
H5'1 ATP M . 34.13 19.44 -7.10
H5'2 ATP M . 34.68 19.77 -5.63
H4' ATP M . 36.26 20.31 -7.27
H3' ATP M . 35.38 22.66 -5.90
HO3' ATP M . 37.27 22.38 -4.83
H2' ATP M . 37.00 23.81 -7.09
HO2' ATP M . 38.53 22.16 -6.97
H1' ATP M . 36.38 22.73 -9.36
H8 ATP M . 33.10 23.02 -8.18
HN61 ATP M . 32.23 27.69 -8.75
HN62 ATP M . 33.11 28.91 -9.06
H2 ATP M . 37.18 27.45 -9.43
PG ATP N . -7.18 30.85 -22.09
O1G ATP N . -8.27 31.07 -23.07
O2G ATP N . -7.52 29.81 -21.03
O3G ATP N . -5.83 30.50 -22.72
PB ATP N . -7.69 33.42 -20.67
O1B ATP N . -7.99 33.25 -19.24
O2B ATP N . -8.88 33.69 -21.58
O3B ATP N . -6.91 32.18 -21.26
PA ATP N . -5.38 35.18 -20.16
O1A ATP N . -5.76 35.92 -18.94
O2A ATP N . -4.41 34.02 -19.96
O3A ATP N . -6.65 34.61 -20.90
O5' ATP N . -4.75 36.16 -21.24
C5' ATP N . -4.81 37.59 -21.08
C4' ATP N . -3.51 38.19 -21.54
O4' ATP N . -3.83 39.43 -22.20
C3' ATP N . -2.66 38.60 -20.35
O3' ATP N . -1.34 38.76 -20.87
C2' ATP N . -3.16 40.01 -20.06
O2' ATP N . -2.06 40.72 -19.53
C1' ATP N . -3.29 40.52 -21.48
N9 ATP N . -4.27 41.61 -21.57
C8 ATP N . -4.05 42.86 -22.10
N7 ATP N . -5.10 43.64 -22.05
C5 ATP N . -6.07 42.86 -21.46
C6 ATP N . -7.42 43.10 -21.12
N6 ATP N . -8.04 44.26 -21.35
N1 ATP N . -8.11 42.09 -20.53
C2 ATP N . -7.49 40.94 -20.29
N3 ATP N . -6.23 40.60 -20.57
C4 ATP N . -5.57 41.60 -21.15
H5'1 ATP N . -4.96 37.81 -20.15
H5'2 ATP N . -5.55 37.95 -21.62
H4' ATP N . -3.03 37.58 -22.13
H3' ATP N . -2.70 37.99 -19.59
HO3' ATP N . -0.95 39.33 -20.36
H2' ATP N . -3.97 40.05 -19.52
HO2' ATP N . -2.37 41.39 -19.10
H1' ATP N . -2.44 40.80 -21.84
H8 ATP N . -3.23 43.12 -22.45
HN61 ATP N . -7.62 44.92 -21.70
HN62 ATP N . -8.87 44.34 -21.14
H2 ATP N . -8.00 40.28 -19.89
PG ATP O . 9.40 29.97 17.28
O1G ATP O . 8.01 29.49 17.02
O2G ATP O . 10.11 29.24 18.40
O3G ATP O . 10.29 29.97 16.04
PB ATP O . 8.80 32.39 18.91
O1B ATP O . 9.22 31.89 20.24
O2B ATP O . 7.30 32.52 18.67
O3B ATP O . 9.39 31.49 17.74
PA ATP O . 10.52 34.75 19.27
O1A ATP O . 11.82 34.05 19.44
O2A ATP O . 9.91 35.27 20.56
O3A ATP O . 9.45 33.80 18.60
O5' ATP O . 10.64 35.95 18.26
C5' ATP O . 11.88 36.24 17.58
C4' ATP O . 12.19 37.72 17.70
O4' ATP O . 11.19 38.41 16.94
C3' ATP O . 11.93 38.22 19.11
O3' ATP O . 13.18 38.13 19.78
C2' ATP O . 11.72 39.71 18.85
O2' ATP O . 12.98 40.22 18.45
C1' ATP O . 10.91 39.67 17.54
N9 ATP O . 9.47 39.70 17.79
C8 ATP O . 8.57 38.71 17.53
N7 ATP O . 7.34 39.00 17.86
C5 ATP O . 7.44 40.28 18.38
C6 ATP O . 6.48 41.17 18.91
N6 ATP O . 5.18 40.89 19.01
N1 ATP O . 6.91 42.37 19.34
C2 ATP O . 8.22 42.66 19.24
N3 ATP O . 9.21 41.91 18.76
C4 ATP O . 8.75 40.72 18.35
H5'1 ATP O . 11.79 36.01 16.64
H5'2 ATP O . 12.59 35.73 17.98
H4' ATP O . 13.10 37.90 17.40
H3' ATP O . 11.20 37.78 19.57
HO3' ATP O . 13.02 38.24 20.60
H2' ATP O . 11.29 40.20 19.57
HO2' ATP O . 13.46 40.24 19.16
H1' ATP O . 11.17 40.40 16.96
H8 ATP O . 8.81 37.89 17.14
HN61 ATP O . 4.88 40.11 18.79
HN62 ATP O . 4.64 41.48 19.30
H2 ATP O . 8.47 43.50 19.55
PG ATP P . -31.15 23.71 -0.99
O1G ATP P . -30.76 22.33 -0.61
O2G ATP P . -32.14 23.77 -2.16
O3G ATP P . -29.98 24.64 -1.29
PB ATP P . -33.06 24.10 1.27
O1B ATP P . -32.70 22.93 2.10
O2B ATP P . -34.38 24.01 0.52
O3B ATP P . -31.93 24.42 0.21
PA ATP P . -32.40 25.97 3.47
O1A ATP P . -31.01 26.40 3.22
O2A ATP P . -32.55 24.86 4.51
O3A ATP P . -33.08 25.44 2.14
O5' ATP P . -33.33 27.17 3.90
C5' ATP P . -33.14 28.49 3.34
C4' ATP P . -33.09 29.54 4.43
O4' ATP P . -34.43 30.06 4.56
C3' ATP P . -32.77 28.93 5.80
O3' ATP P . -31.81 29.81 6.38
C2' ATP P . -34.04 29.16 6.62
O2' ATP P . -33.62 29.66 7.87
C1' ATP P . -34.62 30.37 5.91
N9 ATP P . -36.07 30.50 6.11
C8 ATP P . -36.73 31.64 6.44
N7 ATP P . -38.03 31.48 6.56
C5 ATP P . -38.22 30.14 6.30
C6 ATP P . -39.38 29.34 6.26
N6 ATP P . -40.62 29.80 6.50
N1 ATP P . -39.23 28.03 5.96
C2 ATP P . -38.01 27.57 5.71
N3 ATP P . -36.84 28.23 5.71
C4 ATP P . -37.02 29.52 6.01
H5'1 ATP P . -33.86 28.69 2.73
H5'2 ATP P . -32.30 28.51 2.86
H4' ATP P . -32.45 30.23 4.21
H3' ATP P . -32.47 28.00 5.78
HO3' ATP P . -31.48 29.40 7.05
H2' ATP P . -34.62 28.38 6.68
HO2' ATP P . -33.10 30.32 7.71
H1' ATP P . -34.17 31.18 6.17
H8 ATP P . -36.32 32.45 6.57
HN61 ATP P . -40.76 30.64 6.58
HN62 ATP P . -41.27 29.24 6.59
H2 ATP P . -37.95 26.66 5.50
PG ATP Q . -7.09 12.64 36.89
O1G ATP Q . -7.82 11.50 36.27
O2G ATP Q . -6.95 13.85 35.96
O3G ATP Q . -5.70 12.27 37.42
PB ATP Q . -8.86 12.68 39.28
O1B ATP Q . -8.14 11.93 40.32
O2B ATP Q . -10.00 11.95 38.58
O3B ATP Q . -7.87 13.19 38.16
PA ATP Q . -9.43 14.82 41.24
O1A ATP Q . -8.10 15.37 41.53
O2A ATP Q . -9.95 13.84 42.29
O3A ATP Q . -9.45 14.04 39.85
O5' ATP Q . -10.51 15.95 41.02
C5' ATP Q . -10.13 17.23 40.49
C4' ATP Q . -10.62 18.35 41.39
O4' ATP Q . -11.91 18.76 40.88
C3' ATP Q . -10.94 17.85 42.79
O3' ATP Q . -9.79 18.14 43.57
C2' ATP Q . -12.00 18.87 43.22
O2' ATP Q . -11.34 20.11 43.31
C1' ATP Q . -12.83 18.96 41.93
N9 ATP Q . -13.81 17.89 41.85
C8 ATP Q . -13.85 16.88 40.92
N7 ATP Q . -14.84 16.05 41.08
C5 ATP Q . -15.52 16.54 42.18
C6 ATP Q . -16.67 16.12 42.87
N6 ATP Q . -17.39 15.04 42.51
N1 ATP Q . -17.08 16.84 43.93
C2 ATP Q . -16.37 17.91 44.29
N3 ATP Q . -15.26 18.42 43.72
C4 ATP Q . -14.89 17.68 42.67
H5'1 ATP Q . -10.53 17.34 39.62
H5'2 ATP Q . -9.17 17.29 40.42
H4' ATP Q . -9.99 19.08 41.41
H3' ATP Q . -11.24 16.93 42.86
HO3' ATP Q . -9.67 18.97 43.52
H2' ATP Q . -12.50 18.61 44.02
HO2' ATP Q . -11.90 20.67 43.62
H1' ATP Q . -13.25 19.83 41.87
H8 ATP Q . -13.22 16.79 40.24
HN61 ATP Q . -17.12 14.53 41.88
HN62 ATP Q . -18.11 14.86 42.93
H2 ATP Q . -16.68 18.38 45.03
PG ATP R . -40.41 -7.33 2.86
O1G ATP R . -40.78 -7.54 1.44
O2G ATP R . -40.66 -5.91 3.37
O3G ATP R . -38.98 -7.72 3.20
PB ATP R . -41.66 -9.78 4.02
O1B ATP R . -40.45 -10.61 4.13
O2B ATP R . -42.66 -10.16 2.93
O3B ATP R . -41.30 -8.25 3.82
PA ATP R . -42.11 -9.85 6.95
O1A ATP R . -40.91 -9.06 7.28
O2A ATP R . -42.02 -11.34 7.26
O3A ATP R . -42.46 -9.72 5.40
O5' ATP R . -43.40 -9.25 7.64
C5' ATP R . -44.48 -10.10 8.07
C4' ATP R . -45.05 -9.54 9.35
O4' ATP R . -46.43 -9.97 9.41
C3' ATP R . -44.38 -10.18 10.56
O3' ATP R . -44.56 -9.26 11.62
C2' ATP R . -45.31 -11.35 10.87
O2' ATP R . -45.27 -11.52 12.28
C1' ATP R . -46.65 -10.69 10.61
N9 ATP R . -47.70 -11.66 10.33
C8 ATP R . -48.86 -11.82 11.02
N7 ATP R . -49.63 -12.79 10.56
C5 ATP R . -48.91 -13.30 9.49
C6 ATP R . -49.17 -14.34 8.58
N6 ATP R . -50.28 -15.08 8.61
N1 ATP R . -48.24 -14.59 7.63
C2 ATP R . -47.13 -13.85 7.61
N3 ATP R . -46.78 -12.84 8.41
C4 ATP R . -47.71 -12.62 9.34
H5'1 ATP R . -44.16 -11.00 8.22
H5'2 ATP R . -45.18 -10.12 7.38
H4' ATP R . -44.97 -8.58 9.36
H3' ATP R . -43.46 -10.43 10.41
HO3' ATP R . -43.92 -9.38 12.17
H2' ATP R . -45.14 -12.16 10.36
HO2' ATP R . -45.32 -10.74 12.62
H1' ATP R . -46.91 -10.11 11.34
H8 ATP R . -49.10 -11.30 11.75
HN61 ATP R . -50.90 -14.92 9.18
HN62 ATP R . -50.38 -15.73 8.04
H2 ATP R . -46.52 -14.06 6.94
#